data_6U6C
#
_entry.id   6U6C
#
_cell.length_a   135.106
_cell.length_b   159.226
_cell.length_c   164.973
_cell.angle_alpha   90.000
_cell.angle_beta   90.000
_cell.angle_gamma   90.000
#
_symmetry.space_group_name_H-M   'P 21 21 21'
#
loop_
_entity.id
_entity.type
_entity.pdbx_description
1 polymer 'Tryptophan synthase alpha chain'
2 polymer 'Tryptophan synthase beta chain'
3 non-polymer 'FORMIC ACID'
4 non-polymer 1,2-ETHANEDIOL
5 non-polymer 'ACETATE ION'
6 non-polymer 'MALONATE ION'
7 non-polymer 1-(2-fluorobenzene-1-carbonyl)-N-methyl-2,3-dihydro-1H-indole-5-sulfonamide
8 non-polymer '2-[({3-HYDROXY-2-METHYL-5-[(PHOSPHONOOXY)METHYL]PYRIDIN-4-YL}METHYL)AMINO]ACRYLIC ACID'
9 non-polymer DI(HYDROXYETHYL)ETHER
10 non-polymer 'POTASSIUM ION'
11 non-polymer '4-(2-HYDROXYETHYL)-1-PIPERAZINE ETHANESULFONIC ACID'
12 non-polymer ALANINE
13 non-polymer 'TRIETHYLENE GLYCOL'
14 non-polymer 'SODIUM ION'
15 water water
#
loop_
_entity_poly.entity_id
_entity_poly.type
_entity_poly.pdbx_seq_one_letter_code
_entity_poly.pdbx_strand_id
1 'polypeptide(L)'
;MVAVEQSEASRLGPVFDSCRANNRAALIGYLPTGYPDVPASVAAMTALVESGCDIIEVGVPYSDPGMDGPTIARATEAAL
RGGVRVRDTLAAVEAISIAGGRAVVMTYWNPVLRYGVDAFARDLAAAGGLGLITPDLIPDEAQQWLAASEEHRLDRIFLV
APSSTPERLAATVEASRGFVYAASTMGVTGARDAVSQAAPELVGRVKAVSDIPVGVGLGVRSRAQAAQIAQYADGVIVGS
ALVTALTEGLPRLRALTGELAAGVRLGMSAHHHHHH
;
A,C,E,G
2 'polypeptide(L)'
;MSAAIAEPTSHDPDSGGHFGGPSGWGGRYVPEALMAVIEEVTAAYQKERVSQDFLDDLDRLQANYAGRPSPLYEATRLSQ
HAGSARIFLKREDLNHTGSHKINNVLGQALLARRMGKTRVIAETGAGQHGVATATACALLGLDCVIYMGGIDTARQALNV
ARMRLLGAEVVAVQTGSKTLKDAINEAFRDWVANADNTYYCFGTAAGPHPFPTMVRDFQRIIGMEARVQIQGQAGRLPDA
VVACVGGGSNAIGIFHAFLDDPGVRLVGFEAAGDGVETGRHAATFTAGSPGAFHGSFSYLLQDEDGQTIESHSISAGLDY
PGVGPEHAWLKEAGRVDYRPITDSEAMDAFGLLCRMEGIIPAIESAHAVAGALKLGVELGRGAVIVVNLSGRGDKDVETA
AKWFGLLGND
;
B,D,F,H
#
loop_
_chem_comp.id
_chem_comp.type
_chem_comp.name
_chem_comp.formula
ACT non-polymer 'ACETATE ION' 'C2 H3 O2 -1'
EDO non-polymer 1,2-ETHANEDIOL 'C2 H6 O2'
EPE non-polymer '4-(2-HYDROXYETHYL)-1-PIPERAZINE ETHANESULFONIC ACID' 'C8 H18 N2 O4 S'
FMT non-polymer 'FORMIC ACID' 'C H2 O2'
K non-polymer 'POTASSIUM ION' 'K 1'
MLI non-polymer 'MALONATE ION' 'C3 H2 O4 -2'
NA non-polymer 'SODIUM ION' 'Na 1'
P1T non-polymer '2-[({3-HYDROXY-2-METHYL-5-[(PHOSPHONOOXY)METHYL]PYRIDIN-4-YL}METHYL)AMINO]ACRYLIC ACID' 'C11 H15 N2 O7 P'
PEG non-polymer DI(HYDROXYETHYL)ETHER 'C4 H10 O3'
PGE non-polymer 'TRIETHYLENE GLYCOL' 'C6 H14 O4'
PZV non-polymer 1-(2-fluorobenzene-1-carbonyl)-N-methyl-2,3-dihydro-1H-indole-5-sulfonamide 'C16 H15 F N2 O3 S'
#
# COMPACT_ATOMS: atom_id res chain seq x y z
N GLU A 8 59.31 14.90 16.55
CA GLU A 8 60.43 14.05 16.94
C GLU A 8 60.43 12.75 16.12
N ALA A 9 61.30 11.82 16.48
CA ALA A 9 61.44 10.56 15.78
C ALA A 9 60.64 9.47 16.49
N SER A 10 60.20 8.49 15.70
CA SER A 10 59.46 7.37 16.26
C SER A 10 60.40 6.43 17.01
N ARG A 11 59.84 5.72 17.98
CA ARG A 11 60.63 4.77 18.76
C ARG A 11 61.26 3.69 17.88
N LEU A 12 60.57 3.29 16.81
CA LEU A 12 61.03 2.23 15.92
C LEU A 12 61.83 2.76 14.73
N GLY A 13 61.90 4.08 14.57
CA GLY A 13 62.63 4.70 13.48
C GLY A 13 64.07 4.22 13.32
N PRO A 14 64.86 4.22 14.40
CA PRO A 14 66.24 3.69 14.29
C PRO A 14 66.30 2.27 13.78
N VAL A 15 65.37 1.41 14.19
CA VAL A 15 65.40 0.01 13.77
C VAL A 15 65.29 -0.10 12.25
N PHE A 16 64.26 0.54 11.68
CA PHE A 16 64.11 0.50 10.23
C PHE A 16 65.24 1.23 9.52
N ASP A 17 65.76 2.29 10.12
CA ASP A 17 66.94 2.96 9.57
C ASP A 17 68.12 2.01 9.49
N SER A 18 68.37 1.27 10.57
CA SER A 18 69.48 0.32 10.60
C SER A 18 69.26 -0.82 9.61
N CYS A 19 68.04 -1.32 9.50
CA CYS A 19 67.76 -2.38 8.53
C CYS A 19 67.95 -1.88 7.10
N ARG A 20 67.48 -0.67 6.81
CA ARG A 20 67.67 -0.09 5.49
C ARG A 20 69.16 0.12 5.19
N ALA A 21 69.94 0.52 6.21
CA ALA A 21 71.37 0.69 6.01
C ALA A 21 72.09 -0.63 5.75
N ASN A 22 71.50 -1.76 6.12
CA ASN A 22 72.07 -3.08 5.86
C ASN A 22 71.34 -3.82 4.74
N ASN A 23 70.60 -3.08 3.90
CA ASN A 23 69.95 -3.64 2.72
C ASN A 23 69.06 -4.84 3.08
N ARG A 24 68.27 -4.66 4.14
CA ARG A 24 67.42 -5.74 4.63
C ARG A 24 66.13 -5.18 5.19
N ALA A 25 65.14 -6.05 5.32
CA ALA A 25 63.91 -5.70 6.00
C ALA A 25 63.99 -6.11 7.47
N ALA A 26 63.22 -5.42 8.30
CA ALA A 26 63.10 -5.81 9.69
C ALA A 26 62.27 -7.09 9.80
N LEU A 27 62.73 -8.03 10.62
CA LEU A 27 61.96 -9.23 10.92
C LEU A 27 61.14 -8.96 12.17
N ILE A 28 59.82 -8.94 12.01
CA ILE A 28 58.89 -8.65 13.09
C ILE A 28 58.18 -9.96 13.45
N GLY A 29 58.45 -10.46 14.64
CA GLY A 29 57.94 -11.76 15.08
C GLY A 29 56.87 -11.60 16.14
N TYR A 30 55.79 -12.36 15.99
CA TYR A 30 54.64 -12.33 16.89
C TYR A 30 54.56 -13.64 17.68
N LEU A 31 54.31 -13.52 18.99
CA LEU A 31 53.99 -14.66 19.81
C LEU A 31 52.93 -14.22 20.81
N PRO A 32 51.99 -15.10 21.15
CA PRO A 32 50.99 -14.75 22.18
C PRO A 32 51.51 -15.07 23.57
N THR A 33 51.28 -14.14 24.49
CA THR A 33 51.67 -14.35 25.88
C THR A 33 50.92 -15.55 26.47
N GLY A 34 51.66 -16.38 27.20
CA GLY A 34 51.06 -17.49 27.93
C GLY A 34 50.86 -18.77 27.16
N TYR A 35 51.40 -18.86 25.94
CA TYR A 35 51.30 -20.11 25.18
C TYR A 35 52.68 -20.75 25.05
N PRO A 36 52.84 -22.03 25.45
CA PRO A 36 51.83 -22.89 26.05
C PRO A 36 51.57 -22.58 27.53
N ASP A 37 52.43 -21.76 28.12
CA ASP A 37 52.21 -21.19 29.44
C ASP A 37 53.07 -19.95 29.56
N VAL A 38 52.87 -19.21 30.66
CA VAL A 38 53.55 -17.92 30.80
C VAL A 38 55.06 -18.07 30.80
N PRO A 39 55.68 -18.92 31.63
CA PRO A 39 57.15 -19.04 31.54
C PRO A 39 57.64 -19.56 30.20
N ALA A 40 56.94 -20.53 29.60
CA ALA A 40 57.37 -21.06 28.32
C ALA A 40 57.29 -20.01 27.22
N SER A 41 56.25 -19.17 27.24
CA SER A 41 56.11 -18.13 26.23
C SER A 41 57.18 -17.06 26.40
N VAL A 42 57.54 -16.74 27.64
CA VAL A 42 58.62 -15.78 27.87
C VAL A 42 59.94 -16.34 27.36
N ALA A 43 60.17 -17.64 27.57
CA ALA A 43 61.39 -18.25 27.05
C ALA A 43 61.42 -18.22 25.52
N ALA A 44 60.25 -18.41 24.89
CA ALA A 44 60.20 -18.38 23.43
C ALA A 44 60.42 -16.97 22.88
N MET A 45 59.85 -15.95 23.54
CA MET A 45 60.06 -14.58 23.07
C MET A 45 61.51 -14.16 23.24
N THR A 46 62.15 -14.61 24.32
CA THR A 46 63.59 -14.40 24.47
C THR A 46 64.36 -15.09 23.37
N ALA A 47 63.98 -16.33 23.05
CA ALA A 47 64.63 -17.07 21.97
C ALA A 47 64.51 -16.32 20.65
N LEU A 48 63.36 -15.67 20.40
CA LEU A 48 63.20 -14.87 19.20
C LEU A 48 64.22 -13.73 19.13
N VAL A 49 64.45 -13.07 20.27
CA VAL A 49 65.45 -12.01 20.32
C VAL A 49 66.82 -12.58 19.96
N GLU A 50 67.19 -13.69 20.59
CA GLU A 50 68.48 -14.32 20.34
C GLU A 50 68.62 -14.86 18.92
N SER A 51 67.51 -15.14 18.24
CA SER A 51 67.55 -15.77 16.92
C SER A 51 67.43 -14.76 15.77
N GLY A 52 67.42 -13.46 16.06
CA GLY A 52 67.50 -12.46 15.02
C GLY A 52 66.27 -11.62 14.76
N CYS A 53 65.23 -11.74 15.58
CA CYS A 53 64.07 -10.87 15.43
C CYS A 53 64.44 -9.44 15.79
N ASP A 54 64.06 -8.51 14.92
CA ASP A 54 64.33 -7.10 15.20
C ASP A 54 63.26 -6.49 16.11
N ILE A 55 62.00 -6.83 15.86
CA ILE A 55 60.87 -6.35 16.66
C ILE A 55 60.02 -7.55 17.04
N ILE A 56 59.63 -7.63 18.31
CA ILE A 56 58.76 -8.68 18.82
C ILE A 56 57.37 -8.10 19.03
N GLU A 57 56.37 -8.73 18.43
CA GLU A 57 54.97 -8.41 18.70
C GLU A 57 54.49 -9.30 19.83
N VAL A 58 54.22 -8.71 20.99
CA VAL A 58 53.71 -9.43 22.14
C VAL A 58 52.19 -9.39 22.07
N GLY A 59 51.58 -10.55 21.85
CA GLY A 59 50.14 -10.62 21.67
C GLY A 59 49.41 -10.81 22.98
N VAL A 60 48.36 -10.01 23.19
CA VAL A 60 47.50 -10.13 24.35
C VAL A 60 46.37 -11.10 24.00
N PRO A 61 46.31 -12.27 24.62
CA PRO A 61 45.22 -13.21 24.32
C PRO A 61 43.86 -12.60 24.68
N TYR A 62 42.91 -12.75 23.77
CA TYR A 62 41.58 -12.20 23.94
C TYR A 62 40.53 -13.29 23.78
N SER A 63 39.44 -13.15 24.53
CA SER A 63 38.40 -14.18 24.56
C SER A 63 37.73 -14.36 23.20
N ASP A 64 37.55 -13.28 22.43
CA ASP A 64 36.81 -13.35 21.17
C ASP A 64 37.63 -12.72 20.06
N PRO A 65 38.73 -13.38 19.65
CA PRO A 65 39.64 -12.77 18.67
C PRO A 65 39.18 -13.03 17.23
N GLY A 66 38.26 -12.21 16.74
CA GLY A 66 37.67 -12.43 15.43
C GLY A 66 38.59 -12.25 14.25
N MET A 67 39.74 -11.60 14.43
N MET A 67 39.75 -11.60 14.44
CA MET A 67 40.66 -11.36 13.32
CA MET A 67 40.67 -11.34 13.35
C MET A 67 41.78 -12.39 13.23
C MET A 67 41.83 -12.32 13.28
N ASP A 68 41.87 -13.31 14.17
CA ASP A 68 42.98 -14.26 14.21
C ASP A 68 42.62 -15.56 13.52
N GLY A 69 43.60 -16.14 12.83
CA GLY A 69 43.43 -17.43 12.20
C GLY A 69 43.34 -18.53 13.24
N PRO A 70 42.97 -19.73 12.80
CA PRO A 70 42.81 -20.84 13.76
C PRO A 70 44.06 -21.17 14.54
N THR A 71 45.25 -21.03 13.95
CA THR A 71 46.48 -21.36 14.68
C THR A 71 46.64 -20.46 15.90
N ILE A 72 46.52 -19.14 15.71
CA ILE A 72 46.65 -18.22 16.83
C ILE A 72 45.43 -18.28 17.74
N ALA A 73 44.25 -18.53 17.16
CA ALA A 73 43.04 -18.61 17.98
C ALA A 73 43.13 -19.76 18.96
N ARG A 74 43.58 -20.94 18.50
CA ARG A 74 43.71 -22.06 19.42
C ARG A 74 44.76 -21.78 20.49
N ALA A 75 45.89 -21.19 20.09
CA ALA A 75 46.96 -20.93 21.06
C ALA A 75 46.50 -19.94 22.13
N THR A 76 45.78 -18.88 21.73
CA THR A 76 45.31 -17.92 22.73
C THR A 76 44.23 -18.53 23.61
N GLU A 77 43.36 -19.39 23.05
CA GLU A 77 42.43 -20.15 23.89
C GLU A 77 43.16 -20.97 24.94
N ALA A 78 44.25 -21.64 24.55
CA ALA A 78 45.01 -22.41 25.52
C ALA A 78 45.64 -21.52 26.57
N ALA A 79 46.18 -20.37 26.14
CA ALA A 79 46.79 -19.43 27.08
C ALA A 79 45.76 -18.94 28.10
N LEU A 80 44.53 -18.67 27.66
CA LEU A 80 43.49 -18.22 28.57
C LEU A 80 43.04 -19.33 29.51
N ARG A 81 42.99 -20.58 29.03
CA ARG A 81 42.69 -21.69 29.94
C ARG A 81 43.75 -21.79 31.03
N GLY A 82 45.02 -21.51 30.69
CA GLY A 82 46.11 -21.50 31.65
C GLY A 82 46.10 -20.33 32.62
N GLY A 83 45.19 -19.37 32.45
CA GLY A 83 45.10 -18.26 33.37
C GLY A 83 45.95 -17.05 33.02
N VAL A 84 46.28 -16.86 31.74
CA VAL A 84 47.11 -15.71 31.38
C VAL A 84 46.38 -14.42 31.68
N ARG A 85 47.11 -13.45 32.21
CA ARG A 85 46.59 -12.12 32.52
C ARG A 85 47.24 -11.08 31.62
N VAL A 86 46.54 -9.96 31.46
CA VAL A 86 47.09 -8.83 30.70
C VAL A 86 48.43 -8.40 31.29
N ARG A 87 48.54 -8.39 32.63
CA ARG A 87 49.79 -8.04 33.28
C ARG A 87 50.95 -8.96 32.89
N ASP A 88 50.65 -10.19 32.46
CA ASP A 88 51.71 -11.06 31.98
C ASP A 88 52.28 -10.56 30.66
N THR A 89 51.46 -9.89 29.84
CA THR A 89 52.01 -9.27 28.64
C THR A 89 52.99 -8.17 28.99
N LEU A 90 52.69 -7.38 30.02
CA LEU A 90 53.64 -6.35 30.44
C LEU A 90 54.93 -6.97 30.96
N ALA A 91 54.84 -8.07 31.72
CA ALA A 91 56.05 -8.75 32.19
C ALA A 91 56.87 -9.31 31.03
N ALA A 92 56.19 -9.81 30.01
CA ALA A 92 56.88 -10.31 28.82
C ALA A 92 57.65 -9.20 28.13
N VAL A 93 57.08 -7.99 28.11
CA VAL A 93 57.77 -6.84 27.52
C VAL A 93 59.04 -6.53 28.31
N GLU A 94 58.95 -6.54 29.65
CA GLU A 94 60.14 -6.33 30.48
C GLU A 94 61.23 -7.33 30.13
N ALA A 95 60.88 -8.62 30.09
CA ALA A 95 61.87 -9.66 29.81
C ALA A 95 62.50 -9.47 28.44
N ILE A 96 61.71 -9.04 27.46
CA ILE A 96 62.25 -8.80 26.13
C ILE A 96 63.16 -7.57 26.14
N SER A 97 62.79 -6.54 26.89
CA SER A 97 63.68 -5.39 27.05
C SER A 97 64.97 -5.78 27.74
N ILE A 98 64.88 -6.61 28.78
CA ILE A 98 66.08 -7.05 29.52
C ILE A 98 66.99 -7.88 28.63
N ALA A 99 66.42 -8.66 27.72
CA ALA A 99 67.21 -9.50 26.83
C ALA A 99 67.84 -8.71 25.69
N GLY A 100 67.64 -7.40 25.63
CA GLY A 100 68.16 -6.60 24.55
C GLY A 100 67.23 -6.44 23.36
N GLY A 101 66.01 -6.98 23.44
CA GLY A 101 65.08 -6.92 22.32
C GLY A 101 64.27 -5.64 22.30
N ARG A 102 63.40 -5.56 21.30
CA ARG A 102 62.50 -4.42 21.12
C ARG A 102 61.08 -4.96 20.96
N ALA A 103 60.19 -4.54 21.84
CA ALA A 103 58.85 -5.12 21.90
C ALA A 103 57.79 -4.05 21.67
N VAL A 104 56.78 -4.41 20.89
CA VAL A 104 55.51 -3.71 20.84
C VAL A 104 54.43 -4.72 21.21
N VAL A 105 53.31 -4.21 21.71
CA VAL A 105 52.18 -5.05 22.10
C VAL A 105 51.12 -4.99 21.01
N MET A 106 50.56 -6.14 20.65
CA MET A 106 49.42 -6.23 19.74
C MET A 106 48.22 -6.76 20.51
N THR A 107 47.14 -5.99 20.52
CA THR A 107 45.98 -6.33 21.32
C THR A 107 44.74 -5.74 20.71
N TYR A 108 43.64 -6.45 20.90
CA TYR A 108 42.32 -5.88 20.69
C TYR A 108 42.07 -4.78 21.72
N TRP A 109 41.11 -3.91 21.43
CA TRP A 109 41.07 -2.67 22.19
C TRP A 109 40.41 -2.82 23.56
N ASN A 110 39.47 -3.74 23.72
CA ASN A 110 38.74 -3.79 24.99
C ASN A 110 39.63 -4.08 26.21
N PRO A 111 40.59 -5.00 26.17
CA PRO A 111 41.48 -5.15 27.34
C PRO A 111 42.21 -3.86 27.68
N VAL A 112 42.54 -3.04 26.68
CA VAL A 112 43.14 -1.73 26.96
C VAL A 112 42.13 -0.82 27.66
N LEU A 113 40.89 -0.79 27.17
CA LEU A 113 39.87 0.02 27.83
C LEU A 113 39.65 -0.42 29.28
N ARG A 114 39.61 -1.73 29.51
CA ARG A 114 39.41 -2.23 30.87
C ARG A 114 40.59 -1.85 31.76
N TYR A 115 41.81 -1.91 31.21
CA TYR A 115 42.98 -1.53 31.95
C TYR A 115 43.02 -0.02 32.20
N GLY A 116 42.46 0.75 31.28
CA GLY A 116 42.64 2.20 31.27
C GLY A 116 43.67 2.57 30.22
N VAL A 117 43.31 3.43 29.26
CA VAL A 117 44.20 3.69 28.14
C VAL A 117 45.47 4.39 28.61
N ASP A 118 45.31 5.47 29.38
CA ASP A 118 46.49 6.18 29.88
C ASP A 118 47.32 5.27 30.79
N ALA A 119 46.66 4.55 31.69
CA ALA A 119 47.38 3.66 32.61
C ALA A 119 48.14 2.59 31.84
N PHE A 120 47.51 1.99 30.83
CA PHE A 120 48.19 0.96 30.05
C PHE A 120 49.34 1.54 29.25
N ALA A 121 49.16 2.73 28.68
CA ALA A 121 50.25 3.36 27.95
C ALA A 121 51.42 3.67 28.88
N ARG A 122 51.11 4.15 30.08
CA ARG A 122 52.15 4.45 31.06
C ARG A 122 52.93 3.19 31.41
N ASP A 123 52.23 2.10 31.73
CA ASP A 123 52.91 0.89 32.15
C ASP A 123 53.66 0.22 31.01
N LEU A 124 53.11 0.29 29.79
CA LEU A 124 53.81 -0.30 28.65
C LEU A 124 55.14 0.40 28.40
N ALA A 125 55.14 1.75 28.42
CA ALA A 125 56.37 2.48 28.21
C ALA A 125 57.36 2.22 29.34
N ALA A 126 56.86 2.10 30.57
CA ALA A 126 57.73 1.85 31.71
C ALA A 126 58.43 0.50 31.58
N ALA A 127 57.69 -0.51 31.11
CA ALA A 127 58.26 -1.84 30.91
C ALA A 127 59.22 -1.89 29.72
N GLY A 128 59.43 -0.78 29.03
CA GLY A 128 60.28 -0.74 27.86
C GLY A 128 59.56 -0.92 26.54
N GLY A 129 58.23 -0.97 26.55
CA GLY A 129 57.50 -1.13 25.31
C GLY A 129 57.68 0.08 24.40
N LEU A 130 57.72 -0.18 23.10
CA LEU A 130 57.96 0.85 22.11
C LEU A 130 56.70 1.27 21.34
N GLY A 131 55.62 0.51 21.42
CA GLY A 131 54.45 0.85 20.65
C GLY A 131 53.33 -0.14 20.84
N LEU A 132 52.23 0.12 20.13
CA LEU A 132 51.00 -0.63 20.25
C LEU A 132 50.39 -0.81 18.87
N ILE A 133 50.10 -2.06 18.52
CA ILE A 133 49.37 -2.39 17.29
C ILE A 133 47.92 -2.63 17.67
N THR A 134 46.99 -1.95 16.99
CA THR A 134 45.59 -1.94 17.37
C THR A 134 44.72 -2.43 16.22
N PRO A 135 44.58 -3.75 16.06
CA PRO A 135 43.85 -4.30 14.91
C PRO A 135 42.38 -3.95 14.83
N ASP A 136 41.70 -3.65 15.95
CA ASP A 136 40.30 -3.24 15.89
C ASP A 136 40.08 -1.82 16.38
N LEU A 137 41.12 -0.99 16.42
CA LEU A 137 40.98 0.43 16.72
C LEU A 137 41.34 1.22 15.48
N ILE A 138 40.34 1.85 14.85
CA ILE A 138 40.59 2.73 13.72
C ILE A 138 40.84 4.13 14.26
N PRO A 139 41.54 5.00 13.51
CA PRO A 139 41.77 6.37 14.01
C PRO A 139 40.49 7.12 14.37
N ASP A 140 39.34 6.75 13.81
CA ASP A 140 38.10 7.46 14.12
C ASP A 140 37.75 7.36 15.60
N GLU A 141 38.21 6.31 16.28
CA GLU A 141 37.91 6.10 17.69
C GLU A 141 39.13 6.25 18.58
N ALA A 142 40.25 6.74 18.04
CA ALA A 142 41.53 6.64 18.71
C ALA A 142 41.93 7.93 19.43
N GLN A 143 40.97 8.80 19.75
CA GLN A 143 41.30 10.07 20.39
C GLN A 143 42.08 9.87 21.68
N GLN A 144 41.58 9.02 22.58
CA GLN A 144 42.28 8.78 23.84
C GLN A 144 43.65 8.16 23.60
N TRP A 145 43.74 7.22 22.66
CA TRP A 145 45.00 6.55 22.39
C TRP A 145 46.02 7.51 21.79
N LEU A 146 45.57 8.42 20.92
CA LEU A 146 46.48 9.42 20.37
C LEU A 146 47.09 10.29 21.46
N ALA A 147 46.29 10.65 22.47
CA ALA A 147 46.82 11.48 23.56
C ALA A 147 47.81 10.71 24.42
N ALA A 148 47.48 9.46 24.78
CA ALA A 148 48.38 8.66 25.60
C ALA A 148 49.63 8.25 24.82
N SER A 149 49.49 8.06 23.50
CA SER A 149 50.64 7.72 22.66
C SER A 149 51.66 8.85 22.65
N GLU A 150 51.19 10.10 22.56
CA GLU A 150 52.10 11.25 22.59
C GLU A 150 52.67 11.45 24.00
N GLU A 151 51.84 11.26 25.03
CA GLU A 151 52.29 11.51 26.40
C GLU A 151 53.37 10.53 26.82
N HIS A 152 53.25 9.26 26.43
CA HIS A 152 54.18 8.23 26.88
C HIS A 152 55.13 7.76 25.79
N ARG A 153 55.20 8.48 24.67
CA ARG A 153 56.19 8.24 23.62
C ARG A 153 56.15 6.80 23.12
N LEU A 154 54.94 6.35 22.79
CA LEU A 154 54.73 5.02 22.21
C LEU A 154 54.36 5.16 20.75
N ASP A 155 54.90 4.28 19.92
CA ASP A 155 54.47 4.25 18.53
C ASP A 155 53.05 3.70 18.44
N ARG A 156 52.35 4.08 17.38
CA ARG A 156 50.97 3.65 17.16
C ARG A 156 50.87 3.06 15.76
N ILE A 157 50.76 1.75 15.68
CA ILE A 157 50.72 1.04 14.43
C ILE A 157 49.26 0.68 14.14
N PHE A 158 48.65 1.43 13.23
CA PHE A 158 47.34 1.08 12.71
C PHE A 158 47.49 0.14 11.52
N LEU A 159 46.37 -0.41 11.09
CA LEU A 159 46.33 -1.34 9.98
C LEU A 159 45.66 -0.69 8.77
N VAL A 160 46.18 -1.02 7.58
CA VAL A 160 45.53 -0.70 6.32
C VAL A 160 45.27 -2.01 5.59
N ALA A 161 44.25 -2.00 4.75
CA ALA A 161 43.77 -3.20 4.08
C ALA A 161 43.70 -2.96 2.57
N PRO A 162 43.75 -4.03 1.77
CA PRO A 162 43.59 -3.86 0.31
C PRO A 162 42.32 -3.12 -0.06
N SER A 163 41.27 -3.22 0.75
CA SER A 163 40.00 -2.57 0.47
C SER A 163 39.95 -1.12 0.92
N SER A 164 40.99 -0.62 1.59
CA SER A 164 40.95 0.75 2.13
C SER A 164 40.76 1.77 1.00
N THR A 165 39.77 2.65 1.19
CA THR A 165 39.57 3.74 0.26
C THR A 165 40.79 4.67 0.30
N PRO A 166 41.01 5.45 -0.76
CA PRO A 166 42.13 6.39 -0.73
C PRO A 166 42.09 7.35 0.44
N GLU A 167 40.89 7.83 0.81
CA GLU A 167 40.77 8.75 1.93
C GLU A 167 41.15 8.08 3.24
N ARG A 168 40.64 6.87 3.47
CA ARG A 168 40.92 6.20 4.74
C ARG A 168 42.37 5.73 4.81
N LEU A 169 42.94 5.30 3.68
CA LEU A 169 44.34 4.90 3.66
C LEU A 169 45.24 6.08 4.03
N ALA A 170 44.97 7.26 3.48
CA ALA A 170 45.79 8.42 3.81
C ALA A 170 45.62 8.82 5.27
N ALA A 171 44.38 8.87 5.75
CA ALA A 171 44.14 9.24 7.15
C ALA A 171 44.75 8.22 8.12
N THR A 172 44.76 6.94 7.74
CA THR A 172 45.31 5.93 8.62
C THR A 172 46.83 6.01 8.68
N VAL A 173 47.47 6.26 7.54
CA VAL A 173 48.91 6.44 7.50
C VAL A 173 49.33 7.69 8.26
N GLU A 174 48.60 8.79 8.06
CA GLU A 174 48.92 10.02 8.76
C GLU A 174 48.81 9.83 10.27
N ALA A 175 47.96 8.92 10.73
CA ALA A 175 47.75 8.70 12.15
C ALA A 175 48.78 7.76 12.76
N SER A 176 49.48 6.98 11.96
CA SER A 176 50.41 5.98 12.47
C SER A 176 51.78 6.57 12.73
N ARG A 177 52.48 5.99 13.71
CA ARG A 177 53.87 6.29 14.01
C ARG A 177 54.63 4.98 14.12
N GLY A 178 55.88 4.99 13.68
CA GLY A 178 56.69 3.79 13.72
C GLY A 178 56.60 3.01 12.41
N PHE A 179 55.50 2.27 12.22
CA PHE A 179 55.22 1.69 10.91
C PHE A 179 53.72 1.49 10.77
N VAL A 180 53.29 1.25 9.54
CA VAL A 180 51.92 0.93 9.19
C VAL A 180 51.84 -0.55 8.86
N TYR A 181 50.84 -1.22 9.41
CA TYR A 181 50.66 -2.66 9.24
C TYR A 181 49.82 -2.88 7.98
N ALA A 182 50.46 -3.36 6.91
CA ALA A 182 49.77 -3.69 5.67
C ALA A 182 49.27 -5.13 5.77
N ALA A 183 48.11 -5.28 6.40
CA ALA A 183 47.51 -6.59 6.58
C ALA A 183 46.85 -7.04 5.28
N SER A 184 47.11 -8.27 4.88
CA SER A 184 46.55 -8.80 3.64
C SER A 184 46.30 -10.30 3.73
N SER A 196 47.34 -12.79 -6.27
CA SER A 196 47.97 -12.67 -4.97
C SER A 196 49.02 -11.56 -4.94
N GLN A 197 48.78 -10.50 -5.70
CA GLN A 197 49.67 -9.35 -5.76
C GLN A 197 49.10 -8.14 -5.01
N ALA A 198 48.08 -8.37 -4.17
CA ALA A 198 47.47 -7.28 -3.42
C ALA A 198 48.43 -6.66 -2.42
N ALA A 199 49.35 -7.45 -1.85
CA ALA A 199 50.25 -6.91 -0.84
C ALA A 199 51.24 -5.91 -1.42
N PRO A 200 51.98 -6.20 -2.49
CA PRO A 200 52.91 -5.18 -3.00
C PRO A 200 52.24 -3.91 -3.49
N GLU A 201 51.03 -4.01 -4.06
CA GLU A 201 50.36 -2.79 -4.50
C GLU A 201 49.73 -2.03 -3.35
N LEU A 202 49.42 -2.72 -2.24
CA LEU A 202 49.00 -2.01 -1.03
C LEU A 202 50.17 -1.25 -0.42
N VAL A 203 51.35 -1.86 -0.39
CA VAL A 203 52.55 -1.14 0.04
C VAL A 203 52.80 0.06 -0.87
N GLY A 204 52.60 -0.12 -2.18
CA GLY A 204 52.80 1.00 -3.10
C GLY A 204 51.87 2.16 -2.85
N ARG A 205 50.62 1.88 -2.45
CA ARG A 205 49.69 2.96 -2.14
C ARG A 205 50.11 3.72 -0.89
N VAL A 206 50.75 3.05 0.07
CA VAL A 206 51.23 3.76 1.24
C VAL A 206 52.47 4.57 0.89
N LYS A 207 53.36 4.02 0.07
CA LYS A 207 54.56 4.75 -0.33
C LYS A 207 54.21 6.00 -1.10
N ALA A 208 53.10 5.99 -1.83
CA ALA A 208 52.70 7.14 -2.64
C ALA A 208 52.29 8.35 -1.81
N VAL A 209 52.08 8.20 -0.50
CA VAL A 209 51.55 9.31 0.30
C VAL A 209 52.42 9.58 1.51
N SER A 210 53.36 8.67 1.82
CA SER A 210 54.17 8.82 3.02
C SER A 210 55.42 7.95 2.91
N ASP A 211 56.43 8.31 3.71
CA ASP A 211 57.68 7.58 3.78
C ASP A 211 57.76 6.66 4.98
N ILE A 212 56.68 6.51 5.74
CA ILE A 212 56.70 5.71 6.97
C ILE A 212 57.03 4.27 6.61
N PRO A 213 57.78 3.53 7.43
CA PRO A 213 58.00 2.12 7.16
C PRO A 213 56.68 1.35 7.09
N VAL A 214 56.67 0.31 6.26
CA VAL A 214 55.49 -0.52 6.05
C VAL A 214 55.86 -1.96 6.36
N GLY A 215 55.15 -2.57 7.31
CA GLY A 215 55.27 -3.99 7.57
C GLY A 215 54.16 -4.75 6.87
N VAL A 216 54.48 -5.96 6.41
CA VAL A 216 53.53 -6.80 5.68
C VAL A 216 53.34 -8.09 6.43
N GLY A 217 52.08 -8.45 6.69
CA GLY A 217 51.71 -9.77 7.12
C GLY A 217 51.03 -10.50 5.97
N LEU A 218 51.46 -11.76 5.73
CA LEU A 218 51.01 -12.47 4.54
C LEU A 218 51.06 -13.99 4.73
N GLY A 219 50.92 -14.46 5.96
CA GLY A 219 51.04 -15.88 6.23
C GLY A 219 52.41 -16.44 5.86
N VAL A 220 53.47 -15.73 6.26
CA VAL A 220 54.82 -16.17 5.96
C VAL A 220 55.11 -17.47 6.69
N ARG A 221 55.58 -18.48 5.95
CA ARG A 221 55.92 -19.77 6.53
C ARG A 221 57.34 -20.22 6.24
N SER A 222 58.04 -19.56 5.31
CA SER A 222 59.33 -20.03 4.84
C SER A 222 60.26 -18.85 4.59
N ARG A 223 61.55 -19.16 4.50
CA ARG A 223 62.53 -18.14 4.12
C ARG A 223 62.20 -17.53 2.77
N ALA A 224 61.80 -18.36 1.81
CA ALA A 224 61.48 -17.87 0.48
C ALA A 224 60.39 -16.82 0.51
N GLN A 225 59.34 -17.05 1.30
CA GLN A 225 58.24 -16.09 1.35
C GLN A 225 58.68 -14.79 1.99
N ALA A 226 59.50 -14.87 3.05
CA ALA A 226 60.02 -13.66 3.69
C ALA A 226 60.87 -12.84 2.73
N ALA A 227 61.68 -13.51 1.89
CA ALA A 227 62.51 -12.78 0.94
C ALA A 227 61.66 -12.11 -0.14
N GLN A 228 60.55 -12.74 -0.53
CA GLN A 228 59.65 -12.11 -1.49
C GLN A 228 59.11 -10.79 -0.94
N ILE A 229 58.71 -10.78 0.34
CA ILE A 229 58.13 -9.59 0.94
C ILE A 229 59.20 -8.53 1.16
N ALA A 230 60.42 -8.93 1.48
CA ALA A 230 61.50 -7.99 1.71
C ALA A 230 61.87 -7.18 0.47
N GLN A 231 61.43 -7.60 -0.72
CA GLN A 231 61.77 -6.85 -1.92
C GLN A 231 61.06 -5.49 -1.96
N TYR A 232 59.85 -5.40 -1.41
CA TYR A 232 59.09 -4.16 -1.46
C TYR A 232 58.69 -3.62 -0.10
N ALA A 233 58.83 -4.40 0.97
CA ALA A 233 58.37 -4.01 2.28
C ALA A 233 59.55 -3.67 3.18
N ASP A 234 59.31 -2.76 4.13
CA ASP A 234 60.34 -2.42 5.10
C ASP A 234 60.41 -3.44 6.23
N GLY A 235 59.32 -4.14 6.51
CA GLY A 235 59.30 -5.13 7.56
C GLY A 235 58.47 -6.36 7.20
N VAL A 236 58.96 -7.54 7.57
CA VAL A 236 58.27 -8.79 7.34
C VAL A 236 57.69 -9.26 8.67
N ILE A 237 56.37 -9.43 8.72
CA ILE A 237 55.66 -9.81 9.94
C ILE A 237 55.31 -11.29 9.87
N VAL A 238 55.73 -12.05 10.88
CA VAL A 238 55.43 -13.48 10.96
C VAL A 238 54.85 -13.78 12.33
N GLY A 239 53.77 -14.56 12.35
CA GLY A 239 53.09 -14.87 13.59
C GLY A 239 52.60 -16.30 13.66
N SER A 240 51.67 -16.67 12.76
CA SER A 240 51.10 -18.01 12.81
C SER A 240 52.18 -19.08 12.71
N ALA A 241 53.16 -18.90 11.83
CA ALA A 241 54.21 -19.90 11.67
C ALA A 241 55.09 -20.01 12.90
N LEU A 242 55.25 -18.93 13.66
CA LEU A 242 56.04 -19.00 14.88
C LEU A 242 55.32 -19.80 15.96
N VAL A 243 53.99 -19.62 16.04
CA VAL A 243 53.20 -20.42 16.97
C VAL A 243 53.28 -21.89 16.62
N THR A 244 53.06 -22.20 15.33
CA THR A 244 53.17 -23.59 14.88
C THR A 244 54.54 -24.17 15.21
N ALA A 245 55.61 -23.39 14.98
CA ALA A 245 56.95 -23.88 15.30
C ALA A 245 57.13 -24.07 16.81
N LEU A 246 56.63 -23.12 17.61
CA LEU A 246 56.75 -23.25 19.05
C LEU A 246 55.98 -24.46 19.56
N THR A 247 54.80 -24.73 18.98
CA THR A 247 54.03 -25.90 19.39
C THR A 247 54.85 -27.18 19.24
N GLU A 248 55.66 -27.26 18.18
CA GLU A 248 56.53 -28.42 18.01
C GLU A 248 57.68 -28.40 19.01
N GLY A 249 58.27 -27.25 19.26
CA GLY A 249 59.30 -27.14 20.26
C GLY A 249 60.16 -25.91 20.08
N LEU A 250 60.81 -25.51 21.16
CA LEU A 250 61.67 -24.34 21.12
C LEU A 250 62.82 -24.45 20.14
N PRO A 251 63.48 -25.61 19.96
CA PRO A 251 64.50 -25.68 18.90
C PRO A 251 63.94 -25.45 17.50
N ARG A 252 62.75 -25.97 17.22
CA ARG A 252 62.13 -25.73 15.92
C ARG A 252 61.86 -24.25 15.71
N LEU A 253 61.48 -23.53 16.77
CA LEU A 253 61.28 -22.08 16.67
C LEU A 253 62.58 -21.36 16.33
N ARG A 254 63.68 -21.73 17.01
CA ARG A 254 64.96 -21.09 16.74
C ARG A 254 65.40 -21.33 15.31
N ALA A 255 65.26 -22.57 14.83
CA ALA A 255 65.62 -22.87 13.45
C ALA A 255 64.79 -22.04 12.48
N LEU A 256 63.47 -22.02 12.64
CA LEU A 256 62.61 -21.28 11.72
C LEU A 256 62.94 -19.78 11.76
N THR A 257 63.15 -19.22 12.94
CA THR A 257 63.47 -17.79 13.02
C THR A 257 64.80 -17.49 12.36
N GLY A 258 65.77 -18.41 12.47
CA GLY A 258 67.02 -18.25 11.74
C GLY A 258 66.82 -18.19 10.24
N GLU A 259 66.00 -19.10 9.71
CA GLU A 259 65.71 -19.08 8.27
C GLU A 259 65.02 -17.78 7.87
N LEU A 260 64.11 -17.28 8.69
CA LEU A 260 63.37 -16.07 8.36
C LEU A 260 64.27 -14.84 8.40
N ALA A 261 65.20 -14.80 9.37
CA ALA A 261 66.14 -13.69 9.42
C ALA A 261 67.08 -13.70 8.22
N ALA A 262 67.30 -14.88 7.62
CA ALA A 262 68.08 -14.94 6.39
C ALA A 262 67.27 -14.39 5.22
N GLY A 263 65.96 -14.66 5.19
CA GLY A 263 65.15 -14.22 4.08
C GLY A 263 65.02 -12.70 3.98
N VAL A 264 64.87 -12.03 5.13
CA VAL A 264 64.72 -10.57 5.12
C VAL A 264 66.00 -9.85 4.74
N ARG A 265 67.12 -10.57 4.63
CA ARG A 265 68.39 -9.99 4.23
C ARG A 265 68.60 -10.22 2.74
N LEU A 266 68.96 -9.14 2.03
CA LEU A 266 69.16 -9.20 0.59
C LEU A 266 70.63 -9.08 0.19
N GLY A 267 71.50 -8.64 1.08
CA GLY A 267 72.91 -8.49 0.76
C GLY A 267 73.42 -7.06 0.91
N ALA B 4 4.51 11.15 4.62
CA ALA B 4 5.65 11.64 5.38
C ALA B 4 6.67 10.53 5.68
N ILE B 5 7.71 10.85 6.47
CA ILE B 5 8.71 9.89 6.86
C ILE B 5 9.41 10.38 8.13
N ALA B 6 9.59 9.47 9.09
CA ALA B 6 10.21 9.81 10.36
C ALA B 6 11.63 10.33 10.16
N GLU B 7 11.78 11.65 10.03
CA GLU B 7 13.06 12.27 9.70
C GLU B 7 14.09 12.01 10.79
N PRO B 8 15.38 12.29 10.51
CA PRO B 8 16.42 12.07 11.54
C PRO B 8 16.14 12.86 12.81
N THR B 9 15.39 12.25 13.72
CA THR B 9 14.92 12.93 14.91
C THR B 9 16.10 13.14 15.89
N SER B 10 15.79 13.64 17.07
CA SER B 10 16.79 14.05 18.05
C SER B 10 17.42 12.88 18.79
N HIS B 11 17.02 11.65 18.51
CA HIS B 11 17.58 10.48 19.18
C HIS B 11 18.67 9.79 18.38
N ASP B 12 18.91 10.24 17.14
CA ASP B 12 19.90 9.61 16.31
C ASP B 12 21.32 9.96 16.78
N PRO B 13 22.29 9.08 16.53
CA PRO B 13 23.67 9.37 16.88
C PRO B 13 24.28 10.37 15.90
N ASP B 14 25.54 10.71 16.14
CA ASP B 14 26.27 11.57 15.23
C ASP B 14 26.72 10.77 14.01
N SER B 15 27.48 11.43 13.11
CA SER B 15 27.88 10.78 11.87
C SER B 15 28.85 9.63 12.11
N GLY B 16 29.52 9.59 13.26
CA GLY B 16 30.39 8.52 13.66
C GLY B 16 29.70 7.37 14.39
N GLY B 17 28.40 7.49 14.64
CA GLY B 17 27.65 6.44 15.31
C GLY B 17 27.64 6.51 16.82
N HIS B 18 27.89 7.68 17.41
CA HIS B 18 28.01 7.84 18.85
C HIS B 18 26.73 8.43 19.45
N PHE B 19 26.25 7.81 20.52
CA PHE B 19 25.13 8.31 21.29
C PHE B 19 25.63 9.08 22.51
N GLY B 20 25.15 10.30 22.70
CA GLY B 20 25.47 11.09 23.87
C GLY B 20 26.87 11.66 23.93
N GLY B 21 27.39 12.17 22.81
CA GLY B 21 28.72 12.74 22.79
C GLY B 21 29.61 12.06 21.77
N PRO B 22 30.61 12.78 21.27
CA PRO B 22 31.44 12.24 20.18
C PRO B 22 32.30 11.05 20.58
N SER B 23 32.48 10.80 21.88
CA SER B 23 33.21 9.64 22.36
C SER B 23 32.36 8.80 23.32
N GLY B 24 31.05 8.78 23.09
CA GLY B 24 30.11 8.04 23.91
C GLY B 24 29.79 6.68 23.33
N TRP B 25 28.56 6.22 23.59
CA TRP B 25 28.16 4.87 23.24
C TRP B 25 28.08 4.69 21.73
N GLY B 26 28.35 3.47 21.29
CA GLY B 26 28.21 3.12 19.89
C GLY B 26 29.54 3.15 19.14
N GLY B 27 29.60 3.94 18.06
CA GLY B 27 30.82 4.05 17.28
C GLY B 27 31.05 2.87 16.35
N ARG B 28 32.32 2.68 16.01
CA ARG B 28 32.76 1.61 15.09
C ARG B 28 34.07 1.04 15.61
N TYR B 29 33.97 0.02 16.47
CA TYR B 29 35.16 -0.69 16.94
C TYR B 29 35.36 -1.94 16.08
N VAL B 30 35.86 -1.68 14.88
CA VAL B 30 35.99 -2.68 13.82
C VAL B 30 37.38 -2.58 13.22
N PRO B 31 37.85 -3.64 12.55
CA PRO B 31 39.08 -3.52 11.76
C PRO B 31 38.89 -2.65 10.54
N GLU B 32 40.00 -2.02 10.10
CA GLU B 32 39.98 -1.21 8.89
C GLU B 32 39.57 -2.02 7.67
N ALA B 33 39.75 -3.35 7.72
CA ALA B 33 39.38 -4.21 6.60
C ALA B 33 37.88 -4.22 6.33
N LEU B 34 37.05 -3.78 7.29
CA LEU B 34 35.60 -3.71 7.07
C LEU B 34 35.10 -2.31 6.79
N MET B 35 35.94 -1.27 6.92
CA MET B 35 35.43 0.09 6.83
C MET B 35 34.91 0.43 5.45
N ALA B 36 35.44 -0.17 4.39
CA ALA B 36 34.91 0.11 3.06
C ALA B 36 33.47 -0.38 2.93
N VAL B 37 33.19 -1.60 3.38
CA VAL B 37 31.83 -2.10 3.24
C VAL B 37 30.91 -1.49 4.30
N ILE B 38 31.43 -1.12 5.46
CA ILE B 38 30.60 -0.44 6.46
C ILE B 38 30.19 0.94 5.97
N GLU B 39 31.14 1.70 5.40
CA GLU B 39 30.81 3.00 4.84
C GLU B 39 29.86 2.89 3.65
N GLU B 40 30.00 1.84 2.84
CA GLU B 40 29.11 1.64 1.70
C GLU B 40 27.68 1.31 2.16
N VAL B 41 27.55 0.51 3.22
CA VAL B 41 26.22 0.23 3.76
C VAL B 41 25.65 1.48 4.42
N THR B 42 26.50 2.24 5.11
CA THR B 42 26.03 3.46 5.75
C THR B 42 25.54 4.47 4.71
N ALA B 43 26.29 4.62 3.61
CA ALA B 43 25.86 5.53 2.55
C ALA B 43 24.58 5.05 1.90
N ALA B 44 24.49 3.74 1.63
CA ALA B 44 23.28 3.20 0.99
C ALA B 44 22.07 3.37 1.90
N TYR B 45 22.23 3.16 3.20
CA TYR B 45 21.10 3.33 4.10
C TYR B 45 20.68 4.80 4.20
N GLN B 46 21.66 5.71 4.30
CA GLN B 46 21.33 7.13 4.36
C GLN B 46 20.58 7.59 3.12
N LYS B 47 20.90 7.01 1.96
CA LYS B 47 20.22 7.35 0.73
C LYS B 47 18.79 6.81 0.72
N GLU B 48 18.62 5.53 1.04
CA GLU B 48 17.32 4.88 0.90
C GLU B 48 16.35 5.19 2.03
N ARG B 49 16.83 5.53 3.23
CA ARG B 49 15.91 5.85 4.33
C ARG B 49 15.06 7.09 4.06
N VAL B 50 15.47 7.94 3.11
CA VAL B 50 14.69 9.12 2.74
C VAL B 50 14.06 8.99 1.37
N SER B 51 14.12 7.79 0.77
CA SER B 51 13.52 7.57 -0.54
C SER B 51 12.12 7.02 -0.36
N GLN B 52 11.11 7.74 -0.86
N GLN B 52 11.11 7.74 -0.86
N GLN B 52 11.12 7.75 -0.85
CA GLN B 52 9.73 7.30 -0.74
CA GLN B 52 9.74 7.29 -0.74
CA GLN B 52 9.74 7.29 -0.74
C GLN B 52 9.51 5.98 -1.47
C GLN B 52 9.52 5.98 -1.46
C GLN B 52 9.51 5.97 -1.45
N ASP B 53 10.21 5.74 -2.58
CA ASP B 53 10.06 4.48 -3.29
C ASP B 53 10.61 3.30 -2.49
N PHE B 54 11.68 3.52 -1.71
CA PHE B 54 12.18 2.46 -0.84
C PHE B 54 11.21 2.17 0.30
N LEU B 55 10.70 3.23 0.94
CA LEU B 55 9.74 3.05 2.02
C LEU B 55 8.44 2.43 1.52
N ASP B 56 8.04 2.75 0.29
CA ASP B 56 6.87 2.11 -0.32
C ASP B 56 7.12 0.61 -0.52
N ASP B 57 8.32 0.24 -0.98
CA ASP B 57 8.63 -1.17 -1.15
C ASP B 57 8.58 -1.91 0.18
N LEU B 58 9.16 -1.31 1.22
CA LEU B 58 9.14 -1.93 2.53
C LEU B 58 7.72 -2.03 3.06
N ASP B 59 6.95 -0.94 2.95
CA ASP B 59 5.57 -0.96 3.42
C ASP B 59 4.74 -1.99 2.66
N ARG B 60 4.96 -2.14 1.36
CA ARG B 60 4.19 -3.10 0.58
C ARG B 60 4.45 -4.52 1.05
N LEU B 61 5.72 -4.85 1.32
CA LEU B 61 6.04 -6.18 1.85
C LEU B 61 5.51 -6.37 3.27
N GLN B 62 5.54 -5.32 4.08
N GLN B 62 5.54 -5.32 4.09
CA GLN B 62 5.05 -5.44 5.46
CA GLN B 62 5.05 -5.45 5.46
C GLN B 62 3.56 -5.72 5.50
C GLN B 62 3.56 -5.73 5.49
N ALA B 63 2.79 -5.09 4.60
CA ALA B 63 1.34 -5.24 4.63
C ALA B 63 0.89 -6.59 4.06
N ASN B 64 1.30 -6.90 2.82
CA ASN B 64 0.76 -8.06 2.11
C ASN B 64 1.56 -9.32 2.33
N TYR B 65 2.85 -9.21 2.61
CA TYR B 65 3.68 -10.39 2.79
C TYR B 65 3.90 -10.74 4.26
N ALA B 66 4.11 -9.76 5.12
CA ALA B 66 4.42 -10.03 6.52
C ALA B 66 3.20 -9.95 7.43
N GLY B 67 2.09 -9.38 6.96
CA GLY B 67 0.86 -9.39 7.72
C GLY B 67 0.63 -8.21 8.63
N ARG B 68 1.46 -7.18 8.55
CA ARG B 68 1.29 -6.00 9.36
C ARG B 68 0.02 -5.26 8.95
N PRO B 69 -0.60 -4.51 9.88
CA PRO B 69 -0.18 -4.33 11.28
C PRO B 69 -0.48 -5.54 12.16
N SER B 70 0.32 -5.73 13.18
CA SER B 70 0.01 -6.75 14.17
C SER B 70 -0.97 -6.18 15.19
N PRO B 71 -1.89 -7.01 15.69
CA PRO B 71 -2.90 -6.49 16.62
C PRO B 71 -2.30 -6.22 17.99
N LEU B 72 -3.10 -5.56 18.81
CA LEU B 72 -2.80 -5.33 20.22
C LEU B 72 -3.92 -5.97 21.02
N TYR B 73 -3.57 -6.93 21.88
CA TYR B 73 -4.55 -7.76 22.55
C TYR B 73 -4.46 -7.59 24.07
N GLU B 74 -5.58 -7.22 24.69
CA GLU B 74 -5.61 -7.08 26.15
C GLU B 74 -5.81 -8.46 26.77
N ALA B 75 -4.81 -8.91 27.52
CA ALA B 75 -4.81 -10.25 28.11
C ALA B 75 -5.47 -10.17 29.48
N THR B 76 -6.81 -10.12 29.46
CA THR B 76 -7.56 -9.86 30.68
C THR B 76 -7.35 -10.95 31.72
N ARG B 77 -7.07 -12.17 31.28
CA ARG B 77 -6.92 -13.28 32.21
C ARG B 77 -5.54 -13.34 32.86
N LEU B 78 -4.66 -12.40 32.54
CA LEU B 78 -3.41 -12.24 33.30
C LEU B 78 -3.54 -11.25 34.44
N SER B 79 -4.63 -10.47 34.49
CA SER B 79 -4.67 -9.28 35.33
C SER B 79 -4.44 -9.60 36.80
N GLN B 80 -5.07 -10.67 37.30
N GLN B 80 -5.07 -10.66 37.31
CA GLN B 80 -4.97 -10.99 38.73
CA GLN B 80 -4.97 -10.96 38.73
C GLN B 80 -3.54 -11.36 39.12
C GLN B 80 -3.57 -11.42 39.13
N HIS B 81 -2.75 -11.86 38.17
CA HIS B 81 -1.35 -12.17 38.44
C HIS B 81 -0.44 -10.97 38.27
N ALA B 82 -1.01 -9.82 37.91
CA ALA B 82 -0.26 -8.60 37.66
C ALA B 82 -0.80 -7.46 38.53
N GLY B 83 -1.17 -7.78 39.77
CA GLY B 83 -1.70 -6.78 40.68
C GLY B 83 -2.92 -6.06 40.18
N SER B 84 -3.72 -6.72 39.32
CA SER B 84 -4.91 -6.14 38.69
C SER B 84 -4.58 -5.01 37.72
N ALA B 85 -3.35 -4.95 37.22
CA ALA B 85 -3.05 -4.09 36.09
C ALA B 85 -3.62 -4.72 34.81
N ARG B 86 -3.60 -3.93 33.74
CA ARG B 86 -4.13 -4.34 32.45
C ARG B 86 -2.98 -4.58 31.49
N ILE B 87 -2.75 -5.84 31.12
CA ILE B 87 -1.64 -6.20 30.26
C ILE B 87 -2.10 -6.24 28.81
N PHE B 88 -1.47 -5.43 27.97
CA PHE B 88 -1.75 -5.40 26.54
C PHE B 88 -0.57 -6.02 25.78
N LEU B 89 -0.86 -7.02 24.95
CA LEU B 89 0.16 -7.74 24.21
C LEU B 89 0.24 -7.24 22.78
N LYS B 90 1.42 -6.75 22.38
CA LYS B 90 1.68 -6.38 21.00
C LYS B 90 2.13 -7.63 20.26
N ARG B 91 1.28 -8.11 19.35
CA ARG B 91 1.36 -9.49 18.88
C ARG B 91 2.31 -9.60 17.67
N GLU B 92 3.59 -9.34 17.93
CA GLU B 92 4.58 -9.60 16.91
C GLU B 92 4.74 -11.09 16.64
N ASP B 93 4.26 -11.95 17.56
CA ASP B 93 4.26 -13.38 17.31
C ASP B 93 3.46 -13.77 16.08
N LEU B 94 2.53 -12.91 15.64
CA LEU B 94 1.68 -13.17 14.49
C LEU B 94 2.32 -12.75 13.16
N ASN B 95 3.52 -12.15 13.18
CA ASN B 95 4.20 -11.81 11.94
C ASN B 95 4.62 -13.08 11.20
N HIS B 96 4.73 -12.95 9.88
CA HIS B 96 5.31 -14.02 9.07
C HIS B 96 6.68 -14.43 9.61
N THR B 97 6.90 -15.74 9.70
CA THR B 97 8.06 -16.43 10.29
C THR B 97 7.99 -16.48 11.81
N GLY B 98 7.17 -15.65 12.44
CA GLY B 98 6.86 -15.79 13.84
C GLY B 98 7.57 -14.89 14.83
N SER B 99 8.12 -13.76 14.38
CA SER B 99 8.76 -12.84 15.31
C SER B 99 8.94 -11.48 14.65
N HIS B 100 9.35 -10.51 15.48
CA HIS B 100 9.68 -9.17 15.01
C HIS B 100 10.87 -9.13 14.06
N LYS B 101 11.69 -10.19 14.01
CA LYS B 101 12.92 -10.15 13.23
C LYS B 101 12.64 -9.85 11.76
N ILE B 102 11.46 -10.25 11.27
CA ILE B 102 11.16 -10.07 9.85
C ILE B 102 11.04 -8.59 9.48
N ASN B 103 10.73 -7.72 10.46
CA ASN B 103 10.68 -6.28 10.19
C ASN B 103 12.04 -5.78 9.73
N ASN B 104 13.09 -6.12 10.47
CA ASN B 104 14.44 -5.63 10.16
C ASN B 104 15.00 -6.32 8.92
N VAL B 105 14.71 -7.61 8.75
CA VAL B 105 15.25 -8.37 7.62
C VAL B 105 14.70 -7.84 6.30
N LEU B 106 13.40 -7.54 6.25
CA LEU B 106 12.82 -7.01 5.01
C LEU B 106 13.47 -5.67 4.64
N GLY B 107 13.68 -4.79 5.62
CA GLY B 107 14.39 -3.56 5.35
C GLY B 107 15.80 -3.80 4.84
N GLN B 108 16.53 -4.72 5.47
CA GLN B 108 17.93 -4.92 5.12
C GLN B 108 18.10 -5.72 3.84
N ALA B 109 17.19 -6.66 3.56
CA ALA B 109 17.29 -7.42 2.31
C ALA B 109 16.94 -6.55 1.12
N LEU B 110 15.93 -5.68 1.26
CA LEU B 110 15.67 -4.69 0.23
C LEU B 110 16.90 -3.82 -0.01
N LEU B 111 17.57 -3.43 1.08
CA LEU B 111 18.80 -2.63 0.94
C LEU B 111 19.89 -3.43 0.23
N ALA B 112 20.10 -4.69 0.65
CA ALA B 112 21.12 -5.51 0.01
C ALA B 112 20.85 -5.64 -1.49
N ARG B 113 19.58 -5.75 -1.88
CA ARG B 113 19.23 -5.80 -3.29
C ARG B 113 19.50 -4.47 -3.98
N ARG B 114 19.21 -3.34 -3.30
CA ARG B 114 19.53 -2.03 -3.86
C ARG B 114 21.03 -1.85 -4.06
N MET B 115 21.87 -2.50 -3.27
CA MET B 115 23.31 -2.33 -3.37
C MET B 115 23.95 -3.26 -4.39
N GLY B 116 23.18 -4.17 -4.99
CA GLY B 116 23.74 -5.15 -5.91
C GLY B 116 24.48 -6.30 -5.25
N LYS B 117 24.28 -6.52 -3.96
CA LYS B 117 24.86 -7.69 -3.32
C LYS B 117 24.08 -8.94 -3.71
N THR B 118 24.79 -10.04 -3.92
CA THR B 118 24.16 -11.29 -4.28
C THR B 118 24.21 -12.34 -3.18
N ARG B 119 25.00 -12.11 -2.12
CA ARG B 119 25.19 -13.06 -1.05
C ARG B 119 24.91 -12.37 0.27
N VAL B 120 24.06 -12.97 1.10
CA VAL B 120 23.70 -12.43 2.41
C VAL B 120 24.13 -13.43 3.48
N ILE B 121 24.78 -12.94 4.54
CA ILE B 121 25.13 -13.75 5.69
C ILE B 121 24.49 -13.15 6.94
N ALA B 122 24.29 -14.01 7.94
CA ALA B 122 23.70 -13.57 9.19
C ALA B 122 24.04 -14.57 10.29
N GLU B 123 24.05 -14.07 11.51
CA GLU B 123 24.09 -14.88 12.72
C GLU B 123 22.67 -15.16 13.19
N THR B 124 22.54 -16.17 14.05
CA THR B 124 21.26 -16.38 14.72
C THR B 124 21.50 -17.16 16.00
N GLY B 125 20.67 -16.87 17.01
CA GLY B 125 20.71 -17.60 18.26
C GLY B 125 19.47 -18.46 18.42
N ALA B 126 18.31 -17.82 18.48
CA ALA B 126 17.06 -18.56 18.55
C ALA B 126 16.66 -19.13 17.20
N GLY B 127 17.28 -18.69 16.11
CA GLY B 127 16.91 -19.15 14.79
C GLY B 127 15.81 -18.36 14.12
N GLN B 128 15.24 -17.37 14.82
CA GLN B 128 14.21 -16.53 14.22
C GLN B 128 14.82 -15.52 13.25
N HIS B 129 15.94 -14.92 13.60
CA HIS B 129 16.58 -14.02 12.65
C HIS B 129 17.17 -14.78 11.47
N GLY B 130 17.67 -16.00 11.71
CA GLY B 130 18.14 -16.83 10.62
C GLY B 130 17.02 -17.24 9.68
N VAL B 131 15.88 -17.67 10.24
CA VAL B 131 14.74 -18.03 9.39
C VAL B 131 14.25 -16.81 8.63
N ALA B 132 14.16 -15.66 9.31
CA ALA B 132 13.71 -14.45 8.64
C ALA B 132 14.64 -14.07 7.50
N THR B 133 15.96 -14.05 7.76
CA THR B 133 16.94 -13.77 6.72
C THR B 133 16.80 -14.75 5.56
N ALA B 134 16.76 -16.05 5.87
CA ALA B 134 16.58 -17.06 4.83
C ALA B 134 15.28 -16.87 4.07
N THR B 135 14.25 -16.40 4.76
CA THR B 135 12.96 -16.13 4.12
C THR B 135 13.08 -15.00 3.10
N ALA B 136 13.72 -13.89 3.49
CA ALA B 136 13.87 -12.77 2.55
C ALA B 136 14.79 -13.12 1.40
N CYS B 137 15.84 -13.92 1.67
CA CYS B 137 16.76 -14.30 0.59
C CYS B 137 16.09 -15.20 -0.43
N ALA B 138 15.25 -16.12 0.02
CA ALA B 138 14.45 -16.91 -0.91
C ALA B 138 13.52 -15.99 -1.70
N LEU B 139 12.79 -15.11 -1.00
CA LEU B 139 11.88 -14.18 -1.65
C LEU B 139 12.57 -13.32 -2.69
N LEU B 140 13.81 -12.91 -2.43
CA LEU B 140 14.51 -11.95 -3.28
C LEU B 140 15.63 -12.57 -4.12
N GLY B 141 15.80 -13.89 -4.08
CA GLY B 141 16.78 -14.52 -4.94
C GLY B 141 18.22 -14.26 -4.56
N LEU B 142 18.52 -14.22 -3.26
CA LEU B 142 19.86 -14.00 -2.75
C LEU B 142 20.39 -15.28 -2.11
N ASP B 143 21.69 -15.53 -2.28
CA ASP B 143 22.31 -16.65 -1.60
C ASP B 143 22.45 -16.33 -0.11
N CYS B 144 22.21 -17.34 0.73
CA CYS B 144 22.06 -17.13 2.15
C CYS B 144 22.91 -18.11 2.94
N VAL B 145 23.71 -17.60 3.86
CA VAL B 145 24.49 -18.42 4.78
C VAL B 145 24.26 -17.93 6.19
N ILE B 146 23.79 -18.81 7.07
CA ILE B 146 23.46 -18.47 8.45
C ILE B 146 24.46 -19.17 9.37
N TYR B 147 25.05 -18.40 10.28
CA TYR B 147 25.94 -18.94 11.30
C TYR B 147 25.18 -19.06 12.60
N MET B 148 25.29 -20.22 13.25
CA MET B 148 24.51 -20.52 14.44
C MET B 148 25.36 -21.39 15.38
N GLY B 149 25.33 -21.07 16.67
CA GLY B 149 26.13 -21.83 17.62
C GLY B 149 25.64 -23.26 17.74
N GLY B 150 26.60 -24.18 17.92
CA GLY B 150 26.25 -25.60 17.98
C GLY B 150 25.26 -25.93 19.08
N ILE B 151 25.37 -25.25 20.22
CA ILE B 151 24.42 -25.47 21.30
C ILE B 151 23.02 -25.01 20.88
N ASP B 152 22.94 -23.90 20.14
CA ASP B 152 21.65 -23.40 19.69
C ASP B 152 21.03 -24.28 18.59
N THR B 153 21.85 -24.85 17.70
CA THR B 153 21.31 -25.76 16.70
C THR B 153 20.63 -26.97 17.33
N ALA B 154 21.00 -27.31 18.57
CA ALA B 154 20.36 -28.43 19.27
C ALA B 154 19.08 -28.01 19.98
N ARG B 155 19.04 -26.86 20.64
CA ARG B 155 17.84 -26.46 21.35
C ARG B 155 16.87 -25.66 20.50
N GLN B 156 17.26 -25.26 19.28
CA GLN B 156 16.35 -24.59 18.36
C GLN B 156 16.31 -25.32 17.02
N ALA B 157 16.25 -26.66 17.08
CA ALA B 157 16.40 -27.49 15.90
C ALA B 157 15.27 -27.27 14.88
N LEU B 158 14.09 -26.86 15.33
CA LEU B 158 13.01 -26.55 14.40
C LEU B 158 13.41 -25.45 13.43
N ASN B 159 14.08 -24.41 13.92
CA ASN B 159 14.45 -23.32 13.02
C ASN B 159 15.61 -23.72 12.11
N VAL B 160 16.46 -24.65 12.53
CA VAL B 160 17.54 -25.12 11.66
C VAL B 160 16.96 -25.77 10.41
N ALA B 161 15.94 -26.62 10.58
CA ALA B 161 15.33 -27.29 9.43
C ALA B 161 14.55 -26.32 8.57
N ARG B 162 13.85 -25.36 9.19
CA ARG B 162 13.17 -24.31 8.44
C ARG B 162 14.14 -23.57 7.53
N MET B 163 15.29 -23.15 8.09
CA MET B 163 16.31 -22.45 7.30
C MET B 163 16.78 -23.29 6.13
N ARG B 164 16.98 -24.60 6.34
CA ARG B 164 17.46 -25.45 5.27
C ARG B 164 16.40 -25.65 4.19
N LEU B 165 15.13 -25.78 4.57
CA LEU B 165 14.06 -25.88 3.58
C LEU B 165 13.96 -24.61 2.75
N LEU B 166 14.35 -23.46 3.32
CA LEU B 166 14.31 -22.21 2.59
C LEU B 166 15.53 -22.02 1.69
N GLY B 167 16.42 -22.99 1.62
CA GLY B 167 17.55 -22.93 0.70
C GLY B 167 18.78 -22.25 1.24
N ALA B 168 18.88 -22.07 2.55
CA ALA B 168 20.03 -21.44 3.16
C ALA B 168 21.01 -22.50 3.68
N GLU B 169 22.29 -22.17 3.63
CA GLU B 169 23.30 -22.98 4.28
C GLU B 169 23.38 -22.59 5.75
N VAL B 170 23.30 -23.57 6.64
CA VAL B 170 23.40 -23.37 8.07
C VAL B 170 24.75 -23.91 8.52
N VAL B 171 25.54 -23.07 9.17
CA VAL B 171 26.88 -23.42 9.63
C VAL B 171 26.85 -23.47 11.16
N ALA B 172 27.05 -24.66 11.71
CA ALA B 172 27.10 -24.84 13.16
C ALA B 172 28.45 -24.37 13.69
N VAL B 173 28.44 -23.44 14.63
CA VAL B 173 29.65 -22.82 15.16
C VAL B 173 30.05 -23.52 16.46
N GLN B 174 31.30 -23.99 16.52
CA GLN B 174 31.79 -24.78 17.64
C GLN B 174 32.79 -24.04 18.52
N THR B 175 33.08 -22.79 18.24
CA THR B 175 34.04 -22.06 19.05
C THR B 175 33.36 -21.48 20.30
N GLY B 176 34.17 -21.16 21.30
CA GLY B 176 33.71 -20.51 22.52
C GLY B 176 32.52 -21.21 23.15
N SER B 177 31.51 -20.41 23.53
CA SER B 177 30.33 -20.92 24.20
C SER B 177 29.32 -21.57 23.26
N LYS B 178 29.62 -21.62 21.96
CA LYS B 178 28.75 -22.26 20.96
C LYS B 178 27.33 -21.68 20.97
N THR B 179 27.23 -20.37 21.22
CA THR B 179 25.95 -19.68 21.22
C THR B 179 26.04 -18.39 20.40
N LEU B 180 25.17 -17.42 20.69
CA LEU B 180 24.98 -16.28 19.81
C LEU B 180 26.27 -15.48 19.60
N LYS B 181 26.99 -15.16 20.68
CA LYS B 181 28.18 -14.32 20.52
C LYS B 181 29.24 -14.99 19.65
N ASP B 182 29.27 -16.32 19.67
CA ASP B 182 30.22 -17.06 18.85
C ASP B 182 29.76 -17.18 17.40
N ALA B 183 28.45 -17.27 17.18
CA ALA B 183 27.96 -17.22 15.81
C ALA B 183 28.22 -15.85 15.20
N ILE B 184 28.14 -14.78 16.00
CA ILE B 184 28.46 -13.45 15.51
C ILE B 184 29.94 -13.37 15.11
N ASN B 185 30.82 -13.96 15.92
CA ASN B 185 32.24 -13.96 15.58
C ASN B 185 32.49 -14.66 14.25
N GLU B 186 31.81 -15.79 14.00
CA GLU B 186 32.06 -16.53 12.76
C GLU B 186 31.48 -15.80 11.55
N ALA B 187 30.24 -15.29 11.68
CA ALA B 187 29.68 -14.47 10.62
C ALA B 187 30.58 -13.27 10.33
N PHE B 188 31.16 -12.67 11.39
CA PHE B 188 32.12 -11.58 11.23
C PHE B 188 33.31 -12.01 10.38
N ARG B 189 33.91 -13.16 10.69
CA ARG B 189 35.04 -13.65 9.92
C ARG B 189 34.66 -13.85 8.46
N ASP B 190 33.44 -14.35 8.21
CA ASP B 190 32.97 -14.49 6.84
C ASP B 190 32.92 -13.14 6.15
N TRP B 191 32.40 -12.12 6.84
CA TRP B 191 32.27 -10.81 6.21
C TRP B 191 33.62 -10.22 5.85
N VAL B 192 34.61 -10.31 6.74
CA VAL B 192 35.89 -9.68 6.46
C VAL B 192 36.56 -10.32 5.27
N ALA B 193 36.27 -11.60 5.01
CA ALA B 193 36.84 -12.29 3.85
C ALA B 193 36.07 -12.04 2.58
N ASN B 194 34.77 -11.76 2.66
CA ASN B 194 33.92 -11.61 1.49
C ASN B 194 33.23 -10.25 1.48
N ALA B 195 33.94 -9.23 1.97
CA ALA B 195 33.39 -7.89 2.08
C ALA B 195 33.07 -7.24 0.74
N ASP B 196 33.54 -7.82 -0.37
CA ASP B 196 33.31 -7.23 -1.69
C ASP B 196 31.93 -7.56 -2.26
N ASN B 197 31.38 -8.73 -1.95
CA ASN B 197 30.12 -9.15 -2.56
C ASN B 197 29.04 -9.55 -1.56
N THR B 198 29.34 -9.65 -0.28
CA THR B 198 28.42 -10.17 0.72
C THR B 198 27.88 -9.03 1.57
N TYR B 199 26.57 -9.05 1.78
CA TYR B 199 25.90 -8.15 2.72
C TYR B 199 25.70 -8.89 4.04
N TYR B 200 26.00 -8.22 5.16
CA TYR B 200 25.80 -8.79 6.49
C TYR B 200 24.50 -8.26 7.06
N CYS B 201 23.54 -9.15 7.26
CA CYS B 201 22.20 -8.81 7.75
C CYS B 201 22.17 -9.06 9.26
N PHE B 202 22.48 -8.02 10.02
CA PHE B 202 22.61 -8.18 11.45
C PHE B 202 21.25 -8.09 12.12
N GLY B 203 20.99 -9.02 13.04
CA GLY B 203 19.66 -9.24 13.56
C GLY B 203 19.29 -8.54 14.85
N THR B 204 20.14 -7.67 15.39
CA THR B 204 19.78 -6.97 16.61
C THR B 204 20.32 -5.55 16.55
N ALA B 205 19.89 -4.74 17.52
CA ALA B 205 20.22 -3.32 17.53
C ALA B 205 21.57 -3.09 18.18
N ALA B 206 22.59 -3.81 17.71
CA ALA B 206 23.94 -3.67 18.23
C ALA B 206 24.89 -3.61 17.03
N GLY B 207 26.17 -3.84 17.29
CA GLY B 207 27.17 -3.80 16.25
C GLY B 207 27.67 -2.40 15.97
N PRO B 208 28.51 -2.27 14.95
CA PRO B 208 29.01 -0.95 14.57
C PRO B 208 27.98 -0.17 13.77
N HIS B 209 28.09 1.15 13.87
CA HIS B 209 27.32 2.05 13.01
C HIS B 209 27.44 1.60 11.56
N PRO B 210 26.33 1.47 10.82
CA PRO B 210 24.99 2.00 11.12
C PRO B 210 23.99 1.00 11.68
N PHE B 211 24.45 -0.19 12.10
CA PHE B 211 23.50 -1.24 12.48
C PHE B 211 22.61 -0.87 13.66
N PRO B 212 23.09 -0.28 14.75
CA PRO B 212 22.16 0.11 15.82
C PRO B 212 21.03 1.01 15.36
N THR B 213 21.32 1.99 14.51
CA THR B 213 20.31 2.94 14.05
C THR B 213 19.41 2.31 12.99
N MET B 214 20.00 1.62 12.02
CA MET B 214 19.23 1.02 10.93
C MET B 214 18.29 -0.06 11.45
N VAL B 215 18.77 -0.95 12.32
CA VAL B 215 17.90 -1.99 12.88
C VAL B 215 16.77 -1.35 13.66
N ARG B 216 17.08 -0.36 14.50
CA ARG B 216 16.05 0.31 15.26
C ARG B 216 15.03 0.99 14.35
N ASP B 217 15.48 1.60 13.25
CA ASP B 217 14.55 2.26 12.33
C ASP B 217 13.61 1.27 11.68
N PHE B 218 14.09 0.07 11.36
CA PHE B 218 13.21 -0.91 10.75
C PHE B 218 12.24 -1.51 11.74
N GLN B 219 12.56 -1.47 13.04
CA GLN B 219 11.66 -1.97 14.07
C GLN B 219 10.77 -0.89 14.68
N ARG B 220 10.96 0.38 14.29
CA ARG B 220 10.18 1.47 14.87
C ARG B 220 8.68 1.27 14.63
N ILE B 221 8.33 0.60 13.53
CA ILE B 221 6.93 0.37 13.18
C ILE B 221 6.16 -0.29 14.33
N ILE B 222 6.84 -1.04 15.20
CA ILE B 222 6.16 -1.73 16.31
C ILE B 222 5.60 -0.71 17.30
N GLY B 223 6.44 0.18 17.80
CA GLY B 223 5.97 1.19 18.73
C GLY B 223 5.05 2.21 18.07
N MET B 224 5.27 2.51 16.79
CA MET B 224 4.39 3.43 16.08
C MET B 224 2.96 2.88 16.04
N GLU B 225 2.81 1.62 15.63
CA GLU B 225 1.48 1.02 15.64
C GLU B 225 0.93 0.94 17.06
N ALA B 226 1.76 0.50 18.02
CA ALA B 226 1.25 0.26 19.37
C ALA B 226 0.77 1.55 20.02
N ARG B 227 1.48 2.65 19.78
CA ARG B 227 1.09 3.93 20.36
C ARG B 227 -0.29 4.36 19.85
N VAL B 228 -0.59 4.09 18.58
CA VAL B 228 -1.93 4.38 18.06
C VAL B 228 -2.94 3.40 18.64
N GLN B 229 -2.58 2.12 18.69
CA GLN B 229 -3.53 1.09 19.11
C GLN B 229 -3.91 1.25 20.58
N ILE B 230 -2.94 1.58 21.43
CA ILE B 230 -3.24 1.63 22.85
C ILE B 230 -4.11 2.83 23.17
N GLN B 231 -3.91 3.96 22.49
CA GLN B 231 -4.80 5.08 22.71
C GLN B 231 -6.22 4.74 22.27
N GLY B 232 -6.36 3.93 21.21
CA GLY B 232 -7.69 3.51 20.79
C GLY B 232 -8.37 2.59 21.79
N GLN B 233 -7.62 1.68 22.40
CA GLN B 233 -8.25 0.66 23.25
C GLN B 233 -8.36 1.09 24.70
N ALA B 234 -7.34 1.73 25.26
CA ALA B 234 -7.39 2.18 26.63
C ALA B 234 -7.78 3.64 26.78
N GLY B 235 -7.84 4.39 25.67
CA GLY B 235 -8.20 5.79 25.73
C GLY B 235 -7.12 6.72 26.24
N ARG B 236 -5.89 6.24 26.41
CA ARG B 236 -4.80 7.09 26.86
C ARG B 236 -3.48 6.40 26.57
N LEU B 237 -2.40 7.13 26.79
CA LEU B 237 -1.08 6.54 26.69
C LEU B 237 -0.87 5.57 27.84
N PRO B 238 -0.04 4.55 27.65
CA PRO B 238 0.15 3.56 28.71
C PRO B 238 0.91 4.13 29.88
N ASP B 239 0.80 3.44 31.02
CA ASP B 239 1.64 3.75 32.15
C ASP B 239 3.04 3.17 31.99
N ALA B 240 3.19 2.17 31.13
CA ALA B 240 4.48 1.54 30.91
C ALA B 240 4.46 0.75 29.61
N VAL B 241 5.63 0.66 28.98
CA VAL B 241 5.88 -0.20 27.84
C VAL B 241 7.09 -1.06 28.19
N VAL B 242 6.95 -2.38 28.06
CA VAL B 242 8.01 -3.30 28.46
C VAL B 242 8.35 -4.25 27.33
N ALA B 243 9.60 -4.71 27.33
CA ALA B 243 10.05 -5.69 26.35
C ALA B 243 11.26 -6.42 26.91
N CYS B 244 11.55 -7.58 26.33
CA CYS B 244 12.78 -8.28 26.69
C CYS B 244 13.95 -7.73 25.88
N VAL B 245 15.14 -7.85 26.44
CA VAL B 245 16.34 -7.23 25.87
C VAL B 245 17.43 -8.29 25.71
N GLY B 246 17.69 -8.69 24.47
CA GLY B 246 18.89 -9.43 24.14
C GLY B 246 19.92 -8.44 23.63
N GLY B 247 20.06 -8.34 22.31
CA GLY B 247 20.81 -7.24 21.75
C GLY B 247 20.04 -5.94 21.78
N GLY B 248 18.70 -6.01 21.74
CA GLY B 248 17.88 -4.85 21.98
C GLY B 248 16.95 -4.42 20.86
N SER B 249 16.79 -5.23 19.80
CA SER B 249 16.06 -4.74 18.64
C SER B 249 14.54 -4.65 18.92
N ASN B 250 13.93 -5.70 19.47
CA ASN B 250 12.49 -5.63 19.69
C ASN B 250 12.15 -4.59 20.77
N ALA B 251 13.01 -4.40 21.76
CA ALA B 251 12.74 -3.41 22.80
C ALA B 251 12.85 -1.99 22.25
N ILE B 252 13.94 -1.70 21.53
CA ILE B 252 14.08 -0.37 20.97
C ILE B 252 12.99 -0.12 19.94
N GLY B 253 12.53 -1.19 19.25
CA GLY B 253 11.49 -1.01 18.25
C GLY B 253 10.19 -0.52 18.82
N ILE B 254 9.81 -1.02 20.00
CA ILE B 254 8.56 -0.58 20.61
C ILE B 254 8.75 0.61 21.54
N PHE B 255 9.96 0.83 22.06
CA PHE B 255 10.19 1.97 22.96
C PHE B 255 10.16 3.29 22.22
N HIS B 256 10.61 3.31 20.95
CA HIS B 256 11.05 4.57 20.37
C HIS B 256 9.91 5.57 20.22
N ALA B 257 8.74 5.11 19.74
CA ALA B 257 7.58 5.97 19.59
C ALA B 257 7.16 6.62 20.90
N PHE B 258 7.60 6.10 22.05
CA PHE B 258 7.19 6.58 23.35
C PHE B 258 8.26 7.39 24.05
N LEU B 259 9.46 7.53 23.47
CA LEU B 259 10.57 8.18 24.15
C LEU B 259 10.19 9.59 24.64
N ASP B 260 9.43 10.32 23.84
CA ASP B 260 9.10 11.70 24.17
C ASP B 260 7.79 11.81 24.94
N ASP B 261 7.21 10.69 25.38
CA ASP B 261 6.04 10.72 26.25
C ASP B 261 6.52 10.58 27.68
N PRO B 262 6.65 11.67 28.43
CA PRO B 262 7.40 11.62 29.69
C PRO B 262 6.70 10.83 30.79
N GLY B 263 5.39 10.64 30.70
CA GLY B 263 4.68 9.86 31.68
C GLY B 263 4.70 8.36 31.46
N VAL B 264 5.32 7.91 30.38
CA VAL B 264 5.32 6.51 30.00
C VAL B 264 6.63 5.89 30.49
N ARG B 265 6.54 4.99 31.47
CA ARG B 265 7.72 4.26 31.92
C ARG B 265 8.13 3.25 30.86
N LEU B 266 9.44 3.02 30.77
CA LEU B 266 10.00 2.08 29.82
C LEU B 266 10.90 1.12 30.59
N VAL B 267 10.60 -0.18 30.52
CA VAL B 267 11.35 -1.18 31.24
C VAL B 267 11.75 -2.29 30.28
N GLY B 268 13.05 -2.56 30.17
CA GLY B 268 13.55 -3.70 29.44
C GLY B 268 13.97 -4.80 30.41
N PHE B 269 13.66 -6.04 30.06
CA PHE B 269 13.93 -7.19 30.92
C PHE B 269 14.94 -8.11 30.26
N GLU B 270 16.06 -8.32 30.94
CA GLU B 270 17.14 -9.17 30.43
C GLU B 270 17.15 -10.52 31.13
N ALA B 271 17.84 -11.48 30.51
CA ALA B 271 17.83 -12.87 30.98
C ALA B 271 18.80 -13.05 32.14
N ALA B 272 18.30 -13.51 33.28
CA ALA B 272 19.12 -13.75 34.45
C ALA B 272 19.46 -15.22 34.65
N GLY B 273 19.03 -16.10 33.76
CA GLY B 273 19.43 -17.49 33.83
C GLY B 273 19.10 -18.13 35.17
N ASP B 274 20.13 -18.70 35.81
CA ASP B 274 19.98 -19.29 37.14
C ASP B 274 19.93 -18.25 38.25
N GLY B 275 20.30 -17.02 37.95
CA GLY B 275 20.38 -15.97 38.95
C GLY B 275 21.62 -15.15 38.74
N VAL B 276 21.54 -13.84 39.01
CA VAL B 276 22.65 -12.94 38.72
C VAL B 276 23.85 -13.23 39.61
N GLU B 277 23.62 -13.83 40.77
CA GLU B 277 24.68 -14.17 41.71
C GLU B 277 25.33 -15.51 41.41
N THR B 278 24.79 -16.29 40.47
CA THR B 278 25.34 -17.61 40.19
C THR B 278 26.47 -17.60 39.17
N GLY B 279 26.61 -16.53 38.39
CA GLY B 279 27.54 -16.57 37.28
C GLY B 279 27.03 -17.30 36.06
N ARG B 280 25.81 -17.80 36.07
CA ARG B 280 25.15 -18.39 34.90
C ARG B 280 23.94 -17.52 34.59
N HIS B 281 24.17 -16.44 33.86
CA HIS B 281 23.14 -15.45 33.55
C HIS B 281 23.59 -14.69 32.30
N ALA B 282 22.72 -13.78 31.85
CA ALA B 282 23.01 -12.90 30.72
C ALA B 282 22.58 -11.47 31.01
N ALA B 283 22.65 -11.06 32.28
CA ALA B 283 22.09 -9.80 32.73
C ALA B 283 23.11 -8.68 32.50
N THR B 284 23.21 -8.30 31.23
CA THR B 284 24.26 -7.39 30.78
C THR B 284 24.23 -6.07 31.56
N PHE B 285 23.05 -5.48 31.74
CA PHE B 285 23.00 -4.22 32.49
C PHE B 285 23.11 -4.43 34.00
N THR B 286 22.58 -5.55 34.53
CA THR B 286 22.60 -5.75 35.98
C THR B 286 24.01 -6.02 36.47
N ALA B 287 24.79 -6.81 35.73
CA ALA B 287 26.09 -7.28 36.19
C ALA B 287 27.25 -6.84 35.30
N GLY B 288 26.98 -6.23 34.16
CA GLY B 288 28.03 -5.85 33.23
C GLY B 288 28.60 -4.47 33.48
N SER B 289 29.48 -4.05 32.58
CA SER B 289 30.20 -2.79 32.67
C SER B 289 30.53 -2.32 31.26
N PRO B 290 30.81 -1.02 31.07
CA PRO B 290 31.06 -0.52 29.72
C PRO B 290 32.35 -1.08 29.13
N GLY B 291 32.33 -1.28 27.82
CA GLY B 291 33.48 -1.77 27.10
C GLY B 291 33.19 -1.82 25.61
N ALA B 292 34.25 -2.11 24.84
CA ALA B 292 34.13 -2.28 23.40
C ALA B 292 33.92 -3.76 23.09
N PHE B 293 32.82 -4.08 22.42
CA PHE B 293 32.49 -5.46 22.12
C PHE B 293 31.61 -5.51 20.89
N HIS B 294 32.00 -6.36 19.93
CA HIS B 294 31.21 -6.60 18.73
C HIS B 294 30.95 -5.31 17.94
N GLY B 295 31.96 -4.45 17.89
CA GLY B 295 31.89 -3.26 17.05
C GLY B 295 31.30 -2.03 17.69
N SER B 296 30.87 -2.09 18.94
CA SER B 296 30.32 -0.90 19.58
C SER B 296 30.86 -0.78 20.99
N PHE B 297 30.75 0.42 21.53
CA PHE B 297 31.01 0.69 22.94
C PHE B 297 29.67 0.71 23.66
N SER B 298 29.51 -0.21 24.62
CA SER B 298 28.24 -0.43 25.31
C SER B 298 28.56 -1.21 26.58
N TYR B 299 27.54 -1.83 27.18
CA TYR B 299 27.73 -2.71 28.33
C TYR B 299 27.98 -4.14 27.86
N LEU B 300 28.85 -4.84 28.60
CA LEU B 300 28.99 -6.28 28.40
C LEU B 300 29.43 -6.94 29.70
N LEU B 301 29.23 -8.25 29.76
CA LEU B 301 29.75 -9.05 30.86
C LEU B 301 31.21 -9.36 30.57
N GLN B 302 32.10 -8.84 31.42
CA GLN B 302 33.55 -8.99 31.24
C GLN B 302 34.22 -9.11 32.60
N ASP B 303 35.36 -9.80 32.62
CA ASP B 303 36.11 -9.99 33.85
C ASP B 303 37.04 -8.80 34.09
N GLU B 304 38.03 -8.95 34.96
CA GLU B 304 38.86 -7.81 35.35
C GLU B 304 39.85 -7.42 34.26
N ASP B 305 40.17 -8.33 33.34
CA ASP B 305 41.08 -8.04 32.24
C ASP B 305 40.36 -7.58 30.99
N GLY B 306 39.03 -7.61 30.97
CA GLY B 306 38.28 -7.30 29.78
C GLY B 306 37.96 -8.49 28.91
N GLN B 307 38.18 -9.70 29.40
CA GLN B 307 37.75 -10.90 28.67
C GLN B 307 36.25 -11.07 28.80
N THR B 308 35.62 -11.49 27.71
CA THR B 308 34.18 -11.69 27.71
C THR B 308 33.79 -12.86 28.59
N ILE B 309 32.81 -12.65 29.48
CA ILE B 309 32.26 -13.71 30.29
C ILE B 309 31.14 -14.38 29.52
N GLU B 310 31.24 -15.70 29.35
CA GLU B 310 30.19 -16.43 28.64
C GLU B 310 28.87 -16.33 29.39
N SER B 311 27.80 -16.13 28.64
CA SER B 311 26.48 -15.97 29.21
C SER B 311 25.74 -17.31 29.22
N HIS B 312 24.65 -17.37 30.00
N HIS B 312 24.70 -17.38 30.06
CA HIS B 312 23.80 -18.54 30.04
CA HIS B 312 23.77 -18.50 30.04
C HIS B 312 22.34 -18.12 30.22
C HIS B 312 22.35 -17.97 30.09
N SER B 313 21.46 -18.70 29.41
CA SER B 313 20.02 -18.50 29.55
C SER B 313 19.31 -19.69 28.94
N ILE B 314 18.17 -20.05 29.52
CA ILE B 314 17.33 -21.07 28.89
C ILE B 314 16.82 -20.55 27.55
N SER B 315 16.83 -19.24 27.36
CA SER B 315 16.40 -18.61 26.11
C SER B 315 17.60 -18.38 25.20
N ALA B 316 17.58 -19.01 24.03
CA ALA B 316 18.69 -18.84 23.08
C ALA B 316 18.80 -17.41 22.57
N GLY B 317 17.67 -16.71 22.47
CA GLY B 317 17.69 -15.37 21.91
C GLY B 317 18.19 -14.30 22.86
N LEU B 318 18.09 -14.52 24.16
CA LEU B 318 18.63 -13.60 25.15
C LEU B 318 19.99 -14.03 25.68
N ASP B 319 20.49 -15.18 25.25
CA ASP B 319 21.75 -15.73 25.76
C ASP B 319 22.91 -15.00 25.09
N TYR B 320 23.14 -13.76 25.54
CA TYR B 320 24.10 -12.90 24.89
C TYR B 320 24.71 -11.97 25.94
N PRO B 321 26.04 -11.88 26.03
CA PRO B 321 26.66 -11.09 27.10
C PRO B 321 26.76 -9.61 26.82
N GLY B 322 26.33 -9.14 25.65
CA GLY B 322 26.33 -7.72 25.33
C GLY B 322 24.93 -7.15 25.24
N VAL B 323 24.87 -5.89 24.79
CA VAL B 323 23.61 -5.21 24.56
C VAL B 323 23.90 -4.00 23.67
N GLY B 324 22.90 -3.61 22.87
CA GLY B 324 23.02 -2.51 21.94
C GLY B 324 23.33 -1.16 22.59
N PRO B 325 24.10 -0.33 21.88
CA PRO B 325 24.58 0.93 22.49
C PRO B 325 23.50 1.96 22.75
N GLU B 326 22.40 1.98 21.98
CA GLU B 326 21.35 2.95 22.27
C GLU B 326 20.70 2.65 23.62
N HIS B 327 20.56 1.38 23.98
CA HIS B 327 20.04 1.03 25.29
C HIS B 327 20.96 1.50 26.40
N ALA B 328 22.27 1.41 26.18
CA ALA B 328 23.22 1.95 27.15
C ALA B 328 23.00 3.44 27.35
N TRP B 329 22.80 4.18 26.26
CA TRP B 329 22.54 5.61 26.36
C TRP B 329 21.23 5.90 27.09
N LEU B 330 20.16 5.17 26.77
CA LEU B 330 18.90 5.40 27.45
C LEU B 330 18.99 5.03 28.93
N LYS B 331 19.77 4.00 29.26
CA LYS B 331 19.97 3.65 30.67
C LYS B 331 20.73 4.74 31.40
N GLU B 332 21.86 5.20 30.83
CA GLU B 332 22.63 6.27 31.46
C GLU B 332 21.78 7.53 31.61
N ALA B 333 20.97 7.84 30.60
CA ALA B 333 20.09 9.00 30.66
C ALA B 333 18.97 8.84 31.67
N GLY B 334 18.71 7.61 32.12
CA GLY B 334 17.58 7.35 32.99
C GLY B 334 16.24 7.28 32.30
N ARG B 335 16.21 7.16 30.97
CA ARG B 335 14.93 7.08 30.28
C ARG B 335 14.33 5.69 30.32
N VAL B 336 15.16 4.65 30.37
CA VAL B 336 14.70 3.26 30.41
C VAL B 336 15.35 2.57 31.60
N ASP B 337 14.56 1.78 32.31
N ASP B 337 14.57 1.75 32.28
CA ASP B 337 15.08 0.91 33.37
CA ASP B 337 15.06 0.91 33.37
C ASP B 337 15.25 -0.50 32.82
C ASP B 337 15.21 -0.52 32.87
N TYR B 338 16.31 -1.16 33.25
CA TYR B 338 16.61 -2.52 32.83
C TYR B 338 16.70 -3.42 34.06
N ARG B 339 15.98 -4.53 34.03
N ARG B 339 15.98 -4.53 34.04
CA ARG B 339 15.84 -5.42 35.19
CA ARG B 339 15.86 -5.41 35.19
C ARG B 339 16.01 -6.87 34.75
C ARG B 339 16.00 -6.87 34.76
N PRO B 340 16.53 -7.72 35.63
CA PRO B 340 16.69 -9.14 35.29
C PRO B 340 15.46 -9.99 35.56
N ILE B 341 15.32 -11.03 34.74
CA ILE B 341 14.29 -12.06 34.89
C ILE B 341 14.97 -13.41 34.72
N THR B 342 14.77 -14.31 35.69
CA THR B 342 15.40 -15.62 35.68
C THR B 342 14.67 -16.60 34.75
N ASP B 343 15.35 -17.70 34.43
CA ASP B 343 14.73 -18.83 33.72
C ASP B 343 13.41 -19.23 34.36
N SER B 344 13.40 -19.41 35.69
CA SER B 344 12.19 -19.90 36.36
C SER B 344 11.05 -18.89 36.25
N GLU B 345 11.35 -17.61 36.43
CA GLU B 345 10.32 -16.60 36.27
C GLU B 345 9.77 -16.59 34.84
N ALA B 346 10.65 -16.74 33.86
CA ALA B 346 10.20 -16.71 32.47
C ALA B 346 9.36 -17.93 32.12
N MET B 347 9.77 -19.12 32.56
CA MET B 347 8.98 -20.31 32.26
C MET B 347 7.65 -20.28 33.00
N ASP B 348 7.62 -19.71 34.20
N ASP B 348 7.62 -19.71 34.21
CA ASP B 348 6.35 -19.52 34.90
CA ASP B 348 6.34 -19.53 34.89
C ASP B 348 5.41 -18.64 34.09
C ASP B 348 5.42 -18.65 34.07
N ALA B 349 5.95 -17.56 33.51
CA ALA B 349 5.11 -16.68 32.69
C ALA B 349 4.75 -17.33 31.37
N PHE B 350 5.67 -18.13 30.81
CA PHE B 350 5.38 -18.91 29.62
C PHE B 350 4.14 -19.78 29.81
N GLY B 351 4.16 -20.60 30.88
CA GLY B 351 3.03 -21.47 31.12
C GLY B 351 1.75 -20.74 31.48
N LEU B 352 1.89 -19.61 32.17
CA LEU B 352 0.70 -18.83 32.49
C LEU B 352 0.06 -18.24 31.24
N LEU B 353 0.87 -17.77 30.30
CA LEU B 353 0.30 -17.25 29.05
C LEU B 353 -0.36 -18.35 28.24
N CYS B 354 0.20 -19.57 28.29
CA CYS B 354 -0.40 -20.70 27.58
C CYS B 354 -1.81 -20.99 28.07
N ARG B 355 -1.98 -21.18 29.38
CA ARG B 355 -3.24 -21.70 29.90
C ARG B 355 -4.28 -20.63 30.19
N MET B 356 -3.87 -19.37 30.28
CA MET B 356 -4.80 -18.27 30.50
C MET B 356 -5.26 -17.61 29.22
N GLU B 357 -4.38 -17.43 28.24
CA GLU B 357 -4.73 -16.72 27.02
C GLU B 357 -4.63 -17.58 25.77
N GLY B 358 -4.19 -18.83 25.89
CA GLY B 358 -4.03 -19.65 24.70
C GLY B 358 -2.96 -19.19 23.75
N ILE B 359 -1.95 -18.49 24.24
CA ILE B 359 -0.83 -18.01 23.41
C ILE B 359 0.43 -18.69 23.89
N ILE B 360 1.09 -19.42 22.99
CA ILE B 360 2.39 -20.03 23.31
C ILE B 360 3.50 -19.07 22.90
N PRO B 361 4.12 -18.36 23.84
CA PRO B 361 5.11 -17.35 23.46
C PRO B 361 6.50 -17.95 23.28
N ALA B 362 7.34 -17.20 22.56
CA ALA B 362 8.77 -17.46 22.62
C ALA B 362 9.25 -17.32 24.06
N ILE B 363 10.24 -18.15 24.42
CA ILE B 363 10.80 -18.07 25.77
C ILE B 363 11.46 -16.72 26.01
N GLU B 364 12.03 -16.12 24.95
CA GLU B 364 12.46 -14.73 25.02
C GLU B 364 11.32 -13.84 25.51
N SER B 365 10.20 -13.86 24.77
CA SER B 365 9.05 -13.03 25.09
C SER B 365 8.49 -13.34 26.48
N ALA B 366 8.61 -14.59 26.93
CA ALA B 366 8.14 -14.95 28.26
C ALA B 366 8.84 -14.14 29.35
N HIS B 367 10.10 -13.74 29.11
CA HIS B 367 10.79 -12.86 30.06
C HIS B 367 10.09 -11.51 30.19
N ALA B 368 9.59 -10.98 29.07
CA ALA B 368 8.91 -9.69 29.12
C ALA B 368 7.56 -9.80 29.80
N VAL B 369 6.84 -10.89 29.55
CA VAL B 369 5.58 -11.14 30.25
C VAL B 369 5.82 -11.27 31.75
N ALA B 370 6.87 -12.00 32.13
CA ALA B 370 7.19 -12.17 33.55
C ALA B 370 7.50 -10.83 34.21
N GLY B 371 8.25 -9.98 33.53
CA GLY B 371 8.54 -8.66 34.08
C GLY B 371 7.30 -7.80 34.18
N ALA B 372 6.39 -7.92 33.20
CA ALA B 372 5.13 -7.17 33.25
C ALA B 372 4.29 -7.57 34.44
N LEU B 373 4.22 -8.87 34.75
CA LEU B 373 3.48 -9.31 35.93
C LEU B 373 4.02 -8.66 37.19
N LYS B 374 5.35 -8.69 37.37
CA LYS B 374 5.95 -8.01 38.50
C LYS B 374 5.66 -6.51 38.45
N LEU B 375 5.84 -5.89 37.28
CA LEU B 375 5.59 -4.45 37.16
C LEU B 375 4.14 -4.13 37.51
N GLY B 376 3.20 -4.99 37.11
CA GLY B 376 1.81 -4.76 37.44
C GLY B 376 1.56 -4.73 38.93
N VAL B 377 2.27 -5.57 39.68
CA VAL B 377 2.15 -5.54 41.13
C VAL B 377 2.65 -4.21 41.68
N GLU B 378 3.72 -3.66 41.10
CA GLU B 378 4.25 -2.38 41.58
C GLU B 378 3.32 -1.23 41.23
N LEU B 379 2.78 -1.22 40.01
CA LEU B 379 1.97 -0.07 39.59
C LEU B 379 0.56 -0.14 40.15
N GLY B 380 -0.01 -1.33 40.26
CA GLY B 380 -1.27 -1.51 40.93
C GLY B 380 -2.46 -1.64 40.00
N ARG B 381 -3.65 -1.47 40.59
N ARG B 381 -3.64 -1.49 40.59
CA ARG B 381 -4.90 -1.72 39.88
CA ARG B 381 -4.90 -1.68 39.88
C ARG B 381 -5.14 -0.65 38.81
C ARG B 381 -5.07 -0.64 38.78
N GLY B 382 -5.51 -1.10 37.61
CA GLY B 382 -5.83 -0.21 36.52
C GLY B 382 -4.66 0.27 35.68
N ALA B 383 -3.43 -0.01 36.10
CA ALA B 383 -2.28 0.43 35.31
C ALA B 383 -2.29 -0.25 33.94
N VAL B 384 -1.98 0.54 32.91
CA VAL B 384 -1.96 0.05 31.54
C VAL B 384 -0.51 -0.22 31.14
N ILE B 385 -0.21 -1.47 30.86
CA ILE B 385 1.15 -1.93 30.56
C ILE B 385 1.12 -2.59 29.20
N VAL B 386 1.85 -2.02 28.25
CA VAL B 386 1.98 -2.61 26.93
C VAL B 386 3.22 -3.51 26.92
N VAL B 387 3.03 -4.74 26.47
CA VAL B 387 4.09 -5.74 26.42
C VAL B 387 4.33 -6.10 24.97
N ASN B 388 5.60 -6.11 24.56
CA ASN B 388 5.95 -6.57 23.23
C ASN B 388 6.09 -8.09 23.26
N LEU B 389 5.12 -8.79 22.68
CA LEU B 389 5.18 -10.24 22.54
C LEU B 389 5.98 -10.52 21.27
N SER B 390 7.30 -10.61 21.43
CA SER B 390 8.21 -10.53 20.29
C SER B 390 8.11 -11.75 19.36
N GLY B 391 7.74 -12.91 19.89
CA GLY B 391 7.65 -14.07 19.02
C GLY B 391 6.77 -15.16 19.57
N ARG B 392 6.44 -16.11 18.70
CA ARG B 392 5.70 -17.31 19.11
C ARG B 392 6.65 -18.43 19.50
N GLY B 393 6.14 -19.39 20.26
CA GLY B 393 7.00 -20.38 20.88
C GLY B 393 7.07 -21.76 20.25
N ASP B 394 6.73 -21.89 18.96
CA ASP B 394 6.84 -23.18 18.29
C ASP B 394 8.25 -23.76 18.40
N LYS B 395 9.26 -22.91 18.25
CA LYS B 395 10.65 -23.33 18.38
C LYS B 395 10.98 -23.83 19.79
N ASP B 396 10.20 -23.43 20.80
CA ASP B 396 10.51 -23.76 22.19
C ASP B 396 9.61 -24.84 22.75
N VAL B 397 8.82 -25.50 21.89
CA VAL B 397 7.84 -26.46 22.37
C VAL B 397 8.53 -27.64 23.06
N GLU B 398 9.59 -28.18 22.44
CA GLU B 398 10.31 -29.28 23.07
C GLU B 398 10.91 -28.85 24.40
N THR B 399 11.55 -27.68 24.44
CA THR B 399 12.13 -27.17 25.68
C THR B 399 11.05 -27.02 26.76
N ALA B 400 9.91 -26.41 26.39
CA ALA B 400 8.82 -26.22 27.34
C ALA B 400 8.22 -27.56 27.78
N ALA B 401 8.12 -28.51 26.84
CA ALA B 401 7.58 -29.83 27.19
C ALA B 401 8.42 -30.53 28.24
N LYS B 402 9.75 -30.48 28.10
CA LYS B 402 10.63 -31.04 29.13
C LYS B 402 10.45 -30.30 30.46
N TRP B 403 10.46 -28.96 30.42
CA TRP B 403 10.36 -28.18 31.64
C TRP B 403 9.12 -28.54 32.45
N PHE B 404 7.99 -28.77 31.78
CA PHE B 404 6.74 -28.99 32.48
C PHE B 404 6.38 -30.46 32.59
N GLY B 405 7.35 -31.34 32.44
CA GLY B 405 7.10 -32.75 32.68
C GLY B 405 6.22 -33.41 31.66
N LEU B 406 6.06 -32.83 30.47
CA LEU B 406 5.33 -33.46 29.39
C LEU B 406 6.18 -34.47 28.61
N LEU B 407 7.42 -34.72 29.05
CA LEU B 407 8.24 -35.77 28.48
C LEU B 407 8.76 -36.71 29.58
N GLY B 408 10.07 -36.95 29.62
CA GLY B 408 10.64 -37.81 30.65
C GLY B 408 12.01 -38.34 30.29
N GLU C 8 -52.04 -54.49 7.60
CA GLU C 8 -52.97 -54.64 8.72
C GLU C 8 -52.24 -54.65 10.07
N ALA C 9 -51.55 -55.76 10.36
CA ALA C 9 -50.79 -55.92 11.58
C ALA C 9 -49.31 -56.13 11.26
N SER C 10 -48.47 -55.81 12.23
CA SER C 10 -47.03 -55.93 12.03
C SER C 10 -46.62 -57.39 11.92
N ARG C 11 -45.50 -57.62 11.23
CA ARG C 11 -45.00 -58.98 11.05
C ARG C 11 -44.67 -59.63 12.39
N LEU C 12 -44.19 -58.85 13.35
CA LEU C 12 -43.81 -59.35 14.67
C LEU C 12 -44.95 -59.28 15.67
N GLY C 13 -46.11 -58.75 15.27
CA GLY C 13 -47.27 -58.70 16.12
C GLY C 13 -47.62 -60.02 16.76
N PRO C 14 -47.86 -61.06 15.94
CA PRO C 14 -48.17 -62.38 16.51
C PRO C 14 -47.10 -62.91 17.45
N VAL C 15 -45.84 -62.55 17.25
CA VAL C 15 -44.78 -63.07 18.12
C VAL C 15 -44.91 -62.51 19.52
N PHE C 16 -45.16 -61.20 19.63
CA PHE C 16 -45.37 -60.62 20.95
C PHE C 16 -46.72 -61.02 21.53
N ASP C 17 -47.69 -61.33 20.68
CA ASP C 17 -48.97 -61.82 21.18
C ASP C 17 -48.82 -63.16 21.87
N SER C 18 -48.08 -64.09 21.24
CA SER C 18 -47.84 -65.39 21.85
C SER C 18 -47.06 -65.27 23.15
N CYS C 19 -46.25 -64.22 23.31
CA CYS C 19 -45.50 -64.06 24.53
C CYS C 19 -46.37 -63.51 25.65
N ARG C 20 -47.27 -62.59 25.33
CA ARG C 20 -48.19 -62.07 26.34
C ARG C 20 -49.11 -63.17 26.86
N ALA C 21 -49.61 -64.01 25.96
CA ALA C 21 -50.50 -65.10 26.37
C ALA C 21 -49.77 -66.08 27.30
N ASN C 22 -48.46 -66.23 27.13
CA ASN C 22 -47.66 -67.09 28.00
C ASN C 22 -47.07 -66.34 29.19
N ASN C 23 -47.56 -65.13 29.47
CA ASN C 23 -47.08 -64.31 30.58
C ASN C 23 -45.55 -64.27 30.62
N ARG C 24 -44.96 -63.76 29.53
CA ARG C 24 -43.52 -63.66 29.45
C ARG C 24 -43.15 -62.62 28.40
N ALA C 25 -41.89 -62.20 28.45
CA ALA C 25 -41.34 -61.32 27.44
C ALA C 25 -40.68 -62.15 26.34
N ALA C 26 -40.60 -61.57 25.15
CA ALA C 26 -39.88 -62.22 24.06
C ALA C 26 -38.39 -62.10 24.31
N LEU C 27 -37.64 -63.14 23.92
CA LEU C 27 -36.19 -63.13 23.98
C LEU C 27 -35.65 -62.80 22.60
N ILE C 28 -35.00 -61.64 22.48
CA ILE C 28 -34.50 -61.13 21.21
C ILE C 28 -32.98 -61.22 21.24
N GLY C 29 -32.42 -62.13 20.45
CA GLY C 29 -30.99 -62.40 20.44
C GLY C 29 -30.34 -61.83 19.19
N TYR C 30 -29.17 -61.22 19.36
CA TYR C 30 -28.40 -60.63 18.29
C TYR C 30 -27.10 -61.39 18.08
N LEU C 31 -26.73 -61.60 16.83
CA LEU C 31 -25.44 -62.15 16.48
C LEU C 31 -25.01 -61.50 15.18
N PRO C 32 -23.73 -61.17 15.03
CA PRO C 32 -23.27 -60.60 13.76
C PRO C 32 -22.90 -61.69 12.76
N THR C 33 -23.31 -61.47 11.52
CA THR C 33 -22.98 -62.38 10.44
C THR C 33 -21.46 -62.45 10.26
N GLY C 34 -20.95 -63.65 10.02
CA GLY C 34 -19.56 -63.83 9.66
C GLY C 34 -18.58 -63.93 10.81
N TYR C 35 -19.05 -64.08 12.05
CA TYR C 35 -18.16 -64.23 13.18
C TYR C 35 -18.40 -65.57 13.87
N PRO C 36 -17.36 -66.40 14.08
CA PRO C 36 -15.97 -66.15 13.67
C PRO C 36 -15.77 -66.34 12.17
N ASP C 37 -16.76 -66.94 11.50
CA ASP C 37 -16.82 -67.01 10.05
C ASP C 37 -18.29 -67.17 9.67
N VAL C 38 -18.57 -67.10 8.37
CA VAL C 38 -19.95 -67.18 7.91
C VAL C 38 -20.60 -68.52 8.24
N PRO C 39 -19.99 -69.68 7.95
CA PRO C 39 -20.63 -70.94 8.34
C PRO C 39 -20.83 -71.09 9.84
N ALA C 40 -19.85 -70.66 10.64
CA ALA C 40 -19.99 -70.79 12.09
C ALA C 40 -21.07 -69.87 12.64
N SER C 41 -21.20 -68.66 12.08
CA SER C 41 -22.21 -67.74 12.58
C SER C 41 -23.63 -68.24 12.28
N VAL C 42 -23.83 -68.85 11.11
CA VAL C 42 -25.14 -69.40 10.79
C VAL C 42 -25.48 -70.59 11.70
N ALA C 43 -24.48 -71.43 12.00
CA ALA C 43 -24.71 -72.50 12.97
C ALA C 43 -25.04 -71.94 14.35
N ALA C 44 -24.45 -70.80 14.70
CA ALA C 44 -24.75 -70.16 15.98
C ALA C 44 -26.17 -69.60 15.98
N MET C 45 -26.57 -68.94 14.89
CA MET C 45 -27.90 -68.36 14.82
C MET C 45 -28.98 -69.43 14.82
N THR C 46 -28.71 -70.57 14.17
CA THR C 46 -29.63 -71.70 14.25
C THR C 46 -29.77 -72.17 15.70
N ALA C 47 -28.65 -72.30 16.40
CA ALA C 47 -28.69 -72.69 17.81
C ALA C 47 -29.54 -71.74 18.63
N LEU C 48 -29.53 -70.45 18.31
CA LEU C 48 -30.37 -69.49 19.03
C LEU C 48 -31.85 -69.84 18.88
N VAL C 49 -32.27 -70.18 17.67
CA VAL C 49 -33.66 -70.58 17.46
C VAL C 49 -33.96 -71.83 18.27
N GLU C 50 -33.05 -72.80 18.26
CA GLU C 50 -33.24 -74.04 18.98
C GLU C 50 -33.24 -73.83 20.49
N SER C 51 -32.43 -72.90 20.98
CA SER C 51 -32.26 -72.69 22.41
C SER C 51 -33.31 -71.74 23.00
N GLY C 52 -34.27 -71.27 22.21
CA GLY C 52 -35.40 -70.55 22.74
C GLY C 52 -35.50 -69.07 22.41
N CYS C 53 -34.74 -68.57 21.45
CA CYS C 53 -34.87 -67.18 21.06
C CYS C 53 -36.13 -66.99 20.23
N ASP C 54 -36.96 -66.02 20.64
CA ASP C 54 -38.18 -65.74 19.89
C ASP C 54 -37.88 -64.94 18.62
N ILE C 55 -36.95 -63.98 18.70
CA ILE C 55 -36.57 -63.16 17.57
C ILE C 55 -35.05 -63.12 17.49
N ILE C 56 -34.52 -63.29 16.28
CA ILE C 56 -33.08 -63.20 16.02
C ILE C 56 -32.81 -61.88 15.32
N GLU C 57 -31.93 -61.07 15.90
CA GLU C 57 -31.38 -59.90 15.22
C GLU C 57 -30.10 -60.33 14.51
N VAL C 58 -30.11 -60.27 13.19
CA VAL C 58 -28.95 -60.60 12.36
C VAL C 58 -28.22 -59.29 12.05
N GLY C 59 -27.02 -59.14 12.59
CA GLY C 59 -26.26 -57.90 12.44
C GLY C 59 -25.40 -57.92 11.18
N VAL C 60 -25.38 -56.79 10.49
CA VAL C 60 -24.57 -56.59 9.30
C VAL C 60 -23.28 -55.91 9.73
N PRO C 61 -22.12 -56.56 9.63
CA PRO C 61 -20.86 -55.94 10.06
C PRO C 61 -20.54 -54.70 9.25
N TYR C 62 -20.14 -53.63 9.94
CA TYR C 62 -19.87 -52.36 9.31
C TYR C 62 -18.47 -51.85 9.70
N SER C 63 -17.83 -51.16 8.76
CA SER C 63 -16.43 -50.78 8.95
C SER C 63 -16.22 -49.79 10.09
N ASP C 64 -17.19 -48.93 10.37
CA ASP C 64 -17.04 -47.86 11.37
C ASP C 64 -18.24 -47.84 12.32
N PRO C 65 -18.42 -48.90 13.12
CA PRO C 65 -19.64 -49.04 13.94
C PRO C 65 -19.59 -48.22 15.23
N GLY C 66 -19.89 -46.93 15.10
CA GLY C 66 -19.74 -45.98 16.19
C GLY C 66 -20.66 -46.21 17.36
N MET C 67 -21.76 -46.93 17.18
N MET C 67 -21.76 -46.94 17.17
CA MET C 67 -22.71 -47.15 18.26
CA MET C 67 -22.74 -47.17 18.23
C MET C 67 -22.50 -48.47 18.99
C MET C 67 -22.57 -48.52 18.92
N ASP C 68 -21.53 -49.28 18.59
CA ASP C 68 -21.32 -50.59 19.15
C ASP C 68 -20.25 -50.60 20.23
N GLY C 69 -20.47 -51.43 21.24
CA GLY C 69 -19.48 -51.64 22.27
C GLY C 69 -18.34 -52.50 21.79
N PRO C 70 -17.33 -52.64 22.64
CA PRO C 70 -16.10 -53.34 22.21
C PRO C 70 -16.32 -54.78 21.81
N THR C 71 -17.26 -55.49 22.43
CA THR C 71 -17.46 -56.90 22.12
C THR C 71 -18.01 -57.09 20.71
N ILE C 72 -19.07 -56.37 20.37
CA ILE C 72 -19.64 -56.48 19.04
C ILE C 72 -18.74 -55.81 18.01
N ALA C 73 -18.13 -54.67 18.37
CA ALA C 73 -17.30 -53.95 17.40
C ALA C 73 -16.09 -54.78 16.99
N ARG C 74 -15.50 -55.51 17.93
CA ARG C 74 -14.34 -56.33 17.58
C ARG C 74 -14.76 -57.59 16.83
N ALA C 75 -15.94 -58.12 17.11
CA ALA C 75 -16.39 -59.30 16.39
C ALA C 75 -16.75 -58.95 14.94
N THR C 76 -17.48 -57.86 14.74
CA THR C 76 -17.78 -57.44 13.37
C THR C 76 -16.49 -57.07 12.63
N GLU C 77 -15.50 -56.51 13.34
CA GLU C 77 -14.22 -56.23 12.72
C GLU C 77 -13.53 -57.51 12.28
N ALA C 78 -13.55 -58.54 13.12
CA ALA C 78 -13.01 -59.83 12.74
C ALA C 78 -13.79 -60.44 11.58
N ALA C 79 -15.12 -60.32 11.60
CA ALA C 79 -15.92 -60.82 10.49
C ALA C 79 -15.52 -60.17 9.17
N LEU C 80 -15.27 -58.86 9.18
CA LEU C 80 -14.86 -58.16 7.97
C LEU C 80 -13.47 -58.59 7.53
N ARG C 81 -12.55 -58.81 8.48
CA ARG C 81 -11.24 -59.36 8.14
C ARG C 81 -11.37 -60.71 7.42
N GLY C 82 -12.39 -61.47 7.74
CA GLY C 82 -12.67 -62.73 7.06
C GLY C 82 -13.42 -62.62 5.77
N GLY C 83 -13.75 -61.41 5.33
CA GLY C 83 -14.39 -61.22 4.05
C GLY C 83 -15.90 -61.33 4.03
N VAL C 84 -16.55 -61.15 5.19
CA VAL C 84 -18.01 -61.19 5.21
C VAL C 84 -18.58 -60.17 4.25
N ARG C 85 -19.69 -60.52 3.62
CA ARG C 85 -20.37 -59.64 2.68
C ARG C 85 -21.81 -59.48 3.14
N VAL C 86 -22.46 -58.45 2.59
CA VAL C 86 -23.85 -58.16 2.96
C VAL C 86 -24.76 -59.32 2.54
N ARG C 87 -24.47 -59.97 1.40
CA ARG C 87 -25.29 -61.09 0.97
C ARG C 87 -25.24 -62.25 1.95
N ASP C 88 -24.16 -62.38 2.73
CA ASP C 88 -24.13 -63.39 3.78
C ASP C 88 -25.23 -63.15 4.81
N THR C 89 -25.56 -61.88 5.09
CA THR C 89 -26.66 -61.62 6.02
C THR C 89 -27.98 -62.14 5.49
N LEU C 90 -28.26 -61.95 4.19
CA LEU C 90 -29.51 -62.47 3.64
C LEU C 90 -29.52 -64.00 3.65
N ALA C 91 -28.36 -64.62 3.41
CA ALA C 91 -28.29 -66.08 3.51
C ALA C 91 -28.49 -66.56 4.93
N ALA C 92 -28.09 -65.75 5.92
CA ALA C 92 -28.32 -66.11 7.32
C ALA C 92 -29.80 -65.98 7.68
N VAL C 93 -30.47 -64.95 7.17
CA VAL C 93 -31.90 -64.80 7.43
C VAL C 93 -32.68 -65.97 6.87
N GLU C 94 -32.29 -66.43 5.67
CA GLU C 94 -33.00 -67.55 5.06
C GLU C 94 -32.79 -68.84 5.85
N ALA C 95 -31.58 -69.07 6.35
CA ALA C 95 -31.34 -70.26 7.17
C ALA C 95 -32.15 -70.21 8.45
N ILE C 96 -32.26 -69.03 9.06
CA ILE C 96 -33.06 -68.90 10.27
C ILE C 96 -34.52 -69.18 9.99
N SER C 97 -35.05 -68.63 8.89
CA SER C 97 -36.45 -68.85 8.56
C SER C 97 -36.73 -70.32 8.29
N ILE C 98 -35.80 -70.99 7.59
CA ILE C 98 -35.96 -72.42 7.34
C ILE C 98 -35.93 -73.21 8.64
N ALA C 99 -35.09 -72.82 9.59
CA ALA C 99 -35.02 -73.50 10.87
C ALA C 99 -36.23 -73.20 11.76
N GLY C 100 -37.19 -72.42 11.28
CA GLY C 100 -38.36 -72.08 12.08
C GLY C 100 -38.20 -70.86 12.96
N GLY C 101 -37.18 -70.02 12.74
CA GLY C 101 -36.98 -68.83 13.52
C GLY C 101 -37.57 -67.57 12.88
N ARG C 102 -37.58 -66.50 13.67
CA ARG C 102 -38.10 -65.20 13.27
C ARG C 102 -36.94 -64.21 13.28
N ALA C 103 -36.52 -63.77 12.09
CA ALA C 103 -35.30 -63.00 11.94
C ALA C 103 -35.60 -61.57 11.52
N VAL C 104 -34.95 -60.61 12.18
CA VAL C 104 -34.85 -59.25 11.69
C VAL C 104 -33.37 -58.97 11.46
N VAL C 105 -33.11 -57.92 10.66
CA VAL C 105 -31.76 -57.49 10.35
C VAL C 105 -31.50 -56.17 11.05
N MET C 106 -30.38 -56.08 11.76
CA MET C 106 -29.89 -54.83 12.37
C MET C 106 -28.68 -54.36 11.59
N THR C 107 -28.77 -53.14 11.04
CA THR C 107 -27.70 -52.64 10.19
C THR C 107 -27.64 -51.12 10.29
N TYR C 108 -26.43 -50.60 10.11
CA TYR C 108 -26.27 -49.19 9.81
C TYR C 108 -26.78 -48.91 8.39
N TRP C 109 -26.98 -47.63 8.10
CA TRP C 109 -27.78 -47.30 6.92
C TRP C 109 -26.99 -47.31 5.61
N ASN C 110 -25.70 -46.98 5.65
CA ASN C 110 -24.97 -46.91 4.37
C ASN C 110 -24.92 -48.24 3.63
N PRO C 111 -24.69 -49.39 4.26
CA PRO C 111 -24.81 -50.65 3.50
C PRO C 111 -26.14 -50.79 2.80
N VAL C 112 -27.23 -50.30 3.39
CA VAL C 112 -28.53 -50.35 2.73
C VAL C 112 -28.57 -49.37 1.57
N LEU C 113 -28.11 -48.14 1.78
CA LEU C 113 -28.02 -47.18 0.68
C LEU C 113 -27.21 -47.73 -0.48
N ARG C 114 -26.07 -48.36 -0.18
CA ARG C 114 -25.22 -48.89 -1.23
C ARG C 114 -25.92 -50.00 -1.99
N TYR C 115 -26.56 -50.92 -1.25
CA TYR C 115 -27.35 -51.97 -1.88
C TYR C 115 -28.50 -51.39 -2.69
N GLY C 116 -29.11 -50.32 -2.20
CA GLY C 116 -30.38 -49.85 -2.71
C GLY C 116 -31.51 -50.20 -1.75
N VAL C 117 -32.18 -49.17 -1.22
CA VAL C 117 -33.15 -49.39 -0.15
C VAL C 117 -34.26 -50.33 -0.62
N ASP C 118 -34.85 -50.05 -1.78
CA ASP C 118 -35.92 -50.91 -2.27
C ASP C 118 -35.42 -52.32 -2.54
N ALA C 119 -34.28 -52.43 -3.25
CA ALA C 119 -33.75 -53.75 -3.58
C ALA C 119 -33.41 -54.55 -2.32
N PHE C 120 -32.89 -53.88 -1.29
CA PHE C 120 -32.56 -54.59 -0.07
C PHE C 120 -33.82 -55.01 0.68
N ALA C 121 -34.84 -54.14 0.71
CA ALA C 121 -36.10 -54.52 1.33
C ALA C 121 -36.72 -55.72 0.63
N ARG C 122 -36.76 -55.68 -0.70
CA ARG C 122 -37.28 -56.79 -1.49
C ARG C 122 -36.53 -58.09 -1.18
N ASP C 123 -35.19 -58.02 -1.17
CA ASP C 123 -34.41 -59.23 -0.97
C ASP C 123 -34.46 -59.71 0.46
N LEU C 124 -34.58 -58.80 1.43
CA LEU C 124 -34.78 -59.22 2.81
C LEU C 124 -36.13 -59.89 2.99
N ALA C 125 -37.17 -59.35 2.35
CA ALA C 125 -38.49 -59.98 2.42
C ALA C 125 -38.46 -61.36 1.78
N ALA C 126 -37.81 -61.50 0.63
CA ALA C 126 -37.78 -62.78 -0.06
C ALA C 126 -36.98 -63.82 0.72
N ALA C 127 -35.99 -63.39 1.50
CA ALA C 127 -35.25 -64.32 2.35
C ALA C 127 -36.06 -64.79 3.55
N GLY C 128 -37.24 -64.22 3.79
CA GLY C 128 -38.00 -64.53 4.97
C GLY C 128 -37.86 -63.54 6.11
N GLY C 129 -37.06 -62.50 5.94
CA GLY C 129 -36.89 -61.51 6.99
C GLY C 129 -38.17 -60.77 7.30
N LEU C 130 -38.33 -60.39 8.57
CA LEU C 130 -39.56 -59.78 9.05
C LEU C 130 -39.45 -58.29 9.34
N GLY C 131 -38.24 -57.75 9.41
CA GLY C 131 -38.11 -56.35 9.76
C GLY C 131 -36.68 -55.90 9.73
N LEU C 132 -36.50 -54.61 10.00
CA LEU C 132 -35.21 -53.96 9.91
C LEU C 132 -35.04 -53.03 11.10
N ILE C 133 -33.89 -53.14 11.77
CA ILE C 133 -33.53 -52.26 12.88
C ILE C 133 -32.47 -51.29 12.38
N THR C 134 -32.70 -49.98 12.57
CA THR C 134 -31.91 -48.93 11.93
C THR C 134 -31.33 -48.00 12.98
N PRO C 135 -30.21 -48.37 13.61
CA PRO C 135 -29.68 -47.56 14.72
C PRO C 135 -29.22 -46.15 14.32
N ASP C 136 -28.90 -45.90 13.05
CA ASP C 136 -28.48 -44.55 12.66
C ASP C 136 -29.37 -43.96 11.57
N LEU C 137 -30.62 -44.43 11.47
CA LEU C 137 -31.61 -43.84 10.59
C LEU C 137 -32.75 -43.33 11.44
N ILE C 138 -32.95 -42.02 11.45
CA ILE C 138 -34.06 -41.41 12.19
C ILE C 138 -35.20 -41.22 11.21
N PRO C 139 -36.45 -41.11 11.68
CA PRO C 139 -37.58 -40.92 10.76
C PRO C 139 -37.41 -39.72 9.84
N ASP C 140 -36.66 -38.69 10.25
CA ASP C 140 -36.49 -37.49 9.43
C ASP C 140 -35.84 -37.83 8.08
N GLU C 141 -35.02 -38.87 8.02
CA GLU C 141 -34.36 -39.28 6.79
C GLU C 141 -34.97 -40.54 6.19
N ALA C 142 -36.04 -41.06 6.78
CA ALA C 142 -36.53 -42.40 6.46
C ALA C 142 -37.56 -42.43 5.35
N GLN C 143 -37.57 -41.44 4.46
CA GLN C 143 -38.60 -41.39 3.42
C GLN C 143 -38.57 -42.62 2.53
N GLN C 144 -37.39 -42.96 2.00
CA GLN C 144 -37.28 -44.14 1.15
C GLN C 144 -37.54 -45.43 1.92
N TRP C 145 -37.14 -45.48 3.19
CA TRP C 145 -37.35 -46.70 3.96
C TRP C 145 -38.82 -46.93 4.28
N LEU C 146 -39.55 -45.88 4.68
CA LEU C 146 -40.97 -46.01 4.94
C LEU C 146 -41.68 -46.63 3.73
N ALA C 147 -41.43 -46.10 2.54
CA ALA C 147 -42.06 -46.63 1.33
C ALA C 147 -41.65 -48.08 1.10
N ALA C 148 -40.38 -48.41 1.30
CA ALA C 148 -39.94 -49.80 1.12
C ALA C 148 -40.49 -50.71 2.19
N SER C 149 -40.63 -50.20 3.42
CA SER C 149 -41.18 -51.00 4.51
C SER C 149 -42.63 -51.40 4.22
N GLU C 150 -43.43 -50.48 3.69
CA GLU C 150 -44.82 -50.80 3.40
C GLU C 150 -44.93 -51.67 2.15
N GLU C 151 -44.15 -51.36 1.11
CA GLU C 151 -44.25 -52.10 -0.14
C GLU C 151 -43.94 -53.58 0.07
N HIS C 152 -42.96 -53.90 0.90
CA HIS C 152 -42.52 -55.29 1.09
C HIS C 152 -42.95 -55.84 2.44
N ARG C 153 -43.88 -55.19 3.12
CA ARG C 153 -44.47 -55.66 4.37
C ARG C 153 -43.38 -56.06 5.38
N LEU C 154 -42.54 -55.09 5.72
CA LEU C 154 -41.45 -55.28 6.67
C LEU C 154 -41.67 -54.36 7.86
N ASP C 155 -41.40 -54.87 9.06
CA ASP C 155 -41.43 -54.03 10.23
C ASP C 155 -40.24 -53.08 10.23
N ARG C 156 -40.44 -51.90 10.81
CA ARG C 156 -39.40 -50.88 10.89
C ARG C 156 -39.22 -50.52 12.36
N ILE C 157 -38.10 -50.94 12.92
CA ILE C 157 -37.81 -50.77 14.35
C ILE C 157 -36.84 -49.60 14.47
N PHE C 158 -37.34 -48.45 14.87
CA PHE C 158 -36.47 -47.33 15.20
C PHE C 158 -36.06 -47.40 16.67
N LEU C 159 -35.10 -46.57 17.03
CA LEU C 159 -34.59 -46.49 18.39
C LEU C 159 -35.06 -45.20 19.06
N VAL C 160 -35.44 -45.32 20.33
CA VAL C 160 -35.63 -44.15 21.19
C VAL C 160 -34.54 -44.17 22.24
N ALA C 161 -34.28 -43.00 22.81
CA ALA C 161 -33.19 -42.82 23.76
C ALA C 161 -33.72 -42.16 25.02
N PRO C 162 -33.04 -42.32 26.14
CA PRO C 162 -33.43 -41.58 27.35
C PRO C 162 -33.44 -40.08 27.13
N SER C 163 -32.52 -39.56 26.31
CA SER C 163 -32.45 -38.12 26.05
C SER C 163 -33.45 -37.65 25.00
N SER C 164 -34.27 -38.55 24.43
CA SER C 164 -35.20 -38.16 23.39
C SER C 164 -36.20 -37.15 23.90
N THR C 165 -36.34 -36.03 23.17
CA THR C 165 -37.36 -35.05 23.51
C THR C 165 -38.75 -35.68 23.41
N PRO C 166 -39.73 -35.16 24.14
CA PRO C 166 -41.09 -35.72 24.03
C PRO C 166 -41.64 -35.68 22.62
N GLU C 167 -41.34 -34.61 21.87
CA GLU C 167 -41.83 -34.51 20.50
C GLU C 167 -41.20 -35.58 19.61
N ARG C 168 -39.88 -35.81 19.76
CA ARG C 168 -39.21 -36.78 18.91
C ARG C 168 -39.54 -38.20 19.32
N LEU C 169 -39.75 -38.44 20.61
CA LEU C 169 -40.19 -39.77 21.04
C LEU C 169 -41.52 -40.12 20.41
N ALA C 170 -42.46 -39.17 20.39
CA ALA C 170 -43.76 -39.43 19.80
C ALA C 170 -43.64 -39.72 18.31
N ALA C 171 -42.91 -38.87 17.58
CA ALA C 171 -42.72 -39.07 16.14
C ALA C 171 -42.01 -40.38 15.85
N THR C 172 -41.07 -40.78 16.71
CA THR C 172 -40.34 -42.02 16.47
C THR C 172 -41.23 -43.23 16.69
N VAL C 173 -41.98 -43.21 17.80
CA VAL C 173 -42.90 -44.30 18.09
C VAL C 173 -43.94 -44.44 16.99
N GLU C 174 -44.49 -43.30 16.55
CA GLU C 174 -45.48 -43.31 15.47
C GLU C 174 -44.93 -43.93 14.20
N ALA C 175 -43.64 -43.77 13.94
CA ALA C 175 -43.04 -44.25 12.70
C ALA C 175 -42.62 -45.71 12.77
N SER C 176 -42.69 -46.34 13.94
CA SER C 176 -42.22 -47.71 14.09
C SER C 176 -43.34 -48.72 13.84
N ARG C 177 -42.95 -49.90 13.37
CA ARG C 177 -43.83 -51.05 13.25
C ARG C 177 -43.12 -52.26 13.85
N GLY C 178 -43.87 -53.10 14.54
CA GLY C 178 -43.30 -54.29 15.14
C GLY C 178 -42.97 -54.07 16.60
N PHE C 179 -41.83 -53.44 16.87
CA PHE C 179 -41.53 -52.97 18.21
C PHE C 179 -40.63 -51.76 18.13
N VAL C 180 -40.46 -51.10 19.27
CA VAL C 180 -39.58 -49.95 19.42
C VAL C 180 -38.40 -50.38 20.28
N TYR C 181 -37.20 -50.05 19.82
CA TYR C 181 -35.96 -50.45 20.48
C TYR C 181 -35.60 -49.35 21.48
N ALA C 182 -35.82 -49.61 22.76
CA ALA C 182 -35.49 -48.67 23.82
C ALA C 182 -34.03 -48.90 24.20
N ALA C 183 -33.14 -48.15 23.56
CA ALA C 183 -31.70 -48.32 23.74
C ALA C 183 -31.22 -47.52 24.95
N SER C 184 -30.50 -48.19 25.84
CA SER C 184 -29.88 -47.53 26.98
C SER C 184 -28.78 -48.41 27.58
N SER C 196 -29.39 -47.94 37.09
CA SER C 196 -30.18 -46.72 37.06
C SER C 196 -31.66 -47.02 36.91
N GLN C 197 -32.46 -45.98 36.63
CA GLN C 197 -33.90 -46.11 36.47
C GLN C 197 -34.37 -45.66 35.08
N ALA C 198 -33.45 -45.39 34.16
CA ALA C 198 -33.83 -44.78 32.89
C ALA C 198 -34.55 -45.77 31.97
N ALA C 199 -34.22 -47.07 32.05
CA ALA C 199 -34.84 -48.03 31.13
C ALA C 199 -36.34 -48.19 31.39
N PRO C 200 -36.81 -48.39 32.62
CA PRO C 200 -38.27 -48.42 32.82
C PRO C 200 -38.94 -47.10 32.51
N GLU C 201 -38.29 -45.97 32.84
CA GLU C 201 -38.89 -44.67 32.55
C GLU C 201 -39.03 -44.46 31.05
N LEU C 202 -38.03 -44.88 30.28
CA LEU C 202 -38.12 -44.74 28.82
C LEU C 202 -39.23 -45.60 28.26
N VAL C 203 -39.42 -46.81 28.79
CA VAL C 203 -40.53 -47.66 28.37
C VAL C 203 -41.86 -47.00 28.71
N GLY C 204 -41.97 -46.46 29.93
CA GLY C 204 -43.20 -45.80 30.33
C GLY C 204 -43.57 -44.64 29.41
N ARG C 205 -42.56 -43.87 29.00
CA ARG C 205 -42.83 -42.76 28.08
C ARG C 205 -43.33 -43.26 26.73
N VAL C 206 -42.89 -44.46 26.31
CA VAL C 206 -43.43 -45.03 25.08
C VAL C 206 -44.84 -45.57 25.32
N LYS C 207 -45.04 -46.28 26.43
CA LYS C 207 -46.36 -46.84 26.73
C LYS C 207 -47.42 -45.76 26.89
N ALA C 208 -47.02 -44.53 27.19
CA ALA C 208 -47.98 -43.45 27.38
C ALA C 208 -48.58 -42.97 26.07
N VAL C 209 -47.90 -43.19 24.94
CA VAL C 209 -48.37 -42.68 23.65
C VAL C 209 -48.78 -43.79 22.68
N SER C 210 -48.51 -45.06 22.99
CA SER C 210 -48.81 -46.13 22.06
C SER C 210 -48.76 -47.47 22.79
N ASP C 211 -49.34 -48.47 22.15
CA ASP C 211 -49.35 -49.83 22.67
C ASP C 211 -48.41 -50.75 21.90
N ILE C 212 -47.53 -50.18 21.09
CA ILE C 212 -46.57 -51.00 20.33
C ILE C 212 -45.64 -51.70 21.30
N PRO C 213 -45.19 -52.93 21.03
CA PRO C 213 -44.24 -53.57 21.93
C PRO C 213 -42.95 -52.78 22.05
N VAL C 214 -42.30 -52.92 23.20
CA VAL C 214 -41.05 -52.21 23.47
C VAL C 214 -39.98 -53.24 23.82
N GLY C 215 -38.94 -53.30 22.98
CA GLY C 215 -37.76 -54.07 23.32
C GLY C 215 -36.77 -53.21 24.08
N VAL C 216 -36.01 -53.83 24.99
CA VAL C 216 -35.08 -53.11 25.84
C VAL C 216 -33.72 -53.79 25.75
N GLY C 217 -32.71 -53.03 25.32
CA GLY C 217 -31.33 -53.47 25.38
C GLY C 217 -30.64 -52.75 26.52
N LEU C 218 -29.93 -53.52 27.35
CA LEU C 218 -29.36 -52.95 28.57
C LEU C 218 -28.11 -53.70 29.01
N GLY C 219 -27.31 -54.19 28.05
CA GLY C 219 -26.16 -55.00 28.40
C GLY C 219 -26.50 -56.21 29.24
N VAL C 220 -27.54 -56.94 28.86
CA VAL C 220 -27.99 -58.10 29.63
C VAL C 220 -26.94 -59.20 29.57
N ARG C 221 -26.59 -59.74 30.72
CA ARG C 221 -25.62 -60.83 30.80
C ARG C 221 -26.13 -62.05 31.55
N SER C 222 -27.14 -61.92 32.39
CA SER C 222 -27.54 -62.98 33.30
C SER C 222 -29.04 -63.24 33.17
N ARG C 223 -29.45 -64.40 33.70
CA ARG C 223 -30.86 -64.75 33.74
C ARG C 223 -31.65 -63.75 34.58
N ALA C 224 -31.08 -63.30 35.70
CA ALA C 224 -31.79 -62.38 36.57
C ALA C 224 -32.06 -61.04 35.88
N GLN C 225 -31.08 -60.54 35.11
CA GLN C 225 -31.28 -59.28 34.41
C GLN C 225 -32.42 -59.37 33.40
N ALA C 226 -32.50 -60.49 32.66
CA ALA C 226 -33.62 -60.69 31.76
C ALA C 226 -34.94 -60.71 32.52
N ALA C 227 -34.96 -61.35 33.70
CA ALA C 227 -36.17 -61.38 34.51
C ALA C 227 -36.59 -59.99 34.93
N GLN C 228 -35.63 -59.17 35.36
CA GLN C 228 -35.95 -57.80 35.78
C GLN C 228 -36.61 -57.03 34.64
N ILE C 229 -35.98 -57.04 33.45
CA ILE C 229 -36.49 -56.27 32.33
C ILE C 229 -37.82 -56.82 31.87
N ALA C 230 -38.02 -58.14 31.95
CA ALA C 230 -39.28 -58.73 31.52
C ALA C 230 -40.46 -58.26 32.37
N GLN C 231 -40.20 -57.69 33.54
CA GLN C 231 -41.27 -57.20 34.42
C GLN C 231 -41.93 -55.93 33.88
N TYR C 232 -41.31 -55.25 32.91
CA TYR C 232 -41.91 -54.05 32.32
C TYR C 232 -41.76 -53.95 30.82
N ALA C 233 -40.84 -54.68 30.20
CA ALA C 233 -40.61 -54.60 28.77
C ALA C 233 -41.31 -55.75 28.05
N ASP C 234 -41.68 -55.50 26.79
CA ASP C 234 -42.26 -56.55 25.96
C ASP C 234 -41.20 -57.49 25.41
N GLY C 235 -39.97 -57.02 25.26
CA GLY C 235 -38.89 -57.87 24.79
C GLY C 235 -37.59 -57.52 25.51
N VAL C 236 -36.72 -58.52 25.60
CA VAL C 236 -35.39 -58.37 26.19
C VAL C 236 -34.36 -58.65 25.11
N ILE C 237 -33.50 -57.67 24.84
CA ILE C 237 -32.54 -57.74 23.74
C ILE C 237 -31.17 -58.08 24.31
N VAL C 238 -30.61 -59.21 23.89
CA VAL C 238 -29.28 -59.64 24.30
C VAL C 238 -28.40 -59.76 23.06
N GLY C 239 -27.22 -59.16 23.11
CA GLY C 239 -26.32 -59.18 21.99
C GLY C 239 -24.87 -59.40 22.38
N SER C 240 -24.29 -58.45 23.12
CA SER C 240 -22.88 -58.54 23.50
C SER C 240 -22.61 -59.83 24.27
N ALA C 241 -23.50 -60.21 25.18
CA ALA C 241 -23.29 -61.42 25.96
C ALA C 241 -23.36 -62.68 25.10
N LEU C 242 -24.15 -62.65 24.02
CA LEU C 242 -24.21 -63.80 23.13
C LEU C 242 -22.92 -63.94 22.34
N VAL C 243 -22.36 -62.82 21.89
CA VAL C 243 -21.07 -62.85 21.20
C VAL C 243 -19.99 -63.38 22.13
N THR C 244 -19.94 -62.89 23.37
CA THR C 244 -18.98 -63.38 24.35
C THR C 244 -19.11 -64.89 24.52
N ALA C 245 -20.34 -65.41 24.53
CA ALA C 245 -20.54 -66.84 24.72
C ALA C 245 -20.10 -67.62 23.49
N LEU C 246 -20.45 -67.15 22.30
CA LEU C 246 -19.98 -67.81 21.09
C LEU C 246 -18.47 -67.84 21.00
N THR C 247 -17.81 -66.79 21.50
CA THR C 247 -16.35 -66.78 21.48
C THR C 247 -15.78 -67.88 22.36
N GLU C 248 -16.39 -68.14 23.51
CA GLU C 248 -15.97 -69.26 24.34
C GLU C 248 -16.26 -70.59 23.65
N GLY C 249 -17.42 -70.70 23.03
CA GLY C 249 -17.75 -71.85 22.21
C GLY C 249 -19.24 -71.98 22.01
N LEU C 250 -19.60 -72.72 20.97
CA LEU C 250 -21.01 -72.96 20.70
C LEU C 250 -21.76 -73.63 21.86
N PRO C 251 -21.18 -74.59 22.61
CA PRO C 251 -21.92 -75.10 23.78
C PRO C 251 -22.18 -74.03 24.83
N ARG C 252 -21.25 -73.10 25.02
CA ARG C 252 -21.47 -72.02 25.98
C ARG C 252 -22.62 -71.11 25.55
N LEU C 253 -22.74 -70.85 24.24
CA LEU C 253 -23.86 -70.05 23.76
C LEU C 253 -25.19 -70.74 24.02
N ARG C 254 -25.25 -72.06 23.79
CA ARG C 254 -26.48 -72.81 24.03
C ARG C 254 -26.94 -72.69 25.48
N ALA C 255 -26.00 -72.86 26.42
CA ALA C 255 -26.34 -72.82 27.83
C ALA C 255 -26.84 -71.43 28.24
N LEU C 256 -26.14 -70.38 27.82
CA LEU C 256 -26.53 -69.03 28.19
C LEU C 256 -27.89 -68.66 27.60
N THR C 257 -28.12 -69.02 26.34
CA THR C 257 -29.41 -68.73 25.73
C THR C 257 -30.54 -69.43 26.46
N GLY C 258 -30.30 -70.66 26.94
CA GLY C 258 -31.29 -71.34 27.74
C GLY C 258 -31.60 -70.61 29.04
N GLU C 259 -30.57 -70.17 29.75
CA GLU C 259 -30.78 -69.40 30.98
C GLU C 259 -31.61 -68.15 30.72
N LEU C 260 -31.26 -67.39 29.68
CA LEU C 260 -32.01 -66.19 29.34
C LEU C 260 -33.44 -66.54 28.94
N ALA C 261 -33.62 -67.64 28.21
CA ALA C 261 -34.97 -68.08 27.85
C ALA C 261 -35.84 -68.31 29.08
N ALA C 262 -35.25 -68.85 30.15
CA ALA C 262 -35.99 -69.03 31.38
C ALA C 262 -36.21 -67.71 32.10
N GLY C 263 -35.25 -66.78 31.95
CA GLY C 263 -35.37 -65.50 32.63
C GLY C 263 -36.56 -64.69 32.15
N VAL C 264 -36.87 -64.75 30.86
CA VAL C 264 -37.98 -63.96 30.35
C VAL C 264 -39.32 -64.52 30.77
N ARG C 265 -39.36 -65.76 31.25
CA ARG C 265 -40.58 -66.38 31.74
C ARG C 265 -40.88 -66.06 33.21
N LEU C 266 -39.95 -65.38 33.89
CA LEU C 266 -40.15 -65.03 35.29
C LEU C 266 -41.28 -64.03 35.51
N GLY C 267 -41.72 -63.33 34.47
CA GLY C 267 -42.79 -62.36 34.61
C GLY C 267 -44.12 -62.97 35.02
N ALA D 4 -20.65 -11.32 8.96
CA ALA D 4 -21.83 -11.31 8.09
C ALA D 4 -22.69 -12.55 8.32
N ILE D 5 -22.53 -13.16 9.50
CA ILE D 5 -23.25 -14.39 9.81
C ILE D 5 -24.72 -14.13 10.11
N ALA D 6 -25.08 -12.87 10.39
CA ALA D 6 -26.46 -12.56 10.74
C ALA D 6 -27.42 -12.81 9.58
N GLU D 7 -26.97 -12.57 8.33
CA GLU D 7 -27.85 -12.77 7.19
C GLU D 7 -27.57 -14.10 6.52
N PRO D 8 -28.61 -14.94 6.30
CA PRO D 8 -28.39 -16.22 5.62
C PRO D 8 -28.00 -16.06 4.15
N THR D 9 -27.92 -17.17 3.41
CA THR D 9 -27.54 -17.15 2.01
C THR D 9 -28.61 -17.89 1.19
N SER D 10 -28.61 -17.62 -0.12
CA SER D 10 -29.47 -18.34 -1.04
C SER D 10 -29.01 -19.77 -1.26
N HIS D 11 -27.81 -20.12 -0.77
CA HIS D 11 -27.25 -21.47 -0.90
C HIS D 11 -27.39 -22.28 0.38
N ASP D 12 -28.30 -21.89 1.27
CA ASP D 12 -28.46 -22.59 2.53
C ASP D 12 -29.34 -23.83 2.35
N PRO D 13 -29.18 -24.83 3.20
CA PRO D 13 -30.05 -26.02 3.15
C PRO D 13 -31.39 -25.74 3.81
N ASP D 14 -32.29 -26.71 3.68
CA ASP D 14 -33.60 -26.61 4.32
C ASP D 14 -33.43 -26.79 5.82
N SER D 15 -34.57 -26.83 6.52
CA SER D 15 -34.53 -26.97 7.98
C SER D 15 -33.85 -28.26 8.41
N GLY D 16 -33.96 -29.32 7.60
CA GLY D 16 -33.32 -30.59 7.89
C GLY D 16 -31.87 -30.68 7.49
N GLY D 17 -31.30 -29.63 6.92
CA GLY D 17 -29.92 -29.64 6.49
C GLY D 17 -29.66 -30.28 5.14
N HIS D 18 -30.59 -30.16 4.20
CA HIS D 18 -30.46 -30.79 2.89
C HIS D 18 -30.14 -29.74 1.84
N PHE D 19 -29.10 -30.00 1.05
CA PHE D 19 -28.74 -29.16 -0.08
C PHE D 19 -29.27 -29.78 -1.38
N GLY D 20 -29.78 -28.93 -2.26
CA GLY D 20 -30.15 -29.38 -3.58
C GLY D 20 -31.49 -30.07 -3.68
N GLY D 21 -32.36 -29.89 -2.69
CA GLY D 21 -33.68 -30.49 -2.71
C GLY D 21 -33.67 -32.00 -2.83
N PRO D 22 -34.14 -32.50 -3.98
CA PRO D 22 -34.29 -33.96 -4.15
C PRO D 22 -32.97 -34.74 -4.10
N SER D 23 -31.83 -34.11 -4.40
CA SER D 23 -30.56 -34.82 -4.34
C SER D 23 -30.27 -35.33 -2.92
N GLY D 24 -30.67 -34.55 -1.92
CA GLY D 24 -30.59 -35.00 -0.54
C GLY D 24 -29.23 -34.89 0.11
N TRP D 25 -28.33 -34.08 -0.43
CA TRP D 25 -27.03 -33.89 0.20
C TRP D 25 -27.21 -33.29 1.58
N GLY D 26 -26.47 -33.81 2.55
CA GLY D 26 -26.50 -33.30 3.91
C GLY D 26 -27.37 -34.16 4.82
N GLY D 27 -28.28 -33.51 5.55
CA GLY D 27 -29.13 -34.22 6.47
C GLY D 27 -28.44 -34.55 7.79
N ARG D 28 -29.08 -35.45 8.53
CA ARG D 28 -28.64 -35.88 9.85
C ARG D 28 -28.73 -37.40 9.90
N TYR D 29 -27.64 -38.07 9.51
CA TYR D 29 -27.59 -39.53 9.56
C TYR D 29 -26.90 -39.96 10.85
N VAL D 30 -27.65 -39.82 11.93
CA VAL D 30 -27.13 -39.92 13.28
C VAL D 30 -28.06 -40.82 14.09
N PRO D 31 -27.60 -41.29 15.24
CA PRO D 31 -28.52 -41.99 16.15
C PRO D 31 -29.44 -41.02 16.87
N GLU D 32 -30.64 -41.49 17.18
CA GLU D 32 -31.59 -40.68 17.95
C GLU D 32 -30.99 -40.18 19.25
N ALA D 33 -30.04 -40.93 19.83
CA ALA D 33 -29.39 -40.52 21.06
C ALA D 33 -28.67 -39.18 20.95
N LEU D 34 -28.29 -38.74 19.74
CA LEU D 34 -27.63 -37.44 19.57
C LEU D 34 -28.58 -36.32 19.16
N MET D 35 -29.84 -36.63 18.84
CA MET D 35 -30.71 -35.63 18.23
C MET D 35 -31.06 -34.50 19.18
N ALA D 36 -31.14 -34.78 20.49
CA ALA D 36 -31.46 -33.72 21.43
C ALA D 36 -30.36 -32.67 21.47
N VAL D 37 -29.09 -33.10 21.57
CA VAL D 37 -28.04 -32.10 21.59
C VAL D 37 -27.85 -31.50 20.19
N ILE D 38 -28.10 -32.27 19.14
CA ILE D 38 -27.94 -31.74 17.79
C ILE D 38 -28.97 -30.65 17.52
N GLU D 39 -30.21 -30.86 17.96
CA GLU D 39 -31.20 -29.80 17.86
C GLU D 39 -30.86 -28.65 18.79
N GLU D 40 -30.26 -28.94 19.94
CA GLU D 40 -29.89 -27.89 20.89
C GLU D 40 -28.80 -26.99 20.31
N VAL D 41 -27.79 -27.57 19.65
CA VAL D 41 -26.77 -26.76 19.00
C VAL D 41 -27.38 -25.96 17.84
N THR D 42 -28.24 -26.59 17.05
CA THR D 42 -28.86 -25.89 15.92
C THR D 42 -29.61 -24.66 16.39
N ALA D 43 -30.46 -24.82 17.41
CA ALA D 43 -31.24 -23.70 17.90
C ALA D 43 -30.34 -22.61 18.49
N ALA D 44 -29.31 -23.00 19.22
CA ALA D 44 -28.41 -22.02 19.80
C ALA D 44 -27.68 -21.22 18.73
N TYR D 45 -27.31 -21.89 17.63
CA TYR D 45 -26.62 -21.20 16.56
C TYR D 45 -27.53 -20.22 15.84
N GLN D 46 -28.79 -20.61 15.60
CA GLN D 46 -29.75 -19.68 14.99
C GLN D 46 -30.05 -18.50 15.90
N LYS D 47 -30.02 -18.71 17.21
CA LYS D 47 -30.23 -17.60 18.13
C LYS D 47 -29.03 -16.65 18.16
N GLU D 48 -27.82 -17.20 18.30
CA GLU D 48 -26.64 -16.36 18.50
C GLU D 48 -26.13 -15.73 17.21
N ARG D 49 -26.39 -16.32 16.05
CA ARG D 49 -25.89 -15.73 14.81
C ARG D 49 -26.49 -14.36 14.51
N VAL D 50 -27.65 -14.05 15.08
CA VAL D 50 -28.24 -12.72 14.92
C VAL D 50 -28.13 -11.88 16.18
N SER D 51 -27.44 -12.38 17.21
CA SER D 51 -27.25 -11.61 18.44
C SER D 51 -26.06 -10.68 18.28
N GLN D 52 -26.28 -9.38 18.47
CA GLN D 52 -25.20 -8.42 18.27
C GLN D 52 -24.08 -8.63 19.28
N ASP D 53 -24.41 -9.01 20.52
CA ASP D 53 -23.37 -9.30 21.49
C ASP D 53 -22.49 -10.44 21.04
N PHE D 54 -23.07 -11.49 20.47
CA PHE D 54 -22.29 -12.60 19.95
C PHE D 54 -21.39 -12.13 18.81
N LEU D 55 -21.96 -11.41 17.85
CA LEU D 55 -21.19 -10.93 16.71
C LEU D 55 -20.08 -9.99 17.14
N ASP D 56 -20.34 -9.16 18.15
CA ASP D 56 -19.30 -8.27 18.66
C ASP D 56 -18.15 -9.05 19.29
N ASP D 57 -18.46 -10.08 20.09
CA ASP D 57 -17.41 -10.90 20.68
C ASP D 57 -16.60 -11.61 19.62
N LEU D 58 -17.27 -12.17 18.61
CA LEU D 58 -16.54 -12.88 17.57
C LEU D 58 -15.64 -11.95 16.79
N ASP D 59 -16.15 -10.78 16.39
CA ASP D 59 -15.35 -9.83 15.63
C ASP D 59 -14.18 -9.30 16.45
N ARG D 60 -14.41 -9.00 17.73
N ARG D 60 -14.40 -9.02 17.73
CA ARG D 60 -13.32 -8.54 18.59
CA ARG D 60 -13.33 -8.54 18.60
C ARG D 60 -12.20 -9.56 18.67
C ARG D 60 -12.21 -9.56 18.73
N LEU D 61 -12.54 -10.85 18.71
CA LEU D 61 -11.50 -11.88 18.79
C LEU D 61 -10.80 -12.07 17.46
N GLN D 62 -11.54 -12.00 16.35
CA GLN D 62 -10.91 -12.16 15.03
C GLN D 62 -9.89 -11.05 14.77
N ALA D 63 -10.18 -9.82 15.20
CA ALA D 63 -9.25 -8.72 14.96
C ALA D 63 -8.09 -8.74 15.95
N ASN D 64 -8.38 -8.62 17.24
CA ASN D 64 -7.33 -8.40 18.23
C ASN D 64 -6.63 -9.68 18.67
N TYR D 65 -7.26 -10.83 18.52
CA TYR D 65 -6.69 -12.09 18.98
C TYR D 65 -6.13 -12.94 17.84
N ALA D 66 -6.94 -13.18 16.81
CA ALA D 66 -6.55 -14.05 15.71
C ALA D 66 -5.72 -13.35 14.64
N GLY D 67 -5.83 -12.03 14.51
CA GLY D 67 -5.05 -11.28 13.56
C GLY D 67 -5.69 -11.00 12.20
N ARG D 68 -7.01 -11.06 12.12
CA ARG D 68 -7.71 -10.80 10.87
C ARG D 68 -7.76 -9.30 10.58
N PRO D 69 -7.87 -8.90 9.31
CA PRO D 69 -7.88 -9.78 8.13
C PRO D 69 -6.51 -10.34 7.82
N SER D 70 -6.47 -11.54 7.27
CA SER D 70 -5.22 -12.04 6.73
C SER D 70 -4.96 -11.38 5.39
N PRO D 71 -3.70 -11.14 5.05
CA PRO D 71 -3.39 -10.43 3.81
C PRO D 71 -3.53 -11.32 2.59
N LEU D 72 -3.59 -10.66 1.42
CA LEU D 72 -3.54 -11.31 0.12
C LEU D 72 -2.24 -10.88 -0.55
N TYR D 73 -1.42 -11.85 -0.94
CA TYR D 73 -0.07 -11.61 -1.42
C TYR D 73 0.11 -12.17 -2.81
N GLU D 74 0.52 -11.31 -3.77
CA GLU D 74 0.81 -11.78 -5.12
C GLU D 74 2.21 -12.37 -5.15
N ALA D 75 2.29 -13.69 -5.37
CA ALA D 75 3.57 -14.40 -5.37
C ALA D 75 4.17 -14.33 -6.76
N THR D 76 4.88 -13.22 -7.03
CA THR D 76 5.38 -12.98 -8.38
C THR D 76 6.46 -13.98 -8.77
N ARG D 77 7.19 -14.54 -7.81
CA ARG D 77 8.24 -15.49 -8.14
C ARG D 77 7.69 -16.87 -8.53
N LEU D 78 6.41 -17.13 -8.31
CA LEU D 78 5.79 -18.36 -8.79
C LEU D 78 5.33 -18.28 -10.23
N SER D 79 5.16 -17.06 -10.77
CA SER D 79 4.51 -16.87 -12.06
C SER D 79 5.20 -17.66 -13.18
N GLN D 80 6.53 -17.62 -13.22
CA GLN D 80 7.26 -18.36 -14.26
C GLN D 80 6.99 -19.85 -14.19
N HIS D 81 6.63 -20.37 -13.01
CA HIS D 81 6.33 -21.78 -12.84
C HIS D 81 4.84 -22.09 -12.96
N ALA D 82 4.02 -21.09 -13.29
CA ALA D 82 2.58 -21.24 -13.44
C ALA D 82 2.12 -20.65 -14.77
N GLY D 83 2.92 -20.83 -15.81
CA GLY D 83 2.56 -20.34 -17.14
C GLY D 83 2.44 -18.83 -17.22
N SER D 84 3.15 -18.11 -16.34
CA SER D 84 3.11 -16.66 -16.27
C SER D 84 1.75 -16.12 -15.84
N ALA D 85 0.91 -16.97 -15.26
CA ALA D 85 -0.27 -16.49 -14.57
C ALA D 85 0.15 -15.77 -13.28
N ARG D 86 -0.82 -15.09 -12.65
CA ARG D 86 -0.56 -14.31 -11.45
C ARG D 86 -1.21 -15.01 -10.25
N ILE D 87 -0.36 -15.59 -9.39
CA ILE D 87 -0.82 -16.38 -8.25
C ILE D 87 -0.90 -15.47 -7.02
N PHE D 88 -2.10 -15.39 -6.44
CA PHE D 88 -2.32 -14.61 -5.23
C PHE D 88 -2.58 -15.56 -4.06
N LEU D 89 -1.82 -15.40 -2.99
CA LEU D 89 -1.92 -16.28 -1.83
C LEU D 89 -2.72 -15.59 -0.74
N LYS D 90 -3.88 -16.15 -0.42
CA LYS D 90 -4.65 -15.76 0.76
C LYS D 90 -3.95 -16.36 1.99
N ARG D 91 -3.41 -15.49 2.84
CA ARG D 91 -2.40 -15.89 3.83
C ARG D 91 -3.04 -16.30 5.17
N GLU D 92 -3.87 -17.35 5.12
CA GLU D 92 -4.41 -17.92 6.35
C GLU D 92 -3.32 -18.54 7.22
N ASP D 93 -2.14 -18.80 6.66
CA ASP D 93 -1.03 -19.29 7.47
C ASP D 93 -0.61 -18.30 8.55
N LEU D 94 -0.97 -17.02 8.41
CA LEU D 94 -0.59 -15.99 9.37
C LEU D 94 -1.59 -15.83 10.51
N ASN D 95 -2.73 -16.52 10.48
CA ASN D 95 -3.65 -16.45 11.61
C ASN D 95 -2.99 -17.00 12.87
N HIS D 96 -3.48 -16.55 14.02
CA HIS D 96 -3.07 -17.14 15.29
C HIS D 96 -3.33 -18.65 15.26
N THR D 97 -2.33 -19.42 15.70
CA THR D 97 -2.25 -20.88 15.72
C THR D 97 -1.79 -21.43 14.38
N GLY D 98 -1.90 -20.63 13.31
CA GLY D 98 -1.27 -20.93 12.05
C GLY D 98 -2.11 -21.61 10.99
N SER D 99 -3.43 -21.46 11.02
CA SER D 99 -4.27 -21.99 9.95
C SER D 99 -5.63 -21.32 10.02
N HIS D 100 -6.48 -21.69 9.06
CA HIS D 100 -7.87 -21.22 9.04
C HIS D 100 -8.72 -21.78 10.17
N LYS D 101 -8.28 -22.85 10.85
CA LYS D 101 -9.16 -23.53 11.79
C LYS D 101 -9.63 -22.61 12.90
N ILE D 102 -8.82 -21.61 13.27
CA ILE D 102 -9.16 -20.72 14.37
C ILE D 102 -10.44 -19.94 14.08
N ASN D 103 -10.74 -19.69 12.79
CA ASN D 103 -11.98 -18.98 12.44
C ASN D 103 -13.20 -19.73 12.93
N ASN D 104 -13.28 -21.01 12.58
CA ASN D 104 -14.40 -21.85 12.98
C ASN D 104 -14.42 -22.05 14.49
N VAL D 105 -13.25 -22.22 15.11
CA VAL D 105 -13.20 -22.55 16.52
C VAL D 105 -13.65 -21.39 17.39
N LEU D 106 -13.24 -20.16 17.05
CA LEU D 106 -13.68 -19.02 17.83
C LEU D 106 -15.19 -18.90 17.84
N GLY D 107 -15.82 -19.10 16.68
CA GLY D 107 -17.28 -19.12 16.63
C GLY D 107 -17.87 -20.21 17.51
N GLN D 108 -17.42 -21.45 17.33
CA GLN D 108 -18.04 -22.56 18.05
C GLN D 108 -17.71 -22.54 19.53
N ALA D 109 -16.51 -22.08 19.90
CA ALA D 109 -16.16 -22.00 21.31
C ALA D 109 -17.01 -20.96 22.04
N LEU D 110 -17.20 -19.79 21.43
CA LEU D 110 -18.11 -18.81 22.02
C LEU D 110 -19.52 -19.36 22.13
N LEU D 111 -19.96 -20.10 21.11
CA LEU D 111 -21.27 -20.73 21.18
C LEU D 111 -21.35 -21.73 22.32
N ALA D 112 -20.29 -22.54 22.50
CA ALA D 112 -20.29 -23.54 23.57
C ALA D 112 -20.49 -22.89 24.93
N ARG D 113 -19.86 -21.74 25.15
CA ARG D 113 -20.06 -21.02 26.40
C ARG D 113 -21.47 -20.47 26.51
N ARG D 114 -22.03 -19.99 25.39
CA ARG D 114 -23.40 -19.46 25.42
C ARG D 114 -24.41 -20.52 25.79
N MET D 115 -24.18 -21.76 25.35
CA MET D 115 -25.08 -22.88 25.64
C MET D 115 -24.93 -23.40 27.07
N GLY D 116 -23.96 -22.90 27.83
CA GLY D 116 -23.73 -23.42 29.16
C GLY D 116 -23.04 -24.77 29.20
N LYS D 117 -22.47 -25.23 28.08
CA LYS D 117 -21.70 -26.46 28.10
C LYS D 117 -20.42 -26.25 28.89
N THR D 118 -20.05 -27.27 29.67
CA THR D 118 -18.87 -27.17 30.53
C THR D 118 -17.65 -27.88 29.95
N ARG D 119 -17.78 -28.49 28.77
CA ARG D 119 -16.75 -29.37 28.26
C ARG D 119 -16.81 -29.33 26.74
N VAL D 120 -15.64 -29.26 26.12
CA VAL D 120 -15.53 -29.19 24.66
C VAL D 120 -14.64 -30.33 24.18
N ILE D 121 -15.11 -31.04 23.16
CA ILE D 121 -14.30 -32.10 22.56
C ILE D 121 -14.16 -31.81 21.08
N ALA D 122 -13.10 -32.38 20.49
CA ALA D 122 -12.85 -32.20 19.07
C ALA D 122 -11.94 -33.33 18.59
N GLU D 123 -12.04 -33.61 17.29
CA GLU D 123 -11.09 -34.44 16.59
C GLU D 123 -10.02 -33.57 15.97
N THR D 124 -8.90 -34.19 15.60
CA THR D 124 -7.92 -33.47 14.80
C THR D 124 -7.10 -34.48 14.00
N GLY D 125 -6.76 -34.09 12.78
CA GLY D 125 -5.90 -34.90 11.94
C GLY D 125 -4.51 -34.31 11.83
N ALA D 126 -4.41 -33.13 11.23
CA ALA D 126 -3.13 -32.44 11.19
C ALA D 126 -2.76 -31.81 12.53
N GLY D 127 -3.69 -31.74 13.48
CA GLY D 127 -3.43 -31.09 14.75
C GLY D 127 -3.68 -29.60 14.77
N GLN D 128 -4.07 -29.00 13.62
CA GLN D 128 -4.32 -27.56 13.60
C GLN D 128 -5.69 -27.22 14.18
N HIS D 129 -6.70 -28.04 13.89
CA HIS D 129 -7.98 -27.85 14.59
C HIS D 129 -7.83 -28.16 16.07
N GLY D 130 -7.04 -29.16 16.42
CA GLY D 130 -6.80 -29.46 17.83
C GLY D 130 -6.13 -28.32 18.57
N VAL D 131 -5.12 -27.69 17.96
CA VAL D 131 -4.45 -26.57 18.59
C VAL D 131 -5.39 -25.37 18.71
N ALA D 132 -6.12 -25.05 17.63
CA ALA D 132 -7.07 -23.95 17.68
C ALA D 132 -8.12 -24.18 18.77
N THR D 133 -8.70 -25.38 18.82
CA THR D 133 -9.68 -25.71 19.86
C THR D 133 -9.07 -25.58 21.25
N ALA D 134 -7.91 -26.20 21.48
CA ALA D 134 -7.19 -26.02 22.73
C ALA D 134 -6.97 -24.55 23.02
N THR D 135 -6.62 -23.78 21.99
CA THR D 135 -6.39 -22.36 22.17
C THR D 135 -7.63 -21.65 22.71
N ALA D 136 -8.78 -21.86 22.07
CA ALA D 136 -9.99 -21.16 22.52
C ALA D 136 -10.48 -21.67 23.87
N CYS D 137 -10.27 -22.96 24.17
CA CYS D 137 -10.69 -23.46 25.48
C CYS D 137 -9.81 -22.94 26.59
N ALA D 138 -8.51 -22.76 26.33
CA ALA D 138 -7.67 -22.07 27.30
C ALA D 138 -8.16 -20.64 27.51
N LEU D 139 -8.44 -19.94 26.41
CA LEU D 139 -8.86 -18.54 26.48
C LEU D 139 -10.18 -18.37 27.19
N LEU D 140 -11.14 -19.27 26.96
CA LEU D 140 -12.47 -19.13 27.54
C LEU D 140 -12.64 -19.92 28.84
N GLY D 141 -11.65 -20.73 29.23
CA GLY D 141 -11.73 -21.45 30.48
C GLY D 141 -12.61 -22.69 30.45
N LEU D 142 -12.54 -23.46 29.37
CA LEU D 142 -13.34 -24.66 29.17
C LEU D 142 -12.46 -25.90 29.21
N ASP D 143 -12.96 -26.96 29.84
CA ASP D 143 -12.32 -28.26 29.73
C ASP D 143 -12.28 -28.71 28.27
N CYS D 144 -11.17 -29.30 27.87
CA CYS D 144 -10.96 -29.65 26.47
C CYS D 144 -10.34 -31.04 26.37
N VAL D 145 -10.86 -31.86 25.45
CA VAL D 145 -10.29 -33.15 25.12
C VAL D 145 -10.26 -33.28 23.60
N ILE D 146 -9.08 -33.60 23.05
CA ILE D 146 -8.89 -33.73 21.62
C ILE D 146 -8.57 -35.18 21.30
N TYR D 147 -9.27 -35.73 20.31
CA TYR D 147 -9.03 -37.08 19.83
C TYR D 147 -8.21 -37.03 18.54
N MET D 148 -7.17 -37.86 18.47
CA MET D 148 -6.23 -37.80 17.35
C MET D 148 -5.73 -39.21 17.05
N GLY D 149 -5.76 -39.59 15.79
CA GLY D 149 -5.29 -40.91 15.41
C GLY D 149 -3.83 -41.11 15.78
N GLY D 150 -3.50 -42.32 16.22
CA GLY D 150 -2.14 -42.60 16.66
C GLY D 150 -1.09 -42.34 15.60
N ILE D 151 -1.41 -42.60 14.34
CA ILE D 151 -0.49 -42.29 13.26
C ILE D 151 -0.28 -40.78 13.16
N ASP D 152 -1.36 -40.01 13.36
CA ASP D 152 -1.26 -38.55 13.28
C ASP D 152 -0.51 -37.97 14.47
N THR D 153 -0.59 -38.59 15.64
CA THR D 153 0.20 -38.12 16.78
C THR D 153 1.69 -38.22 16.49
N ALA D 154 2.09 -39.19 15.66
CA ALA D 154 3.50 -39.39 15.35
C ALA D 154 4.01 -38.40 14.31
N ARG D 155 3.28 -38.22 13.21
CA ARG D 155 3.74 -37.36 12.12
C ARG D 155 3.37 -35.89 12.32
N GLN D 156 2.58 -35.57 13.34
CA GLN D 156 2.25 -34.19 13.68
C GLN D 156 2.56 -33.91 15.14
N ALA D 157 3.70 -34.44 15.61
CA ALA D 157 4.02 -34.42 17.04
C ALA D 157 4.18 -33.00 17.58
N LEU D 158 4.60 -32.04 16.75
CA LEU D 158 4.67 -30.65 17.20
C LEU D 158 3.32 -30.18 17.73
N ASN D 159 2.24 -30.51 17.03
CA ASN D 159 0.93 -30.03 17.44
C ASN D 159 0.41 -30.77 18.67
N VAL D 160 0.81 -32.03 18.86
CA VAL D 160 0.45 -32.73 20.09
C VAL D 160 0.99 -31.97 21.30
N ALA D 161 2.26 -31.57 21.23
CA ALA D 161 2.88 -30.90 22.36
C ALA D 161 2.33 -29.48 22.56
N ARG D 162 1.98 -28.79 21.47
CA ARG D 162 1.29 -27.51 21.59
C ARG D 162 -0.04 -27.67 22.33
N MET D 163 -0.83 -28.67 21.93
CA MET D 163 -2.12 -28.89 22.58
C MET D 163 -1.96 -29.13 24.08
N ARG D 164 -0.98 -29.96 24.45
CA ARG D 164 -0.79 -30.29 25.86
C ARG D 164 -0.28 -29.07 26.65
N LEU D 165 0.61 -28.28 26.05
CA LEU D 165 1.03 -27.04 26.71
C LEU D 165 -0.15 -26.11 26.93
N LEU D 166 -1.10 -26.11 26.01
CA LEU D 166 -2.28 -25.26 26.14
C LEU D 166 -3.28 -25.81 27.13
N GLY D 167 -2.98 -26.95 27.77
CA GLY D 167 -3.84 -27.49 28.81
C GLY D 167 -4.98 -28.36 28.32
N ALA D 168 -4.93 -28.83 27.08
CA ALA D 168 -5.94 -29.72 26.56
C ALA D 168 -5.47 -31.16 26.69
N GLU D 169 -6.39 -32.05 27.05
CA GLU D 169 -6.09 -33.47 27.04
C GLU D 169 -6.08 -33.97 25.60
N VAL D 170 -5.16 -34.88 25.29
CA VAL D 170 -5.04 -35.48 23.98
C VAL D 170 -5.17 -36.99 24.14
N VAL D 171 -6.16 -37.58 23.49
CA VAL D 171 -6.38 -39.03 23.49
C VAL D 171 -5.96 -39.58 22.13
N ALA D 172 -4.97 -40.48 22.14
CA ALA D 172 -4.52 -41.14 20.92
C ALA D 172 -5.49 -42.26 20.55
N VAL D 173 -5.89 -42.30 19.28
CA VAL D 173 -6.90 -43.24 18.79
C VAL D 173 -6.19 -44.33 17.99
N GLN D 174 -6.32 -45.58 18.43
CA GLN D 174 -5.63 -46.70 17.81
C GLN D 174 -6.54 -47.59 16.97
N THR D 175 -7.81 -47.24 16.81
CA THR D 175 -8.69 -48.09 16.03
C THR D 175 -8.57 -47.77 14.54
N GLY D 176 -9.01 -48.72 13.71
CA GLY D 176 -9.09 -48.49 12.27
C GLY D 176 -7.78 -48.06 11.68
N SER D 177 -7.83 -47.03 10.84
CA SER D 177 -6.62 -46.53 10.18
C SER D 177 -5.81 -45.57 11.03
N LYS D 178 -6.22 -45.34 12.28
CA LYS D 178 -5.47 -44.51 13.22
C LYS D 178 -5.24 -43.10 12.69
N THR D 179 -6.20 -42.59 11.91
CA THR D 179 -6.12 -41.24 11.38
C THR D 179 -7.44 -40.51 11.56
N LEU D 180 -7.68 -39.49 10.72
CA LEU D 180 -8.72 -38.50 10.99
C LEU D 180 -10.08 -39.14 11.15
N LYS D 181 -10.45 -40.07 10.26
CA LYS D 181 -11.80 -40.63 10.36
C LYS D 181 -11.96 -41.41 11.66
N ASP D 182 -10.89 -42.02 12.15
CA ASP D 182 -10.97 -42.78 13.39
C ASP D 182 -11.03 -41.86 14.60
N ALA D 183 -10.36 -40.70 14.55
CA ALA D 183 -10.53 -39.70 15.59
C ALA D 183 -11.97 -39.21 15.65
N ILE D 184 -12.58 -38.99 14.49
CA ILE D 184 -13.99 -38.57 14.47
C ILE D 184 -14.87 -39.64 15.09
N ASN D 185 -14.61 -40.91 14.78
CA ASN D 185 -15.40 -41.99 15.39
C ASN D 185 -15.33 -41.94 16.91
N GLU D 186 -14.13 -41.77 17.46
N GLU D 186 -14.13 -41.77 17.47
CA GLU D 186 -13.96 -41.82 18.91
CA GLU D 186 -14.01 -41.84 18.92
C GLU D 186 -14.59 -40.61 19.59
C GLU D 186 -14.56 -40.60 19.62
N ALA D 187 -14.47 -39.42 18.98
CA ALA D 187 -15.04 -38.23 19.57
C ALA D 187 -16.57 -38.28 19.50
N PHE D 188 -17.10 -38.80 18.40
CA PHE D 188 -18.52 -39.08 18.29
C PHE D 188 -19.00 -39.91 19.48
N ARG D 189 -18.33 -41.02 19.77
CA ARG D 189 -18.73 -41.86 20.89
C ARG D 189 -18.72 -41.08 22.21
N ASP D 190 -17.72 -40.21 22.40
CA ASP D 190 -17.68 -39.35 23.57
C ASP D 190 -18.91 -38.45 23.61
N TRP D 191 -19.27 -37.84 22.49
CA TRP D 191 -20.41 -36.93 22.47
C TRP D 191 -21.70 -37.68 22.82
N VAL D 192 -21.89 -38.88 22.26
CA VAL D 192 -23.09 -39.65 22.55
C VAL D 192 -23.23 -39.88 24.05
N ALA D 193 -22.11 -40.19 24.72
CA ALA D 193 -22.16 -40.52 26.14
C ALA D 193 -22.29 -39.28 27.02
N ASN D 194 -21.76 -38.13 26.59
CA ASN D 194 -21.68 -36.95 27.46
C ASN D 194 -22.41 -35.73 26.87
N ALA D 195 -23.42 -35.98 26.03
CA ALA D 195 -24.09 -34.91 25.29
C ALA D 195 -24.62 -33.80 26.20
N ASP D 196 -25.08 -34.14 27.41
CA ASP D 196 -25.78 -33.15 28.22
C ASP D 196 -24.89 -31.98 28.63
N ASN D 197 -23.58 -32.22 28.79
CA ASN D 197 -22.67 -31.15 29.20
C ASN D 197 -21.54 -30.88 28.22
N THR D 198 -21.44 -31.62 27.12
CA THR D 198 -20.28 -31.55 26.23
C THR D 198 -20.68 -30.95 24.89
N TYR D 199 -19.88 -30.00 24.42
CA TYR D 199 -20.03 -29.44 23.08
C TYR D 199 -19.00 -30.10 22.17
N TYR D 200 -19.43 -30.51 20.97
CA TYR D 200 -18.53 -31.07 19.97
C TYR D 200 -18.16 -29.97 18.98
N CYS D 201 -16.92 -29.49 19.09
CA CYS D 201 -16.41 -28.46 18.19
C CYS D 201 -15.81 -29.17 16.98
N PHE D 202 -16.63 -29.35 15.94
CA PHE D 202 -16.20 -30.07 14.75
C PHE D 202 -15.40 -29.15 13.84
N GLY D 203 -14.38 -29.73 13.20
CA GLY D 203 -13.37 -28.91 12.58
C GLY D 203 -13.39 -28.76 11.08
N THR D 204 -14.32 -29.44 10.40
CA THR D 204 -14.39 -29.31 8.96
C THR D 204 -15.85 -29.18 8.55
N ALA D 205 -16.06 -28.91 7.27
CA ALA D 205 -17.39 -28.58 6.76
C ALA D 205 -18.20 -29.83 6.43
N ALA D 206 -18.27 -30.75 7.37
CA ALA D 206 -18.99 -32.01 7.17
C ALA D 206 -19.82 -32.28 8.42
N GLY D 207 -20.23 -33.54 8.59
CA GLY D 207 -21.03 -33.94 9.71
C GLY D 207 -22.51 -33.70 9.49
N PRO D 208 -23.30 -33.95 10.52
CA PRO D 208 -24.74 -33.69 10.42
C PRO D 208 -25.03 -32.19 10.53
N HIS D 209 -26.16 -31.81 9.98
CA HIS D 209 -26.68 -30.47 10.19
C HIS D 209 -26.75 -30.19 11.69
N PRO D 210 -26.27 -29.03 12.16
CA PRO D 210 -25.94 -27.82 11.40
C PRO D 210 -24.46 -27.64 11.05
N PHE D 211 -23.63 -28.65 11.29
CA PHE D 211 -22.19 -28.44 11.18
C PHE D 211 -21.74 -28.00 9.80
N PRO D 212 -22.14 -28.64 8.69
CA PRO D 212 -21.70 -28.14 7.38
C PRO D 212 -21.99 -26.67 7.17
N THR D 213 -23.17 -26.20 7.56
CA THR D 213 -23.53 -24.81 7.33
C THR D 213 -22.84 -23.88 8.32
N MET D 214 -22.81 -24.27 9.59
CA MET D 214 -22.21 -23.44 10.63
C MET D 214 -20.71 -23.26 10.40
N VAL D 215 -20.00 -24.35 10.09
CA VAL D 215 -18.57 -24.23 9.82
C VAL D 215 -18.32 -23.30 8.64
N ARG D 216 -19.07 -23.51 7.55
CA ARG D 216 -18.92 -22.65 6.37
C ARG D 216 -19.19 -21.19 6.72
N ASP D 217 -20.24 -20.93 7.52
CA ASP D 217 -20.55 -19.56 7.91
C ASP D 217 -19.41 -18.93 8.70
N PHE D 218 -18.74 -19.70 9.55
CA PHE D 218 -17.62 -19.13 10.29
C PHE D 218 -16.39 -18.97 9.41
N GLN D 219 -16.31 -19.71 8.31
CA GLN D 219 -15.17 -19.62 7.40
C GLN D 219 -15.42 -18.68 6.22
N ARG D 220 -16.65 -18.19 6.06
CA ARG D 220 -16.98 -17.31 4.94
C ARG D 220 -16.13 -16.04 4.96
N ILE D 221 -15.69 -15.61 6.15
CA ILE D 221 -14.87 -14.41 6.27
C ILE D 221 -13.66 -14.47 5.35
N ILE D 222 -13.15 -15.67 5.06
CA ILE D 222 -11.97 -15.79 4.19
C ILE D 222 -12.28 -15.26 2.80
N GLY D 223 -13.32 -15.80 2.18
CA GLY D 223 -13.64 -15.41 0.80
C GLY D 223 -14.18 -14.00 0.70
N MET D 224 -14.89 -13.54 1.72
CA MET D 224 -15.34 -12.15 1.73
C MET D 224 -14.16 -11.19 1.73
N GLU D 225 -13.15 -11.45 2.57
CA GLU D 225 -11.94 -10.64 2.52
C GLU D 225 -11.27 -10.78 1.16
N ALA D 226 -11.13 -12.02 0.67
CA ALA D 226 -10.41 -12.24 -0.57
C ALA D 226 -11.09 -11.55 -1.75
N ARG D 227 -12.42 -11.57 -1.78
CA ARG D 227 -13.13 -10.93 -2.87
C ARG D 227 -12.90 -9.42 -2.87
N VAL D 228 -12.83 -8.81 -1.70
CA VAL D 228 -12.54 -7.38 -1.61
C VAL D 228 -11.07 -7.12 -1.92
N GLN D 229 -10.18 -7.99 -1.44
CA GLN D 229 -8.75 -7.74 -1.60
C GLN D 229 -8.30 -7.93 -3.04
N ILE D 230 -8.83 -8.93 -3.74
CA ILE D 230 -8.39 -9.17 -5.10
C ILE D 230 -8.83 -8.03 -6.01
N GLN D 231 -10.03 -7.49 -5.80
CA GLN D 231 -10.50 -6.37 -6.61
C GLN D 231 -9.67 -5.12 -6.34
N GLY D 232 -9.28 -4.90 -5.08
CA GLY D 232 -8.48 -3.74 -4.76
C GLY D 232 -7.07 -3.81 -5.34
N GLN D 233 -6.46 -5.00 -5.31
CA GLN D 233 -5.09 -5.17 -5.79
C GLN D 233 -5.02 -5.38 -7.30
N ALA D 234 -5.88 -6.22 -7.87
CA ALA D 234 -5.81 -6.54 -9.29
C ALA D 234 -6.74 -5.72 -10.16
N GLY D 235 -7.74 -5.05 -9.55
CA GLY D 235 -8.68 -4.27 -10.32
C GLY D 235 -9.83 -5.04 -10.91
N ARG D 236 -9.96 -6.33 -10.62
N ARG D 236 -9.96 -6.33 -10.62
CA ARG D 236 -11.06 -7.12 -11.15
CA ARG D 236 -11.06 -7.13 -11.15
C ARG D 236 -11.21 -8.37 -10.29
C ARG D 236 -11.19 -8.39 -10.30
N LEU D 237 -12.25 -9.15 -10.59
CA LEU D 237 -12.43 -10.43 -9.95
C LEU D 237 -11.45 -11.44 -10.54
N PRO D 238 -11.08 -12.47 -9.78
CA PRO D 238 -10.11 -13.43 -10.30
C PRO D 238 -10.71 -14.29 -11.40
N ASP D 239 -9.83 -14.88 -12.20
CA ASP D 239 -10.26 -15.90 -13.15
C ASP D 239 -10.56 -17.21 -12.44
N ALA D 240 -9.88 -17.49 -11.33
CA ALA D 240 -10.05 -18.73 -10.62
C ALA D 240 -9.75 -18.51 -9.14
N VAL D 241 -10.49 -19.23 -8.29
CA VAL D 241 -10.20 -19.36 -6.88
C VAL D 241 -10.05 -20.85 -6.59
N VAL D 242 -8.93 -21.24 -5.96
CA VAL D 242 -8.65 -22.64 -5.74
C VAL D 242 -8.30 -22.88 -4.27
N ALA D 243 -8.41 -24.13 -3.85
CA ALA D 243 -8.10 -24.52 -2.47
C ALA D 243 -7.95 -26.03 -2.41
N CYS D 244 -7.29 -26.49 -1.35
CA CYS D 244 -7.28 -27.93 -1.07
C CYS D 244 -8.57 -28.31 -0.35
N VAL D 245 -8.96 -29.57 -0.50
CA VAL D 245 -10.24 -30.08 -0.01
C VAL D 245 -9.97 -31.36 0.77
N GLY D 246 -9.99 -31.26 2.09
CA GLY D 246 -10.10 -32.45 2.91
C GLY D 246 -11.56 -32.74 3.19
N GLY D 247 -12.05 -32.25 4.32
CA GLY D 247 -13.48 -32.22 4.55
C GLY D 247 -14.15 -31.03 3.88
N GLY D 248 -13.43 -29.94 3.68
CA GLY D 248 -13.95 -28.86 2.86
C GLY D 248 -14.08 -27.48 3.48
N SER D 249 -13.57 -27.27 4.70
CA SER D 249 -13.86 -26.02 5.38
C SER D 249 -13.10 -24.84 4.78
N ASN D 250 -11.78 -24.96 4.57
CA ASN D 250 -11.07 -23.81 4.01
C ASN D 250 -11.51 -23.55 2.58
N ALA D 251 -11.87 -24.59 1.82
CA ALA D 251 -12.30 -24.40 0.44
C ALA D 251 -13.67 -23.72 0.38
N ILE D 252 -14.65 -24.23 1.13
CA ILE D 252 -15.97 -23.60 1.11
C ILE D 252 -15.88 -22.19 1.69
N GLY D 253 -14.95 -21.96 2.62
CA GLY D 253 -14.80 -20.63 3.19
C GLY D 253 -14.39 -19.59 2.16
N ILE D 254 -13.42 -19.92 1.32
CA ILE D 254 -12.97 -18.98 0.29
C ILE D 254 -13.84 -19.03 -0.96
N PHE D 255 -14.56 -20.13 -1.21
CA PHE D 255 -15.40 -20.23 -2.40
C PHE D 255 -16.66 -19.38 -2.28
N HIS D 256 -17.25 -19.34 -1.08
CA HIS D 256 -18.64 -18.95 -0.95
C HIS D 256 -18.90 -17.55 -1.47
N ALA D 257 -18.04 -16.60 -1.13
CA ALA D 257 -18.22 -15.21 -1.59
C ALA D 257 -18.20 -15.08 -3.10
N PHE D 258 -17.70 -16.08 -3.83
CA PHE D 258 -17.61 -16.03 -5.28
C PHE D 258 -18.66 -16.87 -5.98
N LEU D 259 -19.56 -17.54 -5.24
CA LEU D 259 -20.46 -18.50 -5.86
C LEU D 259 -21.30 -17.85 -6.96
N ASP D 260 -21.72 -16.61 -6.75
CA ASP D 260 -22.61 -15.90 -7.66
C ASP D 260 -21.85 -15.04 -8.68
N ASP D 261 -20.53 -15.21 -8.79
CA ASP D 261 -19.73 -14.55 -9.81
C ASP D 261 -19.52 -15.53 -10.96
N PRO D 262 -20.25 -15.39 -12.07
CA PRO D 262 -20.26 -16.47 -13.07
C PRO D 262 -18.93 -16.68 -13.78
N GLY D 263 -18.11 -15.64 -13.90
CA GLY D 263 -16.83 -15.80 -14.59
C GLY D 263 -15.71 -16.41 -13.75
N VAL D 264 -15.93 -16.59 -12.45
CA VAL D 264 -14.89 -17.06 -11.55
C VAL D 264 -14.92 -18.58 -11.48
N ARG D 265 -13.87 -19.22 -11.97
CA ARG D 265 -13.74 -20.67 -11.83
C ARG D 265 -13.39 -21.03 -10.39
N LEU D 266 -14.01 -22.10 -9.89
CA LEU D 266 -13.74 -22.60 -8.54
C LEU D 266 -13.22 -24.02 -8.68
N VAL D 267 -12.02 -24.27 -8.14
CA VAL D 267 -11.39 -25.58 -8.25
C VAL D 267 -10.92 -26.02 -6.87
N GLY D 268 -11.40 -27.17 -6.42
CA GLY D 268 -10.89 -27.80 -5.22
C GLY D 268 -9.92 -28.91 -5.58
N PHE D 269 -8.84 -29.02 -4.82
CA PHE D 269 -7.82 -30.02 -5.07
C PHE D 269 -7.76 -30.98 -3.89
N GLU D 270 -7.95 -32.26 -4.15
CA GLU D 270 -7.99 -33.27 -3.11
C GLU D 270 -6.75 -34.16 -3.19
N ALA D 271 -6.47 -34.84 -2.08
CA ALA D 271 -5.22 -35.59 -1.95
C ALA D 271 -5.30 -36.90 -2.73
N ALA D 272 -4.37 -37.09 -3.65
CA ALA D 272 -4.31 -38.32 -4.42
C ALA D 272 -3.25 -39.29 -3.91
N GLY D 273 -2.55 -38.96 -2.82
CA GLY D 273 -1.63 -39.90 -2.21
C GLY D 273 -0.56 -40.40 -3.17
N ASP D 274 -0.44 -41.73 -3.26
CA ASP D 274 0.48 -42.36 -4.20
C ASP D 274 -0.03 -42.38 -5.63
N GLY D 275 -1.24 -41.87 -5.88
CA GLY D 275 -1.86 -41.96 -7.18
C GLY D 275 -3.24 -42.55 -7.08
N VAL D 276 -4.21 -42.05 -7.86
CA VAL D 276 -5.60 -42.48 -7.70
C VAL D 276 -5.81 -43.93 -8.11
N GLU D 277 -4.89 -44.50 -8.87
CA GLU D 277 -5.03 -45.88 -9.31
C GLU D 277 -4.35 -46.88 -8.38
N THR D 278 -3.75 -46.42 -7.28
CA THR D 278 -2.97 -47.29 -6.43
C THR D 278 -3.73 -47.80 -5.21
N GLY D 279 -4.93 -47.30 -4.97
CA GLY D 279 -5.62 -47.65 -3.73
C GLY D 279 -5.02 -47.02 -2.50
N ARG D 280 -4.06 -46.11 -2.65
CA ARG D 280 -3.50 -45.34 -1.54
C ARG D 280 -3.67 -43.86 -1.88
N HIS D 281 -4.86 -43.34 -1.60
CA HIS D 281 -5.18 -41.95 -1.91
C HIS D 281 -6.31 -41.51 -0.98
N ALA D 282 -6.71 -40.25 -1.12
CA ALA D 282 -7.84 -39.72 -0.37
C ALA D 282 -8.75 -38.90 -1.29
N ALA D 283 -8.81 -39.26 -2.57
CA ALA D 283 -9.46 -38.47 -3.60
C ALA D 283 -10.94 -38.82 -3.64
N THR D 284 -11.70 -38.20 -2.73
CA THR D 284 -13.10 -38.57 -2.52
C THR D 284 -13.94 -38.38 -3.77
N PHE D 285 -13.85 -37.22 -4.41
CA PHE D 285 -14.69 -36.97 -5.58
C PHE D 285 -14.21 -37.77 -6.79
N THR D 286 -12.89 -37.88 -6.96
CA THR D 286 -12.34 -38.58 -8.12
C THR D 286 -12.74 -40.06 -8.12
N ALA D 287 -12.70 -40.71 -6.96
CA ALA D 287 -12.84 -42.16 -6.89
C ALA D 287 -13.97 -42.65 -6.00
N GLY D 288 -14.65 -41.77 -5.26
CA GLY D 288 -15.70 -42.17 -4.36
C GLY D 288 -17.07 -42.17 -5.02
N SER D 289 -18.10 -42.31 -4.19
CA SER D 289 -19.48 -42.36 -4.66
C SER D 289 -20.38 -41.90 -3.52
N PRO D 290 -21.64 -41.56 -3.82
CA PRO D 290 -22.53 -41.06 -2.77
C PRO D 290 -22.86 -42.11 -1.71
N GLY D 291 -23.09 -41.63 -0.49
CA GLY D 291 -23.38 -42.50 0.64
C GLY D 291 -23.55 -41.68 1.90
N ALA D 292 -24.01 -42.37 2.94
CA ALA D 292 -24.16 -41.76 4.26
C ALA D 292 -22.93 -42.11 5.11
N PHE D 293 -22.33 -41.10 5.72
CA PHE D 293 -21.07 -41.28 6.41
C PHE D 293 -20.84 -40.09 7.33
N HIS D 294 -20.59 -40.36 8.61
CA HIS D 294 -20.31 -39.30 9.57
C HIS D 294 -21.40 -38.24 9.58
N GLY D 295 -22.65 -38.68 9.52
CA GLY D 295 -23.78 -37.82 9.77
C GLY D 295 -24.38 -37.14 8.57
N SER D 296 -23.75 -37.21 7.40
CA SER D 296 -24.28 -36.53 6.23
C SER D 296 -24.33 -37.50 5.05
N PHE D 297 -25.12 -37.12 4.05
CA PHE D 297 -25.13 -37.80 2.77
C PHE D 297 -24.29 -36.98 1.80
N SER D 298 -23.20 -37.58 1.32
CA SER D 298 -22.21 -36.89 0.51
C SER D 298 -21.42 -37.95 -0.25
N TYR D 299 -20.22 -37.60 -0.69
CA TYR D 299 -19.35 -38.59 -1.33
C TYR D 299 -18.42 -39.21 -0.30
N LEU D 300 -18.02 -40.46 -0.57
CA LEU D 300 -16.99 -41.10 0.25
C LEU D 300 -16.37 -42.24 -0.53
N LEU D 301 -15.13 -42.57 -0.15
CA LEU D 301 -14.48 -43.77 -0.65
C LEU D 301 -15.09 -44.98 0.05
N GLN D 302 -15.71 -45.86 -0.74
CA GLN D 302 -16.41 -47.02 -0.19
C GLN D 302 -16.33 -48.17 -1.18
N ASP D 303 -16.35 -49.39 -0.65
CA ASP D 303 -16.33 -50.58 -1.49
C ASP D 303 -17.77 -50.91 -1.94
N GLU D 304 -17.94 -52.05 -2.61
CA GLU D 304 -19.22 -52.40 -3.22
C GLU D 304 -20.32 -52.68 -2.18
N ASP D 305 -19.97 -53.01 -0.94
CA ASP D 305 -20.97 -53.25 0.09
C ASP D 305 -21.28 -52.00 0.90
N GLY D 306 -20.57 -50.89 0.67
CA GLY D 306 -20.74 -49.71 1.47
C GLY D 306 -19.82 -49.61 2.66
N GLN D 307 -18.74 -50.40 2.72
CA GLN D 307 -17.75 -50.26 3.76
C GLN D 307 -16.80 -49.13 3.42
N THR D 308 -16.44 -48.34 4.43
CA THR D 308 -15.51 -47.23 4.22
C THR D 308 -14.14 -47.78 3.84
N ILE D 309 -13.59 -47.27 2.74
CA ILE D 309 -12.22 -47.59 2.35
C ILE D 309 -11.28 -46.61 3.03
N GLU D 310 -10.24 -47.14 3.68
CA GLU D 310 -9.30 -46.28 4.38
C GLU D 310 -8.50 -45.43 3.40
N SER D 311 -8.31 -44.16 3.75
CA SER D 311 -7.59 -43.25 2.88
C SER D 311 -6.10 -43.26 3.22
N HIS D 312 -5.29 -42.69 2.33
CA HIS D 312 -3.87 -42.54 2.56
C HIS D 312 -3.40 -41.25 1.89
N SER D 313 -2.64 -40.44 2.63
CA SER D 313 -2.04 -39.23 2.10
C SER D 313 -0.86 -38.86 2.97
N ILE D 314 0.16 -38.27 2.33
CA ILE D 314 1.28 -37.75 3.12
C ILE D 314 0.83 -36.61 4.00
N SER D 315 -0.29 -35.96 3.66
CA SER D 315 -0.83 -34.84 4.41
C SER D 315 -1.87 -35.35 5.40
N ALA D 316 -1.61 -35.16 6.69
CA ALA D 316 -2.55 -35.63 7.70
C ALA D 316 -3.92 -34.97 7.55
N GLY D 317 -3.95 -33.70 7.17
CA GLY D 317 -5.20 -32.95 7.16
C GLY D 317 -6.14 -33.29 6.02
N LEU D 318 -5.63 -33.90 4.95
CA LEU D 318 -6.45 -34.34 3.83
C LEU D 318 -6.68 -35.84 3.84
N ASP D 319 -6.09 -36.56 4.80
CA ASP D 319 -6.14 -38.02 4.86
C ASP D 319 -7.49 -38.47 5.43
N TYR D 320 -8.54 -38.22 4.63
CA TYR D 320 -9.91 -38.44 5.06
C TYR D 320 -10.71 -38.94 3.86
N PRO D 321 -11.41 -40.07 4.00
CA PRO D 321 -12.14 -40.64 2.85
C PRO D 321 -13.49 -40.00 2.57
N GLY D 322 -13.92 -39.01 3.36
CA GLY D 322 -15.15 -38.31 3.11
C GLY D 322 -14.95 -36.90 2.59
N VAL D 323 -16.07 -36.19 2.47
CA VAL D 323 -16.07 -34.78 2.05
C VAL D 323 -17.42 -34.19 2.42
N GLY D 324 -17.44 -32.88 2.65
CA GLY D 324 -18.63 -32.18 3.09
C GLY D 324 -19.75 -32.12 2.06
N PRO D 325 -21.00 -32.15 2.54
CA PRO D 325 -22.14 -32.26 1.61
C PRO D 325 -22.35 -31.05 0.72
N GLU D 326 -22.05 -29.83 1.20
CA GLU D 326 -22.19 -28.68 0.32
C GLU D 326 -21.28 -28.80 -0.89
N HIS D 327 -20.10 -29.41 -0.73
CA HIS D 327 -19.24 -29.63 -1.89
C HIS D 327 -19.85 -30.65 -2.85
N ALA D 328 -20.46 -31.72 -2.31
CA ALA D 328 -21.15 -32.68 -3.18
C ALA D 328 -22.25 -31.98 -3.97
N TRP D 329 -22.96 -31.05 -3.34
CA TRP D 329 -23.96 -30.30 -4.06
C TRP D 329 -23.33 -29.40 -5.11
N LEU D 330 -22.26 -28.69 -4.76
CA LEU D 330 -21.61 -27.80 -5.71
C LEU D 330 -20.99 -28.56 -6.88
N LYS D 331 -20.51 -29.78 -6.65
CA LYS D 331 -20.01 -30.60 -7.74
C LYS D 331 -21.14 -31.04 -8.66
N GLU D 332 -22.27 -31.48 -8.08
CA GLU D 332 -23.41 -31.89 -8.90
C GLU D 332 -23.91 -30.74 -9.76
N ALA D 333 -23.95 -29.52 -9.19
CA ALA D 333 -24.41 -28.35 -9.91
C ALA D 333 -23.44 -27.90 -10.98
N GLY D 334 -22.22 -28.43 -11.00
CA GLY D 334 -21.23 -27.95 -11.94
C GLY D 334 -20.59 -26.62 -11.58
N ARG D 335 -20.81 -26.13 -10.35
CA ARG D 335 -20.22 -24.85 -9.97
C ARG D 335 -18.75 -24.98 -9.59
N VAL D 336 -18.35 -26.11 -8.99
CA VAL D 336 -16.96 -26.31 -8.60
C VAL D 336 -16.45 -27.60 -9.25
N ASP D 337 -15.21 -27.56 -9.72
CA ASP D 337 -14.51 -28.75 -10.20
C ASP D 337 -13.53 -29.21 -9.12
N TYR D 338 -13.36 -30.53 -9.04
CA TYR D 338 -12.50 -31.14 -8.03
C TYR D 338 -11.50 -32.03 -8.72
N ARG D 339 -10.22 -31.82 -8.43
CA ARG D 339 -9.15 -32.48 -9.14
C ARG D 339 -8.17 -33.10 -8.15
N PRO D 340 -7.52 -34.20 -8.53
CA PRO D 340 -6.55 -34.83 -7.64
C PRO D 340 -5.14 -34.25 -7.77
N ILE D 341 -4.45 -34.22 -6.62
CA ILE D 341 -3.05 -33.84 -6.51
C ILE D 341 -2.34 -34.89 -5.67
N THR D 342 -1.24 -35.43 -6.21
CA THR D 342 -0.53 -36.53 -5.55
C THR D 342 0.45 -36.00 -4.50
N ASP D 343 0.97 -36.95 -3.71
CA ASP D 343 2.02 -36.64 -2.74
C ASP D 343 3.19 -35.92 -3.41
N SER D 344 3.68 -36.46 -4.53
CA SER D 344 4.86 -35.88 -5.17
C SER D 344 4.59 -34.47 -5.68
N GLU D 345 3.43 -34.27 -6.32
CA GLU D 345 3.07 -32.93 -6.78
C GLU D 345 3.02 -31.94 -5.63
N ALA D 346 2.40 -32.34 -4.52
CA ALA D 346 2.31 -31.44 -3.38
C ALA D 346 3.69 -31.10 -2.84
N MET D 347 4.56 -32.10 -2.67
CA MET D 347 5.87 -31.84 -2.10
C MET D 347 6.72 -30.96 -3.02
N ASP D 348 6.62 -31.14 -4.34
CA ASP D 348 7.32 -30.25 -5.25
C ASP D 348 6.89 -28.81 -5.05
N ALA D 349 5.57 -28.57 -5.07
CA ALA D 349 5.07 -27.22 -4.79
C ALA D 349 5.50 -26.73 -3.42
N PHE D 350 5.55 -27.63 -2.44
CA PHE D 350 6.07 -27.27 -1.11
C PHE D 350 7.46 -26.67 -1.23
N GLY D 351 8.40 -27.42 -1.80
CA GLY D 351 9.75 -26.92 -1.95
C GLY D 351 9.81 -25.66 -2.80
N LEU D 352 9.01 -25.62 -3.87
CA LEU D 352 9.02 -24.46 -4.75
C LEU D 352 8.60 -23.20 -4.01
N LEU D 353 7.53 -23.28 -3.21
CA LEU D 353 7.07 -22.12 -2.45
C LEU D 353 8.11 -21.69 -1.42
N CYS D 354 8.85 -22.64 -0.85
CA CYS D 354 9.93 -22.30 0.08
C CYS D 354 10.99 -21.46 -0.61
N ARG D 355 11.47 -21.92 -1.77
CA ARG D 355 12.62 -21.31 -2.44
C ARG D 355 12.24 -20.05 -3.21
N MET D 356 11.01 -19.95 -3.70
CA MET D 356 10.61 -18.80 -4.49
C MET D 356 10.07 -17.66 -3.65
N GLU D 357 9.32 -17.98 -2.59
CA GLU D 357 8.58 -16.97 -1.85
C GLU D 357 8.93 -16.91 -0.37
N GLY D 358 9.79 -17.81 0.12
CA GLY D 358 10.11 -17.79 1.54
C GLY D 358 8.93 -18.11 2.43
N ILE D 359 7.99 -18.91 1.93
CA ILE D 359 6.82 -19.33 2.69
C ILE D 359 6.87 -20.84 2.83
N ILE D 360 6.92 -21.33 4.07
CA ILE D 360 6.84 -22.76 4.34
C ILE D 360 5.37 -23.09 4.58
N PRO D 361 4.70 -23.75 3.64
CA PRO D 361 3.26 -24.01 3.77
C PRO D 361 2.99 -25.32 4.49
N ALA D 362 1.77 -25.43 5.01
CA ALA D 362 1.29 -26.76 5.39
C ALA D 362 1.27 -27.65 4.16
N ILE D 363 1.51 -28.95 4.37
CA ILE D 363 1.45 -29.89 3.26
C ILE D 363 0.05 -29.94 2.66
N GLU D 364 -0.98 -29.74 3.49
CA GLU D 364 -2.34 -29.56 2.95
C GLU D 364 -2.36 -28.46 1.91
N SER D 365 -1.93 -27.25 2.30
CA SER D 365 -2.02 -26.10 1.42
C SER D 365 -1.15 -26.27 0.18
N ALA D 366 -0.05 -27.02 0.30
CA ALA D 366 0.81 -27.28 -0.85
C ALA D 366 0.06 -28.01 -1.97
N HIS D 367 -0.98 -28.78 -1.64
CA HIS D 367 -1.79 -29.38 -2.71
C HIS D 367 -2.48 -28.31 -3.54
N ALA D 368 -2.96 -27.26 -2.88
CA ALA D 368 -3.59 -26.16 -3.59
C ALA D 368 -2.58 -25.39 -4.45
N VAL D 369 -1.40 -25.13 -3.91
CA VAL D 369 -0.37 -24.47 -4.70
C VAL D 369 -0.02 -25.32 -5.90
N ALA D 370 0.13 -26.63 -5.71
CA ALA D 370 0.47 -27.52 -6.83
C ALA D 370 -0.58 -27.43 -7.92
N GLY D 371 -1.86 -27.49 -7.54
CA GLY D 371 -2.92 -27.38 -8.53
C GLY D 371 -2.99 -26.01 -9.16
N ALA D 372 -2.70 -24.96 -8.40
CA ALA D 372 -2.68 -23.62 -8.96
C ALA D 372 -1.60 -23.48 -10.03
N LEU D 373 -0.44 -24.11 -9.80
CA LEU D 373 0.59 -24.11 -10.83
C LEU D 373 0.09 -24.76 -12.11
N LYS D 374 -0.61 -25.89 -12.00
CA LYS D 374 -1.13 -26.53 -13.19
C LYS D 374 -2.21 -25.68 -13.85
N LEU D 375 -3.06 -25.06 -13.03
CA LEU D 375 -4.12 -24.21 -13.57
C LEU D 375 -3.56 -22.97 -14.25
N GLY D 376 -2.46 -22.43 -13.73
CA GLY D 376 -1.82 -21.31 -14.38
C GLY D 376 -1.34 -21.64 -15.79
N VAL D 377 -0.77 -22.83 -15.96
CA VAL D 377 -0.38 -23.29 -17.30
C VAL D 377 -1.61 -23.38 -18.20
N GLU D 378 -2.72 -23.88 -17.66
N GLU D 378 -2.73 -23.85 -17.65
CA GLU D 378 -3.95 -24.01 -18.45
CA GLU D 378 -3.94 -24.02 -18.44
C GLU D 378 -4.51 -22.66 -18.83
C GLU D 378 -4.57 -22.68 -18.81
N LEU D 379 -4.57 -21.72 -17.88
CA LEU D 379 -5.20 -20.43 -18.13
C LEU D 379 -4.29 -19.43 -18.84
N GLY D 380 -2.98 -19.54 -18.68
CA GLY D 380 -2.06 -18.72 -19.45
C GLY D 380 -1.66 -17.41 -18.79
N ARG D 381 -0.86 -16.66 -19.54
CA ARG D 381 -0.25 -15.43 -19.07
C ARG D 381 -1.30 -14.41 -18.63
N GLY D 382 -1.07 -13.78 -17.49
CA GLY D 382 -1.94 -12.73 -17.00
C GLY D 382 -3.20 -13.18 -16.29
N ALA D 383 -3.51 -14.47 -16.29
CA ALA D 383 -4.67 -14.95 -15.55
C ALA D 383 -4.46 -14.76 -14.05
N VAL D 384 -5.52 -14.37 -13.37
CA VAL D 384 -5.48 -14.10 -11.94
C VAL D 384 -6.09 -15.28 -11.21
N ILE D 385 -5.30 -15.91 -10.35
CA ILE D 385 -5.69 -17.12 -9.63
C ILE D 385 -5.46 -16.89 -8.14
N VAL D 386 -6.54 -16.92 -7.36
CA VAL D 386 -6.45 -16.79 -5.91
C VAL D 386 -6.35 -18.17 -5.29
N VAL D 387 -5.35 -18.36 -4.43
CA VAL D 387 -5.08 -19.64 -3.78
C VAL D 387 -5.23 -19.44 -2.29
N ASN D 388 -6.00 -20.32 -1.64
CA ASN D 388 -6.13 -20.28 -0.20
C ASN D 388 -4.93 -20.99 0.40
N LEU D 389 -4.01 -20.23 1.00
CA LEU D 389 -2.88 -20.82 1.72
C LEU D 389 -3.35 -21.11 3.14
N SER D 390 -3.89 -22.32 3.33
CA SER D 390 -4.69 -22.59 4.53
C SER D 390 -3.85 -22.63 5.82
N GLY D 391 -2.60 -23.08 5.75
CA GLY D 391 -1.80 -23.12 6.96
C GLY D 391 -0.32 -23.07 6.68
N ARG D 392 0.45 -22.79 7.73
CA ARG D 392 1.90 -22.80 7.65
C ARG D 392 2.42 -24.18 8.06
N GLY D 393 3.69 -24.43 7.71
CA GLY D 393 4.19 -25.80 7.72
C GLY D 393 5.14 -26.20 8.84
N ASP D 394 5.15 -25.44 9.94
CA ASP D 394 6.01 -25.82 11.07
C ASP D 394 5.76 -27.27 11.50
N LYS D 395 4.50 -27.70 11.51
CA LYS D 395 4.17 -29.07 11.86
C LYS D 395 4.75 -30.10 10.88
N ASP D 396 5.03 -29.68 9.64
CA ASP D 396 5.45 -30.57 8.57
C ASP D 396 6.94 -30.51 8.29
N VAL D 397 7.68 -29.73 9.06
CA VAL D 397 9.08 -29.47 8.74
C VAL D 397 9.91 -30.75 8.77
N GLU D 398 9.66 -31.62 9.75
CA GLU D 398 10.36 -32.89 9.81
C GLU D 398 10.06 -33.75 8.58
N THR D 399 8.77 -33.91 8.26
CA THR D 399 8.42 -34.70 7.07
C THR D 399 9.09 -34.14 5.82
N ALA D 400 9.04 -32.82 5.65
CA ALA D 400 9.56 -32.21 4.43
C ALA D 400 11.08 -32.30 4.35
N ALA D 401 11.78 -32.07 5.47
CA ALA D 401 13.23 -32.21 5.47
C ALA D 401 13.65 -33.64 5.11
N LYS D 402 12.94 -34.63 5.65
CA LYS D 402 13.20 -36.01 5.30
C LYS D 402 12.95 -36.26 3.81
N TRP D 403 11.89 -35.65 3.27
CA TRP D 403 11.56 -35.83 1.86
C TRP D 403 12.65 -35.28 0.96
N PHE D 404 13.25 -34.14 1.33
CA PHE D 404 14.27 -33.48 0.52
C PHE D 404 15.70 -33.83 0.94
N GLY D 405 15.87 -34.75 1.89
CA GLY D 405 17.22 -35.13 2.29
C GLY D 405 17.96 -34.09 3.09
N LEU D 406 17.26 -33.35 3.94
CA LEU D 406 17.87 -32.27 4.71
C LEU D 406 17.94 -32.60 6.20
N LEU D 407 18.45 -33.79 6.54
CA LEU D 407 18.54 -34.20 7.94
C LEU D 407 19.98 -34.38 8.38
N ALA E 9 47.45 29.65 -52.08
CA ALA E 9 46.91 30.73 -52.90
C ALA E 9 45.39 30.64 -52.99
N SER E 10 44.70 31.62 -52.41
CA SER E 10 43.25 31.63 -52.40
C SER E 10 42.69 32.11 -53.73
N ARG E 11 41.42 31.77 -53.97
CA ARG E 11 40.76 32.20 -55.21
C ARG E 11 40.44 33.69 -55.18
N LEU E 12 40.21 34.27 -54.01
CA LEU E 12 39.87 35.68 -53.89
C LEU E 12 41.07 36.56 -53.57
N GLY E 13 42.24 35.96 -53.35
CA GLY E 13 43.46 36.70 -53.10
C GLY E 13 43.75 37.78 -54.14
N PRO E 14 43.80 37.39 -55.42
CA PRO E 14 44.02 38.39 -56.47
C PRO E 14 43.03 39.54 -56.47
N VAL E 15 41.81 39.32 -55.99
CA VAL E 15 40.84 40.41 -55.94
C VAL E 15 41.24 41.43 -54.89
N PHE E 16 41.67 40.96 -53.71
CA PHE E 16 42.05 41.89 -52.66
C PHE E 16 43.38 42.57 -52.97
N ASP E 17 44.28 41.87 -53.68
CA ASP E 17 45.54 42.49 -54.07
C ASP E 17 45.32 43.66 -55.01
N SER E 18 44.41 43.51 -55.98
CA SER E 18 44.12 44.60 -56.91
C SER E 18 43.50 45.79 -56.19
N CYS E 19 42.80 45.57 -55.07
CA CYS E 19 42.26 46.69 -54.30
C CYS E 19 43.36 47.39 -53.51
N ARG E 20 44.43 46.67 -53.17
CA ARG E 20 45.56 47.29 -52.49
C ARG E 20 46.29 48.26 -53.40
N ALA E 21 46.64 47.81 -54.61
CA ALA E 21 47.38 48.65 -55.54
C ALA E 21 46.60 49.91 -55.90
N ASN E 22 45.28 49.86 -55.84
CA ASN E 22 44.44 51.03 -56.06
C ASN E 22 44.11 51.76 -54.77
N ASN E 23 44.70 51.36 -53.65
CA ASN E 23 44.50 52.00 -52.36
C ASN E 23 43.00 52.13 -52.05
N ARG E 24 42.34 50.97 -51.98
CA ARG E 24 40.92 50.93 -51.72
C ARG E 24 40.56 49.58 -51.12
N ALA E 25 39.35 49.53 -50.55
CA ALA E 25 38.78 48.32 -50.01
C ALA E 25 37.83 47.70 -51.04
N ALA E 26 37.66 46.39 -50.93
CA ALA E 26 36.74 45.70 -51.83
C ALA E 26 35.29 46.01 -51.44
N LEU E 27 34.45 46.20 -52.46
CA LEU E 27 33.02 46.38 -52.23
C LEU E 27 32.36 45.02 -52.41
N ILE E 28 31.99 44.38 -51.30
CA ILE E 28 31.39 43.06 -51.29
C ILE E 28 29.88 43.25 -51.14
N GLY E 29 29.13 42.90 -52.19
CA GLY E 29 27.69 43.05 -52.21
C GLY E 29 26.98 41.73 -52.08
N TYR E 30 25.82 41.76 -51.43
CA TYR E 30 24.99 40.59 -51.20
C TYR E 30 23.62 40.80 -51.81
N LEU E 31 23.10 39.75 -52.47
CA LEU E 31 21.73 39.76 -52.95
C LEU E 31 21.19 38.35 -52.86
N PRO E 32 19.94 38.17 -52.44
CA PRO E 32 19.36 36.83 -52.38
C PRO E 32 18.76 36.40 -53.72
N THR E 33 19.06 35.15 -54.07
CA THR E 33 18.53 34.58 -55.31
C THR E 33 17.02 34.55 -55.29
N GLY E 34 16.40 35.02 -56.37
CA GLY E 34 14.97 34.89 -56.54
C GLY E 34 14.14 36.00 -55.93
N TYR E 35 14.74 37.12 -55.58
CA TYR E 35 13.99 38.28 -55.11
C TYR E 35 14.12 39.43 -56.09
N PRO E 36 13.01 40.02 -56.55
CA PRO E 36 11.63 39.63 -56.22
C PRO E 36 11.18 38.38 -56.98
N ASP E 37 11.93 38.02 -58.01
CA ASP E 37 11.77 36.74 -58.69
C ASP E 37 13.15 36.33 -59.19
N VAL E 38 13.24 35.12 -59.74
CA VAL E 38 14.54 34.60 -60.18
C VAL E 38 15.18 35.46 -61.26
N PRO E 39 14.53 35.72 -62.41
CA PRO E 39 15.22 36.48 -63.46
C PRO E 39 15.50 37.93 -63.07
N ALA E 40 14.55 38.57 -62.38
CA ALA E 40 14.79 39.94 -61.93
C ALA E 40 15.95 40.03 -60.96
N SER E 41 16.18 38.97 -60.17
CA SER E 41 17.30 38.96 -59.25
C SER E 41 18.62 38.81 -60.00
N VAL E 42 18.62 38.10 -61.12
CA VAL E 42 19.82 38.02 -61.95
C VAL E 42 20.09 39.38 -62.61
N ALA E 43 19.04 40.10 -62.97
CA ALA E 43 19.22 41.44 -63.51
C ALA E 43 19.85 42.35 -62.47
N ALA E 44 19.42 42.25 -61.21
CA ALA E 44 19.98 43.07 -60.15
C ALA E 44 21.42 42.67 -59.83
N MET E 45 21.71 41.37 -59.83
CA MET E 45 23.07 40.93 -59.56
C MET E 45 24.01 41.33 -60.69
N THR E 46 23.53 41.26 -61.92
CA THR E 46 24.31 41.78 -63.05
C THR E 46 24.59 43.26 -62.86
N ALA E 47 23.58 44.02 -62.45
CA ALA E 47 23.75 45.45 -62.23
C ALA E 47 24.82 45.72 -61.17
N LEU E 48 24.94 44.86 -60.16
CA LEU E 48 25.95 45.06 -59.14
C LEU E 48 27.35 45.00 -59.73
N VAL E 49 27.60 44.04 -60.62
CA VAL E 49 28.91 43.96 -61.27
C VAL E 49 29.18 45.21 -62.09
N GLU E 50 28.14 45.70 -62.79
CA GLU E 50 28.29 46.90 -63.62
C GLU E 50 28.48 48.15 -62.76
N SER E 51 27.78 48.24 -61.64
CA SER E 51 27.86 49.41 -60.77
C SER E 51 29.09 49.41 -59.87
N GLY E 52 29.97 48.44 -60.01
CA GLY E 52 31.26 48.48 -59.35
C GLY E 52 31.48 47.55 -58.15
N CYS E 53 30.68 46.49 -58.00
CA CYS E 53 30.92 45.53 -56.94
C CYS E 53 32.10 44.65 -57.29
N ASP E 54 33.02 44.49 -56.33
CA ASP E 54 34.22 43.68 -56.59
C ASP E 54 33.94 42.20 -56.37
N ILE E 55 33.14 41.87 -55.37
CA ILE E 55 32.74 40.50 -55.08
C ILE E 55 31.24 40.49 -54.83
N ILE E 56 30.55 39.50 -55.42
CA ILE E 56 29.11 39.34 -55.24
C ILE E 56 28.85 38.18 -54.29
N GLU E 57 28.09 38.44 -53.24
CA GLU E 57 27.61 37.37 -52.35
C GLU E 57 26.23 36.93 -52.81
N VAL E 58 26.16 35.72 -53.36
CA VAL E 58 24.88 35.16 -53.79
C VAL E 58 24.30 34.37 -52.63
N GLY E 59 23.16 34.82 -52.11
CA GLY E 59 22.54 34.20 -50.95
C GLY E 59 21.49 33.16 -51.34
N VAL E 60 21.50 32.06 -50.60
CA VAL E 60 20.54 30.98 -50.80
C VAL E 60 19.39 31.20 -49.83
N PRO E 61 18.18 31.52 -50.30
CA PRO E 61 17.07 31.73 -49.36
C PRO E 61 16.79 30.47 -48.55
N TYR E 62 16.50 30.67 -47.27
CA TYR E 62 16.31 29.59 -46.32
C TYR E 62 15.06 29.86 -45.50
N SER E 63 14.39 28.77 -45.11
CA SER E 63 13.07 28.88 -44.48
C SER E 63 13.15 29.38 -43.05
N ASP E 64 14.28 29.21 -42.37
CA ASP E 64 14.44 29.62 -40.98
C ASP E 64 15.78 30.33 -40.81
N PRO E 65 15.93 31.54 -41.38
CA PRO E 65 17.20 32.28 -41.36
C PRO E 65 17.40 33.08 -40.07
N GLY E 66 17.83 32.38 -39.02
CA GLY E 66 17.85 32.98 -37.70
C GLY E 66 18.83 34.12 -37.53
N MET E 67 19.88 34.15 -38.35
N MET E 67 19.88 34.15 -38.35
CA MET E 67 20.91 35.18 -38.24
CA MET E 67 20.90 35.18 -38.23
C MET E 67 20.69 36.37 -39.16
C MET E 67 20.60 36.44 -39.05
N ASP E 68 19.59 36.39 -39.91
CA ASP E 68 19.31 37.48 -40.83
C ASP E 68 18.36 38.52 -40.24
N GLY E 69 18.58 39.78 -40.60
CA GLY E 69 17.70 40.85 -40.23
C GLY E 69 16.38 40.81 -40.98
N PRO E 70 15.42 41.64 -40.57
CA PRO E 70 14.09 41.57 -41.19
C PRO E 70 14.08 41.87 -42.68
N THR E 71 14.99 42.71 -43.17
CA THR E 71 14.97 43.06 -44.59
C THR E 71 15.35 41.87 -45.46
N ILE E 72 16.42 41.17 -45.08
CA ILE E 72 16.84 39.98 -45.83
C ILE E 72 15.89 38.82 -45.56
N ALA E 73 15.43 38.69 -44.31
CA ALA E 73 14.52 37.60 -43.97
C ALA E 73 13.20 37.71 -44.73
N ARG E 74 12.67 38.92 -44.88
CA ARG E 74 11.41 39.09 -45.61
C ARG E 74 11.58 38.92 -47.11
N ALA E 75 12.72 39.33 -47.65
CA ALA E 75 12.98 39.13 -49.07
C ALA E 75 13.15 37.64 -49.39
N THR E 76 13.87 36.91 -48.54
CA THR E 76 14.03 35.48 -48.78
C THR E 76 12.70 34.74 -48.62
N GLU E 77 11.86 35.14 -47.67
CA GLU E 77 10.52 34.57 -47.58
C GLU E 77 9.76 34.77 -48.88
N ALA E 78 9.86 35.97 -49.46
CA ALA E 78 9.18 36.26 -50.71
C ALA E 78 9.78 35.49 -51.88
N ALA E 79 11.11 35.31 -51.87
CA ALA E 79 11.74 34.48 -52.89
C ALA E 79 11.28 33.04 -52.79
N LEU E 80 11.18 32.52 -51.56
CA LEU E 80 10.73 31.15 -51.39
C LEU E 80 9.26 30.98 -51.77
N ARG E 81 8.42 31.98 -51.53
CA ARG E 81 7.05 31.90 -52.02
C ARG E 81 7.01 31.88 -53.55
N GLY E 82 7.96 32.55 -54.20
CA GLY E 82 8.09 32.50 -55.64
C GLY E 82 8.63 31.21 -56.19
N GLY E 83 8.97 30.25 -55.32
CA GLY E 83 9.45 28.96 -55.76
C GLY E 83 10.93 28.90 -56.07
N VAL E 84 11.74 29.76 -55.47
CA VAL E 84 13.18 29.74 -55.75
C VAL E 84 13.75 28.38 -55.33
N ARG E 85 14.70 27.88 -56.11
CA ARG E 85 15.38 26.64 -55.80
C ARG E 85 16.86 26.91 -55.58
N VAL E 86 17.52 25.97 -54.91
CA VAL E 86 18.96 26.06 -54.70
C VAL E 86 19.69 26.05 -56.04
N ARG E 87 19.18 25.32 -57.03
CA ARG E 87 19.83 25.32 -58.33
C ARG E 87 19.79 26.70 -58.98
N ASP E 88 18.79 27.52 -58.65
CA ASP E 88 18.75 28.88 -59.17
C ASP E 88 19.94 29.70 -58.68
N THR E 89 20.43 29.42 -57.46
CA THR E 89 21.64 30.07 -56.98
C THR E 89 22.83 29.74 -57.85
N LEU E 90 22.99 28.46 -58.21
CA LEU E 90 24.06 28.08 -59.12
C LEU E 90 23.88 28.68 -60.50
N ALA E 91 22.63 28.90 -60.93
CA ALA E 91 22.40 29.55 -62.21
C ALA E 91 22.79 31.02 -62.16
N ALA E 92 22.54 31.68 -61.03
CA ALA E 92 22.94 33.08 -60.90
C ALA E 92 24.46 33.20 -60.85
N VAL E 93 25.14 32.23 -60.25
CA VAL E 93 26.59 32.27 -60.19
C VAL E 93 27.18 32.21 -61.59
N GLU E 94 26.61 31.36 -62.45
CA GLU E 94 27.07 31.27 -63.83
C GLU E 94 26.83 32.58 -64.59
N ALA E 95 25.65 33.19 -64.41
CA ALA E 95 25.39 34.45 -65.09
C ALA E 95 26.31 35.56 -64.60
N ILE E 96 26.65 35.56 -63.31
CA ILE E 96 27.55 36.58 -62.78
C ILE E 96 28.96 36.36 -63.31
N SER E 97 29.38 35.10 -63.45
CA SER E 97 30.73 34.82 -63.94
C SER E 97 30.89 35.26 -65.39
N ILE E 98 29.96 34.86 -66.26
CA ILE E 98 30.03 35.25 -67.66
C ILE E 98 29.78 36.73 -67.90
N ALA E 99 29.43 37.49 -66.87
CA ALA E 99 29.40 38.94 -66.97
C ALA E 99 30.62 39.60 -66.38
N GLY E 100 31.70 38.84 -66.14
CA GLY E 100 32.92 39.38 -65.60
C GLY E 100 32.96 39.52 -64.09
N GLY E 101 31.90 39.15 -63.37
CA GLY E 101 31.87 39.33 -61.93
C GLY E 101 32.56 38.21 -61.17
N ARG E 102 32.83 38.49 -59.89
CA ARG E 102 33.37 37.50 -58.95
C ARG E 102 32.28 37.18 -57.93
N ALA E 103 31.86 35.91 -57.87
CA ALA E 103 30.73 35.51 -57.06
C ALA E 103 31.13 34.44 -56.04
N VAL E 104 30.72 34.67 -54.79
CA VAL E 104 30.70 33.64 -53.76
C VAL E 104 29.26 33.38 -53.37
N VAL E 105 29.04 32.32 -52.61
CA VAL E 105 27.71 31.91 -52.18
C VAL E 105 27.66 31.97 -50.66
N MET E 106 26.62 32.61 -50.14
CA MET E 106 26.36 32.64 -48.70
C MET E 106 25.11 31.82 -48.42
N THR E 107 25.26 30.79 -47.59
CA THR E 107 24.15 29.89 -47.33
C THR E 107 24.28 29.31 -45.93
N TYR E 108 23.12 29.05 -45.33
CA TYR E 108 23.06 28.17 -44.19
C TYR E 108 23.43 26.75 -44.60
N TRP E 109 23.80 25.94 -43.63
CA TRP E 109 24.47 24.68 -43.97
C TRP E 109 23.49 23.56 -44.31
N ASN E 110 22.24 23.64 -43.88
CA ASN E 110 21.34 22.51 -44.13
C ASN E 110 21.05 22.34 -45.62
N PRO E 111 20.78 23.40 -46.39
CA PRO E 111 20.67 23.22 -47.84
C PRO E 111 21.90 22.58 -48.46
N VAL E 112 23.09 22.86 -47.94
CA VAL E 112 24.30 22.22 -48.45
C VAL E 112 24.29 20.74 -48.11
N LEU E 113 23.91 20.40 -46.88
CA LEU E 113 23.83 18.98 -46.50
C LEU E 113 22.83 18.23 -47.37
N ARG E 114 21.67 18.85 -47.64
CA ARG E 114 20.66 18.17 -48.44
C ARG E 114 21.16 17.91 -49.84
N TYR E 115 21.79 18.92 -50.45
CA TYR E 115 22.37 18.78 -51.78
C TYR E 115 23.49 17.74 -51.79
N GLY E 116 24.19 17.58 -50.68
CA GLY E 116 25.43 16.83 -50.65
C GLY E 116 26.59 17.79 -50.70
N VAL E 117 27.44 17.80 -49.67
CA VAL E 117 28.49 18.81 -49.55
C VAL E 117 29.45 18.72 -50.74
N ASP E 118 29.96 17.53 -51.01
CA ASP E 118 30.91 17.37 -52.11
C ASP E 118 30.28 17.73 -53.45
N ALA E 119 29.05 17.25 -53.67
CA ALA E 119 28.36 17.54 -54.94
C ALA E 119 28.06 19.03 -55.08
N PHE E 120 27.83 19.72 -53.96
CA PHE E 120 27.56 21.15 -54.05
C PHE E 120 28.84 21.94 -54.27
N ALA E 121 29.94 21.52 -53.65
CA ALA E 121 31.22 22.17 -53.93
C ALA E 121 31.62 22.00 -55.39
N ARG E 122 31.34 20.83 -55.97
CA ARG E 122 31.69 20.59 -57.36
C ARG E 122 30.86 21.46 -58.30
N ASP E 123 29.53 21.43 -58.15
CA ASP E 123 28.68 22.19 -59.05
C ASP E 123 28.88 23.70 -58.88
N LEU E 124 29.30 24.14 -57.69
CA LEU E 124 29.60 25.56 -57.52
C LEU E 124 30.89 25.94 -58.22
N ALA E 125 31.88 25.06 -58.20
CA ALA E 125 33.10 25.31 -58.96
C ALA E 125 32.81 25.35 -60.46
N ALA E 126 32.01 24.40 -60.95
CA ALA E 126 31.69 24.35 -62.37
C ALA E 126 30.84 25.54 -62.82
N ALA E 127 30.12 26.18 -61.89
CA ALA E 127 29.32 27.36 -62.24
C ALA E 127 30.14 28.65 -62.20
N GLY E 128 31.43 28.57 -61.87
CA GLY E 128 32.26 29.74 -61.73
C GLY E 128 32.33 30.29 -60.32
N GLY E 129 31.79 29.57 -59.33
CA GLY E 129 31.83 30.07 -57.97
C GLY E 129 33.23 30.01 -57.39
N LEU E 130 33.53 30.99 -56.53
CA LEU E 130 34.86 31.16 -55.99
C LEU E 130 34.98 30.76 -54.52
N GLY E 131 33.90 30.85 -53.75
CA GLY E 131 33.98 30.51 -52.35
C GLY E 131 32.60 30.30 -51.76
N LEU E 132 32.59 30.00 -50.46
CA LEU E 132 31.37 29.75 -49.72
C LEU E 132 31.45 30.46 -48.38
N ILE E 133 30.43 31.26 -48.07
CA ILE E 133 30.29 31.88 -46.76
C ILE E 133 29.31 31.04 -45.95
N THR E 134 29.73 30.61 -44.77
CA THR E 134 28.99 29.64 -43.96
C THR E 134 28.65 30.23 -42.60
N PRO E 135 27.57 31.01 -42.50
CA PRO E 135 27.27 31.68 -41.22
C PRO E 135 26.91 30.74 -40.07
N ASP E 136 26.40 29.53 -40.32
CA ASP E 136 26.08 28.62 -39.22
C ASP E 136 26.91 27.35 -39.25
N LEU E 137 28.08 27.40 -39.90
CA LEU E 137 29.03 26.29 -39.88
C LEU E 137 30.32 26.79 -39.22
N ILE E 138 30.61 26.29 -38.03
CA ILE E 138 31.87 26.57 -37.35
C ILE E 138 32.89 25.51 -37.74
N PRO E 139 34.20 25.76 -37.59
CA PRO E 139 35.18 24.76 -37.99
C PRO E 139 35.06 23.44 -37.24
N ASP E 140 34.47 23.45 -36.05
CA ASP E 140 34.29 22.21 -35.27
C ASP E 140 33.46 21.18 -36.03
N GLU E 141 32.59 21.62 -36.94
CA GLU E 141 31.70 20.72 -37.65
C GLU E 141 31.99 20.67 -39.14
N ALA E 142 33.10 21.27 -39.59
CA ALA E 142 33.31 21.52 -41.01
C ALA E 142 34.25 20.51 -41.66
N GLN E 143 34.26 19.26 -41.16
CA GLN E 143 35.14 18.24 -41.73
C GLN E 143 34.89 18.05 -43.22
N GLN E 144 33.66 17.69 -43.58
CA GLN E 144 33.34 17.45 -44.99
C GLN E 144 33.58 18.69 -45.84
N TRP E 145 33.37 19.87 -45.27
CA TRP E 145 33.54 21.10 -46.05
C TRP E 145 35.00 21.41 -46.31
N LEU E 146 35.89 21.11 -45.34
CA LEU E 146 37.31 21.30 -45.57
C LEU E 146 37.80 20.44 -46.74
N ALA E 147 37.44 19.15 -46.74
CA ALA E 147 37.84 18.29 -47.84
C ALA E 147 37.23 18.75 -49.16
N ALA E 148 36.00 19.26 -49.12
CA ALA E 148 35.35 19.69 -50.35
C ALA E 148 35.93 21.00 -50.87
N SER E 149 36.35 21.91 -49.98
CA SER E 149 36.94 23.15 -50.45
C SER E 149 38.33 22.92 -51.04
N GLU E 150 39.07 21.94 -50.53
CA GLU E 150 40.41 21.66 -51.07
C GLU E 150 40.32 20.99 -52.43
N GLU E 151 39.51 19.93 -52.55
CA GLU E 151 39.45 19.17 -53.79
C GLU E 151 38.91 20.01 -54.93
N HIS E 152 37.98 20.92 -54.66
CA HIS E 152 37.37 21.73 -55.70
C HIS E 152 37.89 23.16 -55.69
N ARG E 153 38.91 23.45 -54.89
CA ARG E 153 39.63 24.73 -54.91
C ARG E 153 38.67 25.90 -54.71
N LEU E 154 37.91 25.83 -53.63
CA LEU E 154 36.97 26.87 -53.24
C LEU E 154 37.44 27.52 -51.95
N ASP E 155 37.18 28.83 -51.83
CA ASP E 155 37.50 29.55 -50.62
C ASP E 155 36.46 29.28 -49.54
N ARG E 156 36.91 29.23 -48.29
CA ARG E 156 36.03 28.98 -47.15
C ARG E 156 36.09 30.18 -46.21
N ILE E 157 35.01 30.96 -46.19
CA ILE E 157 34.91 32.18 -45.42
C ILE E 157 34.09 31.87 -44.18
N PHE E 158 34.76 31.73 -43.04
CA PHE E 158 34.08 31.60 -41.76
C PHE E 158 33.83 32.97 -41.15
N LEU E 159 33.02 32.99 -40.10
CA LEU E 159 32.64 34.22 -39.41
C LEU E 159 33.27 34.26 -38.03
N VAL E 160 33.70 35.45 -37.63
CA VAL E 160 34.13 35.72 -36.26
C VAL E 160 33.20 36.79 -35.70
N ALA E 161 33.06 36.81 -34.38
CA ALA E 161 32.17 37.74 -33.71
C ALA E 161 32.95 38.51 -32.67
N PRO E 162 32.44 39.65 -32.20
CA PRO E 162 33.12 40.34 -31.10
C PRO E 162 33.25 39.50 -29.85
N SER E 163 32.35 38.53 -29.64
CA SER E 163 32.36 37.69 -28.46
C SER E 163 33.25 36.46 -28.60
N SER E 164 33.94 36.32 -29.73
CA SER E 164 34.80 35.16 -29.95
C SER E 164 35.96 35.15 -28.96
N THR E 165 36.16 34.01 -28.29
CA THR E 165 37.31 33.85 -27.43
C THR E 165 38.58 33.88 -28.27
N PRO E 166 39.73 34.22 -27.66
CA PRO E 166 40.98 34.23 -28.44
C PRO E 166 41.31 32.89 -29.09
N GLU E 167 41.07 31.78 -28.38
CA GLU E 167 41.34 30.47 -28.94
C GLU E 167 40.39 30.16 -30.10
N ARG E 168 39.12 30.52 -29.97
CA ARG E 168 38.18 30.26 -31.05
C ARG E 168 38.41 31.21 -32.23
N LEU E 169 38.74 32.47 -31.94
CA LEU E 169 39.06 33.40 -33.02
C LEU E 169 40.27 32.92 -33.80
N ALA E 170 41.31 32.47 -33.10
CA ALA E 170 42.50 31.97 -33.76
C ALA E 170 42.18 30.77 -34.62
N ALA E 171 41.45 29.79 -34.08
CA ALA E 171 41.15 28.58 -34.83
C ALA E 171 40.26 28.87 -36.03
N THR E 172 39.40 29.88 -35.93
CA THR E 172 38.51 30.20 -37.04
C THR E 172 39.26 30.90 -38.18
N VAL E 173 40.20 31.78 -37.84
CA VAL E 173 41.00 32.44 -38.87
C VAL E 173 41.86 31.43 -39.61
N GLU E 174 42.45 30.47 -38.88
CA GLU E 174 43.27 29.43 -39.51
C GLU E 174 42.47 28.62 -40.51
N ALA E 175 41.19 28.38 -40.23
CA ALA E 175 40.38 27.55 -41.12
C ALA E 175 39.83 28.31 -42.31
N SER E 176 40.01 29.63 -42.36
CA SER E 176 39.45 30.45 -43.43
C SER E 176 40.44 30.62 -44.57
N ARG E 177 39.93 30.59 -45.80
CA ARG E 177 40.67 30.95 -47.00
C ARG E 177 39.87 32.00 -47.76
N GLY E 178 40.58 32.93 -48.39
CA GLY E 178 39.92 34.05 -49.05
C GLY E 178 39.85 35.27 -48.16
N PHE E 179 38.83 35.34 -47.30
CA PHE E 179 38.78 36.36 -46.27
C PHE E 179 38.00 35.84 -45.07
N VAL E 180 37.98 36.65 -44.01
CA VAL E 180 37.24 36.33 -42.79
C VAL E 180 36.13 37.36 -42.65
N TYR E 181 34.92 36.88 -42.34
CA TYR E 181 33.74 37.73 -42.25
C TYR E 181 33.62 38.21 -40.81
N ALA E 182 34.11 39.41 -40.54
CA ALA E 182 34.01 40.01 -39.21
C ALA E 182 32.62 40.61 -39.07
N ALA E 183 31.72 39.89 -38.39
CA ALA E 183 30.33 40.29 -38.27
C ALA E 183 30.13 41.05 -36.96
N SER E 184 29.49 42.21 -37.05
CA SER E 184 29.23 43.00 -35.85
C SER E 184 27.91 43.77 -35.95
N GLN E 197 33.86 51.19 -33.08
CA GLN E 197 34.35 50.65 -31.81
C GLN E 197 34.63 49.15 -31.88
N ALA E 198 33.57 48.34 -31.99
CA ALA E 198 33.71 46.88 -31.94
C ALA E 198 34.23 46.33 -33.26
N ALA E 199 33.82 46.91 -34.39
CA ALA E 199 34.29 46.43 -35.68
C ALA E 199 35.79 46.60 -35.88
N PRO E 200 36.39 47.78 -35.66
CA PRO E 200 37.85 47.85 -35.80
C PRO E 200 38.58 47.00 -34.78
N GLU E 201 38.07 46.88 -33.55
CA GLU E 201 38.74 46.05 -32.55
C GLU E 201 38.74 44.57 -32.96
N LEU E 202 37.65 44.11 -33.57
CA LEU E 202 37.60 42.73 -34.03
C LEU E 202 38.59 42.49 -35.17
N VAL E 203 38.68 43.44 -36.10
CA VAL E 203 39.63 43.30 -37.20
C VAL E 203 41.05 43.24 -36.67
N GLY E 204 41.36 44.07 -35.67
CA GLY E 204 42.69 44.06 -35.09
C GLY E 204 43.05 42.70 -34.49
N ARG E 205 42.09 42.05 -33.84
CA ARG E 205 42.33 40.73 -33.29
C ARG E 205 42.66 39.72 -34.37
N VAL E 206 42.06 39.88 -35.56
CA VAL E 206 42.41 39.01 -36.67
C VAL E 206 43.78 39.36 -37.22
N LYS E 207 44.06 40.64 -37.41
CA LYS E 207 45.35 41.07 -37.94
C LYS E 207 46.50 40.61 -37.06
N ALA E 208 46.28 40.52 -35.75
CA ALA E 208 47.31 40.11 -34.82
C ALA E 208 47.68 38.64 -34.95
N VAL E 209 46.87 37.84 -35.63
CA VAL E 209 47.18 36.42 -35.79
C VAL E 209 47.36 36.00 -37.24
N SER E 210 46.93 36.80 -38.22
CA SER E 210 47.05 36.39 -39.62
C SER E 210 46.97 37.62 -40.50
N ASP E 211 47.31 37.41 -41.78
CA ASP E 211 47.26 38.45 -42.78
C ASP E 211 46.12 38.26 -43.76
N ILE E 212 45.20 37.34 -43.47
CA ILE E 212 44.08 37.08 -44.37
C ILE E 212 43.20 38.32 -44.47
N PRO E 213 42.66 38.66 -45.63
CA PRO E 213 41.76 39.81 -45.72
C PRO E 213 40.56 39.64 -44.79
N VAL E 214 40.03 40.77 -44.34
CA VAL E 214 38.93 40.81 -43.39
C VAL E 214 37.82 41.67 -43.99
N GLY E 215 36.63 41.10 -44.13
CA GLY E 215 35.44 41.83 -44.52
C GLY E 215 34.61 42.18 -43.29
N VAL E 216 34.07 43.39 -43.28
CA VAL E 216 33.30 43.89 -42.15
C VAL E 216 31.85 44.06 -42.59
N GLY E 217 30.94 43.43 -41.85
CA GLY E 217 29.52 43.66 -42.00
C GLY E 217 28.98 44.44 -40.83
N LEU E 218 28.38 45.61 -41.10
CA LEU E 218 27.99 46.52 -40.04
C LEU E 218 26.66 47.20 -40.32
N GLY E 219 25.84 46.65 -41.20
CA GLY E 219 24.66 47.35 -41.65
C GLY E 219 24.95 48.60 -42.45
N VAL E 220 25.95 48.56 -43.33
CA VAL E 220 26.35 49.73 -44.10
C VAL E 220 25.21 50.16 -45.01
N ARG E 221 24.84 51.45 -44.93
CA ARG E 221 23.80 52.00 -45.78
C ARG E 221 24.18 53.29 -46.49
N SER E 222 25.34 53.88 -46.17
CA SER E 222 25.71 55.19 -46.70
C SER E 222 27.11 55.14 -47.30
N ARG E 223 27.37 56.10 -48.19
CA ARG E 223 28.70 56.29 -48.75
C ARG E 223 29.73 56.55 -47.65
N ALA E 224 29.36 57.35 -46.64
CA ALA E 224 30.28 57.70 -45.58
C ALA E 224 30.68 56.49 -44.76
N GLN E 225 29.71 55.62 -44.43
CA GLN E 225 30.00 54.44 -43.62
C GLN E 225 31.00 53.53 -44.32
N ALA E 226 30.85 53.34 -45.62
CA ALA E 226 31.82 52.53 -46.36
C ALA E 226 33.21 53.12 -46.27
N ALA E 227 33.32 54.45 -46.33
CA ALA E 227 34.60 55.11 -46.23
C ALA E 227 35.23 54.90 -44.85
N GLN E 228 34.44 54.97 -43.79
CA GLN E 228 34.94 54.70 -42.45
C GLN E 228 35.59 53.33 -42.37
N ILE E 229 34.88 52.30 -42.82
CA ILE E 229 35.34 50.92 -42.68
C ILE E 229 36.57 50.65 -43.53
N ALA E 230 36.65 51.27 -44.71
CA ALA E 230 37.77 51.05 -45.62
C ALA E 230 39.10 51.55 -45.06
N GLN E 231 39.09 52.31 -43.95
CA GLN E 231 40.35 52.75 -43.37
C GLN E 231 41.10 51.63 -42.66
N TYR E 232 40.39 50.58 -42.24
CA TYR E 232 41.02 49.50 -41.50
C TYR E 232 40.66 48.10 -41.98
N ALA E 233 39.60 47.93 -42.76
CA ALA E 233 39.14 46.62 -43.20
C ALA E 233 39.49 46.40 -44.66
N ASP E 234 39.80 45.14 -45.01
CA ASP E 234 40.16 44.83 -46.38
C ASP E 234 38.95 44.72 -47.29
N GLY E 235 37.75 44.57 -46.72
CA GLY E 235 36.54 44.51 -47.51
C GLY E 235 35.35 45.08 -46.76
N VAL E 236 34.48 45.79 -47.48
CA VAL E 236 33.24 46.33 -46.94
C VAL E 236 32.09 45.51 -47.50
N ILE E 237 31.34 44.87 -46.61
CA ILE E 237 30.24 43.98 -46.99
C ILE E 237 28.93 44.74 -46.81
N VAL E 238 28.10 44.76 -47.87
CA VAL E 238 26.80 45.42 -47.83
C VAL E 238 25.75 44.44 -48.33
N GLY E 239 24.67 44.29 -47.58
CA GLY E 239 23.59 43.39 -47.96
C GLY E 239 22.21 43.99 -47.80
N SER E 240 21.82 44.28 -46.56
CA SER E 240 20.47 44.77 -46.28
C SER E 240 20.15 46.02 -47.10
N ALA E 241 21.09 46.96 -47.17
CA ALA E 241 20.84 48.19 -47.92
C ALA E 241 20.61 47.91 -49.40
N LEU E 242 21.36 46.96 -49.98
CA LEU E 242 21.19 46.63 -51.39
C LEU E 242 19.81 46.05 -51.64
N VAL E 243 19.32 45.21 -50.72
CA VAL E 243 17.98 44.65 -50.85
C VAL E 243 16.93 45.76 -50.73
N THR E 244 17.14 46.68 -49.79
CA THR E 244 16.21 47.80 -49.63
C THR E 244 16.15 48.65 -50.89
N ALA E 245 17.30 48.89 -51.51
CA ALA E 245 17.34 49.67 -52.75
C ALA E 245 16.62 48.94 -53.88
N LEU E 246 16.87 47.64 -54.03
CA LEU E 246 16.22 46.88 -55.10
C LEU E 246 14.70 46.90 -54.95
N THR E 247 14.20 46.88 -53.71
CA THR E 247 12.76 46.92 -53.50
C THR E 247 12.15 48.19 -54.05
N GLU E 248 12.83 49.33 -53.84
CA GLU E 248 12.38 50.58 -54.45
C GLU E 248 12.45 50.51 -55.97
N GLY E 249 13.55 50.00 -56.49
CA GLY E 249 13.71 49.82 -57.92
C GLY E 249 15.16 49.61 -58.28
N LEU E 250 15.36 48.99 -59.45
CA LEU E 250 16.70 48.79 -59.97
C LEU E 250 17.46 50.09 -60.24
N PRO E 251 16.84 51.20 -60.65
CA PRO E 251 17.59 52.45 -60.73
C PRO E 251 18.19 52.88 -59.40
N ARG E 252 17.45 52.68 -58.30
CA ARG E 252 17.97 53.04 -56.99
C ARG E 252 19.15 52.16 -56.59
N LEU E 253 19.09 50.87 -56.94
CA LEU E 253 20.19 49.97 -56.65
C LEU E 253 21.48 50.41 -57.35
N ARG E 254 21.38 50.77 -58.63
CA ARG E 254 22.56 51.21 -59.36
C ARG E 254 23.15 52.47 -58.75
N ALA E 255 22.30 53.42 -58.39
CA ALA E 255 22.78 54.67 -57.78
C ALA E 255 23.46 54.41 -56.44
N LEU E 256 22.81 53.63 -55.57
CA LEU E 256 23.38 53.33 -54.26
C LEU E 256 24.70 52.58 -54.38
N THR E 257 24.76 51.59 -55.27
CA THR E 257 26.00 50.84 -55.46
C THR E 257 27.12 51.74 -55.97
N GLY E 258 26.79 52.73 -56.81
CA GLY E 258 27.80 53.66 -57.27
C GLY E 258 28.37 54.49 -56.14
N GLU E 259 27.50 54.96 -55.23
CA GLU E 259 27.98 55.71 -54.07
C GLU E 259 28.90 54.84 -53.21
N LEU E 260 28.45 53.63 -52.88
CA LEU E 260 29.29 52.72 -52.08
C LEU E 260 30.58 52.38 -52.81
N ALA E 261 30.55 52.32 -54.14
CA ALA E 261 31.76 52.08 -54.90
C ALA E 261 32.78 53.18 -54.69
N ALA E 262 32.32 54.42 -54.50
CA ALA E 262 33.23 55.54 -54.31
C ALA E 262 33.75 55.62 -52.87
N GLY E 263 32.92 55.22 -51.90
CA GLY E 263 33.32 55.32 -50.50
C GLY E 263 34.48 54.42 -50.13
N VAL E 264 34.57 53.24 -50.78
CA VAL E 264 35.65 52.32 -50.49
C VAL E 264 36.99 52.78 -51.04
N ARG E 265 37.02 53.91 -51.76
CA ARG E 265 38.28 54.45 -52.32
C ARG E 265 38.86 55.64 -51.52
N ALA F 4 20.73 11.78 -10.11
CA ALA F 4 22.04 11.20 -10.32
C ALA F 4 22.80 11.91 -11.44
N ILE F 5 22.87 13.24 -11.35
CA ILE F 5 23.54 14.05 -12.37
C ILE F 5 25.05 14.01 -12.26
N ALA F 6 25.60 13.36 -11.22
CA ALA F 6 27.03 13.37 -10.97
C ALA F 6 27.81 12.55 -11.99
N GLU F 7 27.63 11.23 -11.99
CA GLU F 7 28.43 10.36 -12.85
C GLU F 7 27.86 10.34 -14.26
N PRO F 8 28.71 10.47 -15.30
CA PRO F 8 28.23 10.32 -16.68
C PRO F 8 27.80 8.89 -16.99
N THR F 9 27.29 8.66 -18.21
CA THR F 9 26.93 7.33 -18.67
C THR F 9 27.77 6.96 -19.89
N SER F 10 27.76 5.67 -20.22
CA SER F 10 28.38 5.23 -21.47
C SER F 10 27.57 5.62 -22.70
N HIS F 11 26.39 6.21 -22.51
CA HIS F 11 25.56 6.70 -23.59
C HIS F 11 25.78 8.19 -23.85
N ASP F 12 26.83 8.77 -23.28
CA ASP F 12 27.10 10.19 -23.40
C ASP F 12 27.83 10.50 -24.71
N PRO F 13 27.68 11.70 -25.24
CA PRO F 13 28.40 12.07 -26.46
C PRO F 13 29.83 12.49 -26.13
N ASP F 14 30.62 12.67 -27.18
CA ASP F 14 31.98 13.18 -27.02
C ASP F 14 31.95 14.64 -26.58
N SER F 15 33.15 15.22 -26.42
CA SER F 15 33.23 16.61 -25.96
C SER F 15 32.58 17.57 -26.95
N GLY F 16 32.50 17.19 -28.22
CA GLY F 16 31.83 17.99 -29.23
C GLY F 16 30.32 17.84 -29.28
N GLY F 17 29.76 16.94 -28.47
CA GLY F 17 28.33 16.71 -28.46
C GLY F 17 27.82 15.73 -29.49
N HIS F 18 28.71 14.89 -30.04
CA HIS F 18 28.35 13.95 -31.10
C HIS F 18 27.99 12.59 -30.50
N PHE F 19 26.89 12.02 -30.97
CA PHE F 19 26.43 10.69 -30.60
C PHE F 19 26.71 9.71 -31.73
N GLY F 20 27.23 8.54 -31.38
CA GLY F 20 27.32 7.45 -32.33
C GLY F 20 28.51 7.47 -33.24
N GLY F 21 29.58 8.16 -32.87
CA GLY F 21 30.81 8.16 -33.62
C GLY F 21 30.68 8.72 -35.01
N PRO F 22 30.84 7.86 -36.03
CA PRO F 22 30.87 8.36 -37.42
C PRO F 22 29.54 8.91 -37.92
N SER F 23 28.41 8.50 -37.34
CA SER F 23 27.12 9.00 -37.84
C SER F 23 26.97 10.50 -37.61
N GLY F 24 27.55 11.02 -36.53
CA GLY F 24 27.62 12.46 -36.32
C GLY F 24 26.39 13.11 -35.73
N TRP F 25 25.50 12.35 -35.09
CA TRP F 25 24.33 12.94 -34.46
C TRP F 25 24.73 13.96 -33.40
N GLY F 26 24.04 15.08 -33.37
CA GLY F 26 24.26 16.09 -32.34
C GLY F 26 25.16 17.21 -32.83
N GLY F 27 26.24 17.48 -32.09
CA GLY F 27 27.13 18.56 -32.45
C GLY F 27 26.60 19.92 -32.05
N ARG F 28 27.23 20.95 -32.62
CA ARG F 28 26.82 22.35 -32.43
C ARG F 28 26.75 23.01 -33.80
N TYR F 29 25.59 22.96 -34.43
CA TYR F 29 25.39 23.65 -35.71
C TYR F 29 24.81 25.05 -35.42
N VAL F 30 25.70 25.90 -34.93
CA VAL F 30 25.35 27.23 -34.42
C VAL F 30 26.32 28.25 -35.03
N PRO F 31 25.92 29.52 -35.05
CA PRO F 31 26.88 30.57 -35.42
C PRO F 31 27.97 30.73 -34.37
N GLU F 32 29.14 31.19 -34.83
CA GLU F 32 30.24 31.47 -33.93
C GLU F 32 29.85 32.50 -32.86
N ALA F 33 28.90 33.38 -33.18
CA ALA F 33 28.48 34.41 -32.23
C ALA F 33 27.95 33.81 -30.93
N LEU F 34 27.41 32.59 -30.96
CA LEU F 34 26.88 31.94 -29.77
C LEU F 34 27.86 31.03 -29.07
N MET F 35 29.03 30.76 -29.66
CA MET F 35 29.92 29.74 -29.13
C MET F 35 30.52 30.12 -27.78
N ALA F 36 30.65 31.41 -27.48
CA ALA F 36 31.20 31.80 -26.18
C ALA F 36 30.26 31.42 -25.05
N VAL F 37 28.95 31.69 -25.21
CA VAL F 37 28.02 31.37 -24.13
C VAL F 37 27.68 29.89 -24.11
N ILE F 38 27.67 29.23 -25.27
CA ILE F 38 27.44 27.78 -25.31
C ILE F 38 28.56 27.05 -24.56
N GLU F 39 29.81 27.48 -24.78
CA GLU F 39 30.91 26.90 -24.00
C GLU F 39 30.80 27.27 -22.54
N GLU F 40 30.30 28.47 -22.24
CA GLU F 40 30.14 28.90 -20.85
C GLU F 40 29.09 28.05 -20.14
N VAL F 41 28.01 27.69 -20.84
CA VAL F 41 26.98 26.85 -20.24
C VAL F 41 27.50 25.42 -20.07
N THR F 42 28.24 24.94 -21.06
CA THR F 42 28.82 23.60 -20.98
C THR F 42 29.73 23.48 -19.77
N ALA F 43 30.63 24.44 -19.60
CA ALA F 43 31.56 24.41 -18.48
C ALA F 43 30.82 24.47 -17.14
N ALA F 44 29.86 25.39 -17.03
CA ALA F 44 29.14 25.56 -15.78
C ALA F 44 28.40 24.30 -15.39
N TYR F 45 27.74 23.66 -16.37
CA TYR F 45 27.04 22.41 -16.10
C TYR F 45 28.02 21.31 -15.71
N GLN F 46 29.17 21.24 -16.39
CA GLN F 46 30.17 20.23 -16.02
C GLN F 46 30.66 20.44 -14.59
N LYS F 47 30.78 21.69 -14.17
CA LYS F 47 31.22 22.00 -12.81
C LYS F 47 30.13 21.72 -11.78
N GLU F 48 28.89 22.18 -12.04
CA GLU F 48 27.85 22.08 -11.03
C GLU F 48 27.24 20.69 -10.91
N ARG F 49 27.34 19.87 -11.96
CA ARG F 49 26.75 18.53 -11.87
C ARG F 49 27.44 17.67 -10.82
N VAL F 50 28.65 18.02 -10.42
CA VAL F 50 29.35 17.29 -9.37
C VAL F 50 29.43 18.07 -8.08
N SER F 51 28.84 19.26 -8.02
CA SER F 51 28.81 20.04 -6.81
C SER F 51 27.70 19.51 -5.90
N GLN F 52 28.08 19.05 -4.71
CA GLN F 52 27.08 18.48 -3.80
C GLN F 52 26.08 19.55 -3.36
N ASP F 53 26.49 20.82 -3.29
CA ASP F 53 25.55 21.89 -2.98
C ASP F 53 24.51 22.03 -4.08
N PHE F 54 24.93 21.93 -5.34
CA PHE F 54 23.99 21.99 -6.45
C PHE F 54 23.00 20.84 -6.38
N LEU F 55 23.51 19.62 -6.20
CA LEU F 55 22.65 18.45 -6.16
C LEU F 55 21.67 18.52 -5.00
N ASP F 56 22.14 18.98 -3.83
CA ASP F 56 21.24 19.12 -2.70
C ASP F 56 20.16 20.17 -2.95
N ASP F 57 20.52 21.29 -3.58
CA ASP F 57 19.52 22.28 -3.94
C ASP F 57 18.49 21.69 -4.89
N LEU F 58 18.96 20.99 -5.93
CA LEU F 58 18.03 20.40 -6.90
C LEU F 58 17.12 19.38 -6.22
N ASP F 59 17.70 18.51 -5.40
CA ASP F 59 16.92 17.46 -4.74
C ASP F 59 15.90 18.04 -3.78
N ARG F 60 16.29 19.08 -3.03
N ARG F 60 16.28 19.09 -3.04
CA ARG F 60 15.37 19.71 -2.09
CA ARG F 60 15.36 19.70 -2.08
C ARG F 60 14.15 20.27 -2.81
C ARG F 60 14.16 20.30 -2.80
N LEU F 61 14.37 20.92 -3.96
CA LEU F 61 13.25 21.50 -4.70
C LEU F 61 12.40 20.42 -5.34
N GLN F 62 13.02 19.38 -5.89
CA GLN F 62 12.26 18.30 -6.51
C GLN F 62 11.29 17.66 -5.52
N ALA F 63 11.71 17.51 -4.26
CA ALA F 63 10.88 16.81 -3.28
C ALA F 63 9.85 17.72 -2.61
N ASN F 64 10.28 18.85 -2.07
CA ASN F 64 9.35 19.69 -1.32
C ASN F 64 8.58 20.65 -2.19
N TYR F 65 9.13 21.03 -3.34
CA TYR F 65 8.52 22.04 -4.19
C TYR F 65 7.77 21.44 -5.36
N ALA F 66 8.39 20.51 -6.09
CA ALA F 66 7.76 19.91 -7.27
C ALA F 66 6.96 18.66 -6.96
N GLY F 67 7.19 18.03 -5.81
CA GLY F 67 6.39 16.89 -5.38
C GLY F 67 6.91 15.51 -5.76
N ARG F 68 8.17 15.41 -6.20
CA ARG F 68 8.72 14.12 -6.55
C ARG F 68 8.86 13.24 -5.31
N PRO F 69 8.81 11.91 -5.47
CA PRO F 69 8.57 11.20 -6.73
C PRO F 69 7.13 11.27 -7.19
N SER F 70 6.93 11.28 -8.49
CA SER F 70 5.60 11.08 -9.01
C SER F 70 5.22 9.60 -8.88
N PRO F 71 3.94 9.30 -8.72
CA PRO F 71 3.55 7.90 -8.53
C PRO F 71 3.46 7.16 -9.85
N LEU F 72 3.39 5.83 -9.74
CA LEU F 72 3.17 4.93 -10.85
C LEU F 72 1.84 4.21 -10.60
N TYR F 73 0.89 4.39 -11.51
CA TYR F 73 -0.47 3.92 -11.30
C TYR F 73 -0.85 2.90 -12.36
N GLU F 74 -1.26 1.72 -11.93
CA GLU F 74 -1.73 0.69 -12.86
C GLU F 74 -3.16 1.03 -13.26
N ALA F 75 -3.34 1.34 -14.55
CA ALA F 75 -4.64 1.79 -15.06
C ALA F 75 -5.46 0.58 -15.49
N THR F 76 -6.01 -0.12 -14.50
CA THR F 76 -6.67 -1.40 -14.76
C THR F 76 -7.94 -1.25 -15.60
N ARG F 77 -8.56 -0.07 -15.62
CA ARG F 77 -9.75 0.10 -16.44
C ARG F 77 -9.42 0.23 -17.93
N LEU F 78 -8.16 0.48 -18.28
CA LEU F 78 -7.75 0.51 -19.68
C LEU F 78 -7.38 -0.87 -20.23
N SER F 79 -7.18 -1.85 -19.35
CA SER F 79 -6.67 -3.15 -19.77
C SER F 79 -7.53 -3.77 -20.87
N GLN F 80 -8.86 -3.74 -20.71
CA GLN F 80 -9.74 -4.33 -21.71
C GLN F 80 -9.62 -3.64 -23.06
N HIS F 81 -9.20 -2.38 -23.08
CA HIS F 81 -8.99 -1.63 -24.32
C HIS F 81 -7.58 -1.78 -24.85
N ALA F 82 -6.76 -2.65 -24.24
CA ALA F 82 -5.36 -2.80 -24.60
C ALA F 82 -4.99 -4.28 -24.71
N GLY F 83 -5.90 -5.10 -25.22
CA GLY F 83 -5.63 -6.52 -25.36
C GLY F 83 -5.41 -7.24 -24.05
N SER F 84 -5.98 -6.72 -22.96
CA SER F 84 -5.78 -7.22 -21.60
C SER F 84 -4.33 -7.12 -21.14
N ALA F 85 -3.54 -6.24 -21.76
CA ALA F 85 -2.25 -5.88 -21.21
C ALA F 85 -2.43 -5.01 -19.96
N ARG F 86 -1.34 -4.79 -19.24
CA ARG F 86 -1.36 -4.03 -18.01
C ARG F 86 -0.62 -2.70 -18.25
N ILE F 87 -1.36 -1.60 -18.21
CA ILE F 87 -0.85 -0.28 -18.54
C ILE F 87 -0.54 0.45 -17.24
N PHE F 88 0.74 0.74 -17.01
CA PHE F 88 1.18 1.51 -15.86
C PHE F 88 1.48 2.94 -16.28
N LEU F 89 0.83 3.90 -15.64
CA LEU F 89 0.99 5.31 -15.95
C LEU F 89 2.00 5.94 -15.00
N LYS F 90 3.09 6.48 -15.55
CA LYS F 90 4.03 7.27 -14.77
C LYS F 90 3.50 8.70 -14.72
N ARG F 91 3.14 9.15 -13.51
CA ARG F 91 2.23 10.28 -13.34
C ARG F 91 2.98 11.61 -13.23
N GLU F 92 3.71 11.95 -14.30
CA GLU F 92 4.33 13.26 -14.37
C GLU F 92 3.29 14.39 -14.42
N ASP F 93 2.04 14.06 -14.76
CA ASP F 93 0.95 15.03 -14.71
C ASP F 93 0.73 15.59 -13.30
N LEU F 94 1.23 14.92 -12.27
CA LEU F 94 0.99 15.38 -10.91
C LEU F 94 2.12 16.27 -10.39
N ASN F 95 3.19 16.47 -11.16
CA ASN F 95 4.23 17.42 -10.78
C ASN F 95 3.67 18.83 -10.68
N HIS F 96 4.31 19.65 -9.85
CA HIS F 96 4.04 21.07 -9.81
C HIS F 96 4.10 21.65 -11.23
N THR F 97 3.11 22.50 -11.54
CA THR F 97 2.88 23.16 -12.83
C THR F 97 2.23 22.21 -13.84
N GLY F 98 2.30 20.91 -13.60
CA GLY F 98 1.50 19.95 -14.33
C GLY F 98 2.16 19.18 -15.44
N SER F 99 3.50 19.13 -15.49
CA SER F 99 4.16 18.34 -16.52
C SER F 99 5.57 18.00 -16.06
N HIS F 100 6.25 17.20 -16.89
CA HIS F 100 7.65 16.87 -16.64
C HIS F 100 8.59 18.05 -16.83
N LYS F 101 8.16 19.09 -17.56
CA LYS F 101 9.05 20.23 -17.88
C LYS F 101 9.70 20.80 -16.63
N ILE F 102 9.01 20.74 -15.49
CA ILE F 102 9.54 21.32 -14.26
C ILE F 102 10.85 20.66 -13.83
N ASN F 103 11.07 19.39 -14.19
CA ASN F 103 12.33 18.73 -13.82
C ASN F 103 13.52 19.42 -14.47
N ASN F 104 13.44 19.61 -15.80
CA ASN F 104 14.55 20.22 -16.53
C ASN F 104 14.72 21.68 -16.14
N VAL F 105 13.60 22.39 -15.93
CA VAL F 105 13.66 23.80 -15.59
C VAL F 105 14.36 24.01 -14.26
N LEU F 106 14.02 23.22 -13.25
CA LEU F 106 14.62 23.41 -11.93
C LEU F 106 16.14 23.30 -11.99
N GLY F 107 16.65 22.33 -12.76
CA GLY F 107 18.09 22.21 -12.91
C GLY F 107 18.71 23.39 -13.64
N GLN F 108 18.09 23.81 -14.74
CA GLN F 108 18.68 24.88 -15.55
C GLN F 108 18.54 26.23 -14.88
N ALA F 109 17.43 26.47 -14.18
CA ALA F 109 17.25 27.72 -13.47
C ALA F 109 18.27 27.86 -12.34
N LEU F 110 18.51 26.78 -11.60
CA LEU F 110 19.57 26.81 -10.59
C LEU F 110 20.92 27.05 -11.24
N LEU F 111 21.16 26.44 -12.40
CA LEU F 111 22.41 26.66 -13.13
C LEU F 111 22.56 28.12 -13.52
N ALA F 112 21.49 28.73 -14.06
CA ALA F 112 21.55 30.14 -14.45
C ALA F 112 21.97 31.02 -13.28
N ARG F 113 21.40 30.79 -12.10
CA ARG F 113 21.80 31.56 -10.93
C ARG F 113 23.25 31.31 -10.56
N ARG F 114 23.73 30.07 -10.71
CA ARG F 114 25.13 29.78 -10.42
C ARG F 114 26.06 30.51 -11.39
N MET F 115 25.64 30.67 -12.64
CA MET F 115 26.44 31.35 -13.65
C MET F 115 26.43 32.86 -13.53
N GLY F 116 25.60 33.42 -12.66
CA GLY F 116 25.50 34.87 -12.56
C GLY F 116 24.67 35.54 -13.63
N LYS F 117 23.96 34.78 -14.46
CA LYS F 117 23.05 35.38 -15.43
C LYS F 117 21.90 36.04 -14.69
N THR F 118 21.42 37.15 -15.24
CA THR F 118 20.38 37.96 -14.60
C THR F 118 19.04 37.85 -15.32
N ARG F 119 18.96 37.05 -16.37
CA ARG F 119 17.82 37.07 -17.27
C ARG F 119 17.69 35.68 -17.89
N VAL F 120 16.48 35.15 -17.91
CA VAL F 120 16.23 33.82 -18.47
C VAL F 120 15.19 33.97 -19.57
N ILE F 121 15.47 33.36 -20.72
CA ILE F 121 14.53 33.29 -21.82
C ILE F 121 14.25 31.83 -22.14
N ALA F 122 13.11 31.61 -22.81
CA ALA F 122 12.71 30.26 -23.16
C ALA F 122 11.61 30.33 -24.20
N GLU F 123 11.58 29.33 -25.07
CA GLU F 123 10.49 29.09 -25.98
C GLU F 123 9.42 28.26 -25.29
N THR F 124 8.22 28.27 -25.87
CA THR F 124 7.22 27.31 -25.41
C THR F 124 6.18 27.14 -26.51
N GLY F 125 5.63 25.92 -26.58
CA GLY F 125 4.58 25.59 -27.52
C GLY F 125 3.28 25.27 -26.81
N ALA F 126 3.30 24.20 -26.00
CA ALA F 126 2.13 23.92 -25.17
C ALA F 126 1.98 24.89 -24.02
N GLY F 127 3.02 25.66 -23.69
CA GLY F 127 2.99 26.54 -22.55
C GLY F 127 3.41 25.90 -21.26
N GLN F 128 3.62 24.58 -21.24
CA GLN F 128 4.05 23.92 -20.00
C GLN F 128 5.49 24.25 -19.66
N HIS F 129 6.37 24.32 -20.66
CA HIS F 129 7.74 24.74 -20.39
C HIS F 129 7.79 26.21 -20.01
N GLY F 130 6.99 27.05 -20.67
CA GLY F 130 6.93 28.46 -20.31
C GLY F 130 6.42 28.67 -18.89
N VAL F 131 5.35 27.97 -18.51
CA VAL F 131 4.86 28.07 -17.14
C VAL F 131 5.92 27.57 -16.17
N ALA F 132 6.59 26.46 -16.50
CA ALA F 132 7.60 25.93 -15.59
C ALA F 132 8.78 26.88 -15.49
N THR F 133 9.22 27.46 -16.61
CA THR F 133 10.30 28.44 -16.58
C THR F 133 9.90 29.67 -15.77
N ALA F 134 8.69 30.20 -16.04
CA ALA F 134 8.18 31.31 -15.26
C ALA F 134 8.11 30.97 -13.78
N THR F 135 7.74 29.73 -13.47
CA THR F 135 7.63 29.30 -12.08
C THR F 135 9.00 29.35 -11.39
N ALA F 136 10.02 28.75 -12.01
CA ALA F 136 11.35 28.76 -11.40
C ALA F 136 11.89 30.17 -11.28
N CYS F 137 11.64 31.02 -12.29
CA CYS F 137 12.19 32.37 -12.26
C CYS F 137 11.56 33.21 -11.16
N ALA F 138 10.24 33.10 -10.98
CA ALA F 138 9.61 33.76 -9.85
C ALA F 138 10.19 33.28 -8.54
N LEU F 139 10.38 31.97 -8.41
CA LEU F 139 10.92 31.41 -7.18
C LEU F 139 12.35 31.90 -6.92
N LEU F 140 13.16 32.03 -7.97
CA LEU F 140 14.56 32.39 -7.81
C LEU F 140 14.84 33.87 -7.97
N GLY F 141 13.85 34.67 -8.37
CA GLY F 141 14.05 36.10 -8.52
C GLY F 141 14.71 36.52 -9.82
N LEU F 142 14.49 35.77 -10.91
CA LEU F 142 15.11 36.04 -12.19
C LEU F 142 14.12 36.70 -13.14
N ASP F 143 14.62 37.67 -13.92
CA ASP F 143 13.84 38.20 -15.05
C ASP F 143 13.56 37.09 -16.04
N CYS F 144 12.34 37.06 -16.57
CA CYS F 144 11.91 35.97 -17.43
C CYS F 144 11.18 36.52 -18.65
N VAL F 145 11.59 36.06 -19.84
CA VAL F 145 10.86 36.33 -21.07
C VAL F 145 10.61 35.01 -21.79
N ILE F 146 9.35 34.74 -22.12
CA ILE F 146 8.96 33.53 -22.82
C ILE F 146 8.48 33.89 -24.22
N TYR F 147 8.97 33.15 -25.22
CA TYR F 147 8.55 33.32 -26.61
C TYR F 147 7.58 32.20 -26.98
N MET F 148 6.47 32.56 -27.62
CA MET F 148 5.40 31.60 -27.89
C MET F 148 4.72 31.95 -29.21
N GLY F 149 4.65 30.98 -30.11
CA GLY F 149 4.04 31.24 -31.40
C GLY F 149 2.59 31.67 -31.26
N GLY F 150 2.17 32.58 -32.14
CA GLY F 150 0.85 33.17 -32.03
C GLY F 150 -0.29 32.18 -32.18
N ILE F 151 -0.08 31.11 -32.96
CA ILE F 151 -1.11 30.08 -33.01
C ILE F 151 -1.19 29.36 -31.68
N ASP F 152 -0.05 29.21 -30.99
CA ASP F 152 -0.05 28.52 -29.70
C ASP F 152 -0.56 29.40 -28.56
N THR F 153 -0.42 30.72 -28.66
CA THR F 153 -1.02 31.57 -27.63
C THR F 153 -2.54 31.52 -27.68
N ALA F 154 -3.13 31.13 -28.80
CA ALA F 154 -4.59 31.05 -28.90
C ALA F 154 -5.12 29.71 -28.42
N ARG F 155 -4.47 28.61 -28.79
CA ARG F 155 -4.96 27.30 -28.40
C ARG F 155 -4.43 26.83 -27.05
N GLN F 156 -3.50 27.57 -26.44
CA GLN F 156 -3.03 27.26 -25.09
C GLN F 156 -3.14 28.50 -24.21
N ALA F 157 -4.26 29.22 -24.32
CA ALA F 157 -4.39 30.52 -23.69
C ALA F 157 -4.31 30.43 -22.16
N LEU F 158 -4.72 29.30 -21.59
CA LEU F 158 -4.62 29.11 -20.14
C LEU F 158 -3.20 29.30 -19.65
N ASN F 159 -2.23 28.75 -20.36
CA ASN F 159 -0.84 28.84 -19.92
C ASN F 159 -0.23 30.21 -20.19
N VAL F 160 -0.76 30.96 -21.16
CA VAL F 160 -0.33 32.34 -21.32
C VAL F 160 -0.70 33.14 -20.08
N ALA F 161 -1.92 32.96 -19.59
CA ALA F 161 -2.35 33.72 -18.41
C ALA F 161 -1.59 33.29 -17.17
N ARG F 162 -1.26 32.00 -17.04
CA ARG F 162 -0.48 31.53 -15.90
C ARG F 162 0.92 32.15 -15.91
N MET F 163 1.59 32.12 -17.07
CA MET F 163 2.91 32.73 -17.21
C MET F 163 2.90 34.19 -16.79
N ARG F 164 1.85 34.93 -17.19
CA ARG F 164 1.82 36.36 -16.87
C ARG F 164 1.52 36.59 -15.39
N LEU F 165 0.62 35.80 -14.81
CA LEU F 165 0.40 35.86 -13.36
C LEU F 165 1.68 35.53 -12.59
N LEU F 166 2.54 34.69 -13.14
CA LEU F 166 3.81 34.36 -12.48
C LEU F 166 4.88 35.43 -12.70
N GLY F 167 4.55 36.53 -13.36
CA GLY F 167 5.48 37.62 -13.54
C GLY F 167 6.40 37.50 -14.73
N ALA F 168 6.12 36.60 -15.65
CA ALA F 168 6.93 36.47 -16.86
C ALA F 168 6.36 37.30 -17.99
N GLU F 169 7.25 37.78 -18.85
CA GLU F 169 6.83 38.45 -20.07
C GLU F 169 6.61 37.40 -21.15
N VAL F 170 5.56 37.58 -21.94
CA VAL F 170 5.22 36.66 -23.02
C VAL F 170 5.24 37.45 -24.31
N VAL F 171 6.10 37.03 -25.24
CA VAL F 171 6.21 37.64 -26.56
C VAL F 171 5.59 36.70 -27.57
N ALA F 172 4.52 37.13 -28.22
CA ALA F 172 3.88 36.33 -29.26
C ALA F 172 4.69 36.40 -30.53
N VAL F 173 5.01 35.24 -31.09
CA VAL F 173 5.80 35.14 -32.31
C VAL F 173 4.85 34.94 -33.49
N GLN F 174 4.98 35.80 -34.50
CA GLN F 174 4.10 35.77 -35.66
C GLN F 174 4.79 35.30 -36.93
N THR F 175 6.06 34.94 -36.86
CA THR F 175 6.80 34.51 -38.05
C THR F 175 6.49 33.05 -38.36
N GLY F 176 6.69 32.69 -39.64
CA GLY F 176 6.63 31.30 -40.05
C GLY F 176 5.28 30.66 -39.75
N SER F 177 5.33 29.46 -39.18
CA SER F 177 4.13 28.70 -38.86
C SER F 177 3.49 29.12 -37.53
N LYS F 178 4.10 30.07 -36.82
CA LYS F 178 3.54 30.61 -35.59
C LYS F 178 3.44 29.56 -34.49
N THR F 179 4.29 28.53 -34.57
CA THR F 179 4.27 27.47 -33.58
C THR F 179 5.67 27.28 -32.97
N LEU F 180 5.94 26.09 -32.43
CA LEU F 180 7.10 25.91 -31.57
C LEU F 180 8.41 26.27 -32.26
N LYS F 181 8.59 25.86 -33.51
CA LYS F 181 9.89 26.09 -34.15
C LYS F 181 10.13 27.59 -34.34
N ASP F 182 9.08 28.36 -34.57
CA ASP F 182 9.22 29.80 -34.75
C ASP F 182 9.51 30.50 -33.43
N ALA F 183 8.92 30.00 -32.33
CA ALA F 183 9.30 30.48 -31.00
C ALA F 183 10.77 30.23 -30.73
N ILE F 184 11.27 29.04 -31.09
CA ILE F 184 12.69 28.74 -30.90
C ILE F 184 13.55 29.70 -31.71
N ASN F 185 13.18 29.95 -32.98
CA ASN F 185 13.92 30.91 -33.81
C ASN F 185 13.99 32.28 -33.14
N GLU F 186 12.87 32.74 -32.57
CA GLU F 186 12.84 34.08 -31.98
C GLU F 186 13.65 34.15 -30.70
N ALA F 187 13.53 33.13 -29.84
CA ALA F 187 14.33 33.08 -28.62
C ALA F 187 15.81 32.97 -28.93
N PHE F 188 16.15 32.19 -29.94
CA PHE F 188 17.52 32.14 -30.46
C PHE F 188 18.03 33.55 -30.77
N ARG F 189 17.23 34.35 -31.49
CA ARG F 189 17.68 35.71 -31.84
C ARG F 189 17.90 36.56 -30.60
N ASP F 190 17.04 36.40 -29.58
CA ASP F 190 17.26 37.08 -28.31
C ASP F 190 18.60 36.68 -27.71
N TRP F 191 18.90 35.38 -27.70
CA TRP F 191 20.12 34.89 -27.07
C TRP F 191 21.36 35.41 -27.77
N VAL F 192 21.35 35.38 -29.11
CA VAL F 192 22.50 35.88 -29.87
C VAL F 192 22.82 37.31 -29.47
N ALA F 193 21.79 38.12 -29.24
CA ALA F 193 22.01 39.53 -28.92
C ALA F 193 22.26 39.78 -27.44
N ASN F 194 21.82 38.91 -26.53
CA ASN F 194 21.89 39.20 -25.11
C ASN F 194 22.68 38.15 -24.33
N ALA F 195 23.57 37.43 -24.99
CA ALA F 195 24.25 36.29 -24.37
C ALA F 195 25.04 36.67 -23.11
N ASP F 196 25.44 37.94 -22.97
CA ASP F 196 26.27 38.34 -21.85
C ASP F 196 25.56 38.13 -20.51
N ASN F 197 24.26 38.40 -20.48
CA ASN F 197 23.50 38.40 -19.23
C ASN F 197 22.33 37.42 -19.25
N THR F 198 22.09 36.73 -20.37
CA THR F 198 20.90 35.94 -20.55
C THR F 198 21.24 34.45 -20.58
N TYR F 199 20.49 33.67 -19.82
CA TYR F 199 20.51 32.21 -19.89
C TYR F 199 19.32 31.73 -20.70
N TYR F 200 19.57 30.89 -21.71
CA TYR F 200 18.51 30.28 -22.49
C TYR F 200 18.14 28.94 -21.86
N CYS F 201 16.96 28.87 -21.24
CA CYS F 201 16.46 27.64 -20.63
C CYS F 201 15.68 26.87 -21.69
N PHE F 202 16.37 26.00 -22.42
CA PHE F 202 15.75 25.24 -23.49
C PHE F 202 14.97 24.06 -22.92
N GLY F 203 13.80 23.78 -23.50
CA GLY F 203 12.81 22.92 -22.89
C GLY F 203 12.67 21.53 -23.43
N THR F 204 13.49 21.11 -24.38
CA THR F 204 13.39 19.75 -24.89
C THR F 204 14.80 19.23 -25.12
N ALA F 205 14.89 17.94 -25.46
CA ALA F 205 16.18 17.25 -25.57
C ALA F 205 16.77 17.37 -26.97
N ALA F 206 16.77 18.58 -27.51
CA ALA F 206 17.35 18.85 -28.81
C ALA F 206 18.29 20.05 -28.64
N GLY F 207 18.57 20.72 -29.76
CA GLY F 207 19.44 21.88 -29.72
C GLY F 207 20.91 21.51 -29.73
N PRO F 208 21.78 22.50 -29.61
CA PRO F 208 23.21 22.23 -29.64
C PRO F 208 23.71 21.72 -28.30
N HIS F 209 24.80 20.97 -28.37
CA HIS F 209 25.50 20.56 -27.16
C HIS F 209 25.75 21.76 -26.26
N PRO F 210 25.45 21.69 -24.95
CA PRO F 210 25.11 20.52 -24.15
C PRO F 210 23.63 20.27 -23.92
N PHE F 211 22.75 21.00 -24.60
CA PHE F 211 21.33 20.92 -24.27
C PHE F 211 20.75 19.51 -24.40
N PRO F 212 21.01 18.73 -25.45
CA PRO F 212 20.46 17.36 -25.46
C PRO F 212 20.87 16.53 -24.24
N THR F 213 22.14 16.56 -23.87
CA THR F 213 22.59 15.76 -22.73
C THR F 213 22.17 16.38 -21.40
N MET F 214 22.23 17.70 -21.27
CA MET F 214 21.85 18.33 -20.03
C MET F 214 20.37 18.15 -19.73
N VAL F 215 19.51 18.41 -20.72
CA VAL F 215 18.09 18.23 -20.54
C VAL F 215 17.77 16.79 -20.18
N ARG F 216 18.35 15.84 -20.93
CA ARG F 216 18.15 14.43 -20.63
C ARG F 216 18.59 14.09 -19.21
N ASP F 217 19.73 14.65 -18.76
CA ASP F 217 20.19 14.32 -17.42
C ASP F 217 19.24 14.84 -16.35
N PHE F 218 18.66 16.02 -16.56
CA PHE F 218 17.69 16.52 -15.59
C PHE F 218 16.38 15.74 -15.62
N GLN F 219 16.10 15.02 -16.71
CA GLN F 219 14.89 14.23 -16.85
C GLN F 219 15.09 12.74 -16.54
N ARG F 220 16.34 12.29 -16.41
CA ARG F 220 16.64 10.89 -16.12
C ARG F 220 15.93 10.39 -14.87
N ILE F 221 15.58 11.29 -13.94
CA ILE F 221 14.94 10.88 -12.70
C ILE F 221 13.63 10.15 -12.98
N ILE F 222 12.94 10.50 -14.07
CA ILE F 222 11.66 9.87 -14.40
C ILE F 222 11.84 8.36 -14.56
N GLY F 223 12.75 7.96 -15.45
CA GLY F 223 13.00 6.54 -15.65
C GLY F 223 13.66 5.87 -14.46
N MET F 224 14.47 6.62 -13.70
CA MET F 224 15.07 6.06 -12.50
C MET F 224 14.00 5.66 -11.50
N GLU F 225 13.04 6.55 -11.25
CA GLU F 225 11.94 6.20 -10.36
C GLU F 225 11.10 5.07 -10.95
N ALA F 226 10.76 5.17 -12.23
CA ALA F 226 9.87 4.20 -12.85
C ALA F 226 10.46 2.79 -12.80
N ARG F 227 11.77 2.66 -12.99
CA ARG F 227 12.38 1.34 -12.95
C ARG F 227 12.27 0.72 -11.55
N VAL F 228 12.44 1.54 -10.50
CA VAL F 228 12.28 1.01 -9.15
C VAL F 228 10.80 0.71 -8.87
N GLN F 229 9.91 1.62 -9.27
CA GLN F 229 8.49 1.49 -8.95
C GLN F 229 7.87 0.28 -9.64
N ILE F 230 8.20 0.04 -10.91
CA ILE F 230 7.58 -1.06 -11.62
C ILE F 230 8.03 -2.39 -11.03
N GLN F 231 9.31 -2.50 -10.66
CA GLN F 231 9.78 -3.73 -10.04
C GLN F 231 9.08 -3.97 -8.71
N GLY F 232 8.83 -2.91 -7.93
CA GLY F 232 8.14 -3.07 -6.67
C GLY F 232 6.69 -3.49 -6.83
N GLN F 233 6.01 -2.91 -7.82
CA GLN F 233 4.57 -3.16 -8.02
C GLN F 233 4.30 -4.43 -8.83
N ALA F 234 5.01 -4.61 -9.93
CA ALA F 234 4.76 -5.76 -10.79
C ALA F 234 5.63 -6.97 -10.47
N GLY F 235 6.74 -6.76 -9.75
CA GLY F 235 7.66 -7.84 -9.47
C GLY F 235 8.66 -8.15 -10.56
N ARG F 236 8.75 -7.33 -11.61
CA ARG F 236 9.70 -7.57 -12.70
C ARG F 236 9.86 -6.30 -13.52
N LEU F 237 10.83 -6.33 -14.43
CA LEU F 237 10.99 -5.24 -15.38
C LEU F 237 9.86 -5.26 -16.41
N PRO F 238 9.46 -4.11 -16.93
CA PRO F 238 8.33 -4.07 -17.85
C PRO F 238 8.66 -4.71 -19.19
N ASP F 239 7.61 -5.05 -19.92
CA ASP F 239 7.80 -5.54 -21.29
C ASP F 239 8.04 -4.40 -22.26
N ALA F 240 7.56 -3.19 -21.95
CA ALA F 240 7.80 -2.03 -22.79
C ALA F 240 7.65 -0.76 -21.96
N VAL F 241 8.40 0.25 -22.37
CA VAL F 241 8.26 1.61 -21.86
C VAL F 241 7.98 2.51 -23.06
N VAL F 242 6.94 3.35 -22.96
CA VAL F 242 6.50 4.16 -24.07
C VAL F 242 6.30 5.60 -23.59
N ALA F 243 6.38 6.52 -24.55
CA ALA F 243 6.22 7.94 -24.30
C ALA F 243 5.98 8.64 -25.62
N CYS F 244 5.36 9.82 -25.56
CA CYS F 244 5.26 10.66 -26.75
C CYS F 244 6.59 11.37 -26.98
N VAL F 245 6.83 11.73 -28.24
CA VAL F 245 8.09 12.32 -28.67
C VAL F 245 7.79 13.58 -29.50
N GLY F 246 8.04 14.74 -28.91
CA GLY F 246 8.10 16.00 -29.60
C GLY F 246 9.55 16.30 -29.96
N GLY F 247 10.22 17.11 -29.14
CA GLY F 247 11.67 17.18 -29.21
C GLY F 247 12.35 16.02 -28.52
N GLY F 248 11.72 15.44 -27.49
CA GLY F 248 12.19 14.19 -26.93
C GLY F 248 12.58 14.16 -25.45
N SER F 249 12.28 15.21 -24.68
CA SER F 249 12.77 15.26 -23.31
C SER F 249 12.06 14.25 -22.41
N ASN F 250 10.72 14.17 -22.48
CA ASN F 250 10.05 13.25 -21.57
C ASN F 250 10.31 11.80 -21.96
N ALA F 251 10.50 11.52 -23.25
CA ALA F 251 10.76 10.14 -23.68
C ALA F 251 12.16 9.68 -23.27
N ILE F 252 13.18 10.49 -23.60
CA ILE F 252 14.54 10.15 -23.18
C ILE F 252 14.62 10.09 -21.65
N GLY F 253 13.79 10.87 -20.96
CA GLY F 253 13.86 10.87 -19.50
C GLY F 253 13.40 9.57 -18.90
N ILE F 254 12.33 8.98 -19.44
CA ILE F 254 11.87 7.69 -18.95
C ILE F 254 12.62 6.53 -19.59
N PHE F 255 13.13 6.69 -20.83
CA PHE F 255 13.82 5.60 -21.51
C PHE F 255 15.16 5.29 -20.89
N HIS F 256 15.86 6.30 -20.37
CA HIS F 256 17.30 6.18 -20.18
C HIS F 256 17.67 5.09 -19.18
N ALA F 257 16.91 4.99 -18.09
CA ALA F 257 17.21 4.00 -17.06
C ALA F 257 17.08 2.56 -17.57
N PHE F 258 16.38 2.35 -18.68
CA PHE F 258 16.12 1.02 -19.23
C PHE F 258 17.00 0.68 -20.42
N LEU F 259 17.92 1.58 -20.82
CA LEU F 259 18.67 1.37 -22.05
C LEU F 259 19.43 0.06 -22.03
N ASP F 260 20.03 -0.29 -20.90
CA ASP F 260 20.81 -1.51 -20.78
C ASP F 260 19.98 -2.71 -20.33
N ASP F 261 18.66 -2.62 -20.34
CA ASP F 261 17.81 -3.77 -20.03
C ASP F 261 17.34 -4.39 -21.34
N PRO F 262 17.99 -5.46 -21.81
CA PRO F 262 17.78 -5.89 -23.21
C PRO F 262 16.38 -6.40 -23.50
N GLY F 263 15.63 -6.83 -22.48
CA GLY F 263 14.29 -7.31 -22.71
C GLY F 263 13.19 -6.26 -22.71
N VAL F 264 13.51 -5.02 -22.36
CA VAL F 264 12.51 -3.96 -22.25
C VAL F 264 12.43 -3.23 -23.59
N ARG F 265 11.32 -3.42 -24.31
CA ARG F 265 11.06 -2.65 -25.52
C ARG F 265 10.88 -1.17 -25.19
N LEU F 266 11.36 -0.32 -26.08
CA LEU F 266 11.24 1.12 -25.94
C LEU F 266 10.58 1.67 -27.21
N VAL F 267 9.44 2.33 -27.06
CA VAL F 267 8.67 2.80 -28.20
C VAL F 267 8.32 4.28 -27.98
N GLY F 268 8.70 5.12 -28.94
CA GLY F 268 8.34 6.53 -28.93
C GLY F 268 7.25 6.80 -29.94
N PHE F 269 6.23 7.53 -29.50
CA PHE F 269 5.07 7.84 -30.35
C PHE F 269 5.09 9.32 -30.70
N GLU F 270 5.10 9.61 -32.00
CA GLU F 270 5.14 10.97 -32.49
C GLU F 270 3.83 11.35 -33.17
N ALA F 271 3.57 12.65 -33.24
CA ALA F 271 2.31 13.18 -33.75
C ALA F 271 2.24 13.06 -35.26
N ALA F 272 1.18 12.41 -35.75
CA ALA F 272 0.94 12.26 -37.18
C ALA F 272 -0.17 13.16 -37.71
N GLY F 273 -0.72 14.04 -36.88
CA GLY F 273 -1.74 14.98 -37.31
C GLY F 273 -2.91 14.35 -38.05
N ASP F 274 -3.13 14.79 -39.30
CA ASP F 274 -4.15 14.22 -40.17
C ASP F 274 -3.71 12.92 -40.81
N GLY F 275 -2.46 12.50 -40.61
CA GLY F 275 -1.91 11.33 -41.27
C GLY F 275 -0.58 11.65 -41.93
N VAL F 276 0.40 10.76 -41.80
CA VAL F 276 1.74 11.02 -42.33
C VAL F 276 1.78 11.11 -43.84
N GLU F 277 0.66 10.82 -44.52
CA GLU F 277 0.59 10.90 -45.97
C GLU F 277 -0.18 12.13 -46.44
N THR F 278 -0.55 13.04 -45.53
CA THR F 278 -1.44 14.14 -45.85
C THR F 278 -0.74 15.50 -45.93
N GLY F 279 0.53 15.59 -45.57
CA GLY F 279 1.20 16.87 -45.53
C GLY F 279 0.93 17.73 -44.32
N ARG F 280 0.09 17.28 -43.38
CA ARG F 280 -0.23 18.01 -42.15
C ARG F 280 0.03 17.06 -40.98
N HIS F 281 1.31 16.93 -40.62
CA HIS F 281 1.73 16.02 -39.57
C HIS F 281 3.00 16.56 -38.92
N ALA F 282 3.50 15.84 -37.93
CA ALA F 282 4.74 16.19 -37.25
C ALA F 282 5.59 14.97 -36.95
N ALA F 283 5.51 13.95 -37.82
CA ALA F 283 6.12 12.64 -37.58
C ALA F 283 7.54 12.64 -38.12
N THR F 284 8.45 13.13 -37.28
CA THR F 284 9.81 13.42 -37.73
C THR F 284 10.54 12.14 -38.14
N PHE F 285 10.55 11.13 -37.29
CA PHE F 285 11.25 9.90 -37.61
C PHE F 285 10.54 9.10 -38.71
N THR F 286 9.21 9.21 -38.79
CA THR F 286 8.46 8.43 -39.78
C THR F 286 8.62 8.99 -41.18
N ALA F 287 8.64 10.32 -41.30
CA ALA F 287 8.57 10.97 -42.60
C ALA F 287 9.75 11.88 -42.92
N GLY F 288 10.65 12.13 -41.96
CA GLY F 288 11.73 13.08 -42.15
C GLY F 288 13.02 12.44 -42.62
N SER F 289 14.08 13.23 -42.60
CA SER F 289 15.39 12.78 -43.05
C SER F 289 16.45 13.51 -42.25
N PRO F 290 17.68 12.98 -42.19
CA PRO F 290 18.73 13.65 -41.41
C PRO F 290 19.10 15.01 -42.01
N GLY F 291 19.55 15.90 -41.15
CA GLY F 291 19.92 17.24 -41.55
C GLY F 291 20.34 18.03 -40.33
N ALA F 292 20.76 19.27 -40.58
CA ALA F 292 21.16 20.19 -39.52
C ALA F 292 20.03 21.19 -39.28
N PHE F 293 19.52 21.23 -38.06
CA PHE F 293 18.36 22.06 -37.76
C PHE F 293 18.36 22.39 -36.28
N HIS F 294 18.26 23.69 -35.97
CA HIS F 294 18.18 24.16 -34.59
C HIS F 294 19.34 23.65 -33.74
N GLY F 295 20.54 23.71 -34.31
CA GLY F 295 21.74 23.51 -33.54
C GLY F 295 22.28 22.11 -33.49
N SER F 296 21.59 21.14 -34.11
CA SER F 296 22.03 19.76 -34.05
C SER F 296 21.87 19.10 -35.42
N PHE F 297 22.61 18.01 -35.61
CA PHE F 297 22.40 17.11 -36.72
C PHE F 297 21.52 15.97 -36.23
N SER F 298 20.31 15.87 -36.79
CA SER F 298 19.30 14.91 -36.37
C SER F 298 18.27 14.80 -37.50
N TYR F 299 17.07 14.33 -37.17
CA TYR F 299 16.01 14.19 -38.17
C TYR F 299 15.13 15.43 -38.18
N LEU F 300 14.68 15.81 -39.37
CA LEU F 300 13.69 16.88 -39.47
C LEU F 300 12.84 16.68 -40.72
N LEU F 301 11.66 17.28 -40.71
CA LEU F 301 10.81 17.34 -41.89
C LEU F 301 11.36 18.42 -42.81
N GLN F 302 11.86 18.02 -43.98
CA GLN F 302 12.49 18.94 -44.92
C GLN F 302 12.15 18.53 -46.35
N ASP F 303 12.12 19.52 -47.23
CA ASP F 303 11.80 19.27 -48.63
C ASP F 303 13.06 18.90 -49.40
N GLU F 304 12.96 18.91 -50.74
CA GLU F 304 14.06 18.44 -51.58
C GLU F 304 15.28 19.34 -51.50
N ASP F 305 15.09 20.64 -51.23
CA ASP F 305 16.20 21.58 -51.15
C ASP F 305 16.73 21.77 -49.74
N GLY F 306 16.18 21.08 -48.75
CA GLY F 306 16.58 21.28 -47.37
C GLY F 306 15.78 22.33 -46.61
N GLN F 307 14.74 22.88 -47.22
CA GLN F 307 13.86 23.82 -46.51
C GLN F 307 12.99 23.09 -45.50
N THR F 308 12.74 23.73 -44.37
CA THR F 308 11.94 23.11 -43.32
C THR F 308 10.49 23.03 -43.75
N ILE F 309 9.90 21.85 -43.56
CA ILE F 309 8.48 21.65 -43.81
C ILE F 309 7.74 21.92 -42.52
N GLU F 310 6.83 22.89 -42.56
CA GLU F 310 6.08 23.26 -41.36
C GLU F 310 5.23 22.07 -40.90
N SER F 311 5.24 21.83 -39.60
CA SER F 311 4.52 20.70 -39.05
C SER F 311 3.10 21.10 -38.67
N HIS F 312 2.29 20.09 -38.35
N HIS F 312 2.28 20.08 -38.43
CA HIS F 312 0.92 20.33 -37.89
CA HIS F 312 0.94 20.26 -37.89
C HIS F 312 0.52 19.18 -36.98
C HIS F 312 0.66 19.16 -36.87
N SER F 313 -0.05 19.52 -35.82
CA SER F 313 -0.62 18.56 -34.90
C SER F 313 -1.67 19.27 -34.08
N ILE F 314 -2.69 18.51 -33.65
CA ILE F 314 -3.67 19.07 -32.73
C ILE F 314 -3.02 19.38 -31.38
N SER F 315 -1.86 18.78 -31.11
CA SER F 315 -1.12 18.99 -29.87
C SER F 315 -0.04 20.03 -30.09
N ALA F 316 -0.05 21.09 -29.28
CA ALA F 316 0.94 22.15 -29.44
C ALA F 316 2.35 21.68 -29.07
N GLY F 317 2.47 20.78 -28.09
CA GLY F 317 3.78 20.36 -27.64
C GLY F 317 4.49 19.41 -28.58
N LEU F 318 3.74 18.71 -29.44
CA LEU F 318 4.34 17.82 -30.42
C LEU F 318 4.44 18.45 -31.80
N ASP F 319 3.94 19.67 -31.96
CA ASP F 319 3.87 20.33 -33.26
C ASP F 319 5.23 20.93 -33.59
N TYR F 320 6.19 20.05 -33.89
CA TYR F 320 7.56 20.42 -34.07
C TYR F 320 8.15 19.54 -35.17
N PRO F 321 8.79 20.12 -36.18
CA PRO F 321 9.31 19.31 -37.29
C PRO F 321 10.66 18.67 -37.02
N GLY F 322 11.24 18.86 -35.84
CA GLY F 322 12.52 18.28 -35.50
C GLY F 322 12.41 17.27 -34.38
N VAL F 323 13.56 16.76 -33.96
CA VAL F 323 13.64 15.78 -32.88
C VAL F 323 15.09 15.75 -32.40
N GLY F 324 15.28 15.37 -31.14
CA GLY F 324 16.57 15.43 -30.49
C GLY F 324 17.55 14.38 -30.96
N PRO F 325 18.85 14.73 -30.95
CA PRO F 325 19.85 13.87 -31.60
C PRO F 325 20.11 12.55 -30.88
N GLU F 326 19.92 12.47 -29.56
CA GLU F 326 20.09 11.18 -28.90
C GLU F 326 19.04 10.18 -29.36
N HIS F 327 17.82 10.66 -29.63
CA HIS F 327 16.79 9.80 -30.20
C HIS F 327 17.20 9.31 -31.59
N ALA F 328 17.83 10.16 -32.40
CA ALA F 328 18.27 9.74 -33.72
C ALA F 328 19.32 8.66 -33.62
N TRP F 329 20.18 8.73 -32.61
CA TRP F 329 21.18 7.69 -32.39
C TRP F 329 20.55 6.41 -31.90
N LEU F 330 19.58 6.50 -30.99
CA LEU F 330 18.90 5.31 -30.49
C LEU F 330 18.09 4.63 -31.59
N LYS F 331 17.55 5.40 -32.52
CA LYS F 331 16.84 4.81 -33.65
C LYS F 331 17.80 4.05 -34.55
N GLU F 332 18.92 4.68 -34.91
CA GLU F 332 19.89 4.03 -35.79
C GLU F 332 20.44 2.74 -35.16
N ALA F 333 20.67 2.75 -33.86
CA ALA F 333 21.18 1.56 -33.19
C ALA F 333 20.11 0.49 -32.98
N GLY F 334 18.88 0.74 -33.40
CA GLY F 334 17.80 -0.20 -33.20
C GLY F 334 17.35 -0.37 -31.77
N ARG F 335 17.74 0.52 -30.87
CA ARG F 335 17.34 0.39 -29.47
C ARG F 335 15.91 0.86 -29.23
N VAL F 336 15.45 1.88 -29.95
CA VAL F 336 14.13 2.47 -29.73
C VAL F 336 13.37 2.49 -31.05
N ASP F 337 12.09 2.12 -31.00
CA ASP F 337 11.20 2.17 -32.15
C ASP F 337 10.33 3.42 -32.04
N TYR F 338 10.13 4.09 -33.17
CA TYR F 338 9.36 5.33 -33.23
C TYR F 338 8.23 5.16 -34.23
N ARG F 339 7.01 5.43 -33.76
CA ARG F 339 5.79 5.15 -34.53
C ARG F 339 4.85 6.34 -34.47
N PRO F 340 4.02 6.52 -35.50
CA PRO F 340 3.14 7.69 -35.56
C PRO F 340 1.77 7.44 -34.96
N ILE F 341 1.22 8.51 -34.38
CA ILE F 341 -0.13 8.50 -33.81
C ILE F 341 -0.85 9.73 -34.32
N THR F 342 -2.04 9.54 -34.88
CA THR F 342 -2.76 10.64 -35.50
C THR F 342 -3.52 11.47 -34.47
N ASP F 343 -4.02 12.63 -34.90
CA ASP F 343 -4.88 13.44 -34.06
C ASP F 343 -6.06 12.62 -33.54
N SER F 344 -6.72 11.88 -34.43
CA SER F 344 -7.92 11.14 -34.04
C SER F 344 -7.58 10.05 -33.02
N GLU F 345 -6.47 9.34 -33.22
CA GLU F 345 -6.10 8.29 -32.26
C GLU F 345 -5.80 8.88 -30.89
N ALA F 346 -5.14 10.05 -30.85
CA ALA F 346 -4.81 10.67 -29.58
C ALA F 346 -6.07 11.15 -28.85
N MET F 347 -7.01 11.76 -29.57
CA MET F 347 -8.20 12.28 -28.93
C MET F 347 -9.11 11.15 -28.47
N ASP F 348 -9.12 10.03 -29.21
CA ASP F 348 -9.86 8.85 -28.78
C ASP F 348 -9.31 8.34 -27.45
N ALA F 349 -7.98 8.19 -27.34
CA ALA F 349 -7.37 7.81 -26.08
C ALA F 349 -7.57 8.88 -25.02
N PHE F 350 -7.57 10.16 -25.41
CA PHE F 350 -7.85 11.24 -24.46
C PHE F 350 -9.15 10.99 -23.73
N GLY F 351 -10.22 10.75 -24.49
CA GLY F 351 -11.52 10.52 -23.88
C GLY F 351 -11.59 9.21 -23.13
N LEU F 352 -10.91 8.19 -23.66
CA LEU F 352 -10.87 6.90 -22.96
C LEU F 352 -10.23 7.04 -21.59
N LEU F 353 -9.15 7.83 -21.49
CA LEU F 353 -8.52 8.00 -20.18
C LEU F 353 -9.42 8.77 -19.23
N CYS F 354 -10.16 9.76 -19.74
CA CYS F 354 -11.11 10.50 -18.93
C CYS F 354 -12.18 9.58 -18.34
N ARG F 355 -12.79 8.75 -19.19
CA ARG F 355 -13.93 7.96 -18.77
C ARG F 355 -13.53 6.71 -17.99
N MET F 356 -12.37 6.12 -18.30
CA MET F 356 -11.99 4.89 -17.64
C MET F 356 -11.24 5.12 -16.33
N GLU F 357 -10.38 6.12 -16.29
CA GLU F 357 -9.51 6.32 -15.15
C GLU F 357 -9.72 7.66 -14.45
N GLY F 358 -10.58 8.52 -14.96
CA GLY F 358 -10.74 9.83 -14.36
C GLY F 358 -9.50 10.67 -14.41
N ILE F 359 -8.68 10.51 -15.45
CA ILE F 359 -7.48 11.31 -15.65
C ILE F 359 -7.62 12.08 -16.94
N ILE F 360 -7.53 13.40 -16.86
CA ILE F 360 -7.55 14.27 -18.03
C ILE F 360 -6.11 14.55 -18.45
N PRO F 361 -5.62 13.92 -19.51
CA PRO F 361 -4.21 14.06 -19.88
C PRO F 361 -4.01 15.24 -20.82
N ALA F 362 -2.76 15.69 -20.87
CA ALA F 362 -2.37 16.58 -21.96
C ALA F 362 -2.55 15.84 -23.27
N ILE F 363 -2.92 16.58 -24.32
CA ILE F 363 -3.11 15.95 -25.62
C ILE F 363 -1.80 15.34 -26.12
N GLU F 364 -0.66 15.92 -25.72
CA GLU F 364 0.64 15.30 -25.95
C GLU F 364 0.66 13.89 -25.37
N SER F 365 0.46 13.79 -24.06
CA SER F 365 0.47 12.50 -23.37
C SER F 365 -0.53 11.51 -23.98
N ALA F 366 -1.69 12.00 -24.42
CA ALA F 366 -2.69 11.10 -25.00
C ALA F 366 -2.15 10.36 -26.21
N HIS F 367 -1.16 10.93 -26.92
CA HIS F 367 -0.48 10.20 -27.98
C HIS F 367 0.22 8.96 -27.42
N ALA F 368 0.89 9.09 -26.27
CA ALA F 368 1.52 7.93 -25.64
C ALA F 368 0.48 6.89 -25.25
N VAL F 369 -0.66 7.34 -24.69
CA VAL F 369 -1.69 6.40 -24.30
C VAL F 369 -2.24 5.67 -25.53
N ALA F 370 -2.50 6.40 -26.62
CA ALA F 370 -3.02 5.77 -27.82
C ALA F 370 -2.09 4.69 -28.32
N GLY F 371 -0.79 4.99 -28.39
CA GLY F 371 0.18 3.99 -28.79
C GLY F 371 0.28 2.83 -27.83
N ALA F 372 0.09 3.09 -26.54
CA ALA F 372 0.15 2.02 -25.56
C ALA F 372 -1.00 1.02 -25.75
N LEU F 373 -2.19 1.53 -26.06
CA LEU F 373 -3.33 0.63 -26.33
C LEU F 373 -3.04 -0.27 -27.53
N LYS F 374 -2.41 0.28 -28.56
CA LYS F 374 -2.07 -0.54 -29.72
C LYS F 374 -0.98 -1.53 -29.36
N LEU F 375 0.02 -1.09 -28.59
CA LEU F 375 1.08 -2.00 -28.17
C LEU F 375 0.54 -3.11 -27.27
N GLY F 376 -0.44 -2.80 -26.42
CA GLY F 376 -1.02 -3.83 -25.58
C GLY F 376 -1.74 -4.90 -26.38
N VAL F 377 -2.38 -4.51 -27.48
CA VAL F 377 -3.03 -5.49 -28.33
C VAL F 377 -2.01 -6.42 -28.97
N GLU F 378 -0.84 -5.89 -29.35
N GLU F 378 -0.85 -5.88 -29.35
CA GLU F 378 0.15 -6.73 -29.99
CA GLU F 378 0.18 -6.69 -29.98
C GLU F 378 1.05 -7.48 -29.02
C GLU F 378 0.87 -7.58 -28.96
N LEU F 379 1.12 -7.07 -27.75
CA LEU F 379 1.90 -7.80 -26.76
C LEU F 379 1.09 -8.84 -26.00
N GLY F 380 -0.23 -8.67 -25.91
CA GLY F 380 -1.08 -9.72 -25.37
C GLY F 380 -1.35 -9.59 -23.89
N ARG F 381 -2.21 -10.48 -23.42
CA ARG F 381 -2.66 -10.45 -22.03
C ARG F 381 -1.49 -10.59 -21.06
N GLY F 382 -1.50 -9.77 -20.02
CA GLY F 382 -0.51 -9.85 -18.97
C GLY F 382 0.76 -9.07 -19.21
N ALA F 383 0.98 -8.56 -20.43
CA ALA F 383 2.16 -7.77 -20.71
C ALA F 383 2.15 -6.50 -19.86
N VAL F 384 3.32 -6.08 -19.41
CA VAL F 384 3.47 -4.91 -18.57
C VAL F 384 4.06 -3.79 -19.41
N ILE F 385 3.31 -2.69 -19.54
CA ILE F 385 3.70 -1.56 -20.38
C ILE F 385 3.67 -0.31 -19.51
N VAL F 386 4.82 0.33 -19.35
CA VAL F 386 4.92 1.57 -18.61
C VAL F 386 4.78 2.73 -19.59
N VAL F 387 3.91 3.68 -19.27
CA VAL F 387 3.60 4.81 -20.15
C VAL F 387 3.90 6.10 -19.40
N ASN F 388 4.69 6.96 -20.02
CA ASN F 388 4.95 8.28 -19.43
C ASN F 388 3.74 9.16 -19.66
N LEU F 389 3.01 9.46 -18.59
CA LEU F 389 1.89 10.41 -18.68
C LEU F 389 2.47 11.79 -18.40
N SER F 390 2.91 12.46 -19.47
CA SER F 390 3.84 13.58 -19.32
C SER F 390 3.18 14.82 -18.71
N GLY F 391 1.87 14.99 -18.85
CA GLY F 391 1.26 16.15 -18.24
C GLY F 391 -0.26 16.05 -18.17
N ARG F 392 -0.84 16.99 -17.45
CA ARG F 392 -2.29 17.04 -17.29
C ARG F 392 -2.93 17.93 -18.36
N GLY F 393 -4.23 17.77 -18.53
CA GLY F 393 -4.90 18.36 -19.67
C GLY F 393 -5.73 19.61 -19.44
N ASP F 394 -5.49 20.33 -18.35
CA ASP F 394 -6.24 21.57 -18.11
C ASP F 394 -6.07 22.55 -19.26
N LYS F 395 -4.85 22.64 -19.81
CA LYS F 395 -4.58 23.54 -20.93
C LYS F 395 -5.37 23.16 -22.19
N ASP F 396 -5.74 21.88 -22.32
CA ASP F 396 -6.39 21.35 -23.51
C ASP F 396 -7.89 21.15 -23.35
N VAL F 397 -8.44 21.55 -22.20
CA VAL F 397 -9.82 21.22 -21.88
C VAL F 397 -10.78 21.84 -22.90
N GLU F 398 -10.49 23.06 -23.34
CA GLU F 398 -11.37 23.73 -24.31
C GLU F 398 -11.29 23.06 -25.68
N THR F 399 -10.08 22.64 -26.09
CA THR F 399 -9.94 21.93 -27.35
C THR F 399 -10.64 20.58 -27.31
N ALA F 400 -10.50 19.86 -26.19
CA ALA F 400 -11.13 18.55 -26.07
C ALA F 400 -12.66 18.67 -26.07
N ALA F 401 -13.19 19.65 -25.33
CA ALA F 401 -14.64 19.83 -25.27
C ALA F 401 -15.21 20.11 -26.65
N LYS F 402 -14.54 20.95 -27.44
CA LYS F 402 -14.99 21.20 -28.80
C LYS F 402 -14.94 19.93 -29.63
N TRP F 403 -13.89 19.12 -29.46
CA TRP F 403 -13.76 17.89 -30.22
C TRP F 403 -14.91 16.92 -29.91
N PHE F 404 -15.34 16.84 -28.66
CA PHE F 404 -16.38 15.91 -28.23
C PHE F 404 -17.77 16.55 -28.18
N GLY F 405 -17.92 17.79 -28.63
CA GLY F 405 -19.20 18.45 -28.63
C GLY F 405 -19.78 18.72 -27.26
N LEU F 406 -18.97 19.29 -26.36
CA LEU F 406 -19.41 19.49 -24.98
C LEU F 406 -19.37 20.95 -24.57
N LEU F 407 -19.94 21.83 -25.37
CA LEU F 407 -20.00 23.25 -25.02
C LEU F 407 -21.36 23.84 -25.40
N GLU G 8 -55.69 14.47 27.89
CA GLU G 8 -55.21 13.30 27.15
C GLU G 8 -55.63 13.39 25.68
N ALA G 9 -56.68 14.16 25.40
CA ALA G 9 -57.17 14.30 24.04
C ALA G 9 -56.38 15.35 23.28
N SER G 10 -56.16 15.09 21.99
CA SER G 10 -55.44 16.03 21.15
C SER G 10 -56.37 17.16 20.71
N ARG G 11 -55.75 18.26 20.28
CA ARG G 11 -56.53 19.41 19.83
C ARG G 11 -57.34 19.08 18.58
N LEU G 12 -56.79 18.27 17.68
CA LEU G 12 -57.47 17.93 16.43
C LEU G 12 -58.37 16.71 16.54
N GLY G 13 -58.29 15.97 17.65
CA GLY G 13 -59.11 14.80 17.88
C GLY G 13 -60.59 14.97 17.56
N PRO G 14 -61.23 15.98 18.17
CA PRO G 14 -62.66 16.24 17.87
C PRO G 14 -62.96 16.43 16.39
N VAL G 15 -62.04 17.00 15.61
CA VAL G 15 -62.30 17.18 14.19
C VAL G 15 -62.37 15.82 13.49
N PHE G 16 -61.43 14.93 13.82
CA PHE G 16 -61.43 13.62 13.17
C PHE G 16 -62.53 12.74 13.73
N ASP G 17 -62.92 12.92 15.00
CA ASP G 17 -64.09 12.22 15.52
C ASP G 17 -65.34 12.62 14.77
N SER G 18 -65.49 13.91 14.49
CA SER G 18 -66.67 14.39 13.77
C SER G 18 -66.69 13.87 12.34
N CYS G 19 -65.55 13.92 11.64
CA CYS G 19 -65.49 13.39 10.29
C CYS G 19 -65.76 11.89 10.29
N ARG G 20 -65.21 11.15 11.26
CA ARG G 20 -65.43 9.71 11.33
C ARG G 20 -66.88 9.39 11.67
N ALA G 21 -67.57 10.29 12.38
CA ALA G 21 -68.99 10.08 12.64
C ALA G 21 -69.84 10.29 11.40
N ASN G 22 -69.42 11.19 10.51
CA ASN G 22 -70.12 11.43 9.25
C ASN G 22 -69.58 10.59 8.11
N ASN G 23 -68.78 9.56 8.40
CA ASN G 23 -68.30 8.61 7.40
C ASN G 23 -67.58 9.33 6.25
N ARG G 24 -66.64 10.20 6.61
CA ARG G 24 -65.88 10.98 5.63
C ARG G 24 -64.50 11.26 6.20
N ALA G 25 -63.61 11.71 5.32
CA ALA G 25 -62.29 12.16 5.71
C ALA G 25 -62.29 13.67 5.93
N ALA G 26 -61.34 14.14 6.73
CA ALA G 26 -61.12 15.57 6.87
C ALA G 26 -60.44 16.11 5.62
N LEU G 27 -60.83 17.31 5.22
CA LEU G 27 -60.13 18.04 4.17
C LEU G 27 -59.13 18.98 4.84
N ILE G 28 -57.85 18.82 4.50
CA ILE G 28 -56.77 19.60 5.10
C ILE G 28 -56.12 20.41 3.98
N GLY G 29 -56.29 21.72 4.04
CA GLY G 29 -55.84 22.63 2.99
C GLY G 29 -54.63 23.44 3.42
N TYR G 30 -53.65 23.52 2.54
CA TYR G 30 -52.41 24.27 2.76
C TYR G 30 -52.40 25.52 1.89
N LEU G 31 -51.97 26.64 2.49
CA LEU G 31 -51.69 27.88 1.78
C LEU G 31 -50.51 28.53 2.48
N PRO G 32 -49.56 29.10 1.74
CA PRO G 32 -48.46 29.83 2.38
C PRO G 32 -48.86 31.26 2.72
N THR G 33 -48.42 31.72 3.88
CA THR G 33 -48.71 33.08 4.32
C THR G 33 -48.03 34.08 3.40
N GLY G 34 -48.77 35.12 3.02
CA GLY G 34 -48.19 36.21 2.25
C GLY G 34 -48.13 36.03 0.76
N TYR G 35 -48.83 35.03 0.21
CA TYR G 35 -48.91 34.90 -1.24
C TYR G 35 -50.34 35.12 -1.69
N PRO G 36 -50.58 36.02 -2.66
CA PRO G 36 -49.57 36.85 -3.34
C PRO G 36 -49.15 38.07 -2.52
N ASP G 37 -49.87 38.34 -1.45
CA ASP G 37 -49.46 39.31 -0.43
C ASP G 37 -50.18 38.93 0.85
N VAL G 38 -49.78 39.59 1.96
CA VAL G 38 -50.34 39.21 3.26
C VAL G 38 -51.85 39.35 3.33
N PRO G 39 -52.45 40.50 2.98
CA PRO G 39 -53.93 40.58 3.02
C PRO G 39 -54.63 39.60 2.09
N ALA G 40 -54.10 39.39 0.88
CA ALA G 40 -54.75 38.46 -0.04
C ALA G 40 -54.69 37.03 0.48
N SER G 41 -53.54 36.62 1.05
CA SER G 41 -53.44 35.27 1.58
C SER G 41 -54.38 35.05 2.76
N VAL G 42 -54.63 36.09 3.55
CA VAL G 42 -55.61 35.97 4.63
C VAL G 42 -57.01 35.80 4.05
N ALA G 43 -57.36 36.59 3.03
CA ALA G 43 -58.65 36.42 2.38
C ALA G 43 -58.78 35.02 1.79
N ALA G 44 -57.70 34.51 1.19
CA ALA G 44 -57.73 33.16 0.64
C ALA G 44 -57.91 32.10 1.73
N MET G 45 -57.22 32.26 2.86
CA MET G 45 -57.37 31.27 3.93
C MET G 45 -58.75 31.35 4.56
N THR G 46 -59.30 32.56 4.68
CA THR G 46 -60.68 32.72 5.12
C THR G 46 -61.63 32.00 4.17
N ALA G 47 -61.38 32.08 2.87
CA ALA G 47 -62.23 31.41 1.89
C ALA G 47 -62.18 29.89 2.07
N LEU G 48 -61.01 29.36 2.44
CA LEU G 48 -60.90 27.92 2.65
C LEU G 48 -61.82 27.45 3.77
N VAL G 49 -61.92 28.24 4.84
CA VAL G 49 -62.85 27.91 5.92
C VAL G 49 -64.27 27.90 5.40
N GLU G 50 -64.64 28.94 4.64
CA GLU G 50 -66.00 29.05 4.12
C GLU G 50 -66.33 27.95 3.12
N SER G 51 -65.34 27.49 2.36
CA SER G 51 -65.55 26.53 1.28
C SER G 51 -65.51 25.07 1.74
N GLY G 52 -65.18 24.80 3.00
CA GLY G 52 -65.30 23.44 3.50
C GLY G 52 -64.03 22.75 3.95
N CYS G 53 -62.97 23.51 4.23
CA CYS G 53 -61.77 22.92 4.80
C CYS G 53 -61.96 22.68 6.29
N ASP G 54 -61.71 21.43 6.72
CA ASP G 54 -61.81 21.13 8.14
C ASP G 54 -60.60 21.64 8.90
N ILE G 55 -59.42 21.57 8.30
CA ILE G 55 -58.17 21.98 8.92
C ILE G 55 -57.39 22.79 7.90
N ILE G 56 -56.83 23.92 8.34
CA ILE G 56 -56.00 24.77 7.50
C ILE G 56 -54.55 24.59 7.92
N GLU G 57 -53.69 24.32 6.94
CA GLU G 57 -52.24 24.33 7.13
C GLU G 57 -51.72 25.70 6.70
N VAL G 58 -51.29 26.50 7.67
CA VAL G 58 -50.74 27.83 7.40
C VAL G 58 -49.23 27.65 7.22
N GLY G 59 -48.75 27.88 5.99
CA GLY G 59 -47.36 27.63 5.68
C GLY G 59 -46.50 28.85 5.93
N VAL G 60 -45.36 28.62 6.60
CA VAL G 60 -44.39 29.68 6.89
C VAL G 60 -43.38 29.71 5.75
N PRO G 61 -43.38 30.74 4.90
CA PRO G 61 -42.41 30.78 3.80
C PRO G 61 -40.97 30.80 4.32
N TYR G 62 -40.13 29.98 3.68
CA TYR G 62 -38.74 29.83 4.09
C TYR G 62 -37.83 29.99 2.87
N SER G 63 -36.64 30.55 3.12
CA SER G 63 -35.75 30.92 2.03
C SER G 63 -35.18 29.70 1.29
N ASP G 64 -35.07 28.55 1.95
CA ASP G 64 -34.50 27.34 1.33
C ASP G 64 -35.41 26.15 1.56
N PRO G 65 -36.58 26.13 0.92
CA PRO G 65 -37.57 25.06 1.15
C PRO G 65 -37.32 23.80 0.32
N GLY G 66 -36.31 23.03 0.72
CA GLY G 66 -35.85 21.91 -0.07
C GLY G 66 -36.87 20.81 -0.33
N MET G 67 -37.89 20.69 0.53
N MET G 67 -37.89 20.70 0.54
CA MET G 67 -38.89 19.66 0.39
CA MET G 67 -38.90 19.67 0.42
C MET G 67 -40.10 20.09 -0.44
C MET G 67 -40.17 20.15 -0.28
N ASP G 68 -40.15 21.35 -0.87
CA ASP G 68 -41.31 21.88 -1.57
C ASP G 68 -41.11 21.81 -3.08
N GLY G 69 -42.15 21.36 -3.78
CA GLY G 69 -42.17 21.36 -5.23
C GLY G 69 -42.17 22.77 -5.79
N PRO G 70 -42.04 22.90 -7.11
CA PRO G 70 -41.86 24.23 -7.72
C PRO G 70 -43.02 25.19 -7.50
N THR G 71 -44.25 24.68 -7.44
CA THR G 71 -45.41 25.55 -7.29
C THR G 71 -45.36 26.31 -5.96
N ILE G 72 -45.24 25.57 -4.85
CA ILE G 72 -45.17 26.22 -3.55
C ILE G 72 -43.84 26.96 -3.39
N ALA G 73 -42.77 26.44 -3.99
CA ALA G 73 -41.48 27.12 -3.91
C ALA G 73 -41.53 28.49 -4.58
N ARG G 74 -42.12 28.58 -5.78
CA ARG G 74 -42.23 29.88 -6.42
C ARG G 74 -43.12 30.82 -5.61
N ALA G 75 -44.21 30.31 -5.05
CA ALA G 75 -45.12 31.16 -4.27
C ALA G 75 -44.44 31.70 -3.02
N THR G 76 -43.73 30.84 -2.28
CA THR G 76 -43.06 31.30 -1.06
C THR G 76 -41.96 32.31 -1.39
N GLU G 77 -41.26 32.14 -2.52
CA GLU G 77 -40.28 33.13 -2.94
C GLU G 77 -40.94 34.48 -3.20
N ALA G 78 -42.12 34.47 -3.82
CA ALA G 78 -42.84 35.72 -4.06
C ALA G 78 -43.32 36.33 -2.75
N ALA G 79 -43.80 35.51 -1.83
CA ALA G 79 -44.21 36.02 -0.52
C ALA G 79 -43.04 36.67 0.20
N LEU G 80 -41.85 36.06 0.12
CA LEU G 80 -40.68 36.65 0.77
C LEU G 80 -40.25 37.93 0.06
N ARG G 81 -40.31 37.96 -1.27
CA ARG G 81 -40.01 39.21 -1.97
C ARG G 81 -40.98 40.31 -1.56
N GLY G 82 -42.22 39.95 -1.21
CA GLY G 82 -43.17 40.92 -0.71
C GLY G 82 -43.00 41.30 0.75
N GLY G 83 -42.06 40.68 1.46
CA GLY G 83 -41.77 41.07 2.83
C GLY G 83 -42.56 40.35 3.90
N VAL G 84 -43.01 39.11 3.65
CA VAL G 84 -43.76 38.35 4.65
C VAL G 84 -42.87 38.06 5.85
N ARG G 85 -43.43 38.17 7.04
CA ARG G 85 -42.74 37.89 8.29
C ARG G 85 -43.36 36.68 8.97
N VAL G 86 -42.57 36.04 9.84
CA VAL G 86 -43.14 34.96 10.65
C VAL G 86 -44.33 35.45 11.45
N ARG G 87 -44.28 36.70 11.94
CA ARG G 87 -45.40 37.24 12.70
C ARG G 87 -46.69 37.24 11.89
N ASP G 88 -46.61 37.39 10.57
CA ASP G 88 -47.80 37.38 9.74
C ASP G 88 -48.48 36.02 9.71
N THR G 89 -47.70 34.94 9.87
CA THR G 89 -48.28 33.60 9.99
C THR G 89 -49.14 33.50 11.25
N LEU G 90 -48.67 34.05 12.36
CA LEU G 90 -49.48 34.07 13.58
C LEU G 90 -50.73 34.92 13.40
N ALA G 91 -50.64 36.01 12.62
CA ALA G 91 -51.81 36.82 12.35
C ALA G 91 -52.83 36.05 11.51
N ALA G 92 -52.36 35.29 10.52
CA ALA G 92 -53.26 34.47 9.72
C ALA G 92 -53.95 33.41 10.57
N VAL G 93 -53.20 32.79 11.49
CA VAL G 93 -53.81 31.80 12.38
C VAL G 93 -54.94 32.43 13.17
N GLU G 94 -54.72 33.63 13.69
CA GLU G 94 -55.77 34.31 14.44
C GLU G 94 -56.99 34.58 13.56
N ALA G 95 -56.78 35.09 12.34
CA ALA G 95 -57.91 35.38 11.45
C ALA G 95 -58.67 34.10 11.11
N ILE G 96 -57.95 33.01 10.86
CA ILE G 96 -58.62 31.74 10.60
C ILE G 96 -59.45 31.31 11.79
N SER G 97 -58.90 31.46 13.00
CA SER G 97 -59.63 31.05 14.20
C SER G 97 -60.87 31.89 14.41
N ILE G 98 -60.79 33.19 14.11
CA ILE G 98 -61.93 34.09 14.29
C ILE G 98 -63.05 33.75 13.31
N ALA G 99 -62.69 33.32 12.09
CA ALA G 99 -63.66 32.93 11.07
C ALA G 99 -64.24 31.54 11.30
N GLY G 100 -64.04 30.95 12.47
CA GLY G 100 -64.55 29.63 12.75
C GLY G 100 -63.70 28.49 12.24
N GLY G 101 -62.51 28.77 11.72
CA GLY G 101 -61.65 27.74 11.21
C GLY G 101 -60.76 27.11 12.27
N ARG G 102 -60.06 26.06 11.86
N ARG G 102 -60.08 26.04 11.87
CA ARG G 102 -59.11 25.36 12.73
CA ARG G 102 -59.12 25.34 12.70
C ARG G 102 -57.79 25.29 12.01
C ARG G 102 -57.79 25.33 11.96
N ALA G 103 -56.77 25.94 12.56
CA ALA G 103 -55.48 26.12 11.91
C ALA G 103 -54.36 25.42 12.66
N VAL G 104 -53.46 24.81 11.89
CA VAL G 104 -52.14 24.42 12.36
C VAL G 104 -51.12 25.14 11.47
N VAL G 105 -49.87 25.14 11.90
CA VAL G 105 -48.78 25.78 11.17
C VAL G 105 -47.85 24.70 10.64
N MET G 106 -47.47 24.81 9.36
CA MET G 106 -46.44 23.99 8.78
C MET G 106 -45.23 24.87 8.48
N THR G 107 -44.07 24.46 9.02
CA THR G 107 -42.88 25.29 8.94
C THR G 107 -41.65 24.40 9.01
N TYR G 108 -40.61 24.81 8.29
CA TYR G 108 -39.30 24.26 8.55
C TYR G 108 -38.82 24.71 9.93
N TRP G 109 -37.84 24.00 10.47
CA TRP G 109 -37.57 24.15 11.89
C TRP G 109 -36.71 25.38 12.21
N ASN G 110 -35.87 25.85 11.29
CA ASN G 110 -34.99 26.96 11.65
C ASN G 110 -35.75 28.23 12.03
N PRO G 111 -36.81 28.65 11.33
CA PRO G 111 -37.56 29.83 11.81
C PRO G 111 -38.08 29.66 13.24
N VAL G 112 -38.45 28.44 13.62
CA VAL G 112 -38.87 28.19 15.00
C VAL G 112 -37.69 28.33 15.96
N LEU G 113 -36.54 27.75 15.59
CA LEU G 113 -35.33 27.92 16.41
C LEU G 113 -34.99 29.39 16.59
N ARG G 114 -35.01 30.16 15.48
CA ARG G 114 -34.70 31.58 15.59
C ARG G 114 -35.69 32.28 16.48
N TYR G 115 -36.98 31.96 16.33
CA TYR G 115 -38.01 32.53 17.16
C TYR G 115 -37.86 32.12 18.61
N GLY G 116 -37.38 30.90 18.85
CA GLY G 116 -37.40 30.31 20.18
C GLY G 116 -38.55 29.32 20.28
N VAL G 117 -38.24 28.06 20.60
CA VAL G 117 -39.24 27.00 20.48
C VAL G 117 -40.38 27.23 21.48
N ASP G 118 -40.03 27.46 22.75
CA ASP G 118 -41.06 27.74 23.74
C ASP G 118 -41.82 29.02 23.41
N ALA G 119 -41.10 30.07 22.97
CA ALA G 119 -41.76 31.33 22.63
C ALA G 119 -42.73 31.15 21.47
N PHE G 120 -42.32 30.41 20.44
CA PHE G 120 -43.20 30.21 19.30
C PHE G 120 -44.41 29.35 19.67
N ALA G 121 -44.20 28.35 20.54
CA ALA G 121 -45.32 27.54 21.00
C ALA G 121 -46.35 28.38 21.73
N ARG G 122 -45.89 29.28 22.61
CA ARG G 122 -46.82 30.14 23.35
C ARG G 122 -47.57 31.08 22.42
N ASP G 123 -46.87 31.71 21.48
CA ASP G 123 -47.52 32.66 20.59
C ASP G 123 -48.46 31.96 19.62
N LEU G 124 -48.10 30.76 19.18
CA LEU G 124 -49.01 29.98 18.34
C LEU G 124 -50.26 29.60 19.11
N ALA G 125 -50.11 29.20 20.39
CA ALA G 125 -51.27 28.92 21.22
C ALA G 125 -52.09 30.18 21.45
N ALA G 126 -51.43 31.32 21.67
CA ALA G 126 -52.17 32.56 21.88
C ALA G 126 -52.89 33.00 20.61
N ALA G 127 -52.36 32.65 19.44
CA ALA G 127 -53.02 32.97 18.19
C ALA G 127 -54.24 32.09 17.91
N GLY G 128 -54.45 31.05 18.71
CA GLY G 128 -55.49 30.09 18.46
C GLY G 128 -55.06 28.88 17.66
N GLY G 129 -53.76 28.74 17.40
CA GLY G 129 -53.28 27.58 16.66
C GLY G 129 -53.42 26.29 17.45
N LEU G 130 -53.61 25.20 16.72
CA LEU G 130 -53.89 23.92 17.34
C LEU G 130 -52.73 22.93 17.25
N GLY G 131 -51.74 23.20 16.42
CA GLY G 131 -50.65 22.26 16.26
C GLY G 131 -49.63 22.77 15.27
N LEU G 132 -48.59 21.97 15.08
CA LEU G 132 -47.45 22.32 14.25
C LEU G 132 -47.04 21.11 13.45
N ILE G 133 -46.79 21.30 12.16
CA ILE G 133 -46.29 20.26 11.27
C ILE G 133 -44.82 20.58 10.99
N THR G 134 -43.95 19.59 11.15
CA THR G 134 -42.50 19.80 11.16
C THR G 134 -41.81 18.88 10.14
N PRO G 135 -41.80 19.28 8.87
CA PRO G 135 -41.30 18.39 7.80
C PRO G 135 -39.79 18.13 7.84
N ASP G 136 -38.99 18.93 8.55
CA ASP G 136 -37.55 18.65 8.66
C ASP G 136 -37.11 18.52 10.12
N LEU G 137 -38.03 18.22 11.02
CA LEU G 137 -37.73 17.91 12.41
C LEU G 137 -38.17 16.48 12.68
N ILE G 138 -37.21 15.58 12.84
CA ILE G 138 -37.52 14.20 13.20
C ILE G 138 -37.64 14.15 14.72
N PRO G 139 -38.29 13.14 15.30
CA PRO G 139 -38.38 13.08 16.77
C PRO G 139 -37.02 13.05 17.46
N ASP G 140 -35.98 12.54 16.80
CA ASP G 140 -34.66 12.44 17.41
C ASP G 140 -34.11 13.80 17.84
N GLU G 141 -34.57 14.89 17.23
CA GLU G 141 -34.12 16.23 17.58
C GLU G 141 -35.22 17.06 18.25
N ALA G 142 -36.34 16.43 18.64
CA ALA G 142 -37.54 17.17 18.99
C ALA G 142 -37.75 17.31 20.50
N GLN G 143 -36.69 17.15 21.28
CA GLN G 143 -36.78 17.26 22.74
C GLN G 143 -37.46 18.55 23.19
N GLN G 144 -36.92 19.70 22.77
CA GLN G 144 -37.53 20.98 23.14
C GLN G 144 -38.98 21.07 22.68
N TRP G 145 -39.26 20.58 21.47
CA TRP G 145 -40.60 20.72 20.92
C TRP G 145 -41.59 19.81 21.65
N LEU G 146 -41.18 18.55 21.93
CA LEU G 146 -42.05 17.66 22.70
C LEU G 146 -42.44 18.28 24.03
N ALA G 147 -41.51 18.98 24.68
CA ALA G 147 -41.82 19.62 25.95
C ALA G 147 -42.80 20.76 25.77
N ALA G 148 -42.54 21.66 24.81
CA ALA G 148 -43.42 22.79 24.57
C ALA G 148 -44.78 22.35 24.03
N SER G 149 -44.81 21.28 23.25
CA SER G 149 -46.08 20.74 22.75
C SER G 149 -46.98 20.30 23.91
N GLU G 150 -46.43 19.57 24.87
CA GLU G 150 -47.24 19.10 26.00
C GLU G 150 -47.63 20.26 26.91
N GLU G 151 -46.71 21.20 27.14
CA GLU G 151 -46.96 22.26 28.11
C GLU G 151 -48.01 23.25 27.60
N HIS G 152 -47.97 23.56 26.31
CA HIS G 152 -48.88 24.56 25.76
C HIS G 152 -49.99 23.95 24.93
N ARG G 153 -50.19 22.64 25.04
CA ARG G 153 -51.38 21.96 24.50
C ARG G 153 -51.51 22.18 22.99
N LEU G 154 -50.44 21.85 22.28
CA LEU G 154 -50.42 21.91 20.83
C LEU G 154 -50.20 20.52 20.28
N ASP G 155 -50.83 20.24 19.15
CA ASP G 155 -50.57 18.98 18.47
C ASP G 155 -49.25 19.05 17.73
N ARG G 156 -48.65 17.88 17.49
CA ARG G 156 -47.34 17.79 16.87
C ARG G 156 -47.38 16.72 15.78
N ILE G 157 -47.39 17.17 14.54
CA ILE G 157 -47.56 16.31 13.38
C ILE G 157 -46.19 16.07 12.76
N PHE G 158 -45.67 14.85 12.92
CA PHE G 158 -44.45 14.41 12.25
C PHE G 158 -44.80 13.67 10.97
N LEU G 159 -43.80 13.53 10.10
CA LEU G 159 -44.00 12.88 8.81
C LEU G 159 -43.43 11.46 8.83
N VAL G 160 -44.15 10.54 8.18
CA VAL G 160 -43.63 9.22 7.85
C VAL G 160 -43.56 9.11 6.33
N ALA G 161 -42.62 8.31 5.86
CA ALA G 161 -42.37 8.15 4.44
C ALA G 161 -42.51 6.68 4.05
N PRO G 162 -42.71 6.39 2.77
CA PRO G 162 -42.74 4.98 2.35
C PRO G 162 -41.48 4.22 2.72
N SER G 163 -40.33 4.88 2.76
CA SER G 163 -39.06 4.24 3.09
C SER G 163 -38.80 4.15 4.59
N SER G 164 -39.69 4.69 5.43
CA SER G 164 -39.48 4.64 6.88
C SER G 164 -39.34 3.20 7.35
N THR G 165 -38.27 2.93 8.10
CA THR G 165 -38.04 1.61 8.66
C THR G 165 -39.12 1.30 9.68
N PRO G 166 -39.36 0.03 9.98
CA PRO G 166 -40.37 -0.31 11.00
C PRO G 166 -40.08 0.34 12.35
N GLU G 167 -38.81 0.45 12.71
CA GLU G 167 -38.44 1.05 13.99
C GLU G 167 -38.73 2.54 14.00
N ARG G 168 -38.34 3.24 12.93
CA ARG G 168 -38.57 4.68 12.86
C ARG G 168 -40.05 4.99 12.70
N LEU G 169 -40.76 4.21 11.88
CA LEU G 169 -42.19 4.45 11.70
C LEU G 169 -42.93 4.37 13.03
N ALA G 170 -42.65 3.35 13.82
CA ALA G 170 -43.29 3.21 15.12
C ALA G 170 -42.93 4.36 16.05
N ALA G 171 -41.64 4.73 16.07
CA ALA G 171 -41.21 5.83 16.94
C ALA G 171 -41.81 7.16 16.50
N THR G 172 -41.97 7.36 15.19
CA THR G 172 -42.53 8.63 14.71
C THR G 172 -44.01 8.73 15.03
N VAL G 173 -44.75 7.63 14.88
CA VAL G 173 -46.17 7.61 15.21
C VAL G 173 -46.38 7.87 16.70
N GLU G 174 -45.62 7.17 17.55
CA GLU G 174 -45.71 7.36 19.00
C GLU G 174 -45.50 8.82 19.38
N ALA G 175 -44.59 9.51 18.69
CA ALA G 175 -44.25 10.89 19.05
C ALA G 175 -45.28 11.91 18.55
N SER G 176 -46.15 11.53 17.63
CA SER G 176 -47.12 12.45 17.06
C SER G 176 -48.37 12.53 17.91
N ARG G 177 -49.00 13.70 17.92
CA ARG G 177 -50.32 13.94 18.48
C ARG G 177 -51.14 14.71 17.48
N GLY G 178 -52.44 14.40 17.40
CA GLY G 178 -53.31 15.06 16.43
C GLY G 178 -53.51 14.20 15.20
N PHE G 179 -52.53 14.23 14.29
CA PHE G 179 -52.48 13.21 13.24
C PHE G 179 -51.04 13.00 12.83
N VAL G 180 -50.83 11.98 11.97
CA VAL G 180 -49.54 11.67 11.40
C VAL G 180 -49.62 11.94 9.91
N TYR G 181 -48.62 12.65 9.38
CA TYR G 181 -48.58 13.06 7.99
C TYR G 181 -47.82 12.01 7.18
N ALA G 182 -48.54 11.31 6.31
CA ALA G 182 -47.96 10.29 5.44
C ALA G 182 -47.70 10.93 4.08
N ALA G 183 -46.43 11.22 3.82
CA ALA G 183 -46.06 11.99 2.63
C ALA G 183 -45.49 11.08 1.54
N SER G 184 -45.74 11.45 0.29
CA SER G 184 -45.18 10.74 -0.86
C SER G 184 -44.64 11.70 -1.92
N SER G 196 -47.53 4.97 -6.64
CA SER G 196 -48.71 4.33 -7.19
C SER G 196 -49.55 3.67 -6.09
N GLN G 197 -48.95 2.70 -5.40
CA GLN G 197 -49.58 2.02 -4.28
C GLN G 197 -48.87 2.30 -2.96
N ALA G 198 -47.93 3.25 -2.95
CA ALA G 198 -47.15 3.49 -1.74
C ALA G 198 -48.01 4.12 -0.64
N ALA G 199 -48.90 5.03 -1.00
CA ALA G 199 -49.69 5.73 0.01
C ALA G 199 -50.56 4.79 0.83
N PRO G 200 -51.42 3.94 0.26
CA PRO G 200 -52.25 3.07 1.11
C PRO G 200 -51.43 2.06 1.89
N GLU G 201 -50.31 1.58 1.35
CA GLU G 201 -49.47 0.66 2.10
C GLU G 201 -48.82 1.35 3.28
N LEU G 202 -48.38 2.60 3.09
CA LEU G 202 -47.83 3.36 4.21
C LEU G 202 -48.88 3.54 5.31
N VAL G 203 -50.10 3.95 4.93
CA VAL G 203 -51.17 4.12 5.91
C VAL G 203 -51.43 2.82 6.65
N GLY G 204 -51.41 1.69 5.94
CA GLY G 204 -51.61 0.41 6.60
C GLY G 204 -50.57 0.12 7.66
N ARG G 205 -49.32 0.49 7.41
CA ARG G 205 -48.27 0.26 8.39
C ARG G 205 -48.47 1.09 9.65
N VAL G 206 -49.07 2.28 9.51
CA VAL G 206 -49.34 3.11 10.67
C VAL G 206 -50.51 2.55 11.47
N LYS G 207 -51.59 2.19 10.77
CA LYS G 207 -52.77 1.69 11.47
C LYS G 207 -52.54 0.32 12.10
N ALA G 208 -51.48 -0.38 11.71
CA ALA G 208 -51.10 -1.62 12.35
C ALA G 208 -50.49 -1.41 13.74
N VAL G 209 -50.09 -0.18 14.08
CA VAL G 209 -49.43 0.08 15.36
C VAL G 209 -50.12 1.19 16.14
N SER G 210 -51.13 1.84 15.55
CA SER G 210 -51.75 2.96 16.24
C SER G 210 -53.11 3.27 15.63
N ASP G 211 -53.97 3.88 16.45
CA ASP G 211 -55.27 4.37 16.01
C ASP G 211 -55.26 5.86 15.70
N ILE G 212 -54.09 6.50 15.67
CA ILE G 212 -54.02 7.94 15.43
C ILE G 212 -54.50 8.25 14.03
N PRO G 213 -55.21 9.36 13.81
CA PRO G 213 -55.59 9.74 12.44
C PRO G 213 -54.36 9.94 11.57
N VAL G 214 -54.51 9.57 10.29
CA VAL G 214 -53.43 9.65 9.32
C VAL G 214 -53.89 10.51 8.16
N GLY G 215 -53.12 11.54 7.84
CA GLY G 215 -53.37 12.39 6.68
C GLY G 215 -52.38 12.06 5.58
N VAL G 216 -52.85 12.15 4.34
CA VAL G 216 -52.09 11.73 3.16
C VAL G 216 -52.00 12.90 2.20
N GLY G 217 -50.78 13.31 1.88
CA GLY G 217 -50.52 14.21 0.77
C GLY G 217 -50.04 13.39 -0.42
N LEU G 218 -50.54 13.73 -1.61
CA LEU G 218 -50.27 12.91 -2.78
C LEU G 218 -50.46 13.71 -4.07
N GLY G 219 -50.21 15.02 -4.01
CA GLY G 219 -50.46 15.88 -5.16
C GLY G 219 -51.90 15.87 -5.64
N VAL G 220 -52.86 15.88 -4.70
CA VAL G 220 -54.27 15.86 -5.08
C VAL G 220 -54.61 17.11 -5.87
N ARG G 221 -55.35 16.91 -6.97
CA ARG G 221 -55.81 18.02 -7.80
C ARG G 221 -57.29 17.97 -8.12
N SER G 222 -58.01 16.91 -7.76
CA SER G 222 -59.36 16.71 -8.27
C SER G 222 -60.23 16.06 -7.19
N ARG G 223 -61.55 16.15 -7.41
CA ARG G 223 -62.50 15.49 -6.54
C ARG G 223 -62.24 14.00 -6.47
N ALA G 224 -61.94 13.38 -7.61
CA ALA G 224 -61.75 11.94 -7.66
C ALA G 224 -60.53 11.51 -6.85
N GLN G 225 -59.42 12.25 -6.99
CA GLN G 225 -58.22 11.91 -6.23
C GLN G 225 -58.46 12.05 -4.73
N ALA G 226 -59.15 13.12 -4.32
CA ALA G 226 -59.50 13.24 -2.91
C ALA G 226 -60.37 12.08 -2.46
N ALA G 227 -61.31 11.66 -3.30
CA ALA G 227 -62.16 10.52 -2.96
C ALA G 227 -61.34 9.24 -2.84
N GLN G 228 -60.38 9.02 -3.73
CA GLN G 228 -59.55 7.81 -3.65
C GLN G 228 -58.83 7.74 -2.31
N ILE G 229 -58.17 8.83 -1.93
CA ILE G 229 -57.41 8.83 -0.68
C ILE G 229 -58.33 8.68 0.53
N ALA G 230 -59.58 9.13 0.41
CA ALA G 230 -60.50 9.07 1.54
C ALA G 230 -60.97 7.64 1.86
N GLN G 231 -60.70 6.67 0.99
CA GLN G 231 -61.12 5.30 1.25
C GLN G 231 -60.23 4.59 2.26
N TYR G 232 -59.04 5.12 2.54
CA TYR G 232 -58.12 4.51 3.50
C TYR G 232 -57.48 5.48 4.48
N ALA G 233 -57.46 6.78 4.19
CA ALA G 233 -56.86 7.77 5.07
C ALA G 233 -57.93 8.54 5.83
N ASP G 234 -57.55 9.07 6.99
CA ASP G 234 -58.46 9.86 7.81
C ASP G 234 -58.50 11.32 7.38
N GLY G 235 -57.50 11.80 6.65
CA GLY G 235 -57.50 13.16 6.18
C GLY G 235 -56.82 13.29 4.84
N VAL G 236 -57.34 14.15 3.99
CA VAL G 236 -56.79 14.37 2.64
C VAL G 236 -56.13 15.74 2.63
N ILE G 237 -54.81 15.76 2.45
CA ILE G 237 -54.03 16.99 2.47
C ILE G 237 -53.83 17.45 1.04
N VAL G 238 -54.12 18.73 0.79
CA VAL G 238 -53.99 19.34 -0.53
C VAL G 238 -53.29 20.69 -0.36
N GLY G 239 -52.19 20.87 -1.08
CA GLY G 239 -51.44 22.11 -0.97
C GLY G 239 -51.13 22.77 -2.30
N SER G 240 -50.38 22.08 -3.15
CA SER G 240 -49.94 22.67 -4.41
C SER G 240 -51.14 23.07 -5.29
N ALA G 241 -52.17 22.22 -5.31
CA ALA G 241 -53.35 22.53 -6.12
C ALA G 241 -54.06 23.79 -5.65
N LEU G 242 -54.06 24.05 -4.35
CA LEU G 242 -54.74 25.24 -3.84
C LEU G 242 -53.96 26.50 -4.20
N VAL G 243 -52.63 26.42 -4.16
CA VAL G 243 -51.82 27.57 -4.57
C VAL G 243 -52.05 27.88 -6.04
N THR G 244 -52.09 26.84 -6.88
CA THR G 244 -52.34 27.05 -8.30
C THR G 244 -53.71 27.67 -8.53
N ALA G 245 -54.73 27.19 -7.82
CA ALA G 245 -56.06 27.76 -7.97
C ALA G 245 -56.09 29.23 -7.55
N LEU G 246 -55.36 29.55 -6.48
CA LEU G 246 -55.33 30.94 -6.02
C LEU G 246 -54.58 31.82 -7.02
N THR G 247 -53.53 31.29 -7.64
CA THR G 247 -52.83 32.05 -8.68
C THR G 247 -53.77 32.43 -9.80
N GLU G 248 -54.68 31.52 -10.17
CA GLU G 248 -55.71 31.88 -11.15
C GLU G 248 -56.66 32.94 -10.58
N GLY G 249 -57.09 32.76 -9.35
CA GLY G 249 -57.95 33.73 -8.70
C GLY G 249 -58.69 33.13 -7.54
N LEU G 250 -59.18 34.01 -6.67
CA LEU G 250 -59.91 33.56 -5.49
C LEU G 250 -61.19 32.79 -5.82
N PRO G 251 -61.99 33.16 -6.83
CA PRO G 251 -63.14 32.30 -7.19
C PRO G 251 -62.74 30.90 -7.60
N ARG G 252 -61.59 30.74 -8.27
CA ARG G 252 -61.14 29.40 -8.62
C ARG G 252 -60.80 28.59 -7.37
N LEU G 253 -60.20 29.24 -6.36
CA LEU G 253 -59.90 28.55 -5.11
C LEU G 253 -61.18 28.04 -4.45
N ARG G 254 -62.23 28.87 -4.42
CA ARG G 254 -63.49 28.45 -3.83
C ARG G 254 -64.10 27.29 -4.60
N ALA G 255 -64.07 27.33 -5.94
CA ALA G 255 -64.64 26.25 -6.73
C ALA G 255 -63.90 24.95 -6.48
N LEU G 256 -62.56 24.97 -6.56
CA LEU G 256 -61.78 23.77 -6.33
C LEU G 256 -62.01 23.20 -4.94
N THR G 257 -61.98 24.07 -3.92
CA THR G 257 -62.16 23.58 -2.56
C THR G 257 -63.52 22.94 -2.37
N GLY G 258 -64.56 23.45 -3.05
CA GLY G 258 -65.86 22.81 -2.97
C GLY G 258 -65.88 21.42 -3.56
N GLU G 259 -65.22 21.24 -4.72
CA GLU G 259 -65.10 19.92 -5.32
C GLU G 259 -64.36 18.96 -4.38
N LEU G 260 -63.26 19.44 -3.77
CA LEU G 260 -62.48 18.58 -2.89
C LEU G 260 -63.25 18.22 -1.63
N ALA G 261 -64.05 19.17 -1.11
CA ALA G 261 -64.83 18.87 0.08
C ALA G 261 -65.88 17.81 -0.19
N ALA G 262 -66.42 17.76 -1.41
CA ALA G 262 -67.34 16.69 -1.76
C ALA G 262 -66.62 15.38 -2.01
N GLY G 263 -65.39 15.43 -2.51
CA GLY G 263 -64.64 14.21 -2.76
C GLY G 263 -64.31 13.43 -1.50
N VAL G 264 -63.95 14.14 -0.43
CA VAL G 264 -63.60 13.45 0.83
C VAL G 264 -64.80 12.81 1.50
N ARG G 265 -66.01 13.02 0.98
CA ARG G 265 -67.20 12.41 1.53
C ARG G 265 -67.65 11.17 0.77
N LEU G 266 -67.10 10.92 -0.42
CA LEU G 266 -67.50 9.78 -1.21
C LEU G 266 -67.02 8.48 -0.57
N GLY G 267 -67.58 7.37 -1.04
CA GLY G 267 -67.24 6.05 -0.53
C GLY G 267 -67.74 5.78 0.87
N ALA H 4 -2.27 1.58 13.17
CA ALA H 4 -3.10 0.77 12.28
C ALA H 4 -4.34 1.52 11.80
N ILE H 5 -5.39 1.49 12.61
CA ILE H 5 -6.66 2.19 12.36
C ILE H 5 -6.70 3.42 13.24
N ALA H 6 -7.13 4.55 12.67
CA ALA H 6 -7.26 5.77 13.47
C ALA H 6 -8.21 5.56 14.63
N GLU H 7 -7.80 6.00 15.81
CA GLU H 7 -8.57 5.72 17.01
C GLU H 7 -9.93 6.42 16.95
N PRO H 8 -11.01 5.78 17.43
CA PRO H 8 -12.28 6.51 17.60
C PRO H 8 -12.07 7.67 18.56
N THR H 9 -11.66 8.82 18.01
CA THR H 9 -11.13 9.92 18.79
C THR H 9 -12.11 10.35 19.89
N SER H 10 -11.55 10.97 20.93
CA SER H 10 -12.37 11.62 21.95
C SER H 10 -13.15 12.80 21.39
N HIS H 11 -12.82 13.23 20.17
CA HIS H 11 -13.47 14.36 19.53
C HIS H 11 -14.66 13.95 18.67
N ASP H 12 -14.96 12.66 18.61
CA ASP H 12 -16.09 12.17 17.84
C ASP H 12 -17.41 12.60 18.46
N PRO H 13 -18.48 12.66 17.68
CA PRO H 13 -19.79 12.98 18.24
C PRO H 13 -20.46 11.74 18.79
N ASP H 14 -21.62 11.95 19.42
CA ASP H 14 -22.39 10.84 19.98
C ASP H 14 -23.10 10.10 18.85
N SER H 15 -23.93 9.11 19.19
CA SER H 15 -24.57 8.29 18.17
C SER H 15 -25.59 9.06 17.34
N GLY H 16 -26.13 10.15 17.88
CA GLY H 16 -26.97 11.03 17.10
C GLY H 16 -26.24 12.08 16.31
N GLY H 17 -24.90 12.04 16.30
CA GLY H 17 -24.11 13.00 15.55
C GLY H 17 -23.92 14.34 16.20
N HIS H 18 -24.08 14.43 17.51
CA HIS H 18 -24.00 15.69 18.24
C HIS H 18 -22.61 15.89 18.85
N PHE H 19 -22.10 17.11 18.74
N PHE H 19 -22.10 17.11 18.74
CA PHE H 19 -20.81 17.49 19.33
CA PHE H 19 -20.85 17.53 19.37
C PHE H 19 -21.05 18.29 20.60
C PHE H 19 -21.15 18.41 20.58
N GLY H 20 -20.57 17.77 21.72
N GLY H 20 -20.36 18.25 21.63
CA GLY H 20 -20.63 18.50 22.98
CA GLY H 20 -20.46 19.10 22.80
C GLY H 20 -21.98 18.46 23.67
C GLY H 20 -21.57 18.75 23.77
N GLY H 21 -22.55 17.27 23.83
N GLY H 21 -22.36 17.73 23.49
CA GLY H 21 -23.81 17.12 24.53
CA GLY H 21 -23.43 17.31 24.38
C GLY H 21 -24.87 16.43 23.68
C GLY H 21 -24.64 18.22 24.34
N PRO H 22 -25.91 15.91 24.33
N PRO H 22 -24.91 18.91 25.45
CA PRO H 22 -26.96 15.21 23.58
CA PRO H 22 -26.09 19.80 25.50
C PRO H 22 -27.72 16.11 22.64
C PRO H 22 -26.00 20.99 24.56
N SER H 23 -27.77 17.41 22.90
N SER H 23 -24.83 21.30 23.99
CA SER H 23 -28.46 18.39 22.06
CA SER H 23 -24.74 22.38 23.02
C SER H 23 -27.51 19.48 21.62
C SER H 23 -25.54 22.06 21.76
N GLY H 24 -26.25 19.12 21.39
N GLY H 24 -25.59 20.79 21.36
CA GLY H 24 -25.23 20.07 20.96
CA GLY H 24 -26.42 20.37 20.25
C GLY H 24 -25.26 20.34 19.48
C GLY H 24 -25.80 20.56 18.88
N TRP H 25 -24.11 20.74 18.94
N TRP H 25 -24.50 20.84 18.79
CA TRP H 25 -23.99 20.99 17.52
CA TRP H 25 -23.87 21.00 17.49
C TRP H 25 -24.07 19.69 16.74
C TRP H 25 -23.96 19.71 16.69
N GLY H 26 -24.43 19.81 15.46
CA GLY H 26 -24.51 18.66 14.57
C GLY H 26 -25.93 18.09 14.52
N GLY H 27 -26.05 16.79 14.74
CA GLY H 27 -27.33 16.14 14.67
C GLY H 27 -27.78 15.91 13.24
N ARG H 28 -29.09 15.70 13.11
CA ARG H 28 -29.73 15.38 11.83
C ARG H 28 -31.00 16.22 11.70
N TYR H 29 -30.90 17.35 11.02
CA TYR H 29 -32.07 18.17 10.74
C TYR H 29 -32.51 17.93 9.30
N VAL H 30 -33.15 16.78 9.11
CA VAL H 30 -33.50 16.28 7.79
C VAL H 30 -34.94 15.81 7.83
N PRO H 31 -35.57 15.64 6.67
CA PRO H 31 -36.87 14.98 6.63
C PRO H 31 -36.74 13.49 6.89
N GLU H 32 -37.78 12.93 7.53
CA GLU H 32 -37.83 11.49 7.75
C GLU H 32 -37.64 10.72 6.45
N ALA H 33 -38.00 11.32 5.31
CA ALA H 33 -37.89 10.63 4.03
C ALA H 33 -36.44 10.26 3.68
N LEU H 34 -35.45 10.90 4.31
CA LEU H 34 -34.06 10.58 4.06
C LEU H 34 -33.42 9.73 5.14
N MET H 35 -34.14 9.45 6.23
CA MET H 35 -33.50 8.78 7.37
C MET H 35 -33.09 7.36 7.03
N ALA H 36 -33.80 6.70 6.10
CA ALA H 36 -33.42 5.35 5.71
C ALA H 36 -32.05 5.33 5.06
N VAL H 37 -31.85 6.15 4.02
CA VAL H 37 -30.55 6.12 3.35
C VAL H 37 -29.48 6.74 4.23
N ILE H 38 -29.84 7.70 5.09
CA ILE H 38 -28.85 8.28 5.99
C ILE H 38 -28.40 7.26 7.03
N GLU H 39 -29.34 6.47 7.57
CA GLU H 39 -28.95 5.39 8.47
C GLU H 39 -28.16 4.31 7.74
N GLU H 40 -28.53 4.05 6.49
CA GLU H 40 -27.79 3.08 5.67
C GLU H 40 -26.35 3.55 5.46
N VAL H 41 -26.15 4.83 5.14
CA VAL H 41 -24.80 5.34 4.93
C VAL H 41 -24.03 5.35 6.26
N THR H 42 -24.72 5.68 7.35
CA THR H 42 -24.04 5.68 8.64
C THR H 42 -23.57 4.29 9.00
N ALA H 43 -24.44 3.28 8.83
CA ALA H 43 -24.04 1.91 9.16
C ALA H 43 -22.91 1.44 8.27
N ALA H 44 -22.98 1.76 6.97
CA ALA H 44 -21.92 1.35 6.06
C ALA H 44 -20.60 2.03 6.43
N TYR H 45 -20.67 3.26 6.91
CA TYR H 45 -19.45 3.96 7.28
C TYR H 45 -18.87 3.42 8.59
N GLN H 46 -19.73 3.12 9.57
CA GLN H 46 -19.23 2.55 10.83
C GLN H 46 -18.56 1.22 10.60
N LYS H 47 -19.08 0.43 9.65
CA LYS H 47 -18.52 -0.88 9.35
C LYS H 47 -17.16 -0.75 8.67
N GLU H 48 -17.05 0.13 7.68
CA GLU H 48 -15.84 0.19 6.87
C GLU H 48 -14.75 1.04 7.50
N ARG H 49 -15.09 2.00 8.38
CA ARG H 49 -14.07 2.84 8.99
C ARG H 49 -13.09 2.02 9.83
N VAL H 50 -13.50 0.86 10.32
CA VAL H 50 -12.63 -0.03 11.07
C VAL H 50 -12.19 -1.24 10.26
N SER H 51 -12.45 -1.23 8.95
CA SER H 51 -12.07 -2.34 8.08
C SER H 51 -10.68 -2.09 7.51
N GLN H 52 -9.71 -2.90 7.93
CA GLN H 52 -8.35 -2.74 7.42
C GLN H 52 -8.29 -2.90 5.91
N ASP H 53 -9.17 -3.73 5.33
CA ASP H 53 -9.19 -3.89 3.88
C ASP H 53 -9.71 -2.64 3.19
N PHE H 54 -10.70 -1.98 3.81
CA PHE H 54 -11.17 -0.72 3.27
C PHE H 54 -10.09 0.36 3.36
N LEU H 55 -9.38 0.42 4.49
CA LEU H 55 -8.33 1.42 4.62
C LEU H 55 -7.17 1.13 3.68
N ASP H 56 -6.89 -0.13 3.41
CA ASP H 56 -5.89 -0.50 2.41
C ASP H 56 -6.30 -0.01 1.03
N ASP H 57 -7.58 -0.19 0.66
CA ASP H 57 -8.07 0.29 -0.62
C ASP H 57 -7.93 1.79 -0.72
N LEU H 58 -8.38 2.52 0.30
CA LEU H 58 -8.25 3.97 0.28
C LEU H 58 -6.79 4.39 0.20
N ASP H 59 -5.93 3.79 1.02
CA ASP H 59 -4.53 4.17 1.05
C ASP H 59 -3.85 3.87 -0.29
N ARG H 60 -4.18 2.73 -0.91
CA ARG H 60 -3.59 2.38 -2.20
C ARG H 60 -3.90 3.44 -3.24
N LEU H 61 -5.16 3.89 -3.29
CA LEU H 61 -5.54 4.93 -4.25
C LEU H 61 -4.89 6.26 -3.93
N GLN H 62 -4.78 6.60 -2.64
N GLN H 62 -4.80 6.61 -2.64
CA GLN H 62 -4.15 7.87 -2.27
CA GLN H 62 -4.15 7.86 -2.25
C GLN H 62 -2.69 7.92 -2.70
C GLN H 62 -2.70 7.91 -2.72
N ALA H 63 -1.97 6.81 -2.57
CA ALA H 63 -0.54 6.79 -2.90
C ALA H 63 -0.30 6.77 -4.40
N ASN H 64 -0.91 5.81 -5.12
CA ASN H 64 -0.57 5.57 -6.51
C ASN H 64 -1.40 6.39 -7.49
N TYR H 65 -2.63 6.71 -7.11
CA TYR H 65 -3.54 7.41 -8.01
C TYR H 65 -3.60 8.91 -7.73
N ALA H 66 -3.62 9.31 -6.46
CA ALA H 66 -3.72 10.71 -6.08
C ALA H 66 -2.38 11.36 -5.78
N GLY H 67 -1.32 10.59 -5.62
CA GLY H 67 0.02 11.15 -5.42
C GLY H 67 0.42 11.47 -4.00
N ARG H 68 -0.25 10.91 -3.00
CA ARG H 68 0.10 11.21 -1.63
C ARG H 68 1.39 10.49 -1.23
N PRO H 69 2.12 11.01 -0.22
CA PRO H 69 1.85 12.22 0.55
C PRO H 69 2.12 13.50 -0.25
N SER H 70 1.41 14.57 0.08
CA SER H 70 1.74 15.87 -0.48
C SER H 70 2.91 16.48 0.30
N PRO H 71 3.78 17.23 -0.37
CA PRO H 71 4.95 17.79 0.32
C PRO H 71 4.57 18.93 1.25
N LEU H 72 5.51 19.25 2.14
CA LEU H 72 5.44 20.44 2.98
C LEU H 72 6.58 21.36 2.59
N TYR H 73 6.24 22.55 2.10
CA TYR H 73 7.22 23.45 1.48
C TYR H 73 7.30 24.74 2.28
N GLU H 74 8.50 25.08 2.74
CA GLU H 74 8.71 26.32 3.48
C GLU H 74 8.84 27.46 2.49
N ALA H 75 7.83 28.34 2.46
CA ALA H 75 7.81 29.48 1.55
C ALA H 75 8.65 30.61 2.13
N THR H 76 9.98 30.43 2.03
CA THR H 76 10.92 31.37 2.63
C THR H 76 10.74 32.79 2.10
N ARG H 77 10.34 32.93 0.83
CA ARG H 77 10.23 34.26 0.25
C ARG H 77 8.94 34.99 0.62
N LEU H 78 8.06 34.39 1.43
CA LEU H 78 6.92 35.08 2.01
C LEU H 78 7.24 35.69 3.36
N SER H 79 8.38 35.35 3.96
CA SER H 79 8.62 35.60 5.37
C SER H 79 8.51 37.08 5.73
N GLN H 80 9.09 37.96 4.91
CA GLN H 80 9.13 39.37 5.28
C GLN H 80 7.76 40.01 5.25
N HIS H 81 6.81 39.45 4.52
CA HIS H 81 5.41 39.89 4.56
C HIS H 81 4.62 39.25 5.70
N ALA H 82 5.25 38.43 6.53
CA ALA H 82 4.55 37.79 7.62
C ALA H 82 5.31 37.97 8.92
N GLY H 83 5.83 39.18 9.14
CA GLY H 83 6.53 39.48 10.38
C GLY H 83 7.80 38.68 10.60
N SER H 84 8.39 38.15 9.52
CA SER H 84 9.55 37.26 9.55
C SER H 84 9.25 35.92 10.21
N ALA H 85 7.97 35.54 10.29
CA ALA H 85 7.62 34.17 10.65
C ALA H 85 7.97 33.22 9.51
N ARG H 86 7.94 31.94 9.80
CA ARG H 86 8.24 30.89 8.83
C ARG H 86 6.93 30.23 8.39
N ILE H 87 6.59 30.43 7.12
CA ILE H 87 5.34 29.92 6.54
C ILE H 87 5.63 28.59 5.85
N PHE H 88 5.02 27.52 6.33
CA PHE H 88 5.11 26.20 5.69
C PHE H 88 3.79 25.90 5.00
N LEU H 89 3.86 25.60 3.70
CA LEU H 89 2.67 25.34 2.90
C LEU H 89 2.49 23.84 2.75
N LYS H 90 1.37 23.32 3.24
CA LYS H 90 0.96 21.95 2.98
C LYS H 90 0.34 21.91 1.60
N ARG H 91 0.96 21.16 0.69
CA ARG H 91 0.73 21.31 -0.75
C ARG H 91 -0.38 20.38 -1.27
N GLU H 92 -1.59 20.56 -0.74
CA GLU H 92 -2.72 19.82 -1.28
C GLU H 92 -3.01 20.22 -2.73
N ASP H 93 -2.48 21.36 -3.19
CA ASP H 93 -2.62 21.78 -4.58
C ASP H 93 -1.95 20.81 -5.54
N LEU H 94 -1.10 19.91 -5.05
CA LEU H 94 -0.42 18.94 -5.88
C LEU H 94 -1.16 17.62 -5.99
N ASN H 95 -2.27 17.44 -5.26
CA ASN H 95 -3.07 16.23 -5.40
C ASN H 95 -3.68 16.15 -6.79
N HIS H 96 -3.95 14.92 -7.22
CA HIS H 96 -4.74 14.67 -8.42
C HIS H 96 -6.06 15.45 -8.35
N THR H 97 -6.40 16.10 -9.47
CA THR H 97 -7.53 17.02 -9.68
C THR H 97 -7.25 18.41 -9.10
N GLY H 98 -6.24 18.55 -8.26
CA GLY H 98 -5.77 19.86 -7.86
C GLY H 98 -6.34 20.45 -6.57
N SER H 99 -6.85 19.62 -5.66
CA SER H 99 -7.28 20.14 -4.37
C SER H 99 -7.34 19.00 -3.36
N HIS H 100 -7.66 19.36 -2.11
CA HIS H 100 -7.90 18.37 -1.07
C HIS H 100 -9.16 17.57 -1.30
N LYS H 101 -10.06 18.02 -2.18
CA LYS H 101 -11.37 17.37 -2.31
C LYS H 101 -11.23 15.90 -2.67
N ILE H 102 -10.19 15.53 -3.40
CA ILE H 102 -10.02 14.16 -3.86
C ILE H 102 -9.90 13.20 -2.68
N ASN H 103 -9.42 13.69 -1.53
CA ASN H 103 -9.26 12.83 -0.37
C ASN H 103 -10.60 12.31 0.14
N ASN H 104 -11.56 13.21 0.31
CA ASN H 104 -12.86 12.82 0.82
C ASN H 104 -13.63 12.01 -0.23
N VAL H 105 -13.46 12.35 -1.50
CA VAL H 105 -14.21 11.69 -2.56
C VAL H 105 -13.77 10.24 -2.72
N LEU H 106 -12.47 9.98 -2.62
CA LEU H 106 -12.00 8.60 -2.76
C LEU H 106 -12.59 7.70 -1.68
N GLY H 107 -12.69 8.19 -0.45
CA GLY H 107 -13.32 7.40 0.59
C GLY H 107 -14.80 7.17 0.33
N GLN H 108 -15.53 8.25 0.04
CA GLN H 108 -16.98 8.12 -0.16
C GLN H 108 -17.32 7.34 -1.42
N ALA H 109 -16.50 7.45 -2.46
CA ALA H 109 -16.77 6.69 -3.68
C ALA H 109 -16.52 5.21 -3.47
N LEU H 110 -15.47 4.87 -2.71
CA LEU H 110 -15.28 3.48 -2.30
C LEU H 110 -16.45 3.02 -1.44
N LEU H 111 -16.95 3.88 -0.56
CA LEU H 111 -18.08 3.52 0.28
C LEU H 111 -19.33 3.29 -0.56
N ALA H 112 -19.57 4.15 -1.56
CA ALA H 112 -20.73 3.96 -2.44
C ALA H 112 -20.65 2.61 -3.14
N ARG H 113 -19.46 2.24 -3.60
CA ARG H 113 -19.29 0.98 -4.29
C ARG H 113 -19.50 -0.20 -3.34
N ARG H 114 -18.97 -0.11 -2.12
CA ARG H 114 -19.24 -1.13 -1.11
C ARG H 114 -20.73 -1.28 -0.84
N MET H 115 -21.47 -0.17 -0.89
CA MET H 115 -22.90 -0.13 -0.62
C MET H 115 -23.75 -0.62 -1.78
N GLY H 116 -23.15 -0.91 -2.93
CA GLY H 116 -23.92 -1.31 -4.08
C GLY H 116 -24.63 -0.18 -4.82
N LYS H 117 -24.36 1.07 -4.46
CA LYS H 117 -24.94 2.18 -5.20
C LYS H 117 -24.30 2.27 -6.60
N THR H 118 -25.12 2.69 -7.57
CA THR H 118 -24.67 2.85 -8.95
C THR H 118 -24.75 4.27 -9.45
N ARG H 119 -25.28 5.19 -8.66
CA ARG H 119 -25.46 6.58 -9.08
C ARG H 119 -24.98 7.47 -7.95
N VAL H 120 -24.18 8.46 -8.29
CA VAL H 120 -23.58 9.37 -7.32
C VAL H 120 -23.94 10.78 -7.70
N ILE H 121 -24.49 11.54 -6.75
CA ILE H 121 -24.77 12.95 -6.96
C ILE H 121 -23.89 13.77 -6.05
N ALA H 122 -23.62 15.00 -6.45
CA ALA H 122 -22.85 15.91 -5.63
C ALA H 122 -23.17 17.33 -6.02
N GLU H 123 -23.05 18.22 -5.04
CA GLU H 123 -23.01 19.65 -5.28
C GLU H 123 -21.57 20.07 -5.53
N THR H 124 -21.40 21.29 -6.06
CA THR H 124 -20.07 21.88 -6.12
C THR H 124 -20.21 23.39 -6.26
N GLY H 125 -19.27 24.10 -5.65
CA GLY H 125 -19.21 25.54 -5.75
C GLY H 125 -18.06 25.98 -6.62
N ALA H 126 -16.84 25.71 -6.18
CA ALA H 126 -15.66 26.02 -6.99
C ALA H 126 -15.45 25.04 -8.13
N GLY H 127 -16.19 23.93 -8.15
CA GLY H 127 -16.01 22.92 -9.17
C GLY H 127 -14.93 21.91 -8.86
N GLN H 128 -14.15 22.10 -7.79
CA GLN H 128 -13.12 21.12 -7.44
C GLN H 128 -13.73 19.85 -6.86
N HIS H 129 -14.72 19.98 -5.96
CA HIS H 129 -15.38 18.79 -5.47
C HIS H 129 -16.17 18.09 -6.58
N GLY H 130 -16.80 18.87 -7.46
CA GLY H 130 -17.46 18.27 -8.61
C GLY H 130 -16.50 17.52 -9.51
N VAL H 131 -15.34 18.12 -9.80
CA VAL H 131 -14.34 17.45 -10.64
C VAL H 131 -13.85 16.19 -9.96
N ALA H 132 -13.59 16.26 -8.66
CA ALA H 132 -13.08 15.09 -7.95
C ALA H 132 -14.13 13.98 -7.89
N THR H 133 -15.39 14.35 -7.67
CA THR H 133 -16.47 13.37 -7.68
C THR H 133 -16.61 12.72 -9.05
N ALA H 134 -16.67 13.53 -10.11
CA ALA H 134 -16.70 12.99 -11.46
C ALA H 134 -15.46 12.16 -11.75
N THR H 135 -14.33 12.52 -11.15
CA THR H 135 -13.11 11.76 -11.33
C THR H 135 -13.25 10.35 -10.75
N ALA H 136 -13.63 10.24 -9.48
CA ALA H 136 -13.77 8.94 -8.85
C ALA H 136 -14.90 8.11 -9.47
N CYS H 137 -15.97 8.75 -9.94
CA CYS H 137 -17.04 8.00 -10.57
C CYS H 137 -16.61 7.42 -11.91
N ALA H 138 -15.73 8.11 -12.64
CA ALA H 138 -15.16 7.52 -13.84
C ALA H 138 -14.25 6.35 -13.50
N LEU H 139 -13.38 6.54 -12.50
CA LEU H 139 -12.48 5.48 -12.08
C LEU H 139 -13.23 4.21 -11.68
N LEU H 140 -14.33 4.37 -10.96
CA LEU H 140 -15.06 3.25 -10.38
C LEU H 140 -16.32 2.89 -11.15
N GLY H 141 -16.53 3.48 -12.33
CA GLY H 141 -17.66 3.11 -13.16
C GLY H 141 -19.03 3.44 -12.61
N LEU H 142 -19.16 4.55 -11.89
CA LEU H 142 -20.44 4.99 -11.33
C LEU H 142 -21.02 6.13 -12.16
N ASP H 143 -22.34 6.15 -12.29
CA ASP H 143 -23.01 7.28 -12.93
C ASP H 143 -22.97 8.49 -12.02
N CYS H 144 -22.72 9.65 -12.60
CA CYS H 144 -22.42 10.85 -11.82
C CYS H 144 -23.24 12.02 -12.34
N VAL H 145 -23.90 12.72 -11.42
CA VAL H 145 -24.59 13.98 -11.70
C VAL H 145 -24.10 15.02 -10.71
N ILE H 146 -23.69 16.18 -11.21
CA ILE H 146 -23.17 17.27 -10.39
C ILE H 146 -24.10 18.46 -10.50
N TYR H 147 -24.48 19.02 -9.35
CA TYR H 147 -25.29 20.22 -9.29
C TYR H 147 -24.40 21.41 -8.94
N MET H 148 -24.51 22.48 -9.74
CA MET H 148 -23.65 23.65 -9.58
C MET H 148 -24.48 24.91 -9.81
N GLY H 149 -24.28 25.90 -8.94
CA GLY H 149 -24.98 27.17 -9.11
C GLY H 149 -24.67 27.81 -10.46
N GLY H 150 -25.68 28.44 -11.04
CA GLY H 150 -25.51 29.04 -12.35
C GLY H 150 -24.43 30.10 -12.40
N ILE H 151 -24.31 30.89 -11.33
CA ILE H 151 -23.25 31.88 -11.26
C ILE H 151 -21.89 31.19 -11.15
N ASP H 152 -21.82 30.08 -10.41
CA ASP H 152 -20.55 29.34 -10.28
C ASP H 152 -20.15 28.67 -11.59
N THR H 153 -21.12 28.18 -12.38
CA THR H 153 -20.78 27.62 -13.69
C THR H 153 -20.12 28.64 -14.61
N ALA H 154 -20.31 29.93 -14.35
CA ALA H 154 -19.72 30.98 -15.18
C ALA H 154 -18.31 31.34 -14.73
N ARG H 155 -18.11 31.54 -13.43
CA ARG H 155 -16.81 31.95 -12.94
C ARG H 155 -15.86 30.78 -12.70
N GLN H 156 -16.33 29.54 -12.80
CA GLN H 156 -15.48 28.35 -12.69
C GLN H 156 -15.67 27.44 -13.90
N ALA H 157 -15.71 28.04 -15.10
CA ALA H 157 -16.08 27.28 -16.30
C ALA H 157 -15.06 26.20 -16.64
N LEU H 158 -13.80 26.40 -16.28
CA LEU H 158 -12.81 25.34 -16.53
C LEU H 158 -13.24 24.04 -15.88
N ASN H 159 -13.79 24.10 -14.67
CA ASN H 159 -14.16 22.87 -13.98
C ASN H 159 -15.43 22.28 -14.55
N VAL H 160 -16.33 23.11 -15.10
CA VAL H 160 -17.51 22.58 -15.78
C VAL H 160 -17.09 21.71 -16.95
N ALA H 161 -16.15 22.19 -17.76
CA ALA H 161 -15.71 21.42 -18.91
C ALA H 161 -14.93 20.18 -18.48
N ARG H 162 -14.14 20.28 -17.41
CA ARG H 162 -13.48 19.10 -16.89
C ARG H 162 -14.51 18.04 -16.48
N MET H 163 -15.55 18.45 -15.76
CA MET H 163 -16.57 17.51 -15.33
C MET H 163 -17.23 16.82 -16.51
N ARG H 164 -17.59 17.58 -17.54
CA ARG H 164 -18.27 16.97 -18.69
C ARG H 164 -17.33 16.03 -19.46
N LEU H 165 -16.04 16.35 -19.52
CA LEU H 165 -15.09 15.45 -20.15
C LEU H 165 -14.94 14.15 -19.38
N LEU H 166 -15.08 14.21 -18.05
CA LEU H 166 -15.05 13.00 -17.23
C LEU H 166 -16.34 12.20 -17.32
N GLY H 167 -17.34 12.67 -18.07
CA GLY H 167 -18.55 11.93 -18.32
C GLY H 167 -19.69 12.22 -17.38
N ALA H 168 -19.54 13.17 -16.47
CA ALA H 168 -20.61 13.53 -15.55
C ALA H 168 -21.61 14.46 -16.24
N GLU H 169 -22.84 14.43 -15.77
CA GLU H 169 -23.85 15.42 -16.14
C GLU H 169 -23.77 16.59 -15.16
N VAL H 170 -23.63 17.81 -15.67
CA VAL H 170 -23.60 19.01 -14.84
C VAL H 170 -24.93 19.73 -14.98
N VAL H 171 -25.57 20.02 -13.85
CA VAL H 171 -26.85 20.72 -13.83
C VAL H 171 -26.61 22.11 -13.24
N ALA H 172 -26.92 23.14 -14.03
CA ALA H 172 -26.85 24.52 -13.56
C ALA H 172 -28.08 24.83 -12.72
N VAL H 173 -27.86 25.22 -11.47
CA VAL H 173 -28.94 25.54 -10.53
C VAL H 173 -29.18 27.03 -10.58
N GLN H 174 -30.43 27.42 -10.87
CA GLN H 174 -30.82 28.81 -11.05
C GLN H 174 -31.67 29.35 -9.91
N THR H 175 -31.79 28.61 -8.81
CA THR H 175 -32.58 29.08 -7.68
C THR H 175 -31.72 29.90 -6.73
N GLY H 176 -32.39 30.76 -5.96
CA GLY H 176 -31.72 31.49 -4.90
C GLY H 176 -30.59 32.35 -5.42
N SER H 177 -29.44 32.27 -4.73
CA SER H 177 -28.26 33.05 -5.06
C SER H 177 -27.42 32.44 -6.18
N LYS H 178 -27.85 31.30 -6.73
CA LYS H 178 -27.15 30.61 -7.82
C LYS H 178 -25.72 30.24 -7.44
N THR H 179 -25.49 29.90 -6.17
CA THR H 179 -24.16 29.50 -5.73
C THR H 179 -24.23 28.21 -4.91
N LEU H 180 -23.24 27.99 -4.05
CA LEU H 180 -23.04 26.69 -3.42
C LEU H 180 -24.26 26.23 -2.65
N LYS H 181 -24.82 27.09 -1.80
CA LYS H 181 -25.95 26.66 -0.97
C LYS H 181 -27.15 26.27 -1.83
N ASP H 182 -27.32 26.91 -2.99
CA ASP H 182 -28.42 26.57 -3.87
C ASP H 182 -28.15 25.26 -4.61
N ALA H 183 -26.89 24.99 -4.94
CA ALA H 183 -26.53 23.69 -5.49
C ALA H 183 -26.84 22.58 -4.51
N ILE H 184 -26.53 22.80 -3.23
CA ILE H 184 -26.82 21.79 -2.21
C ILE H 184 -28.32 21.55 -2.11
N ASN H 185 -29.13 22.60 -2.21
CA ASN H 185 -30.58 22.44 -2.15
C ASN H 185 -31.09 21.52 -3.26
N GLU H 186 -30.56 21.68 -4.47
CA GLU H 186 -31.04 20.88 -5.60
C GLU H 186 -30.56 19.44 -5.51
N ALA H 187 -29.29 19.26 -5.14
CA ALA H 187 -28.78 17.90 -4.92
C ALA H 187 -29.58 17.20 -3.84
N PHE H 188 -29.93 17.92 -2.77
CA PHE H 188 -30.84 17.40 -1.75
C PHE H 188 -32.13 16.89 -2.37
N ARG H 189 -32.74 17.69 -3.26
CA ARG H 189 -33.99 17.26 -3.89
C ARG H 189 -33.78 16.00 -4.72
N ASP H 190 -32.67 15.93 -5.45
CA ASP H 190 -32.33 14.71 -6.16
C ASP H 190 -32.30 13.51 -5.22
N TRP H 191 -31.61 13.67 -4.07
CA TRP H 191 -31.44 12.54 -3.15
C TRP H 191 -32.76 12.08 -2.56
N VAL H 192 -33.61 13.02 -2.16
CA VAL H 192 -34.93 12.68 -1.64
C VAL H 192 -35.69 11.81 -2.63
N ALA H 193 -35.62 12.16 -3.92
CA ALA H 193 -36.35 11.43 -4.95
C ALA H 193 -35.69 10.11 -5.32
N ASN H 194 -34.36 10.00 -5.22
CA ASN H 194 -33.63 8.84 -5.73
C ASN H 194 -32.85 8.12 -4.65
N ALA H 195 -33.33 8.18 -3.40
CA ALA H 195 -32.55 7.66 -2.28
C ALA H 195 -32.31 6.15 -2.36
N ASP H 196 -33.19 5.41 -3.04
N ASP H 196 -33.19 5.41 -3.03
CA ASP H 196 -33.06 3.95 -3.06
CA ASP H 196 -33.05 3.96 -3.05
C ASP H 196 -31.82 3.51 -3.83
C ASP H 196 -31.83 3.50 -3.84
N ASN H 197 -31.38 4.29 -4.81
CA ASN H 197 -30.30 3.89 -5.70
C ASN H 197 -29.11 4.83 -5.72
N THR H 198 -29.24 6.05 -5.20
CA THR H 198 -28.25 7.11 -5.38
C THR H 198 -27.49 7.35 -4.08
N TYR H 199 -26.18 7.54 -4.21
CA TYR H 199 -25.33 7.95 -3.11
C TYR H 199 -25.04 9.44 -3.24
N TYR H 200 -25.18 10.18 -2.14
CA TYR H 200 -24.88 11.60 -2.13
C TYR H 200 -23.45 11.78 -1.59
N CYS H 201 -22.54 12.15 -2.49
CA CYS H 201 -21.14 12.39 -2.14
C CYS H 201 -21.02 13.87 -1.76
N PHE H 202 -21.13 14.16 -0.47
CA PHE H 202 -21.14 15.54 0.01
C PHE H 202 -19.71 16.07 0.17
N GLY H 203 -19.54 17.35 -0.20
CA GLY H 203 -18.22 17.89 -0.44
C GLY H 203 -17.50 18.55 0.71
N THR H 204 -18.22 18.92 1.77
CA THR H 204 -17.59 19.61 2.88
C THR H 204 -17.99 18.96 4.19
N ALA H 205 -17.33 19.38 5.27
CA ALA H 205 -17.50 18.79 6.58
C ALA H 205 -18.73 19.35 7.27
N ALA H 206 -19.88 19.27 6.60
CA ALA H 206 -21.12 19.80 7.12
C ALA H 206 -22.19 18.75 6.87
N GLY H 207 -23.45 19.16 6.96
CA GLY H 207 -24.55 18.28 6.67
C GLY H 207 -24.95 17.45 7.88
N PRO H 208 -25.93 16.58 7.70
CA PRO H 208 -26.35 15.71 8.81
C PRO H 208 -25.33 14.62 9.07
N HIS H 209 -25.34 14.13 10.31
CA HIS H 209 -24.61 12.93 10.65
C HIS H 209 -24.92 11.84 9.63
N PRO H 210 -23.92 11.15 9.08
CA PRO H 210 -22.52 11.13 9.48
C PRO H 210 -21.57 11.97 8.65
N PHE H 211 -22.07 12.88 7.81
CA PHE H 211 -21.19 13.59 6.89
C PHE H 211 -20.12 14.43 7.58
N PRO H 212 -20.40 15.20 8.64
CA PRO H 212 -19.30 15.93 9.30
C PRO H 212 -18.16 15.02 9.75
N THR H 213 -18.48 13.87 10.34
CA THR H 213 -17.45 12.97 10.87
C THR H 213 -16.74 12.23 9.76
N MET H 214 -17.51 11.73 8.78
CA MET H 214 -16.92 10.98 7.68
C MET H 214 -16.01 11.86 6.82
N VAL H 215 -16.44 13.07 6.50
CA VAL H 215 -15.60 13.96 5.70
C VAL H 215 -14.33 14.33 6.44
N ARG H 216 -14.46 14.63 7.74
CA ARG H 216 -13.28 14.92 8.54
C ARG H 216 -12.33 13.72 8.56
N ASP H 217 -12.87 12.51 8.77
CA ASP H 217 -12.00 11.33 8.83
C ASP H 217 -11.28 11.08 7.52
N PHE H 218 -11.93 11.35 6.39
CA PHE H 218 -11.25 11.18 5.11
C PHE H 218 -10.25 12.30 4.85
N GLN H 219 -10.33 13.43 5.58
CA GLN H 219 -9.37 14.51 5.44
C GLN H 219 -8.31 14.56 6.53
N ARG H 220 -8.45 13.75 7.59
CA ARG H 220 -7.46 13.70 8.66
C ARG H 220 -6.06 13.44 8.13
N ILE H 221 -5.93 12.74 7.00
CA ILE H 221 -4.63 12.40 6.43
C ILE H 221 -3.78 13.64 6.23
N ILE H 222 -4.39 14.81 6.00
CA ILE H 222 -3.63 16.02 5.75
C ILE H 222 -2.85 16.43 6.99
N GLY H 223 -3.55 16.53 8.12
CA GLY H 223 -2.88 16.88 9.36
C GLY H 223 -1.95 15.80 9.86
N MET H 224 -2.28 14.52 9.59
N MET H 224 -2.27 14.53 9.59
CA MET H 224 -1.40 13.44 10.02
CA MET H 224 -1.38 13.45 10.04
C MET H 224 -0.05 13.52 9.32
C MET H 224 -0.04 13.51 9.32
N GLU H 225 -0.06 13.79 8.01
CA GLU H 225 1.21 13.98 7.29
C GLU H 225 1.92 15.24 7.75
N ALA H 226 1.18 16.34 7.89
CA ALA H 226 1.81 17.62 8.19
C ALA H 226 2.47 17.60 9.56
N ARG H 227 1.88 16.89 10.53
CA ARG H 227 2.45 16.85 11.86
C ARG H 227 3.79 16.12 11.89
N VAL H 228 3.92 15.06 11.09
CA VAL H 228 5.22 14.42 10.95
C VAL H 228 6.18 15.34 10.18
N GLN H 229 5.70 15.96 9.11
CA GLN H 229 6.59 16.70 8.23
C GLN H 229 7.17 17.92 8.92
N ILE H 230 6.33 18.68 9.64
CA ILE H 230 6.82 19.91 10.25
C ILE H 230 7.80 19.60 11.37
N GLN H 231 7.61 18.50 12.10
CA GLN H 231 8.58 18.12 13.12
C GLN H 231 9.92 17.73 12.49
N GLY H 232 9.91 17.20 11.28
CA GLY H 232 11.16 16.88 10.60
C GLY H 232 11.84 18.08 9.96
N GLN H 233 11.06 19.03 9.44
CA GLN H 233 11.65 20.18 8.77
C GLN H 233 11.98 21.32 9.71
N ALA H 234 11.13 21.58 10.70
CA ALA H 234 11.37 22.63 11.67
C ALA H 234 11.95 22.11 12.98
N GLY H 235 11.93 20.80 13.21
CA GLY H 235 12.46 20.26 14.44
C GLY H 235 11.56 20.36 15.64
N ARG H 236 10.31 20.79 15.46
CA ARG H 236 9.40 20.92 16.59
C ARG H 236 7.97 21.05 16.05
N LEU H 237 7.02 21.03 16.98
CA LEU H 237 5.64 21.29 16.60
C LEU H 237 5.49 22.76 16.22
N PRO H 238 4.54 23.09 15.35
CA PRO H 238 4.39 24.49 14.92
C PRO H 238 3.72 25.32 15.99
N ASP H 239 3.93 26.64 15.87
CA ASP H 239 3.19 27.56 16.73
C ASP H 239 1.75 27.72 16.27
N ALA H 240 1.48 27.53 14.99
CA ALA H 240 0.14 27.73 14.48
C ALA H 240 -0.07 26.87 13.24
N VAL H 241 -1.33 26.44 13.08
CA VAL H 241 -1.79 25.76 11.87
C VAL H 241 -3.04 26.48 11.40
N VAL H 242 -3.05 26.92 10.14
CA VAL H 242 -4.13 27.76 9.63
C VAL H 242 -4.65 27.19 8.32
N ALA H 243 -5.91 27.53 8.01
CA ALA H 243 -6.58 27.08 6.81
C ALA H 243 -7.80 27.95 6.56
N CYS H 244 -8.18 28.08 5.28
CA CYS H 244 -9.43 28.74 4.97
C CYS H 244 -10.60 27.83 5.34
N VAL H 245 -11.78 28.45 5.51
CA VAL H 245 -12.95 27.74 6.02
C VAL H 245 -14.16 28.09 5.17
N GLY H 246 -14.59 27.15 4.34
CA GLY H 246 -15.88 27.25 3.68
C GLY H 246 -16.89 26.50 4.50
N GLY H 247 -17.26 25.30 4.06
CA GLY H 247 -17.99 24.40 4.94
C GLY H 247 -17.10 23.83 6.03
N GLY H 248 -15.80 23.72 5.77
CA GLY H 248 -14.85 23.35 6.82
C GLY H 248 -14.03 22.08 6.64
N SER H 249 -14.04 21.46 5.44
CA SER H 249 -13.41 20.14 5.33
C SER H 249 -11.88 20.23 5.31
N ASN H 250 -11.29 21.15 4.54
CA ASN H 250 -9.83 21.18 4.49
C ASN H 250 -9.25 21.67 5.81
N ALA H 251 -9.95 22.58 6.51
CA ALA H 251 -9.46 23.03 7.81
C ALA H 251 -9.56 21.92 8.85
N ILE H 252 -10.71 21.26 8.94
CA ILE H 252 -10.84 20.20 9.93
C ILE H 252 -9.86 19.07 9.61
N GLY H 253 -9.53 18.89 8.34
CA GLY H 253 -8.59 17.85 7.96
C GLY H 253 -7.18 18.12 8.46
N ILE H 254 -6.73 19.37 8.38
CA ILE H 254 -5.39 19.68 8.86
C ILE H 254 -5.35 19.97 10.36
N PHE H 255 -6.45 20.44 10.95
CA PHE H 255 -6.43 20.74 12.39
C PHE H 255 -6.37 19.47 13.23
N HIS H 256 -7.03 18.39 12.79
CA HIS H 256 -7.43 17.34 13.71
C HIS H 256 -6.23 16.70 14.41
N ALA H 257 -5.17 16.38 13.66
CA ALA H 257 -3.99 15.77 14.24
C ALA H 257 -3.31 16.65 15.29
N PHE H 258 -3.65 17.95 15.35
CA PHE H 258 -3.05 18.88 16.30
C PHE H 258 -3.97 19.26 17.44
N LEU H 259 -5.20 18.73 17.48
CA LEU H 259 -6.16 19.18 18.48
C LEU H 259 -5.62 18.99 19.90
N ASP H 260 -4.95 17.89 20.17
CA ASP H 260 -4.46 17.57 21.50
C ASP H 260 -3.05 18.07 21.75
N ASP H 261 -2.55 18.98 20.91
CA ASP H 261 -1.27 19.64 21.17
C ASP H 261 -1.56 21.02 21.73
N PRO H 262 -1.50 21.21 23.05
CA PRO H 262 -1.99 22.46 23.64
C PRO H 262 -1.26 23.70 23.18
N GLY H 263 0.00 23.58 22.76
CA GLY H 263 0.75 24.75 22.36
C GLY H 263 0.53 25.21 20.94
N VAL H 264 -0.18 24.42 20.12
CA VAL H 264 -0.36 24.72 18.71
C VAL H 264 -1.65 25.52 18.55
N ARG H 265 -1.51 26.78 18.15
N ARG H 265 -1.53 26.78 18.14
CA ARG H 265 -2.68 27.60 17.82
CA ARG H 265 -2.70 27.59 17.86
C ARG H 265 -3.31 27.09 16.54
C ARG H 265 -3.32 27.19 16.53
N LEU H 266 -4.64 27.14 16.48
CA LEU H 266 -5.40 26.76 15.30
C LEU H 266 -6.28 27.94 14.90
N VAL H 267 -6.14 28.40 13.65
CA VAL H 267 -6.91 29.54 13.17
C VAL H 267 -7.52 29.21 11.81
N GLY H 268 -8.82 29.42 11.69
CA GLY H 268 -9.52 29.28 10.42
C GLY H 268 -9.88 30.65 9.89
N PHE H 269 -9.79 30.82 8.57
CA PHE H 269 -10.02 32.11 7.93
C PHE H 269 -11.19 31.99 6.98
N GLU H 270 -12.23 32.76 7.22
CA GLU H 270 -13.46 32.71 6.43
C GLU H 270 -13.55 33.94 5.53
N ALA H 271 -14.35 33.81 4.48
CA ALA H 271 -14.43 34.82 3.43
C ALA H 271 -15.26 36.01 3.90
N ALA H 272 -14.67 37.19 3.90
CA ALA H 272 -15.38 38.40 4.27
C ALA H 272 -15.83 39.22 3.06
N GLY H 273 -15.57 38.74 1.83
CA GLY H 273 -16.11 39.40 0.65
C GLY H 273 -15.69 40.87 0.58
N ASP H 274 -16.69 41.74 0.38
CA ASP H 274 -16.49 43.19 0.40
C ASP H 274 -16.17 43.73 1.79
N GLY H 275 -16.39 42.95 2.84
CA GLY H 275 -16.22 43.40 4.21
C GLY H 275 -17.43 42.98 5.02
N VAL H 276 -17.18 42.65 6.30
CA VAL H 276 -18.25 42.12 7.14
C VAL H 276 -19.35 43.16 7.37
N GLU H 277 -19.01 44.44 7.30
CA GLU H 277 -19.98 45.49 7.55
C GLU H 277 -20.78 45.88 6.31
N THR H 278 -20.46 45.30 5.16
CA THR H 278 -21.13 45.64 3.91
C THR H 278 -22.37 44.79 3.63
N GLY H 279 -22.52 43.65 4.28
CA GLY H 279 -23.58 42.74 3.93
C GLY H 279 -23.30 41.88 2.72
N ARG H 280 -22.14 42.03 2.08
CA ARG H 280 -21.73 41.14 0.98
C ARG H 280 -20.48 40.40 1.45
N HIS H 281 -20.71 39.35 2.23
CA HIS H 281 -19.62 38.55 2.78
C HIS H 281 -20.13 37.13 2.97
N ALA H 282 -19.25 36.27 3.46
CA ALA H 282 -19.61 34.91 3.85
C ALA H 282 -18.96 34.56 5.17
N ALA H 283 -18.91 35.53 6.08
CA ALA H 283 -18.17 35.42 7.33
C ALA H 283 -19.08 34.80 8.38
N THR H 284 -19.26 33.48 8.26
CA THR H 284 -20.30 32.77 9.01
C THR H 284 -20.11 32.93 10.51
N PHE H 285 -18.89 32.70 10.99
CA PHE H 285 -18.66 32.81 12.43
C PHE H 285 -18.61 34.25 12.90
N THR H 286 -18.10 35.17 12.07
CA THR H 286 -17.94 36.56 12.51
C THR H 286 -19.27 37.30 12.61
N ALA H 287 -20.23 36.98 11.74
CA ALA H 287 -21.50 37.70 11.69
C ALA H 287 -22.73 36.80 11.80
N GLY H 288 -22.56 35.47 11.83
CA GLY H 288 -23.70 34.58 11.91
C GLY H 288 -24.08 34.25 13.33
N SER H 289 -25.06 33.35 13.46
CA SER H 289 -25.62 32.94 14.73
C SER H 289 -26.03 31.48 14.63
N PRO H 290 -26.17 30.78 15.75
CA PRO H 290 -26.52 29.35 15.70
C PRO H 290 -27.90 29.09 15.12
N GLY H 291 -28.04 27.96 14.42
CA GLY H 291 -29.30 27.60 13.82
C GLY H 291 -29.17 26.29 13.06
N ALA H 292 -30.31 25.80 12.59
CA ALA H 292 -30.37 24.58 11.81
C ALA H 292 -30.37 24.92 10.32
N PHE H 293 -29.42 24.35 9.59
CA PHE H 293 -29.26 24.66 8.18
C PHE H 293 -28.55 23.49 7.54
N HIS H 294 -29.08 23.02 6.42
CA HIS H 294 -28.49 21.94 5.63
C HIS H 294 -28.20 20.71 6.50
N GLY H 295 -29.19 20.34 7.32
CA GLY H 295 -29.14 19.09 8.05
C GLY H 295 -28.35 19.10 9.34
N SER H 296 -27.77 20.23 9.74
CA SER H 296 -27.01 20.27 10.99
C SER H 296 -27.36 21.53 11.76
N PHE H 297 -27.11 21.48 13.08
CA PHE H 297 -27.18 22.66 13.93
C PHE H 297 -25.77 23.24 14.06
N SER H 298 -25.60 24.47 13.60
CA SER H 298 -24.28 25.09 13.54
C SER H 298 -24.48 26.60 13.40
N TYR H 299 -23.47 27.30 12.89
CA TYR H 299 -23.59 28.74 12.64
C TYR H 299 -24.04 28.99 11.21
N LEU H 300 -24.84 30.02 11.02
CA LEU H 300 -25.20 30.45 9.67
C LEU H 300 -25.53 31.92 9.68
N LEU H 301 -25.41 32.53 8.51
CA LEU H 301 -25.87 33.91 8.29
C LEU H 301 -27.38 33.88 8.12
N GLN H 302 -28.10 34.49 9.05
CA GLN H 302 -29.57 34.47 9.05
C GLN H 302 -30.10 35.80 9.55
N ASP H 303 -31.29 36.17 9.06
CA ASP H 303 -31.91 37.42 9.49
C ASP H 303 -32.72 37.18 10.76
N GLU H 304 -33.55 38.15 11.15
CA GLU H 304 -34.27 38.06 12.41
C GLU H 304 -35.33 36.97 12.40
N ASP H 305 -35.88 36.65 11.23
CA ASP H 305 -36.87 35.58 11.11
C ASP H 305 -36.25 34.20 10.96
N GLY H 306 -34.93 34.11 10.82
CA GLY H 306 -34.30 32.83 10.53
C GLY H 306 -34.20 32.48 9.07
N GLN H 307 -34.42 33.44 8.18
CA GLN H 307 -34.21 33.21 6.75
C GLN H 307 -32.72 33.31 6.45
N THR H 308 -32.26 32.47 5.54
CA THR H 308 -30.84 32.45 5.19
C THR H 308 -30.46 33.73 4.47
N ILE H 309 -29.38 34.34 4.91
CA ILE H 309 -28.84 35.51 4.22
C ILE H 309 -27.86 35.04 3.15
N GLU H 310 -28.06 35.50 1.92
CA GLU H 310 -27.19 35.11 0.82
C GLU H 310 -25.77 35.63 1.04
N SER H 311 -24.79 34.75 0.84
CA SER H 311 -23.39 35.09 1.02
C SER H 311 -22.83 35.71 -0.26
N HIS H 312 -21.68 36.37 -0.10
CA HIS H 312 -20.95 36.88 -1.25
C HIS H 312 -19.46 36.75 -1.01
N SER H 313 -18.75 36.21 -2.00
CA SER H 313 -17.30 36.11 -1.96
C SER H 313 -16.80 36.02 -3.39
N ILE H 314 -15.61 36.59 -3.63
CA ILE H 314 -14.94 36.36 -4.90
C ILE H 314 -14.55 34.89 -5.03
N SER H 315 -14.43 34.19 -3.91
CA SER H 315 -14.09 32.77 -3.89
C SER H 315 -15.36 31.94 -3.93
N ALA H 316 -15.56 31.19 -5.01
CA ALA H 316 -16.74 30.35 -5.11
C ALA H 316 -16.76 29.27 -4.04
N GLY H 317 -15.58 28.75 -3.66
CA GLY H 317 -15.51 27.67 -2.69
C GLY H 317 -15.82 28.09 -1.26
N LEU H 318 -15.65 29.37 -0.95
CA LEU H 318 -15.99 29.91 0.37
C LEU H 318 -17.30 30.68 0.37
N ASP H 319 -17.96 30.83 -0.78
CA ASP H 319 -19.20 31.62 -0.92
C ASP H 319 -20.38 30.81 -0.37
N TYR H 320 -20.37 30.63 0.96
CA TYR H 320 -21.34 29.77 1.63
C TYR H 320 -21.72 30.39 2.98
N PRO H 321 -23.01 30.53 3.27
CA PRO H 321 -23.43 31.18 4.51
C PRO H 321 -23.46 30.27 5.73
N GLY H 322 -23.03 29.02 5.63
CA GLY H 322 -23.02 28.10 6.74
C GLY H 322 -21.61 27.60 7.04
N VAL H 323 -21.53 26.69 8.01
CA VAL H 323 -20.25 26.12 8.40
C VAL H 323 -20.52 24.81 9.14
N GLY H 324 -19.55 23.90 9.07
CA GLY H 324 -19.67 22.58 9.66
C GLY H 324 -19.74 22.60 11.18
N PRO H 325 -20.53 21.68 11.73
CA PRO H 325 -20.82 21.73 13.17
C PRO H 325 -19.64 21.43 14.07
N GLU H 326 -18.66 20.64 13.62
CA GLU H 326 -17.50 20.40 14.47
C GLU H 326 -16.70 21.67 14.66
N HIS H 327 -16.67 22.54 13.64
CA HIS H 327 -16.04 23.85 13.80
C HIS H 327 -16.79 24.70 14.82
N ALA H 328 -18.12 24.64 14.82
CA ALA H 328 -18.89 25.39 15.80
C ALA H 328 -18.54 24.95 17.21
N TRP H 329 -18.41 23.64 17.42
CA TRP H 329 -18.00 23.12 18.72
C TRP H 329 -16.60 23.61 19.08
N LEU H 330 -15.64 23.47 18.15
CA LEU H 330 -14.28 23.91 18.42
C LEU H 330 -14.23 25.41 18.70
N LYS H 331 -15.10 26.19 18.08
CA LYS H 331 -15.16 27.62 18.39
C LYS H 331 -15.65 27.85 19.81
N GLU H 332 -16.80 27.26 20.16
CA GLU H 332 -17.33 27.41 21.51
C GLU H 332 -16.32 26.94 22.55
N ALA H 333 -15.63 25.83 22.26
CA ALA H 333 -14.66 25.29 23.21
C ALA H 333 -13.41 26.13 23.31
N GLY H 334 -13.25 27.15 22.45
CA GLY H 334 -12.06 27.97 22.47
C GLY H 334 -10.82 27.31 21.94
N ARG H 335 -10.95 26.16 21.26
CA ARG H 335 -9.78 25.47 20.72
C ARG H 335 -9.34 26.08 19.41
N VAL H 336 -10.26 26.62 18.61
CA VAL H 336 -9.94 27.20 17.31
C VAL H 336 -10.52 28.60 17.24
N ASP H 337 -9.74 29.52 16.66
CA ASP H 337 -10.18 30.89 16.38
C ASP H 337 -10.52 31.03 14.91
N TYR H 338 -11.56 31.80 14.62
CA TYR H 338 -12.03 32.00 13.26
C TYR H 338 -12.09 33.49 12.99
N ARG H 339 -11.47 33.92 11.89
CA ARG H 339 -11.24 35.32 11.59
C ARG H 339 -11.54 35.58 10.12
N PRO H 340 -12.06 36.76 9.79
CA PRO H 340 -12.44 37.07 8.40
C PRO H 340 -11.28 37.58 7.55
N ILE H 341 -11.36 37.27 6.26
CA ILE H 341 -10.41 37.74 5.26
C ILE H 341 -11.19 38.24 4.05
N THR H 342 -10.95 39.50 3.65
CA THR H 342 -11.68 40.12 2.55
C THR H 342 -11.18 39.62 1.19
N ASP H 343 -12.01 39.85 0.16
CA ASP H 343 -11.58 39.57 -1.21
C ASP H 343 -10.24 40.23 -1.51
N SER H 344 -10.08 41.49 -1.13
CA SER H 344 -8.86 42.23 -1.46
C SER H 344 -7.65 41.64 -0.76
N GLU H 345 -7.78 41.34 0.54
CA GLU H 345 -6.70 40.67 1.26
C GLU H 345 -6.33 39.35 0.60
N ALA H 346 -7.33 38.59 0.16
CA ALA H 346 -7.06 37.30 -0.48
C ALA H 346 -6.31 37.48 -1.79
N MET H 347 -6.85 38.33 -2.68
CA MET H 347 -6.22 38.54 -3.98
C MET H 347 -4.81 39.11 -3.82
N ASP H 348 -4.61 39.97 -2.82
CA ASP H 348 -3.26 40.39 -2.45
C ASP H 348 -2.35 39.20 -2.20
N ALA H 349 -2.78 38.29 -1.33
CA ALA H 349 -1.96 37.11 -1.04
C ALA H 349 -1.84 36.20 -2.25
N PHE H 350 -2.89 36.11 -3.07
CA PHE H 350 -2.81 35.38 -4.33
C PHE H 350 -1.66 35.88 -5.18
N GLY H 351 -1.59 37.20 -5.38
CA GLY H 351 -0.52 37.75 -6.20
C GLY H 351 0.85 37.56 -5.57
N LEU H 352 0.93 37.73 -4.25
CA LEU H 352 2.19 37.55 -3.55
C LEU H 352 2.72 36.12 -3.72
N LEU H 353 1.85 35.12 -3.59
CA LEU H 353 2.33 33.75 -3.73
C LEU H 353 2.80 33.48 -5.16
N CYS H 354 2.14 34.08 -6.15
CA CYS H 354 2.60 33.97 -7.54
C CYS H 354 4.00 34.54 -7.71
N ARG H 355 4.23 35.78 -7.24
CA ARG H 355 5.49 36.48 -7.48
C ARG H 355 6.65 35.86 -6.71
N MET H 356 6.41 35.45 -5.47
CA MET H 356 7.49 35.07 -4.57
C MET H 356 7.84 33.59 -4.66
N GLU H 357 6.85 32.73 -4.81
CA GLU H 357 7.08 31.29 -4.74
C GLU H 357 6.74 30.56 -6.03
N GLY H 358 6.23 31.25 -7.05
CA GLY H 358 5.85 30.57 -8.27
C GLY H 358 4.74 29.57 -8.09
N ILE H 359 3.83 29.79 -7.14
CA ILE H 359 2.70 28.91 -6.89
C ILE H 359 1.43 29.71 -7.14
N ILE H 360 0.60 29.23 -8.06
CA ILE H 360 -0.67 29.87 -8.34
C ILE H 360 -1.72 29.17 -7.50
N PRO H 361 -2.16 29.76 -6.40
CA PRO H 361 -3.10 29.07 -5.51
C PRO H 361 -4.54 29.24 -5.98
N ALA H 362 -5.38 28.37 -5.45
CA ALA H 362 -6.81 28.64 -5.50
C ALA H 362 -7.09 29.91 -4.71
N ILE H 363 -8.11 30.65 -5.14
CA ILE H 363 -8.50 31.86 -4.42
C ILE H 363 -8.98 31.51 -3.01
N GLU H 364 -9.59 30.33 -2.85
CA GLU H 364 -9.91 29.83 -1.51
C GLU H 364 -8.66 29.80 -0.64
N SER H 365 -7.63 29.09 -1.11
CA SER H 365 -6.38 28.97 -0.35
C SER H 365 -5.75 30.32 -0.10
N ALA H 366 -5.89 31.26 -1.04
CA ALA H 366 -5.30 32.58 -0.87
C ALA H 366 -5.84 33.28 0.38
N HIS H 367 -7.08 32.99 0.78
CA HIS H 367 -7.59 33.48 2.05
C HIS H 367 -6.77 32.94 3.21
N ALA H 368 -6.36 31.67 3.15
CA ALA H 368 -5.55 31.10 4.20
C ALA H 368 -4.15 31.71 4.20
N VAL H 369 -3.55 31.88 3.02
CA VAL H 369 -2.24 32.54 2.95
C VAL H 369 -2.32 33.93 3.53
N ALA H 370 -3.35 34.70 3.13
CA ALA H 370 -3.53 36.06 3.64
C ALA H 370 -3.64 36.07 5.16
N GLY H 371 -4.40 35.14 5.73
CA GLY H 371 -4.52 35.08 7.17
C GLY H 371 -3.21 34.74 7.83
N ALA H 372 -2.40 33.90 7.18
CA ALA H 372 -1.10 33.53 7.74
C ALA H 372 -0.14 34.72 7.78
N LEU H 373 -0.21 35.61 6.79
CA LEU H 373 0.67 36.78 6.83
C LEU H 373 0.32 37.67 8.02
N LYS H 374 -0.96 37.84 8.31
CA LYS H 374 -1.39 38.62 9.46
C LYS H 374 -1.01 37.93 10.77
N LEU H 375 -1.16 36.61 10.81
CA LEU H 375 -0.79 35.87 12.01
C LEU H 375 0.71 35.90 12.24
N GLY H 376 1.50 35.92 11.17
CA GLY H 376 2.94 35.98 11.32
C GLY H 376 3.41 37.30 11.91
N VAL H 377 2.78 38.40 11.50
CA VAL H 377 3.08 39.69 12.13
C VAL H 377 2.77 39.62 13.62
N GLU H 378 1.66 38.98 13.98
N GLU H 378 1.67 38.95 13.99
CA GLU H 378 1.27 38.89 15.38
CA GLU H 378 1.27 38.91 15.39
C GLU H 378 2.22 38.02 16.19
C GLU H 378 2.18 37.99 16.21
N LEU H 379 2.62 36.88 15.63
CA LEU H 379 3.47 35.93 16.37
C LEU H 379 4.94 36.32 16.34
N GLY H 380 5.40 36.96 15.27
CA GLY H 380 6.73 37.55 15.24
C GLY H 380 7.77 36.65 14.61
N ARG H 381 9.02 37.11 14.73
N ARG H 381 9.02 37.12 14.72
CA ARG H 381 10.13 36.50 14.00
CA ARG H 381 10.13 36.48 14.04
C ARG H 381 10.38 35.08 14.47
C ARG H 381 10.30 35.03 14.49
N GLY H 382 10.45 34.14 13.52
CA GLY H 382 10.76 32.76 13.80
C GLY H 382 9.57 31.85 14.05
N ALA H 383 8.36 32.41 14.18
CA ALA H 383 7.19 31.59 14.42
C ALA H 383 7.00 30.60 13.27
N VAL H 384 6.61 29.38 13.61
CA VAL H 384 6.41 28.32 12.62
C VAL H 384 4.91 28.19 12.40
N ILE H 385 4.46 28.50 11.19
CA ILE H 385 3.05 28.53 10.83
C ILE H 385 2.84 27.57 9.67
N VAL H 386 2.05 26.54 9.88
CA VAL H 386 1.69 25.61 8.81
C VAL H 386 0.38 26.08 8.17
N VAL H 387 0.37 26.14 6.85
CA VAL H 387 -0.74 26.68 6.08
C VAL H 387 -1.22 25.61 5.12
N ASN H 388 -2.50 25.31 5.15
CA ASN H 388 -3.07 24.34 4.22
C ASN H 388 -3.31 25.05 2.89
N LEU H 389 -2.45 24.77 1.91
CA LEU H 389 -2.66 25.28 0.55
C LEU H 389 -3.62 24.32 -0.13
N SER H 390 -4.92 24.60 -0.03
CA SER H 390 -5.93 23.58 -0.27
C SER H 390 -6.08 23.22 -1.74
N GLY H 391 -5.81 24.15 -2.66
CA GLY H 391 -5.93 23.81 -4.07
C GLY H 391 -5.06 24.69 -4.96
N ARG H 392 -4.94 24.29 -6.21
CA ARG H 392 -4.24 25.08 -7.21
C ARG H 392 -5.21 26.01 -7.93
N GLY H 393 -4.67 27.05 -8.56
CA GLY H 393 -5.48 28.15 -9.03
C GLY H 393 -5.89 28.18 -10.48
N ASP H 394 -5.68 27.08 -11.21
CA ASP H 394 -6.02 27.02 -12.63
C ASP H 394 -7.45 27.47 -12.89
N LYS H 395 -8.39 27.08 -12.01
CA LYS H 395 -9.78 27.45 -12.21
C LYS H 395 -9.98 28.97 -12.07
N ASP H 396 -9.09 29.65 -11.34
CA ASP H 396 -9.24 31.05 -11.01
C ASP H 396 -8.39 31.96 -11.88
N VAL H 397 -7.72 31.39 -12.88
CA VAL H 397 -6.74 32.14 -13.66
C VAL H 397 -7.41 33.28 -14.41
N GLU H 398 -8.62 33.05 -14.93
CA GLU H 398 -9.32 34.13 -15.62
C GLU H 398 -9.76 35.21 -14.64
N THR H 399 -10.32 34.81 -13.50
CA THR H 399 -10.72 35.79 -12.49
C THR H 399 -9.53 36.63 -12.03
N ALA H 400 -8.40 35.99 -11.77
CA ALA H 400 -7.21 36.70 -11.32
C ALA H 400 -6.67 37.62 -12.40
N ALA H 401 -6.70 37.15 -13.66
CA ALA H 401 -6.19 37.96 -14.77
C ALA H 401 -6.98 39.26 -14.93
N LYS H 402 -8.30 39.20 -14.75
CA LYS H 402 -9.08 40.44 -14.74
C LYS H 402 -8.71 41.31 -13.56
N TRP H 403 -8.59 40.71 -12.37
CA TRP H 403 -8.32 41.49 -11.17
C TRP H 403 -7.00 42.27 -11.29
N PHE H 404 -5.97 41.65 -11.89
CA PHE H 404 -4.66 42.27 -12.00
C PHE H 404 -4.44 42.97 -13.34
N GLY H 405 -5.52 43.30 -14.05
CA GLY H 405 -5.42 44.06 -15.28
C GLY H 405 -4.70 43.38 -16.42
N LEU H 406 -4.62 42.06 -16.42
CA LEU H 406 -3.98 41.31 -17.51
C LEU H 406 -4.90 41.11 -18.71
N LEU H 407 -6.21 41.35 -18.57
CA LEU H 407 -7.11 41.31 -19.70
C LEU H 407 -8.21 42.36 -19.56
C FMT I . 48.78 -15.78 35.87
O1 FMT I . 48.99 -14.73 36.47
O2 FMT I . 49.26 -16.08 34.77
C FMT J . 50.53 -11.06 13.67
O1 FMT J . 49.46 -11.48 14.10
O2 FMT J . 50.77 -9.87 13.43
C FMT K . 39.82 4.03 30.15
O1 FMT K . 40.47 4.56 29.24
O2 FMT K . 38.98 3.13 29.99
C1 EDO L . 49.01 -25.54 25.23
O1 EDO L . 49.59 -26.64 24.50
C2 EDO L . 49.02 -25.84 26.72
O2 EDO L . 48.46 -24.73 27.43
C FMT M . 39.18 8.84 8.90
O1 FMT M . 39.98 8.07 9.44
O2 FMT M . 39.02 8.95 7.68
C FMT N . 64.25 3.30 21.88
O1 FMT N . 64.25 2.97 23.07
O2 FMT N . 63.56 4.20 21.41
C FMT O . 46.27 -20.42 10.38
O1 FMT O . 45.80 -19.62 11.19
O2 FMT O . 47.46 -20.52 10.12
C FMT P . 45.24 -9.78 12.39
O1 FMT P . 45.88 -8.73 12.29
O2 FMT P . 44.80 -10.40 11.43
C FMT Q . 45.92 -11.01 19.80
O1 FMT Q . 46.86 -10.61 19.10
O2 FMT Q . 45.40 -12.11 19.69
C ACT R . 40.43 0.96 -3.26
O ACT R . 41.51 1.49 -3.65
OXT ACT R . 40.15 -0.26 -3.11
CH3 ACT R . 39.28 1.97 -2.95
C1 MLI S . 50.54 -12.48 10.33
C2 MLI S . 49.74 -12.35 9.02
C3 MLI S . 51.06 -13.88 10.60
O6 MLI S . 49.37 -11.21 8.67
O7 MLI S . 49.50 -13.40 8.38
O8 MLI S . 51.94 -14.34 9.85
O9 MLI S . 50.59 -14.51 11.56
C ACT T . 35.50 5.49 25.83
O ACT T . 34.89 6.38 25.18
OXT ACT T . 36.23 4.56 25.41
CH3 ACT T . 35.33 5.54 27.40
C10 PZV U . 34.15 -6.16 15.53
N12 PZV U . 31.85 -7.38 15.18
C13 PZV U . 31.37 -8.71 15.55
C15 PZV U . 31.15 -6.37 14.44
C17 PZV U . 29.72 -6.62 14.02
C20 PZV U . 27.19 -7.08 13.07
C21 PZV U . 28.21 -6.85 12.16
C22 PZV U . 29.48 -6.62 12.66
C01 PZV U . 37.63 -8.34 19.25
C06 PZV U . 35.92 -7.63 16.17
C07 PZV U . 35.08 -8.72 16.17
C08 PZV U . 33.74 -8.54 15.84
C09 PZV U . 33.28 -7.26 15.56
C11 PZV U . 35.48 -6.34 15.85
C14 PZV U . 32.59 -9.54 15.76
C18 PZV U . 28.71 -6.84 14.93
C19 PZV U . 27.44 -7.07 14.43
F23 PZV U . 30.52 -6.40 11.81
N02 PZV U . 37.96 -7.43 18.19
O04 PZV U . 37.95 -9.34 16.37
O05 PZV U . 38.47 -7.24 15.60
O16 PZV U . 31.68 -5.35 14.17
S03 PZV U . 37.65 -7.92 16.58
OP1 P1T V . 14.85 -8.36 20.17
P P1T V . 16.31 -8.55 20.49
OP2 P1T V . 17.23 -8.10 19.38
OP3 P1T V . 16.70 -7.99 21.85
OP4 P1T V . 16.53 -10.13 20.62
C5A P1T V . 15.82 -10.90 21.65
C5 P1T V . 14.71 -11.70 21.05
C6 P1T V . 13.39 -11.50 21.43
N1 P1T V . 12.36 -12.21 20.94
C2 P1T V . 12.59 -13.17 20.04
C2A P1T V . 11.43 -13.94 19.50
C3 P1T V . 13.89 -13.45 19.60
O3A P1T V . 14.08 -14.44 18.69
C4 P1T V . 14.96 -12.71 20.11
C4A P1T V . 16.38 -13.00 19.67
N P1T V . 16.50 -13.91 18.55
CA P1T V . 17.62 -14.07 17.82
CB P1T V . 18.71 -14.17 18.57
C P1T V . 17.69 -14.90 16.77
O P1T V . 16.68 -15.48 16.40
OXT P1T V . 18.76 -15.04 16.16
C1 EDO W . 33.08 -22.93 13.57
O1 EDO W . 33.23 -24.08 14.42
C2 EDO W . 32.39 -23.36 12.29
O2 EDO W . 32.16 -22.20 11.48
C FMT X . 32.96 3.74 1.00
O1 FMT X . 33.28 2.56 0.87
O2 FMT X . 33.73 4.64 1.38
C FMT Y . 3.19 -12.40 39.93
O1 FMT Y . 3.99 -11.47 40.09
O2 FMT Y . 3.49 -13.51 39.45
C1 PEG Z . 22.15 1.96 -3.77
O1 PEG Z . 21.17 2.35 -2.83
C2 PEG Z . 23.22 2.99 -3.96
O2 PEG Z . 23.94 3.16 -2.75
C3 PEG Z . 24.96 4.15 -2.85
C4 PEG Z . 25.70 4.25 -1.55
O4 PEG Z . 26.39 3.06 -1.22
C FMT AA . 23.48 -22.22 27.79
O1 FMT AA . 23.67 -21.00 27.85
O2 FMT AA . 24.32 -23.01 27.35
C FMT BA . 16.82 -22.99 36.16
O1 FMT BA . 17.65 -22.17 35.75
O2 FMT BA . 16.75 -24.16 35.81
C1 EDO CA . 0.18 7.78 31.37
O1 EDO CA . -1.05 8.06 30.67
C2 EDO CA . 1.36 8.31 30.55
O2 EDO CA . 1.20 9.71 30.33
C1 EDO DA . 2.87 -1.48 8.76
O1 EDO DA . 1.90 -0.63 9.40
C2 EDO DA . 3.06 -1.14 7.28
O2 EDO DA . 1.85 -1.38 6.56
C1 EDO EA . 32.93 -3.15 -2.77
O1 EDO EA . 31.86 -3.73 -3.52
C2 EDO EA . 32.71 -3.38 -1.27
O2 EDO EA . 33.70 -2.68 -0.52
C FMT FA . 14.63 6.07 36.03
O1 FMT FA . 13.51 5.88 35.54
O2 FMT FA . 15.65 5.48 35.68
C FMT GA . 20.35 -26.80 2.61
O1 FMT GA . 21.10 -27.15 3.52
O2 FMT GA . 19.77 -25.72 2.54
C FMT HA . 15.79 -23.10 24.09
O1 FMT HA . 16.18 -21.96 23.85
O2 FMT HA . 14.70 -23.56 23.72
C FMT IA . 12.13 -5.25 -4.82
O1 FMT IA . 11.50 -4.43 -5.49
O2 FMT IA . 13.33 -5.50 -4.95
C1 EDO JA . 11.60 -34.44 33.76
O1 EDO JA . 10.62 -35.36 33.30
C2 EDO JA . 11.02 -33.03 33.67
O2 EDO JA . 12.08 -32.10 33.39
C FMT KA . 8.26 2.99 38.31
O1 FMT KA . 8.23 2.02 37.57
O2 FMT KA . 7.32 3.77 38.46
C FMT LA . 11.48 4.75 33.20
O1 FMT LA . 10.99 4.97 32.10
O2 FMT LA . 11.47 3.65 33.78
C FMT MA . 8.51 7.77 34.63
O1 FMT MA . 7.34 7.72 35.00
O2 FMT MA . 8.88 8.04 33.49
C FMT NA . 31.25 -6.81 33.88
O1 FMT NA . 30.71 -7.91 34.05
O2 FMT NA . 32.14 -6.35 34.61
C FMT OA . 31.85 -17.00 -0.91
O1 FMT OA . 32.56 -17.46 -0.02
O2 FMT OA . 32.15 -16.05 -1.64
C FMT PA . 0.83 -1.42 -4.94
O1 FMT PA . -0.05 -1.36 -5.79
O2 FMT PA . 0.89 -0.67 -3.96
C FMT QA . -8.88 -16.56 35.41
O1 FMT QA . -9.29 -17.39 36.21
O2 FMT QA . -8.46 -15.43 35.72
C FMT RA . 14.57 6.46 -7.36
O1 FMT RA . 15.80 6.32 -7.45
O2 FMT RA . 13.91 6.16 -6.37
K K SA . 21.80 -9.43 27.06
C1 EDO TA . 16.34 -18.89 40.07
O1 EDO TA . 17.04 -17.76 40.60
C2 EDO TA . 14.88 -18.88 40.51
O2 EDO TA . 14.24 -17.70 40.01
N1 EPE UA . 9.65 -8.91 -4.83
C2 EPE UA . 9.71 -10.33 -5.23
C3 EPE UA . 10.95 -10.61 -6.09
N4 EPE UA . 11.00 -9.70 -7.25
C5 EPE UA . 11.04 -8.30 -6.78
C6 EPE UA . 9.77 -8.00 -6.00
C7 EPE UA . 12.12 -9.97 -8.17
C8 EPE UA . 13.30 -10.69 -7.50
O8 EPE UA . 13.92 -11.53 -8.48
C9 EPE UA . 8.39 -8.66 -4.09
C10 EPE UA . 7.40 -7.79 -4.86
S EPE UA . 6.12 -7.34 -3.88
O1S EPE UA . 4.99 -6.91 -4.73
O2S EPE UA . 6.53 -6.22 -3.01
O3S EPE UA . 5.73 -8.50 -3.05
C FMT VA . 13.40 -27.28 -0.63
O1 FMT VA . 14.37 -27.15 0.11
O2 FMT VA . 13.44 -27.07 -1.84
C1 EDO WA . -7.84 -24.95 30.98
O1 EDO WA . -7.17 -25.72 31.99
C2 EDO WA . -7.07 -23.67 30.66
O2 EDO WA . -5.85 -23.96 29.96
N1 EPE XA . 0.56 -28.95 32.45
C2 EPE XA . -0.87 -29.06 32.82
C3 EPE XA . -1.77 -29.71 31.76
N4 EPE XA . -1.02 -30.65 30.92
C5 EPE XA . 0.05 -31.28 31.70
C6 EPE XA . 1.13 -30.22 31.94
C7 EPE XA . -1.93 -31.64 30.31
C8 EPE XA . -1.12 -32.47 29.33
O8 EPE XA . -1.97 -32.99 28.31
C9 EPE XA . 0.78 -27.81 31.53
C10 EPE XA . 1.32 -26.62 32.34
S EPE XA . 1.30 -25.13 31.59
O1S EPE XA . 1.83 -25.18 30.20
O2S EPE XA . 2.13 -24.23 32.40
O3S EPE XA . -0.07 -24.54 31.57
C FMT YA . -5.76 -3.50 14.45
O1 FMT YA . -5.11 -4.47 14.83
O2 FMT YA . -5.49 -2.34 14.72
C1 EDO ZA . -33.16 -49.12 -5.47
O1 EDO ZA . -32.91 -50.32 -4.73
C2 EDO ZA . -33.04 -47.88 -4.58
O2 EDO ZA . -33.95 -47.97 -3.48
C FMT AB . -36.07 -42.03 29.86
O1 FMT AB . -36.42 -40.87 29.68
O2 FMT AB . -35.22 -42.38 30.69
C1 EDO BB . -24.98 -54.32 13.20
O1 EDO BB . -25.36 -54.46 14.57
C2 EDO BB . -23.74 -53.43 13.14
O2 EDO BB . -22.80 -53.81 14.15
C FMT CB . -52.38 -44.76 24.62
O1 FMT CB . -51.82 -44.57 25.69
O2 FMT CB . -52.20 -45.74 23.90
C FMT DB . -44.51 -58.76 -0.18
O1 FMT DB . -43.29 -58.93 -0.06
O2 FMT DB . -45.04 -57.65 -0.31
C1 EDO EB . -26.86 -55.26 20.03
O1 EDO EB . -26.53 -54.15 19.18
C2 EDO EB . -28.26 -55.77 19.70
O2 EDO EB . -29.22 -54.71 19.76
C1 MLI FB . -27.91 -54.80 23.38
C2 MLI FB . -27.91 -53.47 24.14
C3 MLI FB . -27.01 -55.88 23.95
O6 MLI FB . -28.65 -52.55 23.73
O7 MLI FB . -27.16 -53.36 25.13
O8 MLI FB . -25.99 -56.20 23.29
O9 MLI FB . -27.33 -56.43 25.02
K K GB . -25.57 -52.79 16.75
C FMT HB . -35.42 -42.11 16.08
O1 FMT HB . -35.27 -40.92 15.79
O2 FMT HB . -34.93 -43.06 15.50
C10 PZV IB . -22.84 -40.45 12.81
N12 PZV IB . -20.72 -38.93 13.06
C13 PZV IB . -19.29 -39.22 13.11
C15 PZV IB . -21.39 -37.65 13.17
C17 PZV IB . -20.57 -36.39 13.28
C20 PZV IB . -19.11 -34.07 13.64
C21 PZV IB . -20.04 -34.45 14.58
C22 PZV IB . -20.77 -35.61 14.42
C01 PZV IB . -22.04 -45.73 11.25
C06 PZV IB . -22.41 -42.75 13.25
C07 PZV IB . -21.06 -42.53 13.50
C08 PZV IB . -20.58 -41.21 13.40
C09 PZV IB . -21.46 -40.21 13.03
C11 PZV IB . -23.31 -41.74 12.90
C14 PZV IB . -19.20 -40.63 13.61
C18 PZV IB . -19.64 -36.02 12.33
C19 PZV IB . -18.91 -34.86 12.51
F23 PZV IB . -21.69 -35.99 15.35
N02 PZV IB . -23.21 -45.13 11.85
O04 PZV IB . -22.11 -45.20 14.24
O05 PZV IB . -24.26 -44.35 14.17
O16 PZV IB . -22.58 -37.60 13.16
S03 PZV IB . -23.02 -44.42 13.39
C FMT JB . -4.86 -7.32 12.83
O1 FMT JB . -4.09 -6.36 12.96
O2 FMT JB . -5.93 -7.46 13.44
C FMT KB . 16.06 -19.97 -2.51
O1 FMT KB . 16.04 -19.54 -3.66
O2 FMT KB . 16.96 -20.67 -2.03
C FMT LB . -15.22 -48.03 15.70
O1 FMT LB . -15.02 -46.87 16.07
O2 FMT LB . -14.92 -49.03 16.35
OP1 P1T MB . -10.79 -29.22 4.01
P P1T MB . -10.46 -28.52 5.32
OP2 P1T MB . -9.99 -27.08 5.14
OP3 P1T MB . -11.57 -28.65 6.34
OP4 P1T MB . -9.22 -29.33 5.95
C5A P1T MB . -7.98 -29.54 5.20
C5 P1T MB . -6.87 -28.72 5.78
C6 P1T MB . -6.28 -27.70 5.05
N1 P1T MB . -5.29 -26.94 5.51
C2 P1T MB . -4.80 -27.14 6.74
C2A P1T MB . -3.69 -26.28 7.23
C3 P1T MB . -5.34 -28.15 7.55
O3A P1T MB . -4.84 -28.33 8.81
C4 P1T MB . -6.39 -28.96 7.07
C4A P1T MB . -7.00 -30.05 7.92
N P1T MB . -6.68 -29.94 9.34
CA P1T MB . -7.26 -30.70 10.30
CB P1T MB . -7.39 -31.96 9.93
C P1T MB . -6.95 -30.64 11.61
O P1T MB . -7.53 -31.38 12.41
OXT P1T MB . -6.08 -29.84 12.00
C FMT NB . -28.09 -20.28 24.03
O1 FMT NB . -27.70 -19.15 23.71
O2 FMT NB . -29.26 -20.58 24.25
C FMT OB . -0.97 -42.78 6.14
O1 FMT OB . -0.96 -43.80 6.83
O2 FMT OB . -1.84 -42.51 5.31
C FMT PB . 11.70 -38.40 -2.15
O1 FMT PB . 11.66 -37.78 -3.21
O2 FMT PB . 10.80 -39.15 -1.76
C FMT QB . -31.08 -40.16 -0.26
O1 FMT QB . -31.03 -38.93 -0.32
O2 FMT QB . -30.64 -40.90 -1.14
C FMT RB . -10.07 -27.69 -13.83
O1 FMT RB . -8.86 -27.66 -13.99
O2 FMT RB . -10.82 -26.72 -13.94
C1 EDO SB . -34.88 -34.98 -0.29
O1 EDO SB . -34.67 -36.39 -0.20
C2 EDO SB . -34.80 -34.35 1.09
O2 EDO SB . -35.10 -32.96 1.02
C FMT TB . -1.31 -20.90 20.12
O1 FMT TB . -0.38 -21.51 19.61
O2 FMT TB . -2.25 -21.41 20.72
C FMT UB . -14.00 -13.00 -13.64
O1 FMT UB . -15.11 -12.51 -13.81
O2 FMT UB . -12.94 -12.42 -13.91
C FMT VB . -24.40 -22.27 -7.46
O1 FMT VB . -24.88 -23.09 -8.26
O2 FMT VB . -24.28 -21.07 -7.69
C FMT WB . 0.53 -41.86 1.78
O1 FMT WB . 0.17 -41.76 0.60
O2 FMT WB . -0.18 -42.30 2.68
C FMT XB . -13.57 -13.68 25.33
O1 FMT XB . -12.50 -13.16 25.67
O2 FMT XB . -14.58 -13.05 24.99
C FMT YB . -36.62 -28.60 16.18
O1 FMT YB . -36.95 -27.60 15.54
O2 FMT YB . -36.63 -28.65 17.41
K K ZB . -8.69 -26.19 28.34
K K AC . -20.94 -37.97 4.20
C1 EDO BC . -16.01 -20.70 -16.08
O1 EDO BC . -15.24 -19.68 -16.73
C2 EDO BC . -16.61 -20.15 -14.79
O2 EDO BC . -17.43 -21.13 -14.16
C FMT CC . -10.73 -25.23 33.12
O1 FMT CC . -10.99 -25.58 34.27
O2 FMT CC . -10.46 -26.00 32.21
K K DC . -0.31 -5.07 -8.16
N ALA EC . 36.22 57.05 -50.95
CA ALA EC . 36.50 58.19 -50.08
C ALA EC . 37.42 57.78 -48.93
O ALA EC . 37.45 58.44 -47.89
CB ALA EC . 35.20 58.78 -49.54
C1 MLI FC . 25.46 42.56 -43.85
C2 MLI FC . 24.54 43.65 -44.38
C3 MLI FC . 25.86 42.75 -42.38
O6 MLI FC . 24.96 44.81 -44.41
O7 MLI FC . 23.40 43.31 -44.77
O8 MLI FC . 25.32 43.68 -41.75
O9 MLI FC . 26.69 41.97 -41.89
C FMT GC . 18.27 43.76 -42.01
O1 FMT GC . 17.64 44.82 -42.00
O2 FMT GC . 18.17 42.88 -42.87
C FMT HC . 21.28 33.76 -46.73
O1 FMT HC . 22.25 34.43 -46.36
O2 FMT HC . 20.14 33.92 -46.30
C1 EDO IC . 24.97 36.60 -41.04
O1 EDO IC . 25.48 37.85 -40.59
C2 EDO IC . 23.64 36.80 -41.75
O2 EDO IC . 23.20 35.58 -42.35
C1 PGE JC . 7.59 -14.66 -15.09
O1 PGE JC . 7.18 -15.60 -16.08
C2 PGE JC . 6.75 -13.42 -15.27
O2 PGE JC . 6.37 -13.37 -16.63
C3 PGE JC . 5.29 -12.53 -16.92
C4 PGE JC . 4.11 -12.84 -16.01
O4 PGE JC . 1.44 -9.56 -15.59
C6 PGE JC . 0.99 -10.90 -15.84
C5 PGE JC . 2.00 -11.92 -15.36
O3 PGE JC . 3.22 -11.75 -16.04
C10 PZV KC . 21.09 27.42 -34.51
N12 PZV KC . 19.18 27.19 -32.72
C13 PZV KC . 17.75 27.46 -32.76
C15 PZV KC . 19.96 26.70 -31.61
C17 PZV KC . 19.29 26.32 -30.29
C20 PZV KC . 18.17 25.73 -27.84
C21 PZV KC . 19.16 26.70 -27.92
C22 PZV KC . 19.72 26.99 -29.15
C01 PZV KC . 19.60 28.10 -39.85
C06 PZV KC . 20.49 28.77 -36.38
C07 PZV KC . 19.22 28.99 -35.88
C08 PZV KC . 18.87 28.42 -34.67
C09 PZV KC . 19.79 27.62 -34.00
C11 PZV KC . 21.44 28.00 -35.72
C14 PZV KC . 17.57 28.46 -33.86
C18 PZV KC . 18.32 25.36 -30.23
C19 PZV KC . 17.76 25.07 -28.99
F23 PZV KC . 20.69 27.94 -29.24
N02 PZV KC . 20.87 28.39 -39.21
O04 PZV KC . 20.06 30.69 -38.15
O05 PZV KC . 22.26 30.14 -37.79
O16 PZV KC . 21.13 26.58 -31.72
S03 PZV KC . 20.93 29.54 -37.95
C FMT LC . 27.17 15.00 -40.68
O1 FMT LC . 28.05 14.35 -40.13
O2 FMT LC . 26.85 14.86 -41.87
C FMT MC . 9.01 39.16 -32.35
O1 FMT MC . 9.62 38.54 -31.47
O2 FMT MC . 8.12 39.99 -32.13
OP1 P1T NC . 8.88 15.63 -23.94
P P1T NC . 9.15 16.44 -25.20
OP2 P1T NC . 10.38 17.30 -25.10
OP3 P1T NC . 9.11 15.59 -26.46
OP4 P1T NC . 7.93 17.45 -25.35
C5A P1T NC . 6.59 16.98 -25.71
C5 P1T NC . 5.63 17.23 -24.59
C6 P1T NC . 5.03 16.19 -23.91
N1 P1T NC . 4.16 16.37 -22.90
C2 P1T NC . 3.82 17.60 -22.53
C2A P1T NC . 2.84 17.78 -21.41
C3 P1T NC . 4.38 18.72 -23.18
O3A P1T NC . 4.02 19.97 -22.76
C4 P1T NC . 5.29 18.53 -24.21
C4A P1T NC . 5.92 19.70 -24.93
N P1T NC . 5.69 20.98 -24.28
CA P1T NC . 6.33 22.11 -24.64
CB P1T NC . 6.45 22.24 -25.94
C P1T NC . 6.08 23.29 -24.06
O P1T NC . 5.29 23.32 -23.12
OXT P1T NC . 6.66 24.30 -24.45
C FMT OC . -15.21 12.09 -23.10
O1 FMT OC . -16.22 12.21 -22.42
O2 FMT OC . -14.89 11.04 -23.66
C FMT PC . 29.64 28.57 -12.43
O1 FMT PC . 30.72 28.95 -12.90
O2 FMT PC . 29.50 27.71 -11.55
C ACT QC . 18.06 43.30 -21.95
O ACT QC . 17.10 43.11 -22.76
OXT ACT QC . 18.17 42.92 -20.75
CH3 ACT QC . 19.25 44.13 -22.54
C1 PGE RC . 33.17 19.77 -23.75
O1 PGE RC . 32.42 19.58 -22.56
C2 PGE RC . 32.65 20.98 -24.51
O2 PGE RC . 33.45 22.11 -24.23
C3 PGE RC . 32.79 23.35 -24.34
C4 PGE RC . 32.98 24.19 -23.09
O4 PGE RC . 33.10 21.56 -19.81
C6 PGE RC . 33.92 21.93 -20.90
C5 PGE RC . 33.86 23.43 -21.06
O3 PGE RC . 34.14 23.77 -22.40
C FMT SC . 12.88 -1.86 -29.42
O1 FMT SC . 11.86 -1.54 -30.02
O2 FMT SC . 13.08 -1.68 -28.22
C FMT TC . 16.82 18.32 -36.25
O1 FMT TC . 17.95 18.51 -35.79
O2 FMT TC . 15.78 18.32 -35.60
C1 EDO UC . 31.06 13.54 -36.29
O1 EDO UC . 31.43 12.63 -37.33
C2 EDO UC . 31.55 13.01 -34.96
O2 EDO UC . 32.97 13.16 -34.87
C FMT VC . 19.83 1.09 -14.80
O1 FMT VC . 18.85 1.79 -14.58
O2 FMT VC . 20.06 0.00 -14.25
C FMT WC . -5.89 4.83 -30.37
O1 FMT WC . -6.62 5.46 -29.60
O2 FMT WC . -4.99 4.05 -30.02
C FMT XC . -6.15 0.06 -30.21
O1 FMT XC . -6.93 -0.16 -29.28
O2 FMT XC . -5.45 -0.80 -30.75
C FMT YC . 29.65 35.37 -23.16
O1 FMT YC . 29.33 35.18 -21.99
O2 FMT YC . 28.88 35.74 -24.05
C FMT ZC . 12.75 33.57 -39.36
O1 FMT ZC . 12.98 33.26 -38.19
O2 FMT ZC . 12.79 34.72 -39.80
C ACT AD . -1.55 23.67 -36.49
O ACT AD . -0.29 23.68 -36.58
OXT ACT AD . -2.34 22.69 -36.51
CH3 ACT AD . -2.20 25.08 -36.34
C1 EDO BD . 14.05 -4.85 -27.91
O1 EDO BD . 13.66 -5.65 -26.78
C2 EDO BD . 15.51 -4.44 -27.78
O2 EDO BD . 15.92 -3.70 -28.94
C FMT CD . 11.70 -7.67 -19.66
O1 FMT CD . 12.92 -7.86 -19.59
O2 FMT CD . 10.90 -8.09 -18.83
C FMT DD . 16.55 27.91 -3.77
O1 FMT DD . 17.30 26.98 -3.48
O2 FMT DD . 15.39 28.01 -3.38
C1 EDO ED . -8.13 31.23 -19.56
O1 EDO ED . -8.14 30.11 -20.46
C2 EDO ED . -7.39 32.40 -20.20
O2 EDO ED . -7.51 33.55 -19.34
C FMT FD . 4.26 15.52 -7.78
O1 FMT FD . 4.64 14.38 -8.00
O2 FMT FD . 3.30 15.82 -7.08
C FMT GD . 22.13 -5.08 -17.54
O1 FMT GD . 22.31 -3.87 -17.43
O2 FMT GD . 21.03 -5.63 -17.47
NA NA HD . 4.65 12.55 -4.10
K K ID . 8.54 15.94 -33.84
C1 MLI JD . -8.45 -7.77 -17.96
C2 MLI JD . -9.47 -7.27 -18.97
C3 MLI JD . -8.21 -9.28 -18.06
O6 MLI JD . -9.24 -7.47 -20.18
O7 MLI JD . -10.48 -6.68 -18.55
O8 MLI JD . -7.04 -9.67 -18.21
O9 MLI JD . -9.20 -10.04 -17.98
C FMT KD . 1.85 27.36 -11.45
O1 FMT KD . 1.26 26.31 -11.22
O2 FMT KD . 2.94 27.68 -10.97
C1 PEG LD . -20.75 4.56 -16.11
O1 PEG LD . -21.39 5.82 -16.12
C2 PEG LD . -19.33 4.67 -16.58
O2 PEG LD . -18.60 5.54 -15.73
C3 PEG LD . -17.28 5.79 -16.19
C4 PEG LD . -17.32 6.55 -17.47
O4 PEG LD . -17.80 7.89 -17.29
N1 EPE MD . 1.34 41.69 -12.92
C2 EPE MD . 2.24 40.71 -13.56
C3 EPE MD . 2.90 41.28 -14.81
N4 EPE MD . 1.79 41.61 -15.70
C5 EPE MD . 1.09 42.77 -15.13
C6 EPE MD . 0.38 42.31 -13.86
C7 EPE MD . 2.29 41.84 -17.06
C8 EPE MD . 3.10 40.63 -17.49
O8 EPE MD . 2.28 39.83 -18.34
C9 EPE MD . 0.61 41.00 -11.83
C10 EPE MD . 1.54 40.02 -11.12
S EPE MD . 0.85 39.36 -9.76
O1S EPE MD . -0.38 38.60 -10.11
O2S EPE MD . 0.55 40.41 -8.77
O3S EPE MD . 1.81 38.41 -9.18
C FMT ND . -48.63 20.70 1.95
O1 FMT ND . -47.52 20.91 1.46
O2 FMT ND . -48.84 20.08 3.00
C FMT OD . -57.02 40.49 5.34
O1 FMT OD . -56.28 41.42 5.64
O2 FMT OD . -57.63 40.40 4.27
C FMT PD . -44.55 28.00 -10.87
O1 FMT PD . -44.09 26.86 -10.93
O2 FMT PD . -45.61 28.30 -10.33
C FMT QD . -36.45 36.89 -1.74
O1 FMT QD . -36.54 37.89 -1.03
O2 FMT QD . -37.39 36.14 -2.01
C FMT RD . -53.61 -1.08 16.61
O1 FMT RD . -54.55 -0.38 17.00
O2 FMT RD . -52.68 -1.44 17.33
C FMT SD . -45.52 21.42 -6.32
O1 FMT SD . -45.27 21.52 -7.53
O2 FMT SD . -45.30 22.30 -5.48
C FMT TD . -38.20 7.63 0.01
O1 FMT TD . -39.06 7.70 0.89
O2 FMT TD . -37.52 8.59 -0.37
C FMT UD . -42.28 15.14 26.22
O1 FMT UD . -41.90 15.95 27.07
O2 FMT UD . -43.41 15.09 25.76
C1 PEG VD . -60.45 38.95 10.82
O1 PEG VD . -60.75 37.57 10.96
C2 PEG VD . -59.72 39.50 12.00
O2 PEG VD . -58.49 38.81 12.18
C3 PEG VD . -57.71 39.33 13.24
C4 PEG VD . -56.45 38.52 13.40
O4 PEG VD . -55.58 38.61 12.28
C1 EDO WD . -50.22 29.20 26.32
O1 EDO WD . -50.16 28.92 27.73
C2 EDO WD . -50.66 30.64 26.07
O2 EDO WD . -49.75 31.36 25.23
C1 MLI XD . -49.11 18.03 -0.53
C2 MLI XD . -49.71 18.88 -1.64
C3 MLI XD . -48.50 16.72 -1.03
O6 MLI XD . -49.20 20.00 -1.85
O7 MLI XD . -50.69 18.43 -2.28
O8 MLI XD . -48.57 16.46 -2.25
O9 MLI XD . -47.94 15.98 -0.19
C1 EDO YD . -41.79 27.15 3.08
O1 EDO YD . -41.28 27.78 1.89
C2 EDO YD . -43.10 26.39 2.86
O2 EDO YD . -43.55 25.77 4.08
K K ZD . -55.04 35.94 19.58
C FMT AE . -0.03 24.57 -8.26
O1 FMT AE . 0.79 23.66 -8.11
O2 FMT AE . 0.23 25.72 -8.64
C10 PZV BE . -31.71 19.16 5.12
N12 PZV BE . -29.61 19.16 3.54
C13 PZV BE . -29.20 20.01 2.43
C15 PZV BE . -28.93 17.99 4.05
C17 PZV BE . -27.60 17.57 3.47
C20 PZV BE . -25.27 16.63 2.35
C21 PZV BE . -26.40 15.83 2.31
C22 PZV BE . -27.56 16.32 2.88
C01 PZV BE . -35.00 23.62 5.24
C06 PZV BE . -33.51 20.46 4.27
C07 PZV BE . -32.80 20.83 3.15
C08 PZV BE . -31.50 20.37 3.00
C09 PZV BE . -30.95 19.57 3.99
C11 PZV BE . -32.99 19.63 5.26
C14 PZV BE . -30.47 20.61 1.91
C18 PZV BE . -26.48 18.38 3.51
C19 PZV BE . -25.31 17.88 2.95
F23 PZV BE . -28.71 15.57 2.86
N02 PZV BE . -35.24 22.26 5.65
O04 PZV BE . -35.74 21.49 3.15
O05 PZV BE . -36.03 19.90 4.74
O16 PZV BE . -29.40 17.34 4.93
S03 PZV BE . -35.20 21.05 4.43
C FMT CE . -14.26 -7.15 3.91
O1 FMT CE . -13.05 -6.92 3.92
O2 FMT CE . -14.80 -8.05 4.55
OP1 P1T DE . -14.75 22.31 2.77
P P1T DE . -13.80 23.48 2.72
OP2 P1T DE . -14.07 24.53 3.78
OP3 P1T DE . -12.34 23.07 2.67
OP4 P1T DE . -14.09 24.21 1.32
C5A P1T DE . -13.35 25.41 0.93
C5 P1T DE . -12.40 25.12 -0.17
C6 P1T DE . -11.03 25.28 -0.02
N1 P1T DE . -10.14 25.06 -0.99
C2 P1T DE . -10.56 24.66 -2.19
C2A P1T DE . -9.54 24.41 -3.26
C3 P1T DE . -11.92 24.47 -2.45
O3A P1T DE . -12.31 24.07 -3.69
C4 P1T DE . -12.86 24.71 -1.44
C4A P1T DE . -14.34 24.53 -1.67
N P1T DE . -14.69 23.90 -2.92
CA P1T DE . -15.92 23.42 -3.21
CB P1T DE . -16.89 24.22 -2.82
C P1T DE . -16.21 22.86 -4.40
O P1T DE . -17.36 22.52 -4.66
OXT P1T DE . -15.30 22.68 -5.21
C1 EDO EE . -22.17 -1.93 3.24
O1 EDO EE . -22.52 -3.04 4.08
C2 EDO EE . -20.70 -1.58 3.43
O2 EDO EE . -19.89 -2.72 3.15
C ACT FE . -30.79 23.29 20.10
O ACT FE . -29.56 23.30 19.81
OXT ACT FE . -31.56 22.31 20.22
CH3 ACT FE . -31.41 24.72 20.33
C FMT GE . -31.97 32.74 0.23
O1 FMT GE . -32.21 33.70 0.98
O2 FMT GE . -32.04 32.78 -1.00
C FMT HE . -13.49 31.02 -7.36
O1 FMT HE . -14.21 32.01 -7.51
O2 FMT HE . -12.62 30.90 -6.49
C FMT IE . -32.83 8.49 -12.17
O1 FMT IE . -32.51 7.80 -11.20
O2 FMT IE . -32.87 9.73 -12.17
C FMT JE . -32.72 24.11 -10.81
O1 FMT JE . -32.16 23.10 -11.26
O2 FMT JE . -32.48 25.26 -11.19
C FMT KE . -21.76 -1.23 -7.60
O1 FMT KE . -21.66 -0.01 -7.75
O2 FMT KE . -21.12 -1.88 -6.77
C1 EDO LE . -37.50 38.55 7.65
O1 EDO LE . -37.70 38.82 6.26
C2 EDO LE . -36.46 39.48 8.27
O2 EDO LE . -36.96 40.82 8.40
C1 PEG ME . -21.97 8.95 -16.12
O1 PEG ME . -23.18 9.67 -16.04
C2 PEG ME . -20.95 9.45 -15.13
O2 PEG ME . -19.78 8.64 -15.18
C3 PEG ME . -18.75 9.11 -14.33
C4 PEG ME . -18.48 10.56 -14.62
O4 PEG ME . -17.33 11.04 -13.96
C FMT NE . -18.11 39.36 -3.95
O1 FMT NE . -19.15 38.76 -4.22
O2 FMT NE . -17.79 39.74 -2.82
C FMT OE . -4.35 16.46 -12.38
O1 FMT OE . -4.45 16.96 -11.25
O2 FMT OE . -3.98 15.30 -12.61
C FMT PE . -9.74 27.66 26.67
O1 FMT PE . -9.84 26.92 25.69
O2 FMT PE . -8.79 27.64 27.46
C FMT QE . -21.69 15.80 -20.64
O1 FMT QE . -21.13 14.91 -20.00
O2 FMT QE . -22.46 16.64 -20.16
C FMT RE . 12.85 23.01 5.75
O1 FMT RE . 12.40 24.12 5.46
O2 FMT RE . 13.53 22.78 6.75
C FMT SE . -5.47 37.61 12.02
O1 FMT SE . -5.63 37.95 13.19
O2 FMT SE . -4.95 36.55 11.68
C1 EDO TE . -12.65 44.67 -0.17
O1 EDO TE . -12.46 43.26 -0.33
C2 EDO TE . -12.32 45.15 1.25
O2 EDO TE . -10.92 45.02 1.55
C1 EDO UE . -11.41 20.83 23.03
O1 EDO UE . -12.76 20.42 23.30
C2 EDO UE . -10.86 20.01 21.86
O2 EDO UE . -9.44 20.11 21.82
C FMT VE . -9.07 39.48 10.57
O1 FMT VE . -9.39 39.64 11.75
O2 FMT VE . -8.31 38.60 10.16
C FMT WE . 5.10 24.00 19.96
O1 FMT WE . 4.08 24.68 20.02
O2 FMT WE . 6.23 24.44 19.71
C FMT XE . -12.94 45.57 4.75
O1 FMT XE . -13.11 45.41 5.96
O2 FMT XE . -13.78 46.04 3.98
C FMT YE . -6.46 28.88 19.26
O1 FMT YE . -5.96 27.79 18.99
O2 FMT YE . -6.19 29.93 18.67
C FMT ZE . -14.27 32.85 16.44
O1 FMT ZE . -14.98 33.83 16.21
O2 FMT ZE . -13.09 32.91 16.81
C FMT AF . -27.49 26.69 21.37
O1 FMT AF . -26.94 27.76 21.12
O2 FMT AF . -26.89 25.65 21.67
C FMT BF . -10.51 36.15 16.65
O1 FMT BF . -11.08 35.10 16.29
O2 FMT BF . -9.37 36.19 17.09
C FMT CF . -8.96 8.74 9.85
O1 FMT CF . -8.95 7.66 9.28
O2 FMT CF . -7.99 9.23 10.45
C1 MLI DF . -10.09 44.89 -15.09
C2 MLI DF . -10.15 44.94 -13.57
C3 MLI DF . -9.45 46.14 -15.64
O6 MLI DF . -9.09 45.15 -12.94
O7 MLI DF . -11.25 44.78 -13.02
O8 MLI DF . -10.00 47.24 -15.41
O9 MLI DF . -8.38 46.03 -16.29
K K EF . -18.80 29.97 5.46
N1 EPE FF . -9.67 -0.01 -9.52
C2 EPE FF . -10.43 -0.91 -8.62
C3 EPE FF . -11.45 -1.72 -9.41
N4 EPE FF . -12.37 -0.81 -10.11
C5 EPE FF . -11.62 0.08 -11.02
C6 EPE FF . -10.59 0.89 -10.23
C7 EPE FF . -13.38 -1.56 -10.88
C8 EPE FF . -14.59 -0.67 -11.14
O8 EPE FF . -15.48 -1.28 -12.09
C9 EPE FF . -8.70 0.78 -8.72
C10 EPE FF . -7.27 0.42 -9.14
S EPE FF . -6.31 0.21 -7.80
O1S EPE FF . -5.46 1.40 -7.57
O2S EPE FF . -5.43 -0.97 -7.99
O3S EPE FF . -7.16 -0.01 -6.61
C1 EDO GF . 12.02 37.97 -0.07
O1 EDO GF . 11.27 38.81 0.80
C2 EDO GF . 11.71 38.28 -1.53
O2 EDO GF . 12.54 39.34 -2.03
#